data_3RJL
#
_entry.id   3RJL
#
_cell.length_a   103.267
_cell.length_b   116.114
_cell.length_c   181.768
_cell.angle_alpha   90.00
_cell.angle_beta   90.15
_cell.angle_gamma   90.00
#
_symmetry.space_group_name_H-M   'P 1 21 1'
#
loop_
_entity.id
_entity.type
_entity.pdbx_description
1 polymer '1-pyrroline-5-carboxylate dehydrogenase'
2 non-polymer 'CADMIUM ION'
3 non-polymer 'ACETATE ION'
4 water water
#
_entity_poly.entity_id   1
_entity_poly.type   'polypeptide(L)'
_entity_poly.pdbx_seq_one_letter_code
;MTTPYKHEPFTNFGIEENRKAFEKALETVNNEWLGQSYPLVIDGERYETENKIVSINPANKEEVVGTVSKATQDHAEKAI
QAAAKAFETWRYTDPEERAAVLFRAVAKVRRKKHEFSALLVKEAGKPWNEADADTAEAIDFMEYYARQMIELAKGKPVNS
REGERNQYVYTPTGVTVVIPPWNFLFAIMAGTTVAPIVTGNTVVLKPASAAPVIAAKFVEVLEESGLPKGVVNFVPGSGA
EVGDYLVDHPKTSIITFTGSREVGTRIFERAAKVQPGQTHLKQVIAEMGGKDTVVVDEDCDIELAAQSIFTSAFGFAGQK
CSAGSRAVVHEKVYDEVLKRVIEITESKKVGEPDSADVYMGPVIDQASFNKIMDYIEIGKEEGRLVSGGKGDDSKGYFIE
PTIFADLDPKARLMQEEIFGPVVAFSKVSSFDEALEVANNTEYGLTGAVITKNRDHINRAKQEFHVGNLYFNRNCTGAIV
GYHPFGGFKMSGTDSKAGGPDYLALHMQAKTISEMFAENLYFQSHHHHHHWSHPQFEK
;
_entity_poly.pdbx_strand_id   A,B,C,D,E,F,G,H
#
loop_
_chem_comp.id
_chem_comp.type
_chem_comp.name
_chem_comp.formula
ACT non-polymer 'ACETATE ION' 'C2 H3 O2 -1'
CD non-polymer 'CADMIUM ION' 'Cd 2'
#
# COMPACT_ATOMS: atom_id res chain seq x y z
N PRO A 4 20.09 2.91 39.87
CA PRO A 4 19.47 2.15 38.79
C PRO A 4 19.96 2.64 37.43
N TYR A 5 21.27 2.55 37.20
CA TYR A 5 21.90 3.21 36.06
C TYR A 5 22.73 2.31 35.14
N LYS A 6 22.48 2.44 33.84
CA LYS A 6 23.27 1.82 32.78
C LYS A 6 23.38 2.87 31.65
N HIS A 7 24.47 2.83 30.89
CA HIS A 7 24.77 3.89 29.90
C HIS A 7 23.97 3.83 28.59
N GLU A 8 23.85 5.00 27.94
CA GLU A 8 23.18 5.16 26.64
C GLU A 8 23.97 4.45 25.54
N PRO A 9 23.35 3.42 24.90
CA PRO A 9 24.01 2.67 23.83
C PRO A 9 24.32 3.56 22.64
N PHE A 10 25.52 3.39 22.08
CA PHE A 10 25.92 4.14 20.89
C PHE A 10 25.15 3.62 19.69
N THR A 11 24.95 4.49 18.70
CA THR A 11 24.28 4.10 17.47
C THR A 11 25.21 3.22 16.63
N ASN A 12 24.76 1.99 16.40
CA ASN A 12 25.50 1.05 15.55
C ASN A 12 25.29 1.45 14.09
N PHE A 13 26.33 2.03 13.48
CA PHE A 13 26.22 2.58 12.12
C PHE A 13 26.44 1.56 11.00
N GLY A 14 26.32 0.28 11.34
CA GLY A 14 26.40 -0.81 10.36
C GLY A 14 25.02 -1.19 9.85
N ILE A 15 24.00 -1.03 10.71
CA ILE A 15 22.61 -1.26 10.34
C ILE A 15 22.13 -0.17 9.39
N GLU A 16 21.46 -0.56 8.30
CA GLU A 16 20.90 0.40 7.35
C GLU A 16 19.74 1.21 7.95
N GLU A 17 19.02 0.60 8.88
CA GLU A 17 17.90 1.24 9.57
C GLU A 17 18.36 2.40 10.46
N ASN A 18 19.58 2.32 10.97
CA ASN A 18 20.20 3.41 11.74
C ASN A 18 20.84 4.49 10.87
N ARG A 19 21.51 4.07 9.79
CA ARG A 19 22.21 4.98 8.87
C ARG A 19 21.27 5.96 8.17
N LYS A 20 20.04 5.49 7.90
CA LYS A 20 19.04 6.29 7.20
C LYS A 20 18.44 7.37 8.10
N ALA A 21 18.27 7.05 9.38
CA ALA A 21 17.73 8.00 10.36
C ALA A 21 18.66 9.19 10.61
N PHE A 22 19.97 8.93 10.64
CA PHE A 22 20.98 9.97 10.82
C PHE A 22 21.08 10.85 9.58
N GLU A 23 20.98 10.22 8.41
CA GLU A 23 20.90 10.91 7.13
C GLU A 23 19.69 11.86 7.11
N LYS A 24 18.53 11.32 7.51
CA LYS A 24 17.30 12.10 7.68
C LYS A 24 17.50 13.28 8.64
N ALA A 25 18.20 13.03 9.75
CA ALA A 25 18.44 14.04 10.77
C ALA A 25 19.43 15.14 10.37
N LEU A 26 20.42 14.79 9.56
CA LEU A 26 21.45 15.74 9.13
C LEU A 26 20.89 16.78 8.15
N GLU A 27 19.98 16.36 7.26
CA GLU A 27 19.34 17.31 6.35
C GLU A 27 18.27 18.17 7.05
N THR A 28 17.75 17.68 8.18
CA THR A 28 16.86 18.48 9.04
C THR A 28 17.64 19.64 9.64
N VAL A 29 18.86 19.36 10.08
CA VAL A 29 19.75 20.37 10.66
C VAL A 29 20.27 21.33 9.60
N ASN A 30 20.66 20.77 8.45
CA ASN A 30 21.15 21.53 7.30
C ASN A 30 20.19 22.63 6.84
N ASN A 31 18.89 22.32 6.86
CA ASN A 31 17.87 23.19 6.28
C ASN A 31 17.09 24.06 7.27
N GLU A 32 17.02 23.64 8.53
CA GLU A 32 16.15 24.32 9.53
C GLU A 32 16.89 24.89 10.73
N TRP A 33 17.79 24.08 11.31
CA TRP A 33 18.51 24.44 12.53
C TRP A 33 19.61 25.46 12.28
N LEU A 34 20.17 25.41 11.07
CA LEU A 34 21.33 26.22 10.68
C LEU A 34 21.01 27.70 10.47
N GLY A 35 22.03 28.53 10.62
CA GLY A 35 21.97 29.95 10.31
C GLY A 35 21.03 30.82 11.13
N GLN A 36 20.62 30.33 12.29
CA GLN A 36 19.71 31.08 13.15
C GLN A 36 20.47 31.94 14.13
N SER A 37 19.80 32.93 14.72
CA SER A 37 20.47 33.92 15.55
C SER A 37 20.15 33.75 17.04
N TYR A 38 21.22 33.74 17.86
CA TYR A 38 21.12 33.41 19.27
C TYR A 38 21.63 34.55 20.17
N PRO A 39 20.75 35.05 21.06
CA PRO A 39 21.07 36.10 22.02
C PRO A 39 21.73 35.60 23.31
N LEU A 40 22.27 36.53 24.10
CA LEU A 40 22.74 36.26 25.45
C LEU A 40 21.53 36.04 26.32
N VAL A 41 21.67 35.23 27.37
CA VAL A 41 20.55 35.00 28.28
C VAL A 41 20.96 35.36 29.69
N ILE A 42 20.32 36.37 30.24
CA ILE A 42 20.61 36.85 31.59
C ILE A 42 19.30 37.08 32.33
N ASP A 43 19.16 36.42 33.48
CA ASP A 43 17.95 36.50 34.35
C ASP A 43 16.63 36.26 33.61
N GLY A 44 16.66 35.36 32.61
CA GLY A 44 15.48 35.03 31.80
C GLY A 44 15.26 35.94 30.60
N GLU A 45 16.04 37.01 30.51
CA GLU A 45 15.90 38.01 29.45
C GLU A 45 16.90 37.79 28.33
N ARG A 46 16.47 38.08 27.10
CA ARG A 46 17.30 37.92 25.92
C ARG A 46 17.97 39.24 25.57
N TYR A 47 19.30 39.23 25.50
CA TYR A 47 20.08 40.42 25.15
C TYR A 47 20.77 40.17 23.81
N GLU A 48 20.57 41.08 22.86
CA GLU A 48 21.27 41.04 21.59
C GLU A 48 22.27 42.19 21.46
N THR A 49 23.41 41.90 20.85
CA THR A 49 24.44 42.90 20.57
C THR A 49 24.63 43.01 19.06
N GLU A 50 25.19 44.15 18.64
CA GLU A 50 25.52 44.37 17.23
C GLU A 50 26.81 43.59 16.89
N ASN A 51 27.71 43.53 17.86
CA ASN A 51 28.93 42.75 17.79
C ASN A 51 28.60 41.28 18.00
N LYS A 52 29.10 40.42 17.11
CA LYS A 52 28.75 38.99 17.15
C LYS A 52 29.95 38.04 17.04
N ILE A 53 29.74 36.81 17.51
CA ILE A 53 30.61 35.67 17.23
C ILE A 53 29.91 34.87 16.14
N VAL A 54 30.65 34.56 15.07
CA VAL A 54 30.10 33.79 13.94
C VAL A 54 30.64 32.36 13.95
N SER A 55 29.73 31.40 14.11
CA SER A 55 30.08 29.99 14.15
C SER A 55 30.02 29.39 12.74
N ILE A 56 31.14 28.81 12.32
CA ILE A 56 31.30 28.28 10.96
C ILE A 56 31.36 26.74 10.94
N ASN A 57 31.09 26.15 9.78
CA ASN A 57 31.32 24.72 9.55
C ASN A 57 32.81 24.55 9.28
N PRO A 58 33.53 23.85 10.17
CA PRO A 58 34.98 23.73 9.98
C PRO A 58 35.39 22.85 8.79
N ALA A 59 34.45 22.08 8.26
CA ALA A 59 34.65 21.30 7.04
C ALA A 59 34.32 22.10 5.75
N ASN A 60 33.72 23.27 5.93
CA ASN A 60 33.33 24.14 4.84
C ASN A 60 33.23 25.57 5.36
N LYS A 61 34.37 26.26 5.42
CA LYS A 61 34.54 27.52 6.17
C LYS A 61 33.58 28.69 5.90
N GLU A 62 32.80 28.62 4.82
CA GLU A 62 31.82 29.66 4.51
C GLU A 62 30.35 29.20 4.59
N GLU A 63 30.11 28.19 5.42
CA GLU A 63 28.74 27.83 5.80
C GLU A 63 28.55 28.20 7.26
N VAL A 64 27.75 29.25 7.48
CA VAL A 64 27.48 29.73 8.83
C VAL A 64 26.49 28.79 9.53
N VAL A 65 26.95 28.20 10.63
CA VAL A 65 26.12 27.33 11.48
C VAL A 65 25.17 28.19 12.31
N GLY A 66 25.66 29.33 12.80
CA GLY A 66 24.83 30.29 13.54
C GLY A 66 25.63 31.50 14.00
N THR A 67 24.94 32.61 14.24
CA THR A 67 25.58 33.82 14.77
C THR A 67 25.07 34.10 16.18
N VAL A 68 26.00 34.14 17.13
CA VAL A 68 25.65 34.36 18.54
C VAL A 68 26.13 35.75 19.00
N SER A 69 25.35 36.38 19.89
CA SER A 69 25.74 37.67 20.49
C SER A 69 26.95 37.52 21.42
N LYS A 70 27.80 38.55 21.45
CA LYS A 70 29.03 38.56 22.24
C LYS A 70 28.88 39.48 23.45
N ALA A 71 29.07 38.92 24.64
CA ALA A 71 28.88 39.64 25.89
C ALA A 71 30.08 40.53 26.21
N THR A 72 29.82 41.54 27.04
CA THR A 72 30.85 42.47 27.53
C THR A 72 30.94 42.31 29.05
N GLN A 73 31.79 43.12 29.68
CA GLN A 73 31.96 43.08 31.14
C GLN A 73 30.70 43.50 31.89
N ASP A 74 29.85 44.29 31.25
CA ASP A 74 28.60 44.73 31.84
C ASP A 74 27.58 43.60 31.80
N HIS A 75 27.55 42.86 30.71
CA HIS A 75 26.66 41.70 30.58
C HIS A 75 27.05 40.58 31.54
N ALA A 76 28.35 40.42 31.73
CA ALA A 76 28.90 39.45 32.67
C ALA A 76 28.57 39.80 34.11
N GLU A 77 28.64 41.11 34.41
CA GLU A 77 28.28 41.69 35.72
C GLU A 77 26.84 41.37 36.06
N LYS A 78 25.96 41.59 35.10
CA LYS A 78 24.52 41.35 35.25
C LYS A 78 24.18 39.87 35.40
N ALA A 79 24.98 39.02 34.75
CA ALA A 79 24.86 37.57 34.85
C ALA A 79 25.19 37.06 36.25
N ILE A 80 26.25 37.62 36.83
CA ILE A 80 26.67 37.27 38.19
C ILE A 80 25.59 37.62 39.22
N GLN A 81 25.01 38.81 39.09
CA GLN A 81 23.93 39.28 39.98
C GLN A 81 22.66 38.47 39.79
N ALA A 82 22.37 38.10 38.55
CA ALA A 82 21.22 37.27 38.21
C ALA A 82 21.32 35.96 38.96
N ALA A 83 22.46 35.29 38.80
CA ALA A 83 22.76 34.02 39.44
C ALA A 83 22.84 34.14 40.96
N ALA A 84 23.44 35.23 41.45
CA ALA A 84 23.52 35.48 42.88
C ALA A 84 22.14 35.60 43.51
N LYS A 85 21.29 36.44 42.91
CA LYS A 85 19.93 36.66 43.39
C LYS A 85 19.09 35.39 43.27
N ALA A 86 19.23 34.68 42.15
CA ALA A 86 18.49 33.43 41.89
C ALA A 86 18.90 32.30 42.85
N PHE A 87 20.16 32.33 43.28
CA PHE A 87 20.70 31.36 44.25
C PHE A 87 19.93 31.34 45.56
N GLU A 88 19.55 32.52 46.03
CA GLU A 88 18.85 32.73 47.30
C GLU A 88 17.57 31.91 47.50
N THR A 89 16.94 31.53 46.39
CA THR A 89 15.73 30.72 46.46
C THR A 89 16.00 29.29 45.95
N TRP A 90 16.78 29.18 44.87
CA TRP A 90 17.10 27.90 44.23
C TRP A 90 17.82 26.91 45.14
N ARG A 91 18.60 27.44 46.09
CA ARG A 91 19.30 26.63 47.08
C ARG A 91 18.39 25.91 48.07
N TYR A 92 17.12 26.30 48.14
CA TYR A 92 16.18 25.62 49.03
C TYR A 92 15.23 24.68 48.30
N THR A 93 15.42 24.54 46.98
CA THR A 93 14.59 23.67 46.16
C THR A 93 14.89 22.22 46.50
N ASP A 94 13.84 21.43 46.68
CA ASP A 94 13.94 19.98 46.93
C ASP A 94 14.83 19.32 45.89
N PRO A 95 15.84 18.55 46.34
CA PRO A 95 16.71 17.77 45.44
C PRO A 95 15.97 16.94 44.39
N GLU A 96 14.79 16.42 44.74
CA GLU A 96 13.92 15.72 43.78
C GLU A 96 13.48 16.59 42.59
N GLU A 97 13.24 17.87 42.88
N GLU A 97 13.17 17.85 42.83
CA GLU A 97 12.78 18.86 41.89
CA GLU A 97 12.78 18.74 41.73
C GLU A 97 13.94 19.60 41.19
C GLU A 97 13.97 19.21 40.89
N ARG A 98 15.16 19.18 41.48
CA ARG A 98 16.37 19.61 40.76
C ARG A 98 16.76 18.51 39.79
N ALA A 99 16.76 17.27 40.30
CA ALA A 99 16.95 16.07 39.47
C ALA A 99 15.90 15.91 38.39
N ALA A 100 14.68 16.34 38.69
CA ALA A 100 13.57 16.36 37.73
C ALA A 100 13.87 17.22 36.50
N VAL A 101 14.48 18.40 36.70
CA VAL A 101 14.88 19.29 35.59
C VAL A 101 15.85 18.59 34.63
N LEU A 102 16.77 17.82 35.20
CA LEU A 102 17.71 17.00 34.43
C LEU A 102 17.03 15.86 33.70
N PHE A 103 16.10 15.17 34.38
CA PHE A 103 15.41 14.00 33.82
C PHE A 103 14.58 14.30 32.59
N ARG A 104 13.84 15.41 32.60
CA ARG A 104 13.13 15.81 31.40
C ARG A 104 14.02 16.53 30.37
N ALA A 105 15.18 17.05 30.80
CA ALA A 105 16.16 17.58 29.84
C ALA A 105 16.88 16.46 29.11
N VAL A 106 17.12 15.34 29.80
CA VAL A 106 17.54 14.07 29.17
C VAL A 106 16.55 13.68 28.10
N ALA A 107 15.27 13.65 28.48
CA ALA A 107 14.16 13.19 27.62
C ALA A 107 14.04 14.01 26.34
N LYS A 108 14.26 15.31 26.44
CA LYS A 108 14.30 16.21 25.29
C LYS A 108 15.49 15.93 24.36
N VAL A 109 16.63 15.58 24.95
CA VAL A 109 17.85 15.33 24.18
C VAL A 109 17.75 13.96 23.51
N ARG A 110 17.20 12.99 24.24
CA ARG A 110 17.00 11.64 23.72
C ARG A 110 15.97 11.59 22.56
N ARG A 111 14.96 12.45 22.63
CA ARG A 111 13.97 12.59 21.57
C ARG A 111 14.60 13.13 20.28
N LYS A 112 15.49 14.10 20.44
CA LYS A 112 16.16 14.77 19.31
C LYS A 112 17.62 14.33 19.21
N LYS A 113 17.89 13.06 19.54
CA LYS A 113 19.25 12.53 19.67
C LYS A 113 20.09 12.73 18.42
N HIS A 114 19.57 12.30 17.29
CA HIS A 114 20.34 12.29 16.06
C HIS A 114 20.55 13.69 15.47
N GLU A 115 19.62 14.60 15.76
CA GLU A 115 19.75 15.99 15.28
C GLU A 115 20.65 16.85 16.17
N PHE A 116 20.74 16.51 17.45
CA PHE A 116 21.79 17.08 18.29
C PHE A 116 23.14 16.60 17.79
N SER A 117 23.24 15.30 17.54
CA SER A 117 24.45 14.70 16.95
C SER A 117 24.81 15.35 15.61
N ALA A 118 23.81 15.57 14.77
CA ALA A 118 24.01 16.19 13.46
C ALA A 118 24.46 17.65 13.53
N LEU A 119 24.13 18.33 14.64
CA LEU A 119 24.57 19.70 14.86
C LEU A 119 26.05 19.76 15.27
N LEU A 120 26.49 18.76 16.04
CA LEU A 120 27.91 18.61 16.39
C LEU A 120 28.74 18.31 15.14
N VAL A 121 28.18 17.48 14.26
CA VAL A 121 28.76 17.23 12.93
C VAL A 121 29.00 18.55 12.21
N LYS A 122 27.98 19.40 12.20
CA LYS A 122 28.02 20.69 11.51
C LYS A 122 28.92 21.71 12.20
N GLU A 123 28.72 21.90 13.51
CA GLU A 123 29.42 22.94 14.25
C GLU A 123 30.88 22.60 14.56
N ALA A 124 31.14 21.34 14.88
CA ALA A 124 32.46 20.94 15.37
C ALA A 124 33.27 20.11 14.38
N GLY A 125 32.65 19.70 13.29
CA GLY A 125 33.31 18.90 12.27
C GLY A 125 33.47 17.46 12.71
N LYS A 126 32.53 17.00 13.52
CA LYS A 126 32.62 15.73 14.17
C LYS A 126 32.14 14.63 13.23
N PRO A 127 32.94 13.56 13.06
CA PRO A 127 32.50 12.31 12.40
C PRO A 127 31.25 11.74 13.07
N TRP A 128 30.51 10.89 12.35
CA TRP A 128 29.20 10.41 12.78
C TRP A 128 29.22 9.64 14.09
N ASN A 129 30.20 8.76 14.27
CA ASN A 129 30.30 7.98 15.51
C ASN A 129 30.71 8.84 16.71
N GLU A 130 31.61 9.79 16.46
CA GLU A 130 32.10 10.71 17.49
C GLU A 130 30.99 11.62 17.97
N ALA A 131 30.23 12.16 17.03
CA ALA A 131 29.11 13.05 17.34
C ALA A 131 27.99 12.31 18.07
N ASP A 132 27.73 11.07 17.66
CA ASP A 132 26.77 10.21 18.35
C ASP A 132 27.20 9.88 19.78
N ALA A 133 28.51 9.63 19.95
CA ALA A 133 29.08 9.32 21.27
C ALA A 133 29.02 10.49 22.24
N ASP A 134 29.23 11.70 21.73
CA ASP A 134 29.19 12.94 22.52
C ASP A 134 27.78 13.19 23.09
N THR A 135 26.76 12.97 22.26
CA THR A 135 25.36 13.14 22.65
C THR A 135 24.92 12.09 23.66
N ALA A 136 25.29 10.83 23.41
CA ALA A 136 25.02 9.74 24.32
C ALA A 136 25.72 9.95 25.68
N GLU A 137 26.92 10.53 25.64
CA GLU A 137 27.68 10.87 26.84
C GLU A 137 27.05 12.05 27.57
N ALA A 138 26.49 13.00 26.81
CA ALA A 138 25.76 14.13 27.41
C ALA A 138 24.55 13.63 28.18
N ILE A 139 23.78 12.73 27.54
CA ILE A 139 22.64 12.05 28.15
C ILE A 139 23.04 11.40 29.45
N ASP A 140 24.11 10.60 29.38
CA ASP A 140 24.68 9.88 30.52
C ASP A 140 24.98 10.76 31.73
N PHE A 141 25.68 11.87 31.51
CA PHE A 141 26.04 12.82 32.57
C PHE A 141 24.80 13.23 33.36
N MET A 142 23.76 13.61 32.62
CA MET A 142 22.54 14.15 33.21
C MET A 142 21.80 13.09 34.00
N GLU A 143 21.63 11.90 33.40
CA GLU A 143 21.03 10.74 34.05
C GLU A 143 21.77 10.40 35.33
N TYR A 144 23.09 10.34 35.23
CA TYR A 144 23.94 9.91 36.31
C TYR A 144 24.04 10.94 37.42
N TYR A 145 24.05 12.23 37.07
CA TYR A 145 24.17 13.26 38.10
C TYR A 145 22.83 13.52 38.78
N ALA A 146 21.74 13.21 38.09
CA ALA A 146 20.40 13.30 38.68
C ALA A 146 20.28 12.24 39.77
N ARG A 147 20.64 11.00 39.44
CA ARG A 147 20.62 9.89 40.39
C ARG A 147 21.59 10.08 41.55
N GLN A 148 22.74 10.71 41.27
CA GLN A 148 23.75 10.98 42.31
C GLN A 148 23.28 11.99 43.35
N MET A 149 22.52 12.99 42.92
CA MET A 149 21.92 13.95 43.83
C MET A 149 20.84 13.37 44.73
N ILE A 150 20.02 12.48 44.16
CA ILE A 150 19.03 11.74 44.94
C ILE A 150 19.69 10.99 46.09
N GLU A 151 20.79 10.30 45.79
CA GLU A 151 21.59 9.59 46.80
C GLU A 151 22.26 10.49 47.83
N LEU A 152 22.74 11.66 47.40
CA LEU A 152 23.40 12.59 48.31
C LEU A 152 22.44 13.29 49.28
N ALA A 153 21.17 13.39 48.88
CA ALA A 153 20.14 14.02 49.71
C ALA A 153 19.73 13.14 50.90
N LYS A 154 20.17 11.88 50.88
CA LYS A 154 19.96 10.95 51.99
C LYS A 154 20.93 11.27 53.12
N GLY A 155 22.04 11.92 52.76
CA GLY A 155 23.09 12.27 53.71
C GLY A 155 24.03 11.12 54.01
N LYS A 156 24.97 11.37 54.92
CA LYS A 156 25.89 10.33 55.41
C LYS A 156 25.65 10.08 56.90
N PRO A 157 25.65 8.80 57.31
CA PRO A 157 25.46 8.50 58.73
C PRO A 157 26.67 8.91 59.55
N VAL A 158 26.41 9.49 60.71
CA VAL A 158 27.43 9.70 61.73
C VAL A 158 26.92 9.12 63.04
N ASN A 159 27.84 8.91 63.99
CA ASN A 159 27.48 8.43 65.32
C ASN A 159 26.69 9.47 66.13
N SER A 160 25.74 8.98 66.91
CA SER A 160 24.97 9.82 67.84
C SER A 160 25.05 9.25 69.25
N ARG A 161 25.43 10.08 70.22
CA ARG A 161 25.39 9.70 71.64
C ARG A 161 23.93 9.56 72.07
N GLU A 162 23.71 8.88 73.18
CA GLU A 162 22.35 8.72 73.72
C GLU A 162 21.85 10.07 74.20
N GLY A 163 20.81 10.59 73.56
CA GLY A 163 20.24 11.88 73.93
C GLY A 163 20.48 13.01 72.93
N GLU A 164 21.07 12.67 71.79
CA GLU A 164 21.28 13.63 70.71
C GLU A 164 21.04 13.00 69.34
N ARG A 165 20.63 13.83 68.38
CA ARG A 165 20.47 13.38 67.00
C ARG A 165 21.44 14.11 66.08
N ASN A 166 22.42 13.37 65.58
CA ASN A 166 23.46 13.93 64.72
C ASN A 166 23.20 13.63 63.25
N GLN A 167 23.32 14.68 62.43
CA GLN A 167 23.05 14.60 61.00
C GLN A 167 24.18 15.25 60.22
N TYR A 168 24.63 14.58 59.16
CA TYR A 168 25.69 15.05 58.28
C TYR A 168 25.13 15.15 56.86
N VAL A 169 24.88 16.37 56.40
CA VAL A 169 24.20 16.61 55.12
C VAL A 169 24.99 17.58 54.21
N TYR A 170 24.54 17.73 52.96
CA TYR A 170 25.21 18.59 51.98
C TYR A 170 24.31 19.76 51.58
N THR A 171 24.89 20.96 51.53
CA THR A 171 24.17 22.20 51.15
C THR A 171 24.76 22.77 49.85
N PRO A 172 23.99 23.59 49.10
CA PRO A 172 24.55 24.22 47.90
C PRO A 172 25.52 25.37 48.23
N THR A 173 26.36 25.76 47.28
CA THR A 173 27.50 26.63 47.58
C THR A 173 27.32 28.11 47.19
N GLY A 174 27.09 28.38 45.91
CA GLY A 174 27.02 29.78 45.43
C GLY A 174 26.92 29.90 43.93
N VAL A 175 27.41 31.02 43.39
CA VAL A 175 27.45 31.22 41.95
C VAL A 175 28.57 30.38 41.37
N THR A 176 28.29 29.73 40.25
CA THR A 176 29.23 28.84 39.61
C THR A 176 29.50 29.28 38.17
N VAL A 177 30.74 29.68 37.91
CA VAL A 177 31.18 30.02 36.56
C VAL A 177 31.64 28.77 35.82
N VAL A 178 30.94 28.46 34.72
CA VAL A 178 31.26 27.29 33.90
C VAL A 178 31.96 27.73 32.62
N ILE A 179 33.18 27.22 32.44
CA ILE A 179 33.97 27.50 31.26
C ILE A 179 34.32 26.16 30.63
N PRO A 180 33.48 25.66 29.70
CA PRO A 180 33.73 24.38 29.04
C PRO A 180 34.51 24.53 27.72
N PRO A 181 35.10 23.43 27.19
CA PRO A 181 35.90 23.55 25.98
C PRO A 181 35.08 23.35 24.70
N TRP A 182 35.77 23.46 23.56
CA TRP A 182 35.18 23.36 22.23
C TRP A 182 35.10 21.92 21.71
N ASN A 183 36.03 21.08 22.17
CA ASN A 183 36.22 19.73 21.66
C ASN A 183 35.10 18.74 21.99
N PHE A 184 34.86 18.49 23.28
CA PHE A 184 33.68 17.74 23.70
C PHE A 184 32.55 18.72 23.98
N LEU A 185 32.13 19.36 22.89
CA LEU A 185 31.19 20.46 22.84
C LEU A 185 29.86 20.21 23.55
N PHE A 186 29.37 18.98 23.49
CA PHE A 186 28.10 18.64 24.13
C PHE A 186 28.31 18.06 25.52
N ALA A 187 28.87 16.86 25.62
CA ALA A 187 28.96 16.11 26.89
C ALA A 187 29.56 16.88 28.05
N ILE A 188 30.75 17.42 27.86
CA ILE A 188 31.47 18.07 28.94
C ILE A 188 30.72 19.32 29.38
N MET A 189 30.27 20.09 28.40
CA MET A 189 29.49 21.29 28.64
C MET A 189 28.13 20.96 29.29
N ALA A 190 27.49 19.86 28.86
CA ALA A 190 26.26 19.38 29.51
C ALA A 190 26.52 18.94 30.95
N GLY A 191 27.59 18.16 31.15
CA GLY A 191 27.99 17.65 32.48
C GLY A 191 28.43 18.72 33.46
N THR A 192 29.34 19.60 33.05
CA THR A 192 29.81 20.71 33.92
C THR A 192 28.79 21.84 34.08
N THR A 193 27.73 21.84 33.28
CA THR A 193 26.62 22.74 33.51
C THR A 193 25.56 22.13 34.44
N VAL A 194 25.15 20.87 34.22
CA VAL A 194 24.06 20.29 35.03
C VAL A 194 24.47 19.92 36.45
N ALA A 195 25.75 19.57 36.62
CA ALA A 195 26.28 19.17 37.94
C ALA A 195 26.12 20.24 39.00
N PRO A 196 26.53 21.51 38.72
CA PRO A 196 26.27 22.54 39.73
C PRO A 196 24.78 22.82 39.94
N ILE A 197 24.01 22.83 38.85
CA ILE A 197 22.59 23.21 38.90
C ILE A 197 21.76 22.21 39.72
N VAL A 198 22.02 20.91 39.53
CA VAL A 198 21.31 19.88 40.31
C VAL A 198 21.71 19.87 41.79
N THR A 199 22.92 20.35 42.09
CA THR A 199 23.40 20.41 43.46
C THR A 199 22.94 21.69 44.15
N GLY A 200 22.19 22.53 43.43
CA GLY A 200 21.54 23.66 44.02
C GLY A 200 22.24 24.98 43.79
N ASN A 201 23.37 24.94 43.09
CA ASN A 201 24.10 26.15 42.69
C ASN A 201 23.47 26.80 41.47
N THR A 202 23.92 28.03 41.18
CA THR A 202 23.45 28.78 40.02
C THR A 202 24.62 29.02 39.08
N VAL A 203 24.32 29.06 37.79
CA VAL A 203 25.36 28.99 36.78
C VAL A 203 25.45 30.21 35.88
N VAL A 204 26.69 30.61 35.63
CA VAL A 204 26.99 31.55 34.58
C VAL A 204 27.80 30.69 33.62
N LEU A 205 27.29 30.52 32.40
CA LEU A 205 27.92 29.64 31.42
C LEU A 205 28.62 30.48 30.38
N LYS A 206 29.93 30.29 30.26
CA LYS A 206 30.72 30.96 29.25
C LYS A 206 31.19 29.87 28.28
N PRO A 207 30.38 29.56 27.26
CA PRO A 207 30.78 28.48 26.37
C PRO A 207 31.96 28.90 25.51
N ALA A 208 32.67 27.90 24.97
CA ALA A 208 33.77 28.14 24.07
C ALA A 208 33.24 28.86 22.84
N SER A 209 33.83 30.02 22.55
CA SER A 209 33.40 30.85 21.42
C SER A 209 33.65 30.18 20.07
N ALA A 210 34.52 29.17 20.08
CA ALA A 210 34.73 28.29 18.93
C ALA A 210 33.48 27.45 18.62
N ALA A 211 32.63 27.23 19.62
CA ALA A 211 31.32 26.61 19.38
C ALA A 211 30.24 27.01 20.41
N PRO A 212 29.42 28.03 20.08
CA PRO A 212 28.40 28.48 21.03
C PRO A 212 26.93 28.16 20.69
N VAL A 213 26.68 27.52 19.55
CA VAL A 213 25.30 27.23 19.10
C VAL A 213 24.67 26.06 19.87
N ILE A 214 25.46 24.99 20.03
CA ILE A 214 25.03 23.84 20.85
C ILE A 214 24.68 24.25 22.28
N ALA A 215 25.52 25.10 22.87
CA ALA A 215 25.33 25.55 24.24
C ALA A 215 24.06 26.38 24.37
N ALA A 216 23.82 27.23 23.36
CA ALA A 216 22.60 28.05 23.26
C ALA A 216 21.36 27.18 23.18
N LYS A 217 21.44 26.16 22.33
CA LYS A 217 20.38 25.17 22.17
C LYS A 217 20.18 24.40 23.45
N PHE A 218 21.27 24.15 24.18
CA PHE A 218 21.19 23.44 25.45
C PHE A 218 20.61 24.26 26.59
N VAL A 219 21.00 25.52 26.68
CA VAL A 219 20.42 26.46 27.64
C VAL A 219 18.91 26.54 27.47
N GLU A 220 18.44 26.68 26.23
CA GLU A 220 17.01 26.62 25.90
C GLU A 220 16.33 25.34 26.43
N VAL A 221 17.00 24.20 26.28
CA VAL A 221 16.49 22.91 26.76
C VAL A 221 16.29 22.92 28.28
N LEU A 222 17.16 23.62 29.00
CA LEU A 222 17.08 23.68 30.45
C LEU A 222 15.98 24.64 30.93
N GLU A 223 15.72 25.68 30.14
CA GLU A 223 14.63 26.63 30.40
C GLU A 223 13.26 25.97 30.21
N GLU A 224 13.19 25.05 29.26
CA GLU A 224 11.99 24.29 28.96
C GLU A 224 11.77 23.19 29.99
N SER A 225 12.80 22.95 30.79
CA SER A 225 12.81 21.81 31.70
C SER A 225 12.43 22.22 33.13
N GLY A 226 12.17 23.51 33.33
CA GLY A 226 11.67 24.02 34.60
C GLY A 226 12.63 24.91 35.37
N LEU A 227 13.73 25.31 34.74
CA LEU A 227 14.69 26.22 35.40
C LEU A 227 14.15 27.64 35.55
N PRO A 228 14.16 28.18 36.79
CA PRO A 228 13.79 29.58 37.00
C PRO A 228 14.86 30.51 36.44
N LYS A 229 14.43 31.71 36.07
CA LYS A 229 15.31 32.77 35.58
C LYS A 229 16.53 32.98 36.49
N GLY A 230 17.71 33.09 35.89
CA GLY A 230 18.95 33.37 36.63
C GLY A 230 19.74 32.16 37.10
N VAL A 231 19.08 31.00 37.16
CA VAL A 231 19.75 29.76 37.55
C VAL A 231 20.81 29.42 36.50
N VAL A 232 20.43 29.61 35.24
CA VAL A 232 21.35 29.42 34.15
C VAL A 232 21.47 30.71 33.36
N ASN A 233 22.70 31.11 33.04
CA ASN A 233 22.96 32.34 32.31
C ASN A 233 23.93 32.10 31.17
N PHE A 234 23.56 32.55 29.98
CA PHE A 234 24.35 32.32 28.76
C PHE A 234 25.11 33.60 28.38
N VAL A 235 26.44 33.60 28.55
CA VAL A 235 27.28 34.77 28.21
C VAL A 235 28.58 34.45 27.48
N PRO A 236 28.49 34.06 26.19
CA PRO A 236 29.68 33.82 25.39
C PRO A 236 30.40 35.13 25.07
N GLY A 237 31.73 35.07 25.01
CA GLY A 237 32.51 36.27 24.73
C GLY A 237 34.00 36.03 24.79
N SER A 238 34.74 37.12 24.89
CA SER A 238 36.19 37.06 24.93
C SER A 238 36.66 36.75 26.35
N GLY A 239 37.56 35.79 26.47
CA GLY A 239 38.20 35.45 27.75
C GLY A 239 38.96 36.63 28.30
N ALA A 240 39.44 37.49 27.40
CA ALA A 240 40.09 38.75 27.75
C ALA A 240 39.16 39.64 28.60
N GLU A 241 38.02 40.04 28.04
CA GLU A 241 37.06 40.85 28.79
C GLU A 241 36.15 40.06 29.75
N VAL A 242 35.37 39.12 29.22
CA VAL A 242 34.37 38.40 30.01
C VAL A 242 34.98 37.39 31.00
N GLY A 243 35.90 36.56 30.51
CA GLY A 243 36.47 35.43 31.26
C GLY A 243 37.12 35.80 32.57
N ASP A 244 38.08 36.72 32.52
CA ASP A 244 38.77 37.23 33.69
C ASP A 244 37.83 37.88 34.69
N TYR A 245 36.83 38.59 34.17
CA TYR A 245 35.85 39.31 34.99
C TYR A 245 35.01 38.36 35.83
N LEU A 246 34.63 37.22 35.23
CA LEU A 246 33.78 36.22 35.90
C LEU A 246 34.54 35.51 37.01
N VAL A 247 35.83 35.25 36.75
CA VAL A 247 36.71 34.57 37.71
C VAL A 247 37.03 35.50 38.89
N ASP A 248 37.29 36.77 38.58
CA ASP A 248 37.61 37.79 39.58
C ASP A 248 36.45 38.26 40.46
N HIS A 249 35.21 38.03 40.02
CA HIS A 249 34.07 38.61 40.73
C HIS A 249 33.93 38.07 42.17
N PRO A 250 33.77 38.98 43.15
CA PRO A 250 33.58 38.64 44.57
C PRO A 250 32.48 37.61 44.86
N LYS A 251 31.42 37.60 44.05
CA LYS A 251 30.26 36.73 44.28
C LYS A 251 30.39 35.38 43.60
N THR A 252 31.43 35.20 42.79
CA THR A 252 31.74 33.91 42.17
C THR A 252 32.26 32.96 43.26
N SER A 253 31.63 31.80 43.41
CA SER A 253 32.03 30.86 44.45
C SER A 253 32.86 29.70 43.95
N ILE A 254 32.44 29.12 42.83
CA ILE A 254 33.16 28.01 42.24
C ILE A 254 33.32 28.26 40.74
N ILE A 255 34.47 27.88 40.21
CA ILE A 255 34.71 27.90 38.76
C ILE A 255 34.99 26.47 38.31
N THR A 256 34.18 25.97 37.40
CA THR A 256 34.43 24.62 36.85
C THR A 256 34.92 24.76 35.41
N PHE A 257 36.18 24.39 35.19
CA PHE A 257 36.89 24.71 33.96
C PHE A 257 37.47 23.50 33.23
N THR A 258 37.17 23.38 31.95
CA THR A 258 37.79 22.35 31.13
C THR A 258 38.40 22.99 29.89
N GLY A 259 39.71 22.83 29.71
CA GLY A 259 40.44 23.44 28.60
C GLY A 259 41.94 23.28 28.69
N SER A 260 42.68 24.31 28.27
CA SER A 260 44.14 24.26 28.21
C SER A 260 44.79 24.51 29.57
N ARG A 261 46.04 24.09 29.67
CA ARG A 261 46.84 24.19 30.88
C ARG A 261 47.18 25.65 31.20
N GLU A 262 47.48 26.43 30.16
CA GLU A 262 47.89 27.82 30.31
C GLU A 262 46.76 28.73 30.78
N VAL A 263 45.53 28.43 30.32
CA VAL A 263 44.33 29.14 30.79
C VAL A 263 43.96 28.70 32.22
N GLY A 264 43.98 27.40 32.46
CA GLY A 264 43.65 26.83 33.78
C GLY A 264 44.55 27.29 34.92
N THR A 265 45.83 27.46 34.60
CA THR A 265 46.82 28.00 35.53
C THR A 265 46.45 29.43 35.91
N ARG A 266 46.11 30.24 34.91
CA ARG A 266 45.67 31.62 35.13
C ARG A 266 44.45 31.65 36.07
N ILE A 267 43.45 30.82 35.76
CA ILE A 267 42.22 30.69 36.55
C ILE A 267 42.46 30.28 38.00
N PHE A 268 43.32 29.27 38.21
CA PHE A 268 43.64 28.76 39.54
C PHE A 268 44.30 29.85 40.38
N GLU A 269 45.23 30.59 39.77
CA GLU A 269 45.96 31.68 40.41
C GLU A 269 45.05 32.87 40.75
N ARG A 270 44.18 33.24 39.80
CA ARG A 270 43.32 34.41 39.94
C ARG A 270 42.19 34.20 40.92
N ALA A 271 41.64 32.99 40.94
CA ALA A 271 40.49 32.67 41.79
C ALA A 271 40.81 32.65 43.30
N ALA A 272 42.07 32.45 43.64
CA ALA A 272 42.50 32.36 45.03
C ALA A 272 42.56 33.72 45.73
N LYS A 273 42.81 34.76 44.94
CA LYS A 273 42.92 36.14 45.41
C LYS A 273 41.60 36.63 45.99
N VAL A 274 41.49 36.66 47.32
CA VAL A 274 40.27 37.14 47.99
C VAL A 274 40.08 38.64 47.78
N GLN A 275 39.08 38.99 46.98
CA GLN A 275 38.85 40.36 46.57
C GLN A 275 38.21 41.18 47.69
N PRO A 276 38.36 42.52 47.66
CA PRO A 276 37.65 43.32 48.66
C PRO A 276 36.16 43.09 48.52
N GLY A 277 35.50 42.80 49.64
CA GLY A 277 34.07 42.50 49.65
C GLY A 277 33.71 41.03 49.50
N GLN A 278 34.70 40.22 49.15
CA GLN A 278 34.54 38.77 49.07
C GLN A 278 34.49 38.18 50.47
N THR A 279 33.53 37.28 50.70
CA THR A 279 33.30 36.70 52.01
C THR A 279 33.46 35.18 52.01
N HIS A 280 34.11 34.64 50.99
CA HIS A 280 34.40 33.20 50.92
C HIS A 280 35.70 32.93 50.17
N LEU A 281 36.16 31.68 50.26
CA LEU A 281 37.26 31.18 49.47
C LEU A 281 36.68 30.48 48.25
N LYS A 282 37.24 30.77 47.08
CA LYS A 282 36.74 30.21 45.81
C LYS A 282 37.32 28.83 45.52
N GLN A 283 36.45 27.92 45.10
CA GLN A 283 36.86 26.57 44.75
C GLN A 283 37.05 26.50 43.25
N VAL A 284 38.12 25.88 42.80
CA VAL A 284 38.31 25.67 41.37
C VAL A 284 38.27 24.17 41.07
N ILE A 285 37.45 23.79 40.11
CA ILE A 285 37.47 22.45 39.57
C ILE A 285 38.01 22.53 38.14
N ALA A 286 39.16 21.90 37.91
CA ALA A 286 39.88 22.09 36.64
C ALA A 286 40.37 20.80 36.01
N GLU A 287 39.94 20.52 34.79
CA GLU A 287 40.57 19.50 33.95
C GLU A 287 41.35 20.21 32.84
N MET A 288 42.67 20.06 32.85
CA MET A 288 43.53 20.91 32.03
C MET A 288 44.26 20.18 30.91
N GLY A 289 43.61 19.18 30.35
CA GLY A 289 44.17 18.43 29.23
C GLY A 289 45.31 17.53 29.67
N GLY A 290 46.04 17.00 28.70
CA GLY A 290 47.10 16.08 29.00
C GLY A 290 47.99 15.80 27.82
N LYS A 291 48.88 14.84 28.03
CA LYS A 291 49.83 14.38 27.03
C LYS A 291 49.94 12.90 27.33
N ASP A 292 49.11 12.14 26.64
CA ASP A 292 48.77 10.78 27.05
C ASP A 292 49.57 9.72 26.31
N THR A 293 49.76 8.58 26.98
CA THR A 293 50.82 7.68 26.65
C THR A 293 50.33 6.23 26.49
N VAL A 294 50.65 5.62 25.34
CA VAL A 294 50.38 4.20 25.13
C VAL A 294 51.67 3.38 25.20
N VAL A 295 51.85 2.66 26.29
CA VAL A 295 53.03 1.82 26.49
C VAL A 295 52.81 0.47 25.86
N VAL A 296 53.68 0.13 24.92
CA VAL A 296 53.63 -1.17 24.30
C VAL A 296 54.83 -1.98 24.73
N ASP A 297 54.57 -3.04 25.49
CA ASP A 297 55.61 -3.92 26.00
C ASP A 297 56.19 -4.82 24.91
N GLU A 298 57.30 -5.46 25.26
CA GLU A 298 58.00 -6.48 24.50
C GLU A 298 57.08 -7.65 24.13
N ASP A 299 56.19 -8.01 25.04
CA ASP A 299 55.34 -9.17 24.87
C ASP A 299 53.89 -8.75 24.91
N CYS A 300 53.28 -8.69 23.72
CA CYS A 300 51.96 -8.12 23.54
C CYS A 300 51.23 -8.73 22.35
N ASP A 301 49.93 -8.46 22.27
CA ASP A 301 49.17 -8.66 21.03
C ASP A 301 49.41 -7.42 20.19
N ILE A 302 50.16 -7.61 19.09
CA ILE A 302 50.63 -6.53 18.22
C ILE A 302 49.48 -5.80 17.49
N GLU A 303 48.50 -6.57 17.02
CA GLU A 303 47.31 -6.00 16.39
C GLU A 303 46.58 -5.05 17.33
N LEU A 304 46.42 -5.50 18.57
CA LEU A 304 45.76 -4.76 19.63
C LEU A 304 46.57 -3.52 20.00
N ALA A 305 47.89 -3.68 20.06
CA ALA A 305 48.78 -2.53 20.33
C ALA A 305 48.58 -1.43 19.30
N ALA A 306 48.54 -1.84 18.03
CA ALA A 306 48.40 -0.91 16.90
C ALA A 306 47.03 -0.27 16.81
N GLN A 307 45.97 -1.08 16.95
CA GLN A 307 44.60 -0.57 16.99
C GLN A 307 44.35 0.35 18.18
N SER A 308 45.02 0.04 19.30
CA SER A 308 44.95 0.86 20.51
C SER A 308 45.64 2.21 20.36
N ILE A 309 46.86 2.24 19.81
CA ILE A 309 47.58 3.50 19.51
C ILE A 309 46.78 4.36 18.53
N PHE A 310 46.30 3.74 17.45
CA PHE A 310 45.57 4.43 16.39
C PHE A 310 44.35 5.20 16.89
N THR A 311 43.44 4.49 17.55
CA THR A 311 42.20 5.09 18.05
C THR A 311 42.45 6.15 19.11
N SER A 312 43.46 5.93 19.96
CA SER A 312 43.88 6.90 20.98
C SER A 312 44.36 8.22 20.36
N ALA A 313 45.11 8.10 19.28
CA ALA A 313 45.72 9.24 18.60
C ALA A 313 44.75 9.98 17.72
N PHE A 314 43.82 9.25 17.11
CA PHE A 314 43.04 9.78 16.00
C PHE A 314 41.52 9.75 16.17
N GLY A 315 41.05 9.36 17.35
CA GLY A 315 39.66 9.63 17.73
C GLY A 315 39.44 11.14 17.82
N PHE A 316 38.43 11.64 17.10
CA PHE A 316 38.14 13.07 16.91
C PHE A 316 39.37 13.93 16.55
N ALA A 317 40.06 13.52 15.49
CA ALA A 317 41.28 14.19 14.98
C ALA A 317 42.34 14.55 16.03
N GLY A 318 42.48 13.70 17.06
CA GLY A 318 43.41 13.94 18.16
C GLY A 318 43.13 15.14 19.05
N GLN A 319 41.95 15.74 18.87
CA GLN A 319 41.58 16.96 19.58
C GLN A 319 40.90 16.65 20.92
N LYS A 320 41.36 15.62 21.60
CA LYS A 320 40.77 15.21 22.86
C LYS A 320 41.74 15.54 23.99
N CYS A 321 41.20 15.83 25.17
CA CYS A 321 42.03 15.99 26.37
CA CYS A 321 42.00 15.98 26.40
C CYS A 321 42.77 14.68 26.65
N SER A 322 42.09 13.56 26.40
CA SER A 322 42.57 12.20 26.63
C SER A 322 43.44 11.61 25.51
N ALA A 323 43.65 12.37 24.42
CA ALA A 323 44.29 11.84 23.22
C ALA A 323 45.73 11.38 23.42
N GLY A 324 45.99 10.14 23.01
CA GLY A 324 47.31 9.54 23.11
C GLY A 324 48.23 10.01 22.01
N SER A 325 48.90 11.14 22.24
CA SER A 325 49.88 11.63 21.27
C SER A 325 51.23 10.97 21.45
N ARG A 326 51.34 10.02 22.38
CA ARG A 326 52.61 9.40 22.72
C ARG A 326 52.62 7.88 22.66
N ALA A 327 53.42 7.35 21.73
CA ALA A 327 53.64 5.93 21.62
C ALA A 327 55.01 5.58 22.18
N VAL A 328 55.02 4.97 23.36
CA VAL A 328 56.26 4.52 24.00
C VAL A 328 56.32 3.00 23.85
N VAL A 329 57.18 2.55 22.95
CA VAL A 329 57.12 1.18 22.42
C VAL A 329 58.48 0.47 22.58
N HIS A 330 58.43 -0.76 23.07
CA HIS A 330 59.60 -1.62 23.21
C HIS A 330 60.34 -1.86 21.90
N GLU A 331 61.68 -1.93 21.98
CA GLU A 331 62.57 -2.10 20.82
C GLU A 331 62.35 -3.41 20.05
N LYS A 332 61.93 -4.45 20.76
CA LYS A 332 61.66 -5.76 20.15
C LYS A 332 60.52 -5.72 19.14
N VAL A 333 59.52 -4.88 19.41
CA VAL A 333 58.31 -4.83 18.58
CA VAL A 333 58.31 -4.83 18.60
C VAL A 333 58.15 -3.46 17.91
N TYR A 334 59.13 -2.58 18.09
CA TYR A 334 59.07 -1.19 17.58
C TYR A 334 58.74 -1.02 16.10
N ASP A 335 59.60 -1.50 15.22
CA ASP A 335 59.42 -1.39 13.77
C ASP A 335 58.12 -2.05 13.28
N GLU A 336 57.72 -3.17 13.87
CA GLU A 336 56.45 -3.85 13.49
C GLU A 336 55.19 -3.06 13.87
N VAL A 337 55.08 -2.68 15.15
CA VAL A 337 53.95 -1.87 15.62
C VAL A 337 53.83 -0.57 14.82
N LEU A 338 54.97 0.08 14.55
CA LEU A 338 54.99 1.32 13.76
C LEU A 338 54.51 1.07 12.32
N LYS A 339 55.00 0.00 11.69
CA LYS A 339 54.51 -0.48 10.40
C LYS A 339 52.98 -0.67 10.39
N ARG A 340 52.44 -1.28 11.44
CA ARG A 340 51.01 -1.59 11.47
C ARG A 340 50.17 -0.35 11.76
N VAL A 341 50.69 0.58 12.58
CA VAL A 341 49.97 1.82 12.88
C VAL A 341 49.83 2.68 11.64
N ILE A 342 50.90 2.77 10.85
CA ILE A 342 50.90 3.48 9.57
C ILE A 342 49.85 2.91 8.59
N GLU A 343 49.71 1.58 8.56
CA GLU A 343 48.73 0.92 7.68
C GLU A 343 47.27 1.22 8.02
N ILE A 344 46.91 1.10 9.30
CA ILE A 344 45.56 1.43 9.77
C ILE A 344 45.25 2.92 9.57
N THR A 345 46.21 3.78 9.95
CA THR A 345 46.09 5.23 9.83
C THR A 345 45.76 5.66 8.41
N GLU A 346 46.64 5.35 7.45
CA GLU A 346 46.42 5.84 6.09
C GLU A 346 45.44 5.00 5.24
N SER A 347 44.78 4.02 5.85
CA SER A 347 43.64 3.33 5.21
C SER A 347 42.31 4.06 5.45
N LYS A 348 42.32 5.01 6.37
CA LYS A 348 41.13 5.74 6.81
C LYS A 348 40.91 6.98 5.96
N LYS A 349 39.64 7.39 5.81
CA LYS A 349 39.31 8.56 5.00
C LYS A 349 39.03 9.83 5.81
N VAL A 350 39.75 10.89 5.44
CA VAL A 350 39.62 12.21 6.02
C VAL A 350 38.88 13.12 5.06
N GLY A 351 37.80 13.73 5.52
CA GLY A 351 37.01 14.66 4.72
C GLY A 351 35.89 15.25 5.53
N GLU A 352 34.91 15.85 4.83
CA GLU A 352 33.68 16.33 5.47
C GLU A 352 32.86 15.12 5.93
N PRO A 353 32.37 15.15 7.19
CA PRO A 353 31.55 14.05 7.69
C PRO A 353 30.13 14.07 7.12
N ASP A 354 30.01 13.78 5.82
CA ASP A 354 28.70 13.66 5.17
C ASP A 354 28.32 12.18 4.97
N SER A 355 29.05 11.30 5.63
CA SER A 355 28.74 9.86 5.68
C SER A 355 29.40 9.19 6.89
N ALA A 356 28.95 7.97 7.20
CA ALA A 356 29.42 7.22 8.37
C ALA A 356 30.87 6.73 8.25
N ASP A 357 31.31 6.51 7.02
CA ASP A 357 32.62 5.93 6.75
C ASP A 357 33.79 6.89 6.90
N VAL A 358 33.50 8.19 6.96
CA VAL A 358 34.52 9.20 7.23
C VAL A 358 34.94 8.99 8.69
N TYR A 359 36.16 8.52 8.88
CA TYR A 359 36.69 8.31 10.22
C TYR A 359 37.16 9.64 10.84
N MET A 360 37.72 10.52 10.03
CA MET A 360 38.26 11.79 10.55
C MET A 360 37.77 13.03 9.83
N GLY A 361 37.25 14.00 10.60
CA GLY A 361 36.92 15.31 10.07
C GLY A 361 38.08 16.31 10.20
N PRO A 362 37.79 17.62 10.12
CA PRO A 362 38.83 18.66 10.17
C PRO A 362 39.13 19.12 11.59
N VAL A 363 40.08 20.04 11.75
CA VAL A 363 40.28 20.68 13.06
C VAL A 363 39.28 21.83 13.19
N ILE A 364 39.16 22.38 14.39
CA ILE A 364 38.07 23.30 14.73
C ILE A 364 38.09 24.70 14.07
N ASP A 365 39.27 25.35 14.02
CA ASP A 365 39.37 26.70 13.46
C ASP A 365 40.72 27.00 12.82
N GLN A 366 40.92 28.25 12.41
CA GLN A 366 42.16 28.70 11.78
C GLN A 366 43.34 28.73 12.75
N ALA A 367 43.12 29.30 13.95
CA ALA A 367 44.16 29.38 14.98
C ALA A 367 44.67 28.00 15.37
N SER A 368 43.73 27.07 15.50
CA SER A 368 44.02 25.66 15.77
C SER A 368 44.74 25.01 14.59
N PHE A 369 44.32 25.32 13.36
CA PHE A 369 44.98 24.82 12.15
C PHE A 369 46.45 25.26 12.14
N ASN A 370 46.69 26.54 12.44
CA ASN A 370 48.03 27.11 12.45
C ASN A 370 48.97 26.46 13.45
N LYS A 371 48.50 26.36 14.71
CA LYS A 371 49.28 25.78 15.82
C LYS A 371 49.74 24.36 15.53
N ILE A 372 48.82 23.53 15.05
CA ILE A 372 49.13 22.14 14.68
C ILE A 372 50.16 22.11 13.54
N MET A 373 49.96 22.99 12.57
CA MET A 373 50.85 23.11 11.40
C MET A 373 52.22 23.65 11.81
N ASP A 374 52.24 24.51 12.82
CA ASP A 374 53.49 24.96 13.44
C ASP A 374 54.19 23.83 14.21
N TYR A 375 53.40 22.93 14.80
CA TYR A 375 53.95 21.77 15.52
C TYR A 375 54.48 20.66 14.60
N ILE A 376 53.90 20.53 13.40
CA ILE A 376 54.34 19.54 12.44
C ILE A 376 55.75 19.85 11.92
N GLU A 377 56.05 21.15 11.80
CA GLU A 377 57.40 21.62 11.47
C GLU A 377 58.41 21.26 12.55
N ILE A 378 57.98 21.30 13.81
CA ILE A 378 58.83 20.96 14.94
C ILE A 378 59.16 19.46 14.95
N GLY A 379 58.20 18.64 14.53
CA GLY A 379 58.40 17.19 14.43
C GLY A 379 59.41 16.71 13.37
N LYS A 380 59.67 17.53 12.36
CA LYS A 380 60.66 17.21 11.34
C LYS A 380 62.06 17.51 11.85
N GLU A 381 62.17 18.51 12.71
CA GLU A 381 63.44 18.88 13.35
C GLU A 381 63.80 17.91 14.46
N GLU A 382 62.78 17.25 15.02
CA GLU A 382 62.95 16.46 16.24
C GLU A 382 62.81 14.97 16.01
N GLY A 383 62.16 14.58 14.93
CA GLY A 383 61.96 13.17 14.63
C GLY A 383 61.89 12.90 13.14
N ARG A 384 61.25 11.79 12.79
CA ARG A 384 61.18 11.33 11.43
C ARG A 384 59.72 11.20 11.02
N LEU A 385 59.32 11.95 9.99
CA LEU A 385 57.95 11.89 9.48
C LEU A 385 57.76 10.60 8.70
N VAL A 386 56.80 9.78 9.13
CA VAL A 386 56.54 8.50 8.47
C VAL A 386 55.11 8.37 7.94
N SER A 387 54.27 9.36 8.22
CA SER A 387 52.92 9.44 7.69
C SER A 387 52.32 10.83 7.88
N GLY A 388 51.64 11.33 6.84
CA GLY A 388 50.93 12.60 6.91
C GLY A 388 51.82 13.83 6.94
N GLY A 389 51.42 14.83 7.71
CA GLY A 389 52.14 16.10 7.77
C GLY A 389 51.64 17.12 6.78
N LYS A 390 50.74 16.69 5.89
CA LYS A 390 50.15 17.56 4.86
C LYS A 390 48.83 18.15 5.36
N GLY A 391 48.63 19.43 5.07
CA GLY A 391 47.37 20.10 5.39
C GLY A 391 47.06 21.24 4.45
N ASP A 392 45.78 21.48 4.21
CA ASP A 392 45.33 22.67 3.49
C ASP A 392 44.00 23.20 4.03
N ASP A 393 43.94 24.52 4.17
CA ASP A 393 42.82 25.22 4.80
C ASP A 393 41.92 25.94 3.79
N SER A 394 41.88 25.42 2.57
CA SER A 394 41.21 26.11 1.46
C SER A 394 39.68 25.95 1.42
N LYS A 395 39.18 24.78 1.81
CA LYS A 395 37.74 24.56 1.90
C LYS A 395 37.34 24.43 3.36
N GLY A 396 38.07 23.56 4.08
CA GLY A 396 37.92 23.41 5.51
C GLY A 396 39.29 23.27 6.11
N TYR A 397 39.36 23.20 7.44
CA TYR A 397 40.65 23.15 8.14
C TYR A 397 41.18 21.72 8.26
N PHE A 398 41.55 21.16 7.12
CA PHE A 398 41.89 19.75 6.98
C PHE A 398 43.37 19.47 7.08
N ILE A 399 43.73 18.53 7.94
CA ILE A 399 45.10 18.11 8.19
C ILE A 399 45.10 16.60 8.25
N GLU A 400 46.02 15.97 7.52
CA GLU A 400 46.14 14.51 7.50
C GLU A 400 46.59 13.97 8.86
N PRO A 401 46.19 12.72 9.20
CA PRO A 401 46.66 12.10 10.43
C PRO A 401 48.16 11.86 10.35
N THR A 402 48.90 12.41 11.31
CA THR A 402 50.35 12.54 11.22
C THR A 402 51.08 11.68 12.26
N ILE A 403 52.11 10.96 11.80
CA ILE A 403 52.89 10.10 12.67
C ILE A 403 54.39 10.45 12.59
N PHE A 404 54.98 10.82 13.72
CA PHE A 404 56.44 10.96 13.85
C PHE A 404 57.08 9.80 14.65
N ALA A 405 58.27 9.40 14.23
CA ALA A 405 59.00 8.29 14.87
C ALA A 405 60.35 8.73 15.39
N ASP A 406 60.94 7.87 16.22
CA ASP A 406 62.28 8.03 16.81
C ASP A 406 62.44 9.37 17.52
N LEU A 407 61.63 9.57 18.57
CA LEU A 407 61.70 10.79 19.34
C LEU A 407 62.51 10.60 20.62
N ASP A 408 63.22 11.65 21.01
CA ASP A 408 63.80 11.73 22.33
C ASP A 408 62.64 11.95 23.31
N PRO A 409 62.66 11.23 24.45
CA PRO A 409 61.64 11.36 25.50
C PRO A 409 61.41 12.80 25.99
N LYS A 410 62.38 13.68 25.78
CA LYS A 410 62.31 15.06 26.24
C LYS A 410 62.04 16.09 25.14
N ALA A 411 61.73 15.61 23.94
CA ALA A 411 61.36 16.48 22.81
C ALA A 411 60.05 17.23 23.08
N ARG A 412 59.93 18.42 22.49
CA ARG A 412 58.73 19.27 22.67
C ARG A 412 57.48 18.53 22.23
N LEU A 413 57.63 17.75 21.16
CA LEU A 413 56.57 16.93 20.58
C LEU A 413 56.16 15.76 21.48
N MET A 414 56.97 15.50 22.50
CA MET A 414 56.76 14.43 23.45
C MET A 414 56.32 15.02 24.78
N GLN A 415 56.21 16.34 24.84
CA GLN A 415 56.01 17.03 26.11
C GLN A 415 54.83 17.97 26.15
N GLU A 416 54.60 18.69 25.05
CA GLU A 416 53.62 19.77 25.01
C GLU A 416 52.31 19.33 24.33
N GLU A 417 51.18 19.80 24.85
CA GLU A 417 49.85 19.50 24.29
C GLU A 417 49.70 20.04 22.87
N ILE A 418 49.34 19.17 21.92
CA ILE A 418 49.18 19.61 20.54
C ILE A 418 47.70 19.80 20.15
N PHE A 419 46.82 18.97 20.71
CA PHE A 419 45.38 18.99 20.40
C PHE A 419 45.08 18.82 18.91
N GLY A 420 45.83 17.95 18.25
CA GLY A 420 45.66 17.68 16.83
C GLY A 420 46.03 16.26 16.47
N PRO A 421 45.84 15.87 15.19
CA PRO A 421 46.01 14.48 14.75
C PRO A 421 47.50 14.09 14.59
N VAL A 422 48.20 14.05 15.72
CA VAL A 422 49.66 13.86 15.75
C VAL A 422 50.03 12.82 16.81
N VAL A 423 50.82 11.82 16.41
CA VAL A 423 51.44 10.91 17.38
C VAL A 423 52.95 10.99 17.29
N ALA A 424 53.59 10.69 18.42
CA ALA A 424 55.02 10.68 18.49
C ALA A 424 55.48 9.33 19.04
N PHE A 425 56.31 8.64 18.26
CA PHE A 425 56.83 7.34 18.68
C PHE A 425 58.18 7.48 19.36
N SER A 426 58.37 6.73 20.44
CA SER A 426 59.66 6.65 21.14
C SER A 426 60.00 5.22 21.55
N LYS A 427 61.17 4.77 21.15
CA LYS A 427 61.65 3.41 21.42
C LYS A 427 62.30 3.29 22.79
N VAL A 428 61.92 2.27 23.54
CA VAL A 428 62.61 1.93 24.80
C VAL A 428 63.09 0.49 24.77
N SER A 429 63.98 0.13 25.69
CA SER A 429 64.63 -1.19 25.65
C SER A 429 64.29 -2.12 26.83
N SER A 430 63.39 -1.65 27.70
CA SER A 430 62.86 -2.46 28.79
C SER A 430 61.58 -1.81 29.31
N PHE A 431 60.82 -2.56 30.10
CA PHE A 431 59.61 -2.06 30.75
C PHE A 431 59.90 -1.03 31.83
N ASP A 432 61.06 -1.14 32.47
CA ASP A 432 61.54 -0.15 33.44
C ASP A 432 61.64 1.23 32.81
N GLU A 433 62.33 1.30 31.68
CA GLU A 433 62.48 2.53 30.90
C GLU A 433 61.17 3.01 30.27
N ALA A 434 60.21 2.10 30.07
CA ALA A 434 58.92 2.47 29.49
C ALA A 434 58.06 3.26 30.47
N LEU A 435 58.14 2.92 31.76
CA LEU A 435 57.39 3.64 32.80
C LEU A 435 58.06 4.98 33.08
N GLU A 436 59.38 5.00 33.01
CA GLU A 436 60.21 6.19 33.21
C GLU A 436 59.80 7.30 32.25
N VAL A 437 59.79 6.99 30.96
CA VAL A 437 59.34 7.91 29.91
C VAL A 437 57.84 8.20 30.02
N ALA A 438 57.03 7.19 30.34
CA ALA A 438 55.59 7.39 30.53
C ALA A 438 55.28 8.42 31.62
N ASN A 439 56.09 8.42 32.67
CA ASN A 439 55.91 9.35 33.78
C ASN A 439 56.65 10.69 33.63
N ASN A 440 57.29 10.93 32.50
CA ASN A 440 58.18 12.12 32.38
C ASN A 440 57.56 13.45 31.93
N THR A 441 56.25 13.49 31.73
CA THR A 441 55.58 14.75 31.38
C THR A 441 55.06 15.42 32.63
N GLU A 442 54.60 16.67 32.45
CA GLU A 442 54.01 17.46 33.52
C GLU A 442 52.55 17.07 33.77
N TYR A 443 52.07 16.08 33.05
CA TYR A 443 50.66 15.70 33.06
C TYR A 443 50.48 14.29 33.61
N GLY A 444 49.23 13.95 33.97
CA GLY A 444 48.91 12.62 34.47
C GLY A 444 47.44 12.30 34.23
N LEU A 445 47.00 12.52 32.99
CA LEU A 445 45.60 12.33 32.67
C LEU A 445 45.36 10.87 32.34
N THR A 446 45.78 10.44 31.16
CA THR A 446 45.51 9.07 30.74
C THR A 446 46.74 8.29 30.25
N GLY A 447 46.58 6.96 30.25
CA GLY A 447 47.67 6.05 29.92
C GLY A 447 47.15 4.66 29.60
N ALA A 448 47.78 4.06 28.61
CA ALA A 448 47.49 2.70 28.21
C ALA A 448 48.76 1.87 28.28
N VAL A 449 48.62 0.62 28.70
CA VAL A 449 49.69 -0.36 28.66
C VAL A 449 49.18 -1.58 27.89
N ILE A 450 49.96 -2.02 26.90
CA ILE A 450 49.67 -3.21 26.14
C ILE A 450 50.72 -4.27 26.48
N THR A 451 50.30 -5.34 27.14
CA THR A 451 51.22 -6.38 27.60
C THR A 451 50.55 -7.71 27.93
N LYS A 452 51.29 -8.79 27.72
CA LYS A 452 50.86 -10.12 28.12
C LYS A 452 51.41 -10.47 29.50
N ASN A 453 52.34 -9.63 29.98
CA ASN A 453 53.02 -9.84 31.26
C ASN A 453 52.24 -9.34 32.48
N ARG A 454 51.86 -10.29 33.33
CA ARG A 454 51.06 -10.02 34.52
C ARG A 454 51.77 -9.17 35.59
N ASP A 455 53.08 -9.33 35.73
CA ASP A 455 53.84 -8.54 36.69
C ASP A 455 53.86 -7.07 36.26
N HIS A 456 53.95 -6.87 34.96
CA HIS A 456 53.97 -5.54 34.35
C HIS A 456 52.66 -4.79 34.49
N ILE A 457 51.54 -5.51 34.47
CA ILE A 457 50.24 -4.90 34.74
C ILE A 457 50.16 -4.43 36.19
N ASN A 458 50.56 -5.32 37.11
CA ASN A 458 50.52 -5.03 38.55
C ASN A 458 51.46 -3.91 38.93
N ARG A 459 52.62 -3.88 38.30
CA ARG A 459 53.57 -2.80 38.53
C ARG A 459 53.01 -1.47 38.05
N ALA A 460 52.42 -1.47 36.85
CA ALA A 460 51.90 -0.24 36.26
C ALA A 460 50.74 0.34 37.06
N LYS A 461 49.95 -0.54 37.68
CA LYS A 461 48.84 -0.13 38.56
C LYS A 461 49.30 0.75 39.72
N GLN A 462 50.52 0.53 40.18
CA GLN A 462 51.11 1.32 41.23
C GLN A 462 52.04 2.42 40.65
N GLU A 463 52.73 2.13 39.55
CA GLU A 463 53.87 2.97 39.09
C GLU A 463 53.62 3.95 37.93
N PHE A 464 52.61 3.67 37.12
CA PHE A 464 52.21 4.55 36.01
C PHE A 464 51.26 5.57 36.64
N HIS A 465 51.74 6.81 36.75
CA HIS A 465 51.03 7.83 37.51
C HIS A 465 50.10 8.64 36.65
N VAL A 466 48.95 8.04 36.32
CA VAL A 466 47.90 8.75 35.60
C VAL A 466 46.57 8.54 36.29
N GLY A 467 45.60 9.42 36.03
CA GLY A 467 44.30 9.38 36.67
C GLY A 467 43.44 8.25 36.09
N ASN A 468 43.58 8.07 34.78
CA ASN A 468 42.86 7.03 34.03
C ASN A 468 43.83 6.06 33.37
N LEU A 469 44.01 4.92 34.01
CA LEU A 469 44.98 3.94 33.53
C LEU A 469 44.26 2.74 32.89
N TYR A 470 44.73 2.37 31.71
CA TYR A 470 44.11 1.34 30.89
C TYR A 470 45.06 0.23 30.50
N PHE A 471 44.54 -0.99 30.47
CA PHE A 471 45.34 -2.16 30.09
C PHE A 471 44.71 -2.95 28.94
N ASN A 472 45.52 -3.17 27.90
CA ASN A 472 45.13 -3.86 26.67
C ASN A 472 43.93 -3.27 25.95
N ARG A 473 43.98 -1.95 25.76
CA ARG A 473 42.94 -1.15 25.09
C ARG A 473 43.43 0.30 24.88
N ASN A 474 42.59 1.10 24.21
CA ASN A 474 42.89 2.53 23.99
C ASN A 474 42.68 3.39 25.24
N CYS A 475 43.36 4.53 25.29
CA CYS A 475 43.26 5.41 26.45
C CYS A 475 42.20 6.52 26.36
N THR A 476 41.28 6.40 25.39
CA THR A 476 40.19 7.37 25.21
C THR A 476 38.82 6.81 25.55
N GLY A 477 38.74 6.00 26.61
CA GLY A 477 37.48 5.40 27.04
C GLY A 477 36.46 6.37 27.59
N ALA A 478 36.59 6.67 28.88
CA ALA A 478 35.77 7.63 29.61
C ALA A 478 34.26 7.48 29.42
N ILE A 479 33.68 6.46 30.04
CA ILE A 479 32.23 6.32 30.11
C ILE A 479 31.74 6.59 31.54
N VAL A 480 30.89 7.61 31.66
CA VAL A 480 30.24 8.02 32.91
C VAL A 480 29.64 6.84 33.69
N GLY A 481 30.13 6.65 34.92
CA GLY A 481 29.66 5.55 35.79
C GLY A 481 30.45 4.24 35.64
N TYR A 482 31.32 4.20 34.64
CA TYR A 482 32.18 3.04 34.36
C TYR A 482 33.64 3.44 34.48
N HIS A 483 33.99 4.60 33.90
CA HIS A 483 35.34 5.16 34.03
C HIS A 483 35.35 6.66 34.35
N PRO A 484 35.26 7.03 35.65
CA PRO A 484 35.43 8.40 36.14
C PRO A 484 36.72 9.08 35.62
N PHE A 485 36.59 10.34 35.18
CA PHE A 485 37.62 11.00 34.37
C PHE A 485 38.23 12.26 35.03
N GLY A 486 39.55 12.28 35.11
CA GLY A 486 40.26 13.39 35.74
C GLY A 486 41.69 12.97 35.99
N GLY A 487 42.60 13.95 36.05
CA GLY A 487 44.03 13.65 36.07
C GLY A 487 44.83 14.38 37.13
N PHE A 488 46.06 13.95 37.35
CA PHE A 488 46.94 14.53 38.39
C PHE A 488 47.77 15.65 37.80
N LYS A 489 48.77 16.10 38.57
CA LYS A 489 49.83 16.96 38.05
C LYS A 489 49.23 18.14 37.28
N MET A 490 49.68 18.42 36.06
CA MET A 490 49.13 19.59 35.34
C MET A 490 47.88 19.29 34.51
N SER A 491 47.29 18.10 34.68
CA SER A 491 45.99 17.77 34.11
C SER A 491 44.83 18.32 34.94
N GLY A 492 45.17 18.95 36.06
CA GLY A 492 44.17 19.60 36.90
C GLY A 492 44.03 19.07 38.32
N THR A 493 42.84 19.28 38.89
CA THR A 493 42.54 18.99 40.28
C THR A 493 41.96 17.59 40.52
N ASP A 494 42.06 16.72 39.52
CA ASP A 494 41.62 15.31 39.61
C ASP A 494 40.16 15.12 40.10
N SER A 495 39.28 15.92 39.53
CA SER A 495 37.89 15.83 39.88
C SER A 495 37.26 14.86 38.91
N LYS A 496 36.88 13.71 39.42
CA LYS A 496 36.49 12.59 38.59
C LYS A 496 35.06 12.71 38.07
N ALA A 497 34.95 13.31 36.90
CA ALA A 497 33.69 13.49 36.20
C ALA A 497 33.10 12.13 35.87
N GLY A 498 31.83 11.94 36.23
CA GLY A 498 31.14 10.67 35.95
C GLY A 498 31.50 9.54 36.89
N GLY A 499 31.88 9.90 38.11
CA GLY A 499 32.13 8.95 39.17
C GLY A 499 31.28 9.28 40.38
N PRO A 500 31.57 8.65 41.53
CA PRO A 500 30.79 8.87 42.76
C PRO A 500 31.08 10.15 43.57
N ASP A 501 32.28 10.71 43.46
CA ASP A 501 32.70 11.82 44.34
C ASP A 501 32.44 13.24 43.82
N TYR A 502 31.95 13.33 42.60
CA TYR A 502 31.95 14.57 41.83
C TYR A 502 30.94 15.64 42.26
N LEU A 503 29.72 15.22 42.61
CA LEU A 503 28.70 16.18 43.04
C LEU A 503 29.06 16.85 44.37
N ALA A 504 29.57 16.07 45.32
CA ALA A 504 29.98 16.57 46.64
C ALA A 504 31.05 17.67 46.57
N LEU A 505 31.76 17.74 45.45
CA LEU A 505 32.74 18.79 45.18
C LEU A 505 32.09 20.15 44.95
N HIS A 506 30.80 20.14 44.64
CA HIS A 506 30.04 21.35 44.34
C HIS A 506 29.25 21.79 45.59
N MET A 507 29.39 21.02 46.66
CA MET A 507 28.57 21.19 47.86
C MET A 507 29.42 21.31 49.11
N GLN A 508 28.84 21.88 50.14
CA GLN A 508 29.52 21.92 51.39
C GLN A 508 28.74 21.17 52.45
N ALA A 509 29.48 20.38 53.22
CA ALA A 509 28.91 19.57 54.26
C ALA A 509 28.47 20.41 55.47
N LYS A 510 27.30 20.06 56.00
CA LYS A 510 26.73 20.69 57.18
C LYS A 510 26.45 19.62 58.25
N THR A 511 26.88 19.93 59.46
CA THR A 511 26.65 19.09 60.61
C THR A 511 25.57 19.72 61.49
N ILE A 512 24.51 18.94 61.71
CA ILE A 512 23.34 19.36 62.49
C ILE A 512 23.13 18.41 63.65
N SER A 513 23.03 18.99 64.85
CA SER A 513 22.98 18.22 66.08
C SER A 513 21.96 18.80 67.06
N GLU A 514 20.98 17.99 67.45
CA GLU A 514 19.97 18.43 68.42
C GLU A 514 20.11 17.68 69.75
N MET A 515 20.42 18.41 70.82
CA MET A 515 20.43 17.87 72.18
C MET A 515 19.04 17.93 72.77
N PHE A 516 18.53 16.80 73.24
CA PHE A 516 17.16 16.74 73.76
C PHE A 516 17.05 17.11 75.24
N THR B 3 37.32 16.12 -33.43
CA THR B 3 37.76 15.94 -32.02
C THR B 3 38.32 14.54 -31.81
N PRO B 4 39.55 14.43 -31.24
CA PRO B 4 40.16 13.14 -30.96
C PRO B 4 39.41 12.42 -29.85
N TYR B 5 39.42 11.08 -29.89
CA TYR B 5 38.71 10.29 -28.88
C TYR B 5 39.41 10.37 -27.52
N LYS B 6 38.67 10.88 -26.54
CA LYS B 6 39.06 10.80 -25.13
C LYS B 6 38.02 9.99 -24.37
N HIS B 7 38.48 9.16 -23.43
CA HIS B 7 37.59 8.31 -22.66
C HIS B 7 36.83 9.10 -21.60
N GLU B 8 35.67 8.57 -21.22
CA GLU B 8 34.78 9.24 -20.29
C GLU B 8 35.36 9.17 -18.89
N PRO B 9 35.59 10.35 -18.27
CA PRO B 9 36.19 10.43 -16.94
C PRO B 9 35.32 9.77 -15.87
N PHE B 10 35.97 9.01 -14.99
CA PHE B 10 35.31 8.42 -13.84
C PHE B 10 35.00 9.53 -12.86
N THR B 11 33.81 9.45 -12.28
CA THR B 11 33.37 10.40 -11.27
C THR B 11 34.25 10.28 -10.02
N ASN B 12 34.88 11.39 -9.65
CA ASN B 12 35.69 11.45 -8.44
C ASN B 12 34.79 11.56 -7.21
N PHE B 13 34.58 10.44 -6.54
CA PHE B 13 33.76 10.40 -5.33
C PHE B 13 34.49 10.92 -4.08
N GLY B 14 35.67 11.51 -4.28
CA GLY B 14 36.40 12.19 -3.22
C GLY B 14 36.01 13.65 -3.10
N ILE B 15 35.10 14.09 -3.98
CA ILE B 15 34.54 15.46 -3.92
C ILE B 15 33.07 15.43 -3.50
N GLU B 16 32.70 16.38 -2.66
CA GLU B 16 31.36 16.46 -2.08
C GLU B 16 30.23 16.50 -3.08
N GLU B 17 30.30 17.39 -4.03
CA GLU B 17 29.22 17.59 -5.01
C GLU B 17 28.86 16.30 -5.77
N ASN B 18 29.89 15.53 -6.12
CA ASN B 18 29.74 14.26 -6.85
C ASN B 18 28.95 13.18 -6.10
N ARG B 19 29.29 12.97 -4.83
CA ARG B 19 28.58 12.00 -3.98
C ARG B 19 27.12 12.40 -3.80
N LYS B 20 26.90 13.69 -3.52
CA LYS B 20 25.57 14.26 -3.34
C LYS B 20 24.71 14.13 -4.59
N ALA B 21 25.33 14.35 -5.75
CA ALA B 21 24.64 14.25 -7.04
C ALA B 21 24.21 12.82 -7.38
N PHE B 22 25.04 11.84 -7.03
CA PHE B 22 24.76 10.42 -7.27
C PHE B 22 23.61 9.91 -6.39
N GLU B 23 23.61 10.35 -5.12
CA GLU B 23 22.56 10.00 -4.16
C GLU B 23 21.18 10.46 -4.64
N LYS B 24 21.15 11.67 -5.20
CA LYS B 24 19.95 12.24 -5.83
C LYS B 24 19.43 11.34 -6.96
N ALA B 25 20.33 10.87 -7.80
CA ALA B 25 19.99 9.99 -8.91
C ALA B 25 19.50 8.62 -8.45
N LEU B 26 20.10 8.12 -7.36
CA LEU B 26 19.74 6.83 -6.78
C LEU B 26 18.34 6.88 -6.16
N GLU B 27 18.02 8.01 -5.52
CA GLU B 27 16.69 8.25 -4.99
C GLU B 27 15.66 8.50 -6.10
N THR B 28 16.10 9.14 -7.19
CA THR B 28 15.26 9.34 -8.38
C THR B 28 14.89 7.99 -9.00
N VAL B 29 15.88 7.09 -9.06
CA VAL B 29 15.69 5.75 -9.61
C VAL B 29 14.84 4.86 -8.68
N ASN B 30 15.06 4.99 -7.37
CA ASN B 30 14.26 4.31 -6.37
C ASN B 30 12.75 4.54 -6.52
N ASN B 31 12.36 5.79 -6.75
CA ASN B 31 10.96 6.15 -6.92
C ASN B 31 10.43 5.85 -8.32
N GLU B 32 10.96 6.57 -9.30
CA GLU B 32 10.36 6.62 -10.64
C GLU B 32 10.73 5.46 -11.56
N TRP B 33 12.01 5.08 -11.55
CA TRP B 33 12.54 4.07 -12.48
C TRP B 33 12.16 2.64 -12.09
N LEU B 34 12.09 2.37 -10.79
CA LEU B 34 11.85 1.02 -10.28
C LEU B 34 10.40 0.52 -10.43
N GLY B 35 10.27 -0.81 -10.47
CA GLY B 35 8.97 -1.48 -10.43
C GLY B 35 8.15 -1.48 -11.71
N GLN B 36 8.79 -1.12 -12.82
CA GLN B 36 8.09 -1.03 -14.10
C GLN B 36 8.00 -2.37 -14.86
N SER B 37 7.24 -2.38 -15.96
CA SER B 37 7.06 -3.59 -16.77
C SER B 37 7.59 -3.35 -18.19
N TYR B 38 8.24 -4.36 -18.77
CA TYR B 38 8.99 -4.16 -20.02
C TYR B 38 8.72 -5.20 -21.10
N PRO B 39 8.12 -4.76 -22.21
CA PRO B 39 7.76 -5.65 -23.31
C PRO B 39 8.94 -6.01 -24.20
N LEU B 40 8.77 -7.04 -25.02
CA LEU B 40 9.71 -7.38 -26.08
C LEU B 40 9.59 -6.31 -27.15
N VAL B 41 10.69 -6.01 -27.83
CA VAL B 41 10.62 -5.06 -28.93
C VAL B 41 11.00 -5.78 -30.20
N ILE B 42 10.03 -5.94 -31.09
CA ILE B 42 10.22 -6.66 -32.34
C ILE B 42 9.63 -5.82 -33.48
N ASP B 43 10.49 -5.44 -34.43
CA ASP B 43 10.14 -4.62 -35.60
C ASP B 43 9.46 -3.28 -35.26
N GLY B 44 9.92 -2.65 -34.18
CA GLY B 44 9.36 -1.37 -33.75
C GLY B 44 8.18 -1.49 -32.79
N GLU B 45 7.70 -2.72 -32.59
CA GLU B 45 6.47 -2.96 -31.82
C GLU B 45 6.72 -3.57 -30.46
N ARG B 46 5.92 -3.14 -29.48
CA ARG B 46 5.99 -3.65 -28.12
C ARG B 46 5.12 -4.92 -27.94
N TYR B 47 5.76 -6.03 -27.62
CA TYR B 47 5.04 -7.31 -27.44
C TYR B 47 5.00 -7.71 -25.97
N GLU B 48 3.79 -7.98 -25.47
CA GLU B 48 3.64 -8.46 -24.09
C GLU B 48 3.41 -9.97 -24.10
N THR B 49 4.00 -10.66 -23.13
CA THR B 49 3.79 -12.10 -22.97
C THR B 49 3.19 -12.39 -21.61
N GLU B 50 2.59 -13.57 -21.48
CA GLU B 50 1.95 -13.98 -20.24
C GLU B 50 3.00 -14.38 -19.20
N ASN B 51 3.95 -15.21 -19.62
CA ASN B 51 5.10 -15.56 -18.78
C ASN B 51 6.10 -14.41 -18.71
N LYS B 52 6.64 -14.16 -17.50
CA LYS B 52 7.52 -13.03 -17.29
C LYS B 52 8.81 -13.37 -16.52
N ILE B 53 9.88 -12.63 -16.83
CA ILE B 53 11.16 -12.74 -16.13
C ILE B 53 11.20 -11.65 -15.07
N VAL B 54 11.34 -12.04 -13.81
CA VAL B 54 11.37 -11.07 -12.73
C VAL B 54 12.81 -10.75 -12.31
N SER B 55 13.17 -9.47 -12.40
CA SER B 55 14.48 -9.00 -12.01
C SER B 55 14.44 -8.44 -10.59
N ILE B 56 15.22 -9.07 -9.70
CA ILE B 56 15.26 -8.70 -8.28
C ILE B 56 16.60 -8.08 -7.89
N ASN B 57 16.58 -7.28 -6.82
CA ASN B 57 17.79 -6.66 -6.27
C ASN B 57 18.62 -7.73 -5.58
N PRO B 58 19.85 -7.99 -6.06
CA PRO B 58 20.69 -9.02 -5.42
C PRO B 58 21.19 -8.66 -4.01
N ALA B 59 20.96 -7.42 -3.58
CA ALA B 59 21.21 -7.01 -2.19
C ALA B 59 19.96 -7.16 -1.33
N ASN B 60 18.79 -7.23 -1.97
CA ASN B 60 17.51 -7.29 -1.29
C ASN B 60 16.49 -8.04 -2.13
N LYS B 61 16.48 -9.36 -1.99
CA LYS B 61 15.68 -10.25 -2.87
C LYS B 61 14.14 -10.09 -2.78
N GLU B 62 13.65 -9.34 -1.80
CA GLU B 62 12.24 -8.93 -1.74
C GLU B 62 11.93 -7.90 -2.83
N GLU B 63 12.81 -6.91 -2.98
CA GLU B 63 12.63 -5.78 -3.90
C GLU B 63 12.69 -6.18 -5.38
N VAL B 64 11.64 -5.82 -6.10
CA VAL B 64 11.57 -6.05 -7.54
C VAL B 64 12.08 -4.79 -8.26
N VAL B 65 13.07 -4.98 -9.13
CA VAL B 65 13.62 -3.89 -9.96
C VAL B 65 12.75 -3.72 -11.20
N GLY B 66 12.30 -4.83 -11.76
CA GLY B 66 11.42 -4.80 -12.92
C GLY B 66 11.01 -6.17 -13.37
N THR B 67 9.86 -6.26 -14.03
CA THR B 67 9.44 -7.49 -14.70
C THR B 67 9.56 -7.24 -16.21
N VAL B 68 9.98 -8.28 -16.92
CA VAL B 68 10.25 -8.16 -18.33
C VAL B 68 9.56 -9.34 -19.02
N SER B 69 8.99 -9.10 -20.21
CA SER B 69 8.36 -10.16 -21.02
C SER B 69 9.35 -11.24 -21.45
N LYS B 70 8.83 -12.45 -21.63
CA LYS B 70 9.63 -13.65 -21.90
C LYS B 70 9.28 -14.21 -23.29
N ALA B 71 10.20 -14.07 -24.23
CA ALA B 71 9.98 -14.48 -25.61
C ALA B 71 9.83 -15.99 -25.77
N THR B 72 8.96 -16.38 -26.70
CA THR B 72 8.85 -17.78 -27.11
C THR B 72 9.67 -17.93 -28.37
N GLN B 73 9.68 -19.13 -28.94
CA GLN B 73 10.39 -19.40 -30.20
C GLN B 73 9.77 -18.65 -31.38
N ASP B 74 8.45 -18.44 -31.33
CA ASP B 74 7.75 -17.68 -32.37
C ASP B 74 8.14 -16.21 -32.36
N HIS B 75 8.43 -15.68 -31.17
CA HIS B 75 8.91 -14.31 -31.05
C HIS B 75 10.38 -14.18 -31.49
N ALA B 76 11.13 -15.27 -31.33
CA ALA B 76 12.50 -15.33 -31.84
C ALA B 76 12.51 -15.35 -33.38
N GLU B 77 11.63 -16.15 -33.97
CA GLU B 77 11.40 -16.17 -35.42
C GLU B 77 11.10 -14.80 -36.00
N LYS B 78 10.13 -14.13 -35.39
CA LYS B 78 9.66 -12.81 -35.79
C LYS B 78 10.78 -11.78 -35.70
N ALA B 79 11.56 -11.87 -34.62
CA ALA B 79 12.71 -11.00 -34.39
C ALA B 79 13.79 -11.19 -35.44
N ILE B 80 14.04 -12.44 -35.83
CA ILE B 80 15.06 -12.75 -36.83
C ILE B 80 14.60 -12.22 -38.18
N GLN B 81 13.33 -12.49 -38.51
CA GLN B 81 12.73 -11.99 -39.74
C GLN B 81 12.74 -10.47 -39.83
N ALA B 82 12.39 -9.82 -38.71
CA ALA B 82 12.38 -8.36 -38.63
C ALA B 82 13.77 -7.77 -38.86
N ALA B 83 14.78 -8.41 -38.27
CA ALA B 83 16.18 -8.01 -38.45
C ALA B 83 16.64 -8.25 -39.89
N ALA B 84 16.19 -9.36 -40.49
CA ALA B 84 16.53 -9.72 -41.87
C ALA B 84 15.97 -8.74 -42.88
N LYS B 85 14.71 -8.36 -42.64
CA LYS B 85 13.97 -7.47 -43.51
C LYS B 85 14.51 -6.05 -43.36
N ALA B 86 14.88 -5.67 -42.15
CA ALA B 86 15.46 -4.35 -41.90
C ALA B 86 16.86 -4.24 -42.50
N PHE B 87 17.59 -5.35 -42.52
CA PHE B 87 18.93 -5.38 -43.11
C PHE B 87 18.96 -4.94 -44.57
N GLU B 88 17.91 -5.27 -45.32
CA GLU B 88 17.85 -4.98 -46.75
C GLU B 88 17.87 -3.48 -47.14
N THR B 89 17.58 -2.59 -46.19
CA THR B 89 17.77 -1.16 -46.40
C THR B 89 18.87 -0.58 -45.50
N TRP B 90 18.95 -1.10 -44.28
CA TRP B 90 19.98 -0.69 -43.32
C TRP B 90 21.41 -0.83 -43.84
N ARG B 91 21.64 -1.89 -44.61
CA ARG B 91 22.97 -2.19 -45.13
C ARG B 91 23.44 -1.26 -46.23
N TYR B 92 22.58 -0.35 -46.65
CA TYR B 92 22.90 0.61 -47.70
C TYR B 92 22.99 2.02 -47.13
N THR B 93 22.64 2.16 -45.86
CA THR B 93 22.61 3.45 -45.19
C THR B 93 24.02 4.00 -44.99
N ASP B 94 24.17 5.30 -45.23
CA ASP B 94 25.43 6.03 -45.07
C ASP B 94 26.02 5.75 -43.69
N PRO B 95 27.30 5.29 -43.66
CA PRO B 95 28.00 5.08 -42.38
C PRO B 95 27.98 6.31 -41.47
N GLU B 96 27.90 7.50 -42.06
CA GLU B 96 27.76 8.77 -41.32
C GLU B 96 26.45 8.85 -40.53
N GLU B 97 25.35 8.36 -41.13
CA GLU B 97 24.04 8.40 -40.48
C GLU B 97 23.95 7.34 -39.38
N ARG B 98 24.63 6.23 -39.60
CA ARG B 98 24.80 5.18 -38.61
C ARG B 98 25.55 5.71 -37.38
N ALA B 99 26.75 6.24 -37.60
CA ALA B 99 27.58 6.86 -36.56
C ALA B 99 26.82 7.90 -35.72
N ALA B 100 25.99 8.69 -36.41
CA ALA B 100 25.19 9.74 -35.77
C ALA B 100 24.12 9.19 -34.81
N VAL B 101 23.54 8.02 -35.11
CA VAL B 101 22.60 7.35 -34.18
C VAL B 101 23.28 7.02 -32.84
N LEU B 102 24.52 6.53 -32.91
CA LEU B 102 25.36 6.38 -31.72
C LEU B 102 25.71 7.71 -31.07
N PHE B 103 25.88 8.78 -31.86
CA PHE B 103 26.31 10.07 -31.30
C PHE B 103 25.26 10.80 -30.46
N ARG B 104 24.01 10.81 -30.91
CA ARG B 104 22.94 11.30 -30.04
C ARG B 104 22.55 10.30 -28.94
N ALA B 105 22.84 9.00 -29.11
CA ALA B 105 22.64 8.04 -28.02
C ALA B 105 23.65 8.24 -26.88
N VAL B 106 24.92 8.47 -27.21
CA VAL B 106 25.94 8.80 -26.21
C VAL B 106 25.46 9.96 -25.34
N ALA B 107 25.07 11.04 -26.02
CA ALA B 107 24.64 12.27 -25.37
C ALA B 107 23.48 12.01 -24.42
N LYS B 108 22.53 11.17 -24.87
CA LYS B 108 21.39 10.76 -24.04
C LYS B 108 21.80 10.01 -22.77
N VAL B 109 22.72 9.05 -22.91
CA VAL B 109 23.33 8.35 -21.77
C VAL B 109 24.15 9.28 -20.87
N ARG B 110 25.07 10.05 -21.45
CA ARG B 110 25.90 11.02 -20.69
C ARG B 110 25.07 11.94 -19.79
N ARG B 111 23.98 12.48 -20.35
CA ARG B 111 23.04 13.34 -19.61
C ARG B 111 22.42 12.64 -18.38
N LYS B 112 22.08 11.36 -18.52
CA LYS B 112 21.47 10.56 -17.46
C LYS B 112 22.47 9.54 -16.85
N LYS B 113 23.75 9.91 -16.83
CA LYS B 113 24.86 9.03 -16.42
C LYS B 113 24.66 8.43 -15.04
N HIS B 114 24.41 9.32 -14.07
CA HIS B 114 24.31 8.93 -12.68
C HIS B 114 23.07 8.10 -12.36
N GLU B 115 22.05 8.20 -13.21
CA GLU B 115 20.82 7.44 -13.00
C GLU B 115 20.80 6.10 -13.75
N PHE B 116 21.54 6.00 -14.86
CA PHE B 116 21.79 4.70 -15.48
C PHE B 116 22.65 3.85 -14.55
N SER B 117 23.69 4.49 -14.00
CA SER B 117 24.57 3.87 -13.01
C SER B 117 23.82 3.40 -11.77
N ALA B 118 22.83 4.18 -11.33
CA ALA B 118 22.06 3.84 -10.14
C ALA B 118 21.21 2.60 -10.36
N LEU B 119 20.77 2.39 -11.60
CA LEU B 119 20.04 1.19 -11.99
C LEU B 119 20.93 -0.05 -11.92
N LEU B 120 22.23 0.10 -12.22
CA LEU B 120 23.19 -1.01 -12.11
C LEU B 120 23.45 -1.38 -10.66
N VAL B 121 23.38 -0.40 -9.78
CA VAL B 121 23.46 -0.62 -8.34
C VAL B 121 22.22 -1.45 -7.94
N LYS B 122 21.06 -1.03 -8.41
CA LYS B 122 19.80 -1.65 -8.04
C LYS B 122 19.61 -3.05 -8.64
N GLU B 123 19.99 -3.21 -9.90
CA GLU B 123 19.77 -4.46 -10.60
C GLU B 123 20.94 -5.45 -10.48
N ALA B 124 22.15 -4.95 -10.29
CA ALA B 124 23.33 -5.84 -10.24
C ALA B 124 24.11 -5.83 -8.93
N GLY B 125 23.67 -5.03 -7.96
CA GLY B 125 24.35 -4.95 -6.67
C GLY B 125 25.70 -4.27 -6.79
N LYS B 126 25.82 -3.42 -7.80
CA LYS B 126 27.11 -2.86 -8.16
C LYS B 126 27.47 -1.72 -7.20
N PRO B 127 28.69 -1.74 -6.66
CA PRO B 127 29.24 -0.58 -5.94
C PRO B 127 29.28 0.68 -6.80
N TRP B 128 29.14 1.84 -6.17
CA TRP B 128 29.00 3.14 -6.84
C TRP B 128 30.08 3.39 -7.90
N ASN B 129 31.34 3.17 -7.54
CA ASN B 129 32.45 3.38 -8.47
C ASN B 129 32.43 2.40 -9.65
N GLU B 130 31.97 1.17 -9.39
CA GLU B 130 31.90 0.15 -10.43
C GLU B 130 30.72 0.39 -11.37
N ALA B 131 29.62 0.90 -10.81
CA ALA B 131 28.46 1.32 -11.59
C ALA B 131 28.84 2.46 -12.50
N ASP B 132 29.50 3.46 -11.93
CA ASP B 132 30.01 4.61 -12.65
C ASP B 132 30.94 4.23 -13.82
N ALA B 133 31.88 3.32 -13.55
CA ALA B 133 32.87 2.89 -14.55
C ALA B 133 32.24 2.09 -15.68
N ASP B 134 31.19 1.35 -15.35
CA ASP B 134 30.42 0.54 -16.29
C ASP B 134 29.69 1.48 -17.26
N THR B 135 29.03 2.50 -16.71
CA THR B 135 28.32 3.50 -17.51
C THR B 135 29.29 4.32 -18.37
N ALA B 136 30.46 4.63 -17.82
CA ALA B 136 31.50 5.34 -18.55
C ALA B 136 32.07 4.52 -19.71
N GLU B 137 32.14 3.20 -19.51
CA GLU B 137 32.66 2.26 -20.51
C GLU B 137 31.66 2.10 -21.66
N ALA B 138 30.38 2.16 -21.33
CA ALA B 138 29.31 2.11 -22.33
C ALA B 138 29.33 3.36 -23.20
N ILE B 139 29.58 4.51 -22.58
CA ILE B 139 29.76 5.78 -23.29
C ILE B 139 30.99 5.69 -24.17
N ASP B 140 32.05 5.10 -23.63
CA ASP B 140 33.31 4.90 -24.35
C ASP B 140 33.14 4.07 -25.61
N PHE B 141 32.39 2.96 -25.52
CA PHE B 141 32.13 2.08 -26.65
C PHE B 141 31.49 2.84 -27.82
N MET B 142 30.43 3.59 -27.52
CA MET B 142 29.69 4.32 -28.53
C MET B 142 30.48 5.46 -29.19
N GLU B 143 31.24 6.23 -28.41
CA GLU B 143 32.08 7.30 -28.96
C GLU B 143 33.22 6.76 -29.80
N TYR B 144 33.74 5.60 -29.41
CA TYR B 144 34.89 4.99 -30.07
C TYR B 144 34.48 4.32 -31.38
N TYR B 145 33.48 3.45 -31.31
CA TYR B 145 33.03 2.71 -32.50
C TYR B 145 32.41 3.61 -33.56
N ALA B 146 31.80 4.72 -33.16
CA ALA B 146 31.25 5.66 -34.12
C ALA B 146 32.36 6.30 -34.95
N ARG B 147 33.47 6.66 -34.29
CA ARG B 147 34.66 7.19 -34.97
C ARG B 147 35.32 6.12 -35.81
N GLN B 148 35.51 4.94 -35.23
CA GLN B 148 36.13 3.84 -35.95
C GLN B 148 35.41 3.51 -37.27
N MET B 149 34.08 3.57 -37.26
CA MET B 149 33.30 3.20 -38.44
C MET B 149 33.32 4.24 -39.55
N ILE B 150 33.52 5.51 -39.15
CA ILE B 150 33.75 6.60 -40.07
C ILE B 150 35.08 6.34 -40.80
N GLU B 151 36.09 5.92 -40.03
CA GLU B 151 37.41 5.61 -40.57
C GLU B 151 37.39 4.36 -41.48
N LEU B 152 36.60 3.36 -41.11
CA LEU B 152 36.45 2.15 -41.94
C LEU B 152 35.77 2.42 -43.29
N ALA B 153 34.87 3.40 -43.30
CA ALA B 153 34.13 3.77 -44.50
C ALA B 153 34.98 4.26 -45.67
N LYS B 154 36.18 4.80 -45.40
CA LYS B 154 37.08 5.22 -46.48
C LYS B 154 37.95 4.09 -47.05
N GLY B 155 37.76 2.87 -46.55
CA GLY B 155 38.44 1.70 -47.07
C GLY B 155 39.91 1.59 -46.71
N LYS B 156 40.63 0.74 -47.43
CA LYS B 156 42.09 0.59 -47.33
C LYS B 156 42.69 0.76 -48.72
N PRO B 157 43.80 1.52 -48.82
CA PRO B 157 44.45 1.72 -50.12
C PRO B 157 44.99 0.42 -50.69
N VAL B 158 44.75 0.20 -51.97
CA VAL B 158 45.37 -0.92 -52.69
C VAL B 158 45.98 -0.37 -53.97
N ASN B 159 46.83 -1.17 -54.60
CA ASN B 159 47.49 -0.74 -55.84
C ASN B 159 46.57 -0.83 -57.05
N SER B 160 46.77 0.11 -57.96
CA SER B 160 46.09 0.10 -59.26
C SER B 160 47.12 0.10 -60.38
N ARG B 161 46.87 -0.70 -61.41
CA ARG B 161 47.65 -0.59 -62.64
C ARG B 161 47.17 0.64 -63.42
N GLU B 162 47.89 1.01 -64.47
CA GLU B 162 47.52 2.12 -65.34
C GLU B 162 46.26 1.79 -66.17
N GLY B 163 45.30 2.70 -66.19
CA GLY B 163 44.03 2.49 -66.87
C GLY B 163 43.13 1.53 -66.12
N GLU B 164 43.13 1.66 -64.79
CA GLU B 164 42.44 0.76 -63.86
C GLU B 164 42.30 1.47 -62.52
N ARG B 165 41.10 1.39 -61.94
CA ARG B 165 40.84 1.91 -60.60
C ARG B 165 40.43 0.78 -59.67
N ASN B 166 41.29 0.48 -58.70
CA ASN B 166 41.05 -0.59 -57.74
C ASN B 166 40.64 -0.05 -56.37
N GLN B 167 39.63 -0.67 -55.78
CA GLN B 167 39.11 -0.27 -54.47
C GLN B 167 38.91 -1.50 -53.58
N TYR B 168 39.01 -1.26 -52.28
CA TYR B 168 38.86 -2.27 -51.23
C TYR B 168 38.05 -1.62 -50.14
N VAL B 169 36.79 -2.03 -50.03
CA VAL B 169 35.85 -1.44 -49.09
C VAL B 169 35.28 -2.49 -48.16
N TYR B 170 34.63 -2.05 -47.08
CA TYR B 170 33.98 -2.97 -46.14
C TYR B 170 32.47 -2.92 -46.33
N THR B 171 31.83 -4.09 -46.38
CA THR B 171 30.37 -4.13 -46.55
C THR B 171 29.73 -4.82 -45.33
N PRO B 172 28.49 -4.48 -44.98
CA PRO B 172 27.87 -5.14 -43.83
C PRO B 172 27.51 -6.62 -44.12
N THR B 173 27.25 -7.39 -43.08
CA THR B 173 27.27 -8.84 -43.17
C THR B 173 25.83 -9.37 -43.25
N GLY B 174 25.06 -9.17 -42.19
CA GLY B 174 23.68 -9.63 -42.09
C GLY B 174 23.17 -9.54 -40.67
N VAL B 175 22.28 -10.46 -40.32
CA VAL B 175 21.66 -10.51 -39.00
C VAL B 175 22.66 -10.94 -37.94
N THR B 176 22.65 -10.22 -36.81
CA THR B 176 23.53 -10.53 -35.72
C THR B 176 22.74 -10.90 -34.45
N VAL B 177 23.02 -12.08 -33.90
CA VAL B 177 22.48 -12.45 -32.60
C VAL B 177 23.40 -11.94 -31.50
N VAL B 178 22.87 -11.11 -30.58
CA VAL B 178 23.68 -10.60 -29.47
C VAL B 178 23.31 -11.18 -28.10
N ILE B 179 24.26 -11.93 -27.53
CA ILE B 179 24.13 -12.57 -26.20
C ILE B 179 25.20 -12.02 -25.21
N PRO B 180 24.85 -10.97 -24.46
CA PRO B 180 25.76 -10.30 -23.52
C PRO B 180 25.81 -10.96 -22.14
N PRO B 181 26.76 -10.53 -21.27
CA PRO B 181 26.81 -11.09 -19.92
C PRO B 181 26.03 -10.25 -18.90
N TRP B 182 25.97 -10.71 -17.66
CA TRP B 182 25.29 -9.97 -16.59
C TRP B 182 26.23 -9.06 -15.79
N ASN B 183 27.53 -9.38 -15.83
CA ASN B 183 28.54 -8.65 -15.06
C ASN B 183 28.69 -7.18 -15.49
N PHE B 184 29.09 -6.95 -16.74
CA PHE B 184 29.09 -5.61 -17.29
C PHE B 184 27.80 -5.42 -18.07
N LEU B 185 26.69 -5.63 -17.35
CA LEU B 185 25.32 -5.54 -17.84
C LEU B 185 25.04 -4.32 -18.72
N PHE B 186 25.79 -3.24 -18.50
CA PHE B 186 25.67 -2.07 -19.36
C PHE B 186 26.72 -2.04 -20.47
N ALA B 187 28.00 -2.10 -20.09
CA ALA B 187 29.09 -1.82 -21.02
C ALA B 187 29.18 -2.82 -22.17
N ILE B 188 29.39 -4.09 -21.85
CA ILE B 188 29.53 -5.08 -22.91
C ILE B 188 28.24 -5.22 -23.73
N MET B 189 27.09 -5.18 -23.04
CA MET B 189 25.80 -5.15 -23.72
C MET B 189 25.64 -3.96 -24.66
N ALA B 190 26.08 -2.76 -24.25
CA ALA B 190 26.10 -1.60 -25.14
C ALA B 190 27.01 -1.84 -26.31
N GLY B 191 28.26 -2.20 -26.01
CA GLY B 191 29.31 -2.48 -26.99
C GLY B 191 28.98 -3.56 -28.01
N THR B 192 28.48 -4.72 -27.55
CA THR B 192 28.16 -5.82 -28.48
C THR B 192 26.86 -5.64 -29.26
N THR B 193 26.11 -4.60 -28.90
CA THR B 193 24.90 -4.22 -29.62
C THR B 193 25.20 -3.18 -30.70
N VAL B 194 25.91 -2.10 -30.35
CA VAL B 194 26.09 -0.99 -31.30
C VAL B 194 27.09 -1.32 -32.37
N ALA B 195 28.10 -2.12 -32.01
CA ALA B 195 29.18 -2.45 -32.91
C ALA B 195 28.68 -3.08 -34.22
N PRO B 196 27.81 -4.10 -34.13
CA PRO B 196 27.16 -4.56 -35.35
C PRO B 196 26.28 -3.48 -35.96
N ILE B 197 25.48 -2.81 -35.13
CA ILE B 197 24.54 -1.81 -35.62
C ILE B 197 25.23 -0.73 -36.44
N VAL B 198 26.36 -0.18 -35.94
CA VAL B 198 27.06 0.90 -36.69
C VAL B 198 27.75 0.36 -37.96
N THR B 199 28.22 -0.88 -37.91
CA THR B 199 28.74 -1.53 -39.11
C THR B 199 27.68 -1.93 -40.17
N GLY B 200 26.46 -1.43 -40.04
CA GLY B 200 25.43 -1.66 -41.06
C GLY B 200 24.70 -3.00 -40.90
N ASN B 201 24.97 -3.69 -39.81
CA ASN B 201 24.27 -4.93 -39.51
C ASN B 201 23.03 -4.65 -38.68
N THR B 202 22.13 -5.63 -38.66
CA THR B 202 20.99 -5.59 -37.76
C THR B 202 21.15 -6.56 -36.61
N VAL B 203 20.41 -6.32 -35.53
CA VAL B 203 20.62 -7.00 -34.27
C VAL B 203 19.35 -7.62 -33.68
N VAL B 204 19.49 -8.85 -33.23
CA VAL B 204 18.51 -9.43 -32.34
C VAL B 204 19.24 -9.56 -31.02
N LEU B 205 18.75 -8.85 -30.01
CA LEU B 205 19.39 -8.80 -28.69
C LEU B 205 18.71 -9.71 -27.70
N LYS B 206 19.48 -10.61 -27.10
CA LYS B 206 18.97 -11.51 -26.11
C LYS B 206 19.77 -11.28 -24.84
N PRO B 207 19.29 -10.37 -23.97
CA PRO B 207 20.05 -9.98 -22.79
C PRO B 207 20.13 -11.11 -21.78
N ALA B 208 21.04 -10.95 -20.81
CA ALA B 208 21.13 -11.90 -19.72
C ALA B 208 19.93 -11.68 -18.82
N SER B 209 19.28 -12.79 -18.45
CA SER B 209 18.07 -12.79 -17.63
C SER B 209 18.29 -12.23 -16.23
N ALA B 210 19.56 -12.20 -15.81
CA ALA B 210 19.91 -11.62 -14.52
C ALA B 210 19.91 -10.08 -14.55
N ALA B 211 19.94 -9.49 -15.75
CA ALA B 211 19.87 -8.02 -15.89
C ALA B 211 19.24 -7.50 -17.20
N PRO B 212 17.93 -7.79 -17.44
CA PRO B 212 17.34 -7.39 -18.73
C PRO B 212 16.79 -5.95 -18.79
N VAL B 213 16.61 -5.32 -17.63
CA VAL B 213 15.97 -4.00 -17.54
C VAL B 213 16.87 -2.90 -18.12
N ILE B 214 18.15 -2.91 -17.73
CA ILE B 214 19.14 -1.99 -18.29
C ILE B 214 19.20 -2.07 -19.82
N ALA B 215 18.99 -3.28 -20.33
CA ALA B 215 19.03 -3.54 -21.75
C ALA B 215 17.78 -2.96 -22.42
N ALA B 216 16.63 -3.13 -21.76
CA ALA B 216 15.36 -2.60 -22.24
C ALA B 216 15.37 -1.08 -22.32
N LYS B 217 15.97 -0.46 -21.29
CA LYS B 217 16.16 0.98 -21.24
C LYS B 217 17.09 1.45 -22.36
N PHE B 218 18.18 0.72 -22.58
CA PHE B 218 19.17 1.05 -23.61
C PHE B 218 18.61 0.94 -25.02
N VAL B 219 17.79 -0.10 -25.24
CA VAL B 219 17.07 -0.25 -26.50
C VAL B 219 16.19 0.99 -26.73
N GLU B 220 15.46 1.39 -25.70
CA GLU B 220 14.58 2.55 -25.78
C GLU B 220 15.32 3.85 -26.09
N VAL B 221 16.55 3.96 -25.59
CA VAL B 221 17.43 5.10 -25.92
C VAL B 221 17.81 5.10 -27.41
N LEU B 222 18.14 3.93 -27.95
CA LEU B 222 18.53 3.84 -29.37
C LEU B 222 17.40 4.25 -30.31
N GLU B 223 16.17 3.86 -29.95
CA GLU B 223 14.97 4.20 -30.70
C GLU B 223 14.59 5.68 -30.56
N GLU B 224 14.81 6.24 -29.38
CA GLU B 224 14.68 7.67 -29.18
C GLU B 224 15.66 8.39 -30.10
N SER B 225 16.84 7.82 -30.26
CA SER B 225 17.90 8.37 -31.11
C SER B 225 17.63 8.21 -32.61
N GLY B 226 16.68 7.34 -32.96
CA GLY B 226 16.15 7.29 -34.31
C GLY B 226 16.56 6.09 -35.13
N LEU B 227 16.64 4.93 -34.48
CA LEU B 227 16.89 3.67 -35.16
C LEU B 227 15.61 3.19 -35.82
N PRO B 228 15.67 2.90 -37.14
CA PRO B 228 14.50 2.34 -37.80
C PRO B 228 14.11 0.98 -37.27
N LYS B 229 12.82 0.65 -37.38
CA LYS B 229 12.26 -0.62 -36.94
C LYS B 229 13.05 -1.83 -37.44
N GLY B 230 13.35 -2.74 -36.51
CA GLY B 230 14.02 -3.99 -36.87
C GLY B 230 15.54 -3.99 -36.77
N VAL B 231 16.17 -2.81 -36.81
CA VAL B 231 17.64 -2.75 -36.71
C VAL B 231 18.13 -3.27 -35.34
N VAL B 232 17.37 -3.02 -34.29
CA VAL B 232 17.53 -3.73 -33.03
C VAL B 232 16.22 -4.42 -32.66
N ASN B 233 16.31 -5.67 -32.21
CA ASN B 233 15.18 -6.41 -31.69
C ASN B 233 15.53 -6.98 -30.32
N PHE B 234 14.78 -6.55 -29.31
CA PHE B 234 15.04 -6.89 -27.93
C PHE B 234 14.17 -8.08 -27.51
N VAL B 235 14.77 -9.27 -27.46
CA VAL B 235 14.03 -10.49 -27.08
C VAL B 235 14.65 -11.29 -25.91
N PRO B 236 14.39 -10.85 -24.66
CA PRO B 236 14.79 -11.61 -23.50
C PRO B 236 14.00 -12.91 -23.39
N GLY B 237 14.66 -13.95 -22.90
CA GLY B 237 14.06 -15.28 -22.78
C GLY B 237 15.09 -16.28 -22.26
N SER B 238 14.75 -17.56 -22.33
CA SER B 238 15.61 -18.63 -21.82
C SER B 238 16.58 -19.12 -22.88
N GLY B 239 17.76 -19.57 -22.43
CA GLY B 239 18.80 -20.08 -23.30
C GLY B 239 18.41 -21.32 -24.10
N ALA B 240 17.57 -22.15 -23.50
CA ALA B 240 17.12 -23.40 -24.14
C ALA B 240 16.11 -23.18 -25.28
N GLU B 241 15.19 -22.24 -25.11
CA GLU B 241 14.14 -21.99 -26.11
C GLU B 241 14.44 -20.85 -27.10
N VAL B 242 15.07 -19.79 -26.61
CA VAL B 242 15.37 -18.62 -27.45
C VAL B 242 16.81 -18.66 -27.95
N GLY B 243 17.75 -18.78 -27.02
CA GLY B 243 19.19 -18.79 -27.28
C GLY B 243 19.60 -19.73 -28.40
N ASP B 244 19.28 -21.01 -28.22
CA ASP B 244 19.55 -22.05 -29.21
C ASP B 244 18.87 -21.78 -30.55
N TYR B 245 17.65 -21.25 -30.51
CA TYR B 245 16.89 -20.98 -31.73
C TYR B 245 17.53 -19.91 -32.58
N LEU B 246 17.97 -18.84 -31.93
CA LEU B 246 18.60 -17.69 -32.59
C LEU B 246 19.93 -18.08 -33.25
N VAL B 247 20.76 -18.81 -32.49
CA VAL B 247 22.04 -19.32 -32.97
C VAL B 247 21.87 -20.20 -34.21
N ASP B 248 20.97 -21.20 -34.10
CA ASP B 248 20.75 -22.19 -35.17
C ASP B 248 20.15 -21.63 -36.46
N HIS B 249 19.55 -20.44 -36.37
CA HIS B 249 18.77 -19.91 -37.49
C HIS B 249 19.59 -19.65 -38.76
N PRO B 250 19.13 -20.16 -39.92
CA PRO B 250 19.82 -20.05 -41.20
C PRO B 250 20.08 -18.63 -41.68
N LYS B 251 19.31 -17.67 -41.17
CA LYS B 251 19.46 -16.25 -41.52
C LYS B 251 20.43 -15.50 -40.59
N THR B 252 20.86 -16.16 -39.52
CA THR B 252 21.86 -15.62 -38.59
C THR B 252 23.25 -15.64 -39.22
N SER B 253 23.89 -14.48 -39.27
CA SER B 253 25.19 -14.31 -39.92
C SER B 253 26.34 -14.23 -38.92
N ILE B 254 26.23 -13.36 -37.91
CA ILE B 254 27.19 -13.39 -36.82
C ILE B 254 26.52 -13.60 -35.44
N ILE B 255 27.21 -14.32 -34.55
CA ILE B 255 26.79 -14.37 -33.16
C ILE B 255 27.91 -13.72 -32.35
N THR B 256 27.59 -12.64 -31.62
CA THR B 256 28.56 -12.08 -30.69
C THR B 256 28.17 -12.44 -29.25
N PHE B 257 28.97 -13.29 -28.63
CA PHE B 257 28.64 -13.84 -27.32
C PHE B 257 29.65 -13.43 -26.27
N THR B 258 29.16 -13.07 -25.09
CA THR B 258 30.02 -12.82 -23.96
C THR B 258 29.45 -13.49 -22.72
N GLY B 259 30.21 -14.40 -22.15
CA GLY B 259 29.77 -15.09 -20.95
C GLY B 259 30.77 -16.12 -20.49
N SER B 260 30.28 -17.34 -20.30
CA SER B 260 31.09 -18.44 -19.77
C SER B 260 31.72 -19.26 -20.89
N ARG B 261 32.75 -20.01 -20.51
CA ARG B 261 33.42 -20.96 -21.38
C ARG B 261 32.48 -22.07 -21.85
N GLU B 262 31.67 -22.58 -20.92
CA GLU B 262 30.80 -23.73 -21.15
C GLU B 262 29.68 -23.46 -22.17
N VAL B 263 29.03 -22.31 -22.05
CA VAL B 263 27.98 -21.90 -22.99
C VAL B 263 28.59 -21.55 -24.37
N GLY B 264 29.68 -20.78 -24.35
CA GLY B 264 30.40 -20.36 -25.55
C GLY B 264 30.85 -21.47 -26.48
N THR B 265 31.19 -22.62 -25.90
CA THR B 265 31.61 -23.80 -26.65
C THR B 265 30.42 -24.46 -27.37
N ARG B 266 29.27 -24.50 -26.69
CA ARG B 266 28.02 -24.99 -27.28
C ARG B 266 27.60 -24.09 -28.43
N ILE B 267 27.72 -22.77 -28.24
CA ILE B 267 27.43 -21.77 -29.29
C ILE B 267 28.37 -21.93 -30.50
N PHE B 268 29.67 -22.01 -30.23
CA PHE B 268 30.69 -22.14 -31.28
C PHE B 268 30.45 -23.37 -32.15
N GLU B 269 30.18 -24.49 -31.49
CA GLU B 269 29.96 -25.77 -32.17
C GLU B 269 28.71 -25.73 -33.03
N ARG B 270 27.58 -25.32 -32.44
CA ARG B 270 26.29 -25.24 -33.14
C ARG B 270 26.31 -24.29 -34.33
N ALA B 271 26.94 -23.12 -34.15
CA ALA B 271 26.97 -22.08 -35.20
C ALA B 271 27.74 -22.48 -36.46
N ALA B 272 28.66 -23.43 -36.32
CA ALA B 272 29.37 -23.99 -37.47
C ALA B 272 28.50 -24.83 -38.41
N LYS B 273 27.40 -25.35 -37.89
CA LYS B 273 26.54 -26.23 -38.69
C LYS B 273 25.85 -25.43 -39.79
N VAL B 274 25.98 -25.89 -41.02
CA VAL B 274 25.27 -25.27 -42.12
C VAL B 274 23.89 -25.91 -42.28
N GLN B 275 22.86 -25.16 -41.89
CA GLN B 275 21.47 -25.64 -41.92
C GLN B 275 20.89 -25.67 -43.33
N PRO B 276 19.81 -26.45 -43.55
CA PRO B 276 19.09 -26.37 -44.81
C PRO B 276 18.60 -24.94 -45.08
N GLY B 277 18.92 -24.43 -46.28
CA GLY B 277 18.59 -23.07 -46.66
C GLY B 277 19.62 -22.04 -46.25
N GLN B 278 20.54 -22.42 -45.37
CA GLN B 278 21.61 -21.52 -44.95
C GLN B 278 22.66 -21.49 -46.04
N THR B 279 22.87 -20.30 -46.59
CA THR B 279 23.82 -20.13 -47.68
C THR B 279 24.99 -19.21 -47.31
N HIS B 280 25.41 -19.24 -46.04
CA HIS B 280 26.69 -18.62 -45.61
C HIS B 280 27.33 -19.36 -44.45
N LEU B 281 28.60 -19.05 -44.19
CA LEU B 281 29.28 -19.50 -42.98
C LEU B 281 29.15 -18.44 -41.87
N LYS B 282 28.74 -18.90 -40.69
CA LYS B 282 28.54 -18.02 -39.55
C LYS B 282 29.85 -17.60 -38.86
N GLN B 283 29.93 -16.33 -38.48
CA GLN B 283 31.08 -15.83 -37.73
C GLN B 283 30.69 -15.80 -36.26
N VAL B 284 31.59 -16.26 -35.39
CA VAL B 284 31.34 -16.17 -33.98
C VAL B 284 32.44 -15.33 -33.33
N ILE B 285 32.02 -14.25 -32.67
CA ILE B 285 32.91 -13.37 -31.92
C ILE B 285 32.61 -13.63 -30.46
N ALA B 286 33.55 -14.23 -29.75
CA ALA B 286 33.26 -14.76 -28.44
C ALA B 286 34.32 -14.47 -27.40
N GLU B 287 33.87 -13.97 -26.26
CA GLU B 287 34.71 -13.73 -25.11
C GLU B 287 34.17 -14.60 -23.98
N MET B 288 34.98 -15.56 -23.54
CA MET B 288 34.49 -16.65 -22.69
C MET B 288 35.05 -16.69 -21.26
N GLY B 289 35.65 -15.59 -20.82
CA GLY B 289 36.12 -15.47 -19.45
C GLY B 289 37.52 -16.01 -19.26
N GLY B 290 37.96 -16.07 -18.01
CA GLY B 290 39.33 -16.48 -17.76
C GLY B 290 39.65 -16.84 -16.32
N LYS B 291 40.85 -17.35 -16.17
CA LYS B 291 41.38 -17.75 -14.88
C LYS B 291 42.67 -16.94 -14.78
N ASP B 292 42.52 -15.73 -14.28
CA ASP B 292 43.54 -14.68 -14.38
C ASP B 292 44.50 -14.64 -13.21
N THR B 293 45.70 -14.15 -13.48
CA THR B 293 46.83 -14.38 -12.60
C THR B 293 47.64 -13.11 -12.35
N VAL B 294 47.87 -12.82 -11.07
CA VAL B 294 48.87 -11.83 -10.68
C VAL B 294 50.15 -12.56 -10.26
N VAL B 295 51.21 -12.34 -11.03
CA VAL B 295 52.53 -12.84 -10.72
C VAL B 295 53.28 -11.79 -9.89
N VAL B 296 53.79 -12.18 -8.73
CA VAL B 296 54.59 -11.29 -7.87
C VAL B 296 55.96 -11.92 -7.59
N ASP B 297 57.01 -11.32 -8.16
CA ASP B 297 58.35 -11.82 -7.91
C ASP B 297 58.98 -11.16 -6.68
N GLU B 298 60.18 -11.58 -6.29
CA GLU B 298 60.81 -11.12 -5.05
C GLU B 298 61.25 -9.65 -5.05
N ASP B 299 61.72 -9.16 -6.20
CA ASP B 299 62.10 -7.75 -6.30
C ASP B 299 60.94 -6.93 -6.84
N CYS B 300 60.10 -6.48 -5.91
CA CYS B 300 58.87 -5.76 -6.22
C CYS B 300 58.55 -4.79 -5.11
N ASP B 301 57.70 -3.80 -5.40
CA ASP B 301 57.06 -3.01 -4.35
C ASP B 301 55.95 -3.89 -3.79
N ILE B 302 56.09 -4.29 -2.52
CA ILE B 302 55.18 -5.27 -1.94
C ILE B 302 53.78 -4.69 -1.68
N GLU B 303 53.70 -3.40 -1.41
CA GLU B 303 52.43 -2.70 -1.24
C GLU B 303 51.65 -2.69 -2.54
N LEU B 304 52.32 -2.30 -3.61
CA LEU B 304 51.75 -2.32 -4.95
C LEU B 304 51.37 -3.74 -5.34
N ALA B 305 52.23 -4.70 -5.00
CA ALA B 305 51.93 -6.11 -5.19
C ALA B 305 50.62 -6.48 -4.48
N ALA B 306 50.51 -6.17 -3.19
CA ALA B 306 49.32 -6.52 -2.40
C ALA B 306 48.05 -5.76 -2.80
N GLN B 307 48.19 -4.47 -3.11
CA GLN B 307 47.06 -3.66 -3.63
C GLN B 307 46.55 -4.17 -4.98
N SER B 308 47.45 -4.64 -5.83
CA SER B 308 47.10 -5.19 -7.14
CA SER B 308 47.07 -5.17 -7.14
C SER B 308 46.35 -6.52 -7.01
N ILE B 309 46.81 -7.36 -6.08
CA ILE B 309 46.17 -8.66 -5.81
C ILE B 309 44.74 -8.49 -5.29
N PHE B 310 44.60 -7.60 -4.30
CA PHE B 310 43.30 -7.26 -3.73
C PHE B 310 42.28 -6.75 -4.76
N THR B 311 42.69 -5.73 -5.51
CA THR B 311 41.80 -5.09 -6.50
C THR B 311 41.39 -6.02 -7.64
N SER B 312 42.31 -6.89 -8.06
CA SER B 312 42.02 -7.88 -9.11
C SER B 312 41.04 -8.95 -8.63
N ALA B 313 41.16 -9.33 -7.37
CA ALA B 313 40.35 -10.41 -6.81
C ALA B 313 38.92 -10.01 -6.45
N PHE B 314 38.72 -8.78 -5.97
CA PHE B 314 37.45 -8.42 -5.31
C PHE B 314 36.68 -7.24 -5.89
N GLY B 315 37.22 -6.63 -6.94
CA GLY B 315 36.48 -5.63 -7.72
C GLY B 315 35.23 -6.28 -8.30
N PHE B 316 34.08 -5.69 -7.98
CA PHE B 316 32.73 -6.21 -8.29
C PHE B 316 32.54 -7.66 -7.79
N ALA B 317 32.97 -7.90 -6.56
CA ALA B 317 32.91 -9.21 -5.89
C ALA B 317 33.49 -10.36 -6.72
N GLY B 318 34.59 -10.10 -7.42
CA GLY B 318 35.24 -11.09 -8.29
C GLY B 318 34.40 -11.61 -9.43
N GLN B 319 33.38 -10.84 -9.82
CA GLN B 319 32.46 -11.22 -10.90
C GLN B 319 32.86 -10.55 -12.20
N LYS B 320 34.12 -10.69 -12.54
CA LYS B 320 34.67 -10.12 -13.76
C LYS B 320 35.37 -11.21 -14.56
N CYS B 321 35.32 -11.07 -15.89
CA CYS B 321 36.11 -11.92 -16.77
C CYS B 321 37.60 -11.75 -16.51
N SER B 322 38.01 -10.51 -16.23
CA SER B 322 39.41 -10.15 -16.01
C SER B 322 39.94 -10.40 -14.58
N ALA B 323 39.13 -11.02 -13.73
CA ALA B 323 39.42 -11.12 -12.29
C ALA B 323 40.60 -12.02 -11.92
N GLY B 324 41.56 -11.43 -11.21
CA GLY B 324 42.70 -12.16 -10.68
C GLY B 324 42.33 -13.05 -9.52
N SER B 325 41.79 -14.22 -9.85
CA SER B 325 41.46 -15.23 -8.85
C SER B 325 42.70 -16.04 -8.46
N ARG B 326 43.84 -15.77 -9.11
CA ARG B 326 45.10 -16.43 -8.80
C ARG B 326 46.21 -15.44 -8.46
N ALA B 327 46.85 -15.68 -7.33
CA ALA B 327 48.01 -14.92 -6.91
C ALA B 327 49.23 -15.83 -6.82
N VAL B 328 50.08 -15.77 -7.85
CA VAL B 328 51.31 -16.54 -7.90
C VAL B 328 52.48 -15.67 -7.42
N VAL B 329 52.96 -15.99 -6.23
CA VAL B 329 53.92 -15.15 -5.52
C VAL B 329 55.20 -15.93 -5.20
N HIS B 330 56.33 -15.27 -5.40
CA HIS B 330 57.66 -15.80 -5.11
C HIS B 330 57.86 -16.02 -3.63
N GLU B 331 58.39 -17.21 -3.27
CA GLU B 331 58.59 -17.67 -1.87
C GLU B 331 59.20 -16.65 -0.89
N LYS B 332 60.09 -15.79 -1.39
CA LYS B 332 60.78 -14.79 -0.56
C LYS B 332 59.86 -13.75 0.03
N VAL B 333 58.84 -13.35 -0.74
CA VAL B 333 57.90 -12.31 -0.28
CA VAL B 333 57.90 -12.31 -0.33
C VAL B 333 56.47 -12.87 -0.11
N TYR B 334 56.31 -14.19 -0.29
CA TYR B 334 55.01 -14.85 -0.11
C TYR B 334 54.26 -14.51 1.18
N ASP B 335 54.92 -14.66 2.33
CA ASP B 335 54.27 -14.46 3.64
C ASP B 335 53.84 -13.01 3.92
N GLU B 336 54.70 -12.05 3.57
CA GLU B 336 54.42 -10.62 3.78
C GLU B 336 53.30 -10.14 2.84
N VAL B 337 53.35 -10.56 1.57
CA VAL B 337 52.30 -10.20 0.61
C VAL B 337 50.98 -10.82 1.04
N LEU B 338 50.99 -12.10 1.41
CA LEU B 338 49.76 -12.75 1.86
C LEU B 338 49.17 -12.06 3.08
N LYS B 339 50.04 -11.75 4.05
CA LYS B 339 49.68 -11.01 5.26
C LYS B 339 49.10 -9.63 4.93
N ARG B 340 49.72 -8.94 3.96
CA ARG B 340 49.26 -7.61 3.57
C ARG B 340 47.96 -7.63 2.77
N VAL B 341 47.78 -8.63 1.91
CA VAL B 341 46.50 -8.82 1.20
C VAL B 341 45.33 -9.04 2.19
N ILE B 342 45.56 -9.82 3.25
CA ILE B 342 44.51 -10.12 4.24
C ILE B 342 44.11 -8.85 5.00
N GLU B 343 45.10 -8.09 5.44
CA GLU B 343 44.91 -6.78 6.05
C GLU B 343 44.05 -5.83 5.23
N ILE B 344 44.34 -5.72 3.94
CA ILE B 344 43.61 -4.82 3.04
C ILE B 344 42.19 -5.34 2.81
N THR B 345 42.09 -6.63 2.54
CA THR B 345 40.80 -7.27 2.27
C THR B 345 39.78 -7.09 3.41
N GLU B 346 40.11 -7.49 4.63
CA GLU B 346 39.13 -7.39 5.73
C GLU B 346 38.94 -5.98 6.35
N SER B 347 39.60 -4.96 5.79
CA SER B 347 39.40 -3.57 6.20
C SER B 347 38.43 -2.83 5.26
N LYS B 348 37.60 -3.60 4.56
CA LYS B 348 36.76 -3.08 3.50
C LYS B 348 35.28 -3.33 3.79
N LYS B 349 34.45 -2.33 3.52
CA LYS B 349 33.02 -2.46 3.74
C LYS B 349 32.38 -3.34 2.68
N VAL B 350 31.72 -4.40 3.12
CA VAL B 350 31.00 -5.32 2.25
C VAL B 350 29.53 -5.34 2.69
N GLY B 351 28.63 -5.05 1.75
CA GLY B 351 27.21 -4.94 2.06
C GLY B 351 26.39 -4.35 0.93
N GLU B 352 25.21 -3.83 1.27
CA GLU B 352 24.32 -3.22 0.30
C GLU B 352 24.89 -1.86 -0.15
N PRO B 353 25.06 -1.65 -1.47
CA PRO B 353 25.72 -0.44 -1.99
C PRO B 353 24.85 0.82 -1.94
N ASP B 354 24.49 1.23 -0.72
CA ASP B 354 23.66 2.42 -0.51
C ASP B 354 24.50 3.66 -0.17
N SER B 355 25.82 3.52 -0.29
CA SER B 355 26.74 4.63 -0.06
C SER B 355 28.02 4.47 -0.89
N ALA B 356 28.84 5.53 -0.92
CA ALA B 356 30.03 5.61 -1.75
C ALA B 356 31.23 4.87 -1.21
N ASP B 357 31.00 4.06 -0.18
CA ASP B 357 32.09 3.45 0.59
C ASP B 357 31.97 1.94 0.75
N VAL B 358 30.78 1.41 0.46
CA VAL B 358 30.61 -0.04 0.32
C VAL B 358 31.46 -0.47 -0.88
N TYR B 359 32.59 -1.13 -0.58
CA TYR B 359 33.54 -1.52 -1.62
C TYR B 359 33.01 -2.67 -2.45
N MET B 360 32.33 -3.61 -1.79
CA MET B 360 31.95 -4.85 -2.42
C MET B 360 30.50 -5.23 -2.12
N GLY B 361 29.69 -5.24 -3.18
CA GLY B 361 28.30 -5.64 -3.07
C GLY B 361 28.12 -7.14 -3.02
N PRO B 362 26.91 -7.60 -3.33
CA PRO B 362 26.59 -9.02 -3.35
C PRO B 362 26.90 -9.69 -4.68
N VAL B 363 26.69 -11.01 -4.71
CA VAL B 363 26.75 -11.81 -5.93
C VAL B 363 25.37 -11.74 -6.62
N ILE B 364 25.37 -11.97 -7.93
CA ILE B 364 24.23 -11.65 -8.80
C ILE B 364 22.91 -12.41 -8.54
N ASP B 365 22.98 -13.71 -8.27
CA ASP B 365 21.79 -14.53 -8.01
C ASP B 365 22.07 -15.76 -7.17
N GLN B 366 21.01 -16.54 -6.94
CA GLN B 366 21.03 -17.73 -6.09
C GLN B 366 21.88 -18.88 -6.62
N ALA B 367 21.72 -19.22 -7.90
CA ALA B 367 22.46 -20.32 -8.52
C ALA B 367 23.96 -20.01 -8.54
N SER B 368 24.27 -18.73 -8.73
CA SER B 368 25.63 -18.22 -8.65
C SER B 368 26.14 -18.28 -7.20
N PHE B 369 25.30 -17.88 -6.25
CA PHE B 369 25.62 -17.96 -4.82
C PHE B 369 26.05 -19.36 -4.39
N ASN B 370 25.29 -20.37 -4.81
CA ASN B 370 25.59 -21.77 -4.50
C ASN B 370 26.89 -22.27 -5.11
N LYS B 371 27.17 -21.81 -6.33
CA LYS B 371 28.36 -22.20 -7.06
C LYS B 371 29.63 -21.77 -6.33
N ILE B 372 29.70 -20.49 -5.93
CA ILE B 372 30.86 -19.97 -5.20
C ILE B 372 30.99 -20.72 -3.88
N MET B 373 29.85 -20.92 -3.22
CA MET B 373 29.80 -21.57 -1.91
C MET B 373 30.24 -23.03 -1.99
N ASP B 374 30.02 -23.67 -3.14
CA ASP B 374 30.56 -24.99 -3.41
C ASP B 374 32.08 -24.94 -3.57
N TYR B 375 32.57 -23.94 -4.31
CA TYR B 375 34.01 -23.78 -4.54
C TYR B 375 34.78 -23.43 -3.27
N ILE B 376 34.16 -22.68 -2.38
CA ILE B 376 34.75 -22.37 -1.06
C ILE B 376 34.94 -23.66 -0.23
N GLU B 377 33.96 -24.56 -0.30
CA GLU B 377 34.06 -25.87 0.36
C GLU B 377 35.13 -26.76 -0.28
N ILE B 378 35.19 -26.71 -1.62
CA ILE B 378 36.20 -27.42 -2.42
C ILE B 378 37.61 -26.93 -2.06
N GLY B 379 37.74 -25.61 -1.82
CA GLY B 379 39.00 -25.01 -1.41
C GLY B 379 39.53 -25.45 -0.05
N LYS B 380 38.63 -25.85 0.85
CA LYS B 380 39.01 -26.31 2.19
C LYS B 380 39.81 -27.63 2.16
N GLU B 381 39.53 -28.45 1.16
CA GLU B 381 40.27 -29.69 0.93
C GLU B 381 41.64 -29.41 0.34
N GLU B 382 41.68 -28.54 -0.67
CA GLU B 382 42.86 -28.33 -1.48
C GLU B 382 43.83 -27.29 -0.89
N GLY B 383 43.31 -26.36 -0.11
CA GLY B 383 44.12 -25.28 0.44
C GLY B 383 43.76 -24.87 1.85
N ARG B 384 44.40 -23.80 2.31
CA ARG B 384 44.20 -23.29 3.65
C ARG B 384 43.43 -21.97 3.59
N LEU B 385 42.19 -22.00 4.10
CA LEU B 385 41.35 -20.79 4.20
C LEU B 385 41.95 -19.81 5.20
N VAL B 386 42.36 -18.64 4.72
CA VAL B 386 43.03 -17.66 5.59
C VAL B 386 42.23 -16.37 5.82
N SER B 387 41.11 -16.24 5.13
CA SER B 387 40.18 -15.11 5.32
C SER B 387 38.84 -15.40 4.66
N GLY B 388 37.75 -15.03 5.35
CA GLY B 388 36.42 -15.09 4.76
C GLY B 388 35.82 -16.48 4.68
N GLY B 389 35.12 -16.76 3.60
CA GLY B 389 34.52 -18.07 3.39
C GLY B 389 33.12 -18.20 3.93
N LYS B 390 32.60 -17.12 4.51
CA LYS B 390 31.23 -17.11 5.03
C LYS B 390 30.28 -16.42 4.07
N GLY B 391 29.05 -16.94 4.02
CA GLY B 391 27.97 -16.33 3.24
C GLY B 391 26.62 -16.77 3.75
N ASP B 392 25.62 -15.92 3.53
CA ASP B 392 24.23 -16.30 3.82
C ASP B 392 23.24 -15.86 2.74
N ASP B 393 22.35 -16.79 2.39
CA ASP B 393 21.33 -16.59 1.34
C ASP B 393 20.09 -15.78 1.79
N SER B 394 19.94 -15.58 3.11
CA SER B 394 18.75 -14.97 3.77
C SER B 394 18.18 -13.68 3.16
N LYS B 395 18.92 -12.58 3.30
CA LYS B 395 18.48 -11.26 2.87
C LYS B 395 18.96 -10.95 1.45
N GLY B 396 20.28 -11.01 1.23
CA GLY B 396 20.86 -10.84 -0.10
C GLY B 396 21.82 -11.97 -0.44
N TYR B 397 22.58 -11.79 -1.51
CA TYR B 397 23.57 -12.79 -1.90
C TYR B 397 24.98 -12.33 -1.54
N PHE B 398 25.21 -12.09 -0.26
CA PHE B 398 26.51 -11.61 0.24
C PHE B 398 27.46 -12.75 0.62
N ILE B 399 28.59 -12.78 -0.07
CA ILE B 399 29.71 -13.66 0.28
C ILE B 399 30.88 -12.79 0.72
N GLU B 400 31.63 -13.24 1.70
CA GLU B 400 32.79 -12.50 2.14
C GLU B 400 33.93 -12.68 1.18
N PRO B 401 34.74 -11.64 1.04
CA PRO B 401 35.97 -11.77 0.29
C PRO B 401 36.81 -12.91 0.86
N THR B 402 37.26 -13.80 -0.02
CA THR B 402 37.77 -15.08 0.44
C THR B 402 39.15 -15.41 -0.12
N ILE B 403 40.13 -15.53 0.78
CA ILE B 403 41.51 -15.79 0.41
C ILE B 403 41.91 -17.22 0.79
N PHE B 404 42.39 -17.98 -0.19
CA PHE B 404 42.95 -19.30 0.09
C PHE B 404 44.44 -19.28 -0.14
N ALA B 405 45.16 -20.06 0.67
CA ALA B 405 46.61 -20.11 0.62
C ALA B 405 47.12 -21.52 0.33
N ASP B 406 48.34 -21.57 -0.21
CA ASP B 406 49.18 -22.79 -0.35
C ASP B 406 48.64 -23.82 -1.33
N LEU B 407 48.02 -23.34 -2.41
CA LEU B 407 47.44 -24.22 -3.41
C LEU B 407 48.48 -24.77 -4.37
N ASP B 408 48.30 -26.06 -4.70
CA ASP B 408 48.99 -26.70 -5.81
C ASP B 408 48.62 -25.98 -7.11
N PRO B 409 49.61 -25.78 -8.02
CA PRO B 409 49.37 -25.09 -9.29
C PRO B 409 48.30 -25.73 -10.18
N LYS B 410 47.99 -27.01 -9.95
CA LYS B 410 46.96 -27.71 -10.71
C LYS B 410 45.72 -28.07 -9.89
N ALA B 411 45.49 -27.35 -8.79
CA ALA B 411 44.25 -27.48 -8.01
C ALA B 411 43.02 -26.98 -8.80
N ARG B 412 41.82 -27.39 -8.41
CA ARG B 412 40.60 -26.94 -9.08
C ARG B 412 40.36 -25.43 -8.89
N LEU B 413 40.74 -24.91 -7.73
CA LEU B 413 40.69 -23.49 -7.45
C LEU B 413 41.71 -22.68 -8.23
N MET B 414 42.55 -23.40 -8.96
CA MET B 414 43.64 -22.79 -9.68
C MET B 414 43.40 -22.91 -11.19
N GLN B 415 42.37 -23.68 -11.55
CA GLN B 415 42.06 -23.99 -12.94
C GLN B 415 40.68 -23.50 -13.36
N GLU B 416 39.69 -23.73 -12.49
CA GLU B 416 38.29 -23.54 -12.86
C GLU B 416 37.80 -22.13 -12.51
N GLU B 417 37.23 -21.47 -13.52
CA GLU B 417 36.60 -20.14 -13.42
C GLU B 417 35.49 -20.12 -12.35
N ILE B 418 35.68 -19.32 -11.30
CA ILE B 418 34.73 -19.32 -10.16
C ILE B 418 33.65 -18.22 -10.23
N PHE B 419 34.05 -16.99 -10.60
CA PHE B 419 33.14 -15.84 -10.68
C PHE B 419 32.63 -15.37 -9.32
N GLY B 420 33.49 -15.42 -8.31
CA GLY B 420 33.15 -14.96 -6.96
C GLY B 420 34.33 -14.28 -6.30
N PRO B 421 34.12 -13.73 -5.09
CA PRO B 421 35.20 -13.03 -4.38
C PRO B 421 36.16 -14.01 -3.74
N VAL B 422 37.01 -14.62 -4.59
CA VAL B 422 37.96 -15.64 -4.17
C VAL B 422 39.32 -15.44 -4.86
N VAL B 423 40.39 -15.41 -4.07
CA VAL B 423 41.74 -15.61 -4.61
C VAL B 423 42.27 -16.95 -4.14
N ALA B 424 43.05 -17.61 -5.00
CA ALA B 424 43.89 -18.70 -4.59
C ALA B 424 45.36 -18.25 -4.66
N PHE B 425 46.07 -18.40 -3.54
CA PHE B 425 47.51 -18.13 -3.49
C PHE B 425 48.35 -19.36 -3.82
N SER B 426 49.43 -19.15 -4.57
CA SER B 426 50.37 -20.23 -4.89
C SER B 426 51.81 -19.74 -4.86
N LYS B 427 52.65 -20.55 -4.21
CA LYS B 427 54.06 -20.24 -3.97
C LYS B 427 54.96 -20.87 -5.04
N VAL B 428 55.91 -20.07 -5.53
CA VAL B 428 56.89 -20.53 -6.52
C VAL B 428 58.29 -20.11 -6.07
N SER B 429 59.31 -20.78 -6.60
CA SER B 429 60.68 -20.52 -6.15
C SER B 429 61.53 -19.64 -7.10
N SER B 430 61.03 -19.38 -8.31
CA SER B 430 61.69 -18.46 -9.25
C SER B 430 60.69 -17.76 -10.16
N PHE B 431 61.10 -16.62 -10.72
CA PHE B 431 60.29 -15.92 -11.72
C PHE B 431 59.95 -16.81 -12.93
N ASP B 432 60.90 -17.62 -13.34
CA ASP B 432 60.70 -18.55 -14.44
C ASP B 432 59.64 -19.63 -14.13
N GLU B 433 59.62 -20.11 -12.89
CA GLU B 433 58.56 -21.03 -12.46
C GLU B 433 57.20 -20.32 -12.39
N ALA B 434 57.24 -19.02 -12.09
CA ALA B 434 56.04 -18.20 -11.96
C ALA B 434 55.32 -18.02 -13.29
N LEU B 435 56.08 -17.87 -14.36
CA LEU B 435 55.52 -17.78 -15.70
C LEU B 435 55.01 -19.12 -16.15
N GLU B 436 55.62 -20.20 -15.66
CA GLU B 436 55.18 -21.55 -15.99
C GLU B 436 53.79 -21.80 -15.43
N VAL B 437 53.59 -21.50 -14.14
CA VAL B 437 52.29 -21.60 -13.45
C VAL B 437 51.24 -20.64 -14.05
N ALA B 438 51.66 -19.39 -14.30
CA ALA B 438 50.85 -18.41 -15.02
C ALA B 438 50.13 -18.98 -16.24
N ASN B 439 50.85 -19.79 -17.01
CA ASN B 439 50.35 -20.35 -18.26
C ASN B 439 49.74 -21.75 -18.17
N ASN B 440 49.54 -22.26 -16.95
CA ASN B 440 49.05 -23.64 -16.81
C ASN B 440 47.54 -23.81 -16.79
N THR B 441 46.81 -22.77 -17.20
CA THR B 441 45.36 -22.87 -17.30
C THR B 441 44.96 -23.08 -18.76
N GLU B 442 43.66 -23.27 -18.97
CA GLU B 442 43.10 -23.47 -20.28
C GLU B 442 42.66 -22.13 -20.87
N TYR B 443 42.84 -21.06 -20.09
CA TYR B 443 42.42 -19.71 -20.47
C TYR B 443 43.63 -18.80 -20.69
N GLY B 444 43.40 -17.66 -21.32
CA GLY B 444 44.48 -16.69 -21.59
C GLY B 444 43.90 -15.31 -21.84
N LEU B 445 43.09 -14.85 -20.90
CA LEU B 445 42.46 -13.56 -21.02
C LEU B 445 43.37 -12.47 -20.46
N THR B 446 43.49 -12.39 -19.14
CA THR B 446 44.31 -11.32 -18.50
C THR B 446 45.33 -11.81 -17.49
N GLY B 447 46.38 -11.01 -17.31
CA GLY B 447 47.44 -11.29 -16.36
C GLY B 447 48.18 -10.03 -15.93
N ALA B 448 48.76 -10.09 -14.73
CA ALA B 448 49.56 -8.99 -14.24
C ALA B 448 50.85 -9.54 -13.70
N VAL B 449 51.92 -8.75 -13.82
CA VAL B 449 53.21 -9.09 -13.26
C VAL B 449 53.71 -7.87 -12.48
N ILE B 450 54.01 -8.09 -11.20
CA ILE B 450 54.59 -7.06 -10.33
C ILE B 450 56.06 -7.37 -10.17
N THR B 451 56.91 -6.47 -10.67
CA THR B 451 58.36 -6.64 -10.62
C THR B 451 59.10 -5.33 -10.88
N LYS B 452 60.28 -5.20 -10.28
CA LYS B 452 61.17 -4.07 -10.51
C LYS B 452 62.24 -4.41 -11.56
N ASN B 453 62.19 -5.65 -12.04
CA ASN B 453 63.22 -6.21 -12.94
C ASN B 453 62.89 -6.05 -14.43
N ARG B 454 63.72 -5.30 -15.14
CA ARG B 454 63.49 -4.99 -16.55
C ARG B 454 63.51 -6.22 -17.47
N ASP B 455 64.44 -7.14 -17.21
CA ASP B 455 64.58 -8.36 -17.99
C ASP B 455 63.38 -9.29 -17.78
N HIS B 456 62.85 -9.29 -16.56
CA HIS B 456 61.66 -10.04 -16.21
C HIS B 456 60.43 -9.48 -16.94
N ILE B 457 60.37 -8.16 -17.06
CA ILE B 457 59.29 -7.46 -17.76
C ILE B 457 59.28 -7.88 -19.22
N ASN B 458 60.47 -7.84 -19.85
CA ASN B 458 60.62 -8.17 -21.25
C ASN B 458 60.36 -9.65 -21.56
N ARG B 459 60.81 -10.54 -20.66
CA ARG B 459 60.50 -11.98 -20.75
C ARG B 459 59.00 -12.25 -20.67
N ALA B 460 58.33 -11.59 -19.73
CA ALA B 460 56.88 -11.74 -19.58
C ALA B 460 56.11 -11.20 -20.79
N LYS B 461 56.59 -10.11 -21.40
CA LYS B 461 55.97 -9.57 -22.63
C LYS B 461 55.84 -10.61 -23.75
N GLN B 462 56.80 -11.53 -23.83
CA GLN B 462 56.73 -12.62 -24.81
C GLN B 462 56.10 -13.90 -24.25
N GLU B 463 56.41 -14.23 -22.99
CA GLU B 463 56.07 -15.55 -22.46
C GLU B 463 54.77 -15.68 -21.67
N PHE B 464 54.27 -14.56 -21.13
CA PHE B 464 53.00 -14.59 -20.41
C PHE B 464 51.89 -14.54 -21.45
N HIS B 465 51.38 -15.72 -21.81
CA HIS B 465 50.40 -15.84 -22.89
C HIS B 465 49.02 -15.49 -22.42
N VAL B 466 48.79 -14.20 -22.28
CA VAL B 466 47.45 -13.65 -22.04
C VAL B 466 47.17 -12.56 -23.07
N GLY B 467 45.90 -12.26 -23.31
CA GLY B 467 45.53 -11.20 -24.24
C GLY B 467 45.73 -9.81 -23.66
N ASN B 468 45.56 -9.71 -22.34
CA ASN B 468 45.72 -8.46 -21.61
C ASN B 468 46.72 -8.61 -20.49
N LEU B 469 47.90 -8.07 -20.72
CA LEU B 469 49.02 -8.25 -19.85
C LEU B 469 49.38 -6.92 -19.22
N TYR B 470 49.52 -6.95 -17.91
CA TYR B 470 49.70 -5.76 -17.13
C TYR B 470 50.98 -5.84 -16.32
N PHE B 471 51.70 -4.72 -16.26
CA PHE B 471 52.92 -4.61 -15.46
C PHE B 471 52.78 -3.52 -14.39
N ASN B 472 53.04 -3.92 -13.14
CA ASN B 472 53.04 -3.03 -11.97
C ASN B 472 51.76 -2.26 -11.76
N ARG B 473 50.65 -2.98 -11.93
CA ARG B 473 49.29 -2.55 -11.65
C ARG B 473 48.42 -3.81 -11.66
N ASN B 474 47.13 -3.66 -11.39
CA ASN B 474 46.20 -4.79 -11.42
C ASN B 474 45.85 -5.26 -12.84
N CYS B 475 45.10 -6.36 -12.93
CA CYS B 475 44.70 -6.92 -14.22
C CYS B 475 43.22 -6.76 -14.59
N THR B 476 42.58 -5.72 -14.06
CA THR B 476 41.12 -5.55 -14.29
C THR B 476 40.71 -4.25 -14.98
N GLY B 477 41.50 -3.19 -14.82
CA GLY B 477 41.15 -1.88 -15.40
C GLY B 477 41.43 -1.78 -16.90
N ALA B 478 40.47 -2.21 -17.71
CA ALA B 478 40.61 -2.14 -19.18
C ALA B 478 39.75 -1.04 -19.80
N ILE B 479 40.41 -0.04 -20.39
CA ILE B 479 39.74 1.14 -20.95
C ILE B 479 39.74 1.13 -22.48
N VAL B 480 38.58 1.41 -23.06
CA VAL B 480 38.33 1.40 -24.50
C VAL B 480 39.26 2.35 -25.25
N GLY B 481 39.95 1.85 -26.27
CA GLY B 481 40.88 2.67 -27.07
C GLY B 481 42.26 2.84 -26.44
N TYR B 482 42.42 2.30 -25.23
CA TYR B 482 43.65 2.41 -24.46
C TYR B 482 44.21 1.01 -24.25
N HIS B 483 43.39 0.13 -23.68
CA HIS B 483 43.72 -1.27 -23.52
C HIS B 483 42.63 -2.16 -24.12
N PRO B 484 42.73 -2.49 -25.43
CA PRO B 484 41.73 -3.37 -26.07
C PRO B 484 41.64 -4.77 -25.42
N PHE B 485 40.41 -5.28 -25.31
CA PHE B 485 40.13 -6.42 -24.44
C PHE B 485 39.71 -7.67 -25.20
N GLY B 486 40.30 -8.80 -24.82
CA GLY B 486 40.07 -10.08 -25.49
C GLY B 486 41.21 -11.03 -25.23
N GLY B 487 40.95 -12.34 -25.31
CA GLY B 487 41.96 -13.34 -24.98
C GLY B 487 42.03 -14.63 -25.78
N PHE B 488 43.08 -15.41 -25.52
CA PHE B 488 43.42 -16.63 -26.25
C PHE B 488 42.79 -17.85 -25.60
N LYS B 489 42.98 -18.99 -26.25
CA LYS B 489 42.71 -20.29 -25.67
C LYS B 489 41.20 -20.46 -25.36
N MET B 490 40.84 -20.87 -24.15
CA MET B 490 39.40 -20.94 -23.86
C MET B 490 38.78 -19.60 -23.44
N SER B 491 39.59 -18.53 -23.43
CA SER B 491 39.06 -17.17 -23.24
C SER B 491 38.35 -16.64 -24.49
N GLY B 492 38.50 -17.35 -25.61
CA GLY B 492 37.66 -17.11 -26.79
C GLY B 492 38.39 -16.89 -28.10
N THR B 493 37.87 -15.96 -28.89
CA THR B 493 38.39 -15.68 -30.23
C THR B 493 39.37 -14.47 -30.28
N ASP B 494 39.66 -13.87 -29.12
CA ASP B 494 40.55 -12.68 -29.02
C ASP B 494 40.07 -11.59 -29.99
N SER B 495 38.83 -11.18 -29.83
CA SER B 495 38.27 -10.13 -30.65
C SER B 495 38.41 -8.84 -29.86
N LYS B 496 39.56 -8.20 -30.03
CA LYS B 496 39.96 -7.07 -29.21
C LYS B 496 38.92 -5.95 -29.21
N ALA B 497 38.10 -5.95 -28.16
CA ALA B 497 36.99 -5.01 -28.02
C ALA B 497 37.58 -3.70 -27.56
N GLY B 498 37.04 -2.61 -28.08
CA GLY B 498 37.59 -1.27 -27.85
C GLY B 498 38.99 -1.16 -28.42
N GLY B 499 39.19 -1.65 -29.63
CA GLY B 499 40.46 -1.52 -30.35
C GLY B 499 40.19 -1.41 -31.84
N PRO B 500 41.24 -1.17 -32.64
CA PRO B 500 41.18 -0.83 -34.07
C PRO B 500 40.57 -1.89 -35.01
N ASP B 501 40.65 -3.17 -34.63
CA ASP B 501 40.30 -4.28 -35.53
C ASP B 501 38.89 -4.84 -35.26
N TYR B 502 38.21 -4.25 -34.29
CA TYR B 502 36.97 -4.85 -33.78
C TYR B 502 35.79 -4.75 -34.74
N LEU B 503 35.65 -3.61 -35.42
CA LEU B 503 34.51 -3.39 -36.30
C LEU B 503 34.60 -4.09 -37.65
N ALA B 504 35.81 -4.30 -38.16
CA ALA B 504 36.01 -4.99 -39.44
C ALA B 504 35.64 -6.47 -39.35
N LEU B 505 35.58 -6.95 -38.11
CA LEU B 505 35.16 -8.31 -37.82
C LEU B 505 33.69 -8.50 -38.07
N HIS B 506 32.95 -7.40 -38.02
CA HIS B 506 31.52 -7.39 -38.24
C HIS B 506 31.21 -7.08 -39.70
N MET B 507 32.25 -7.04 -40.54
CA MET B 507 32.06 -6.68 -41.95
C MET B 507 32.80 -7.60 -42.91
N GLN B 508 32.35 -7.62 -44.16
CA GLN B 508 33.09 -8.33 -45.18
C GLN B 508 33.76 -7.43 -46.20
N ALA B 509 35.02 -7.70 -46.47
CA ALA B 509 35.78 -6.89 -47.39
C ALA B 509 35.41 -7.20 -48.85
N LYS B 510 35.13 -6.17 -49.61
CA LYS B 510 34.79 -6.29 -51.02
C LYS B 510 35.81 -5.56 -51.89
N THR B 511 36.27 -6.23 -52.95
CA THR B 511 37.19 -5.65 -53.93
C THR B 511 36.44 -5.19 -55.18
N ILE B 512 36.63 -3.92 -55.58
CA ILE B 512 36.01 -3.34 -56.76
C ILE B 512 37.08 -2.81 -57.73
N SER B 513 37.05 -3.31 -58.96
CA SER B 513 38.03 -2.99 -59.98
C SER B 513 37.37 -2.61 -61.32
N GLU B 514 37.67 -1.41 -61.80
CA GLU B 514 37.19 -0.93 -63.09
C GLU B 514 38.30 -0.69 -64.12
N MET B 515 38.16 -1.30 -65.30
CA MET B 515 38.96 -0.96 -66.48
C MET B 515 38.23 0.06 -67.34
N PHE B 516 38.96 1.06 -67.81
CA PHE B 516 38.36 2.20 -68.51
C PHE B 516 38.22 2.02 -70.03
N PRO C 4 -7.95 13.48 -40.08
CA PRO C 4 -8.86 14.55 -39.65
C PRO C 4 -8.18 15.51 -38.67
N TYR C 5 -7.82 16.69 -39.16
CA TYR C 5 -7.05 17.67 -38.37
C TYR C 5 -7.88 18.37 -37.28
N LYS C 6 -7.32 18.38 -36.07
CA LYS C 6 -7.81 19.22 -34.98
C LYS C 6 -6.63 19.98 -34.35
N HIS C 7 -6.88 21.19 -33.87
CA HIS C 7 -5.83 21.97 -33.23
C HIS C 7 -5.54 21.48 -31.81
N GLU C 8 -4.28 21.58 -31.40
CA GLU C 8 -3.84 21.17 -30.04
C GLU C 8 -4.38 22.15 -28.99
N PRO C 9 -5.08 21.62 -27.97
CA PRO C 9 -5.73 22.47 -26.99
C PRO C 9 -4.73 23.18 -26.07
N PHE C 10 -5.00 24.46 -25.81
CA PHE C 10 -4.21 25.25 -24.87
C PHE C 10 -4.45 24.72 -23.46
N THR C 11 -3.36 24.51 -22.72
CA THR C 11 -3.41 24.02 -21.34
C THR C 11 -4.15 24.99 -20.41
N ASN C 12 -5.20 24.49 -19.76
CA ASN C 12 -5.98 25.26 -18.81
C ASN C 12 -5.19 25.42 -17.51
N PHE C 13 -4.63 26.60 -17.31
CA PHE C 13 -3.77 26.85 -16.16
C PHE C 13 -4.50 27.16 -14.85
N GLY C 14 -5.82 27.30 -14.94
CA GLY C 14 -6.68 27.44 -13.77
C GLY C 14 -6.77 26.14 -12.98
N ILE C 15 -6.77 25.02 -13.71
CA ILE C 15 -6.73 23.67 -13.13
C ILE C 15 -5.37 23.43 -12.44
N GLU C 16 -5.41 22.89 -11.23
CA GLU C 16 -4.20 22.68 -10.43
C GLU C 16 -3.29 21.59 -10.97
N GLU C 17 -3.87 20.50 -11.47
CA GLU C 17 -3.11 19.37 -12.04
C GLU C 17 -2.18 19.83 -13.17
N ASN C 18 -2.71 20.68 -14.04
CA ASN C 18 -1.97 21.32 -15.12
C ASN C 18 -0.90 22.29 -14.61
N ARG C 19 -1.22 23.00 -13.53
CA ARG C 19 -0.35 24.02 -12.94
C ARG C 19 0.83 23.35 -12.24
N LYS C 20 0.57 22.19 -11.65
CA LYS C 20 1.59 21.38 -10.97
C LYS C 20 2.48 20.67 -12.00
N ALA C 21 1.89 20.32 -13.15
CA ALA C 21 2.62 19.67 -14.23
C ALA C 21 3.65 20.63 -14.85
N PHE C 22 3.22 21.86 -15.11
CA PHE C 22 4.08 22.89 -15.68
C PHE C 22 5.21 23.29 -14.74
N GLU C 23 4.89 23.33 -13.44
CA GLU C 23 5.84 23.65 -12.38
C GLU C 23 6.94 22.58 -12.30
N LYS C 24 6.52 21.32 -12.32
CA LYS C 24 7.43 20.18 -12.36
C LYS C 24 8.36 20.25 -13.57
N ALA C 25 7.78 20.46 -14.75
CA ALA C 25 8.57 20.54 -15.98
C ALA C 25 9.48 21.77 -16.04
N LEU C 26 9.10 22.82 -15.31
CA LEU C 26 9.93 24.02 -15.19
C LEU C 26 11.18 23.77 -14.35
N GLU C 27 11.04 22.95 -13.28
CA GLU C 27 12.17 22.55 -12.45
C GLU C 27 13.11 21.64 -13.20
N THR C 28 12.53 20.69 -13.94
CA THR C 28 13.27 19.79 -14.82
C THR C 28 14.15 20.59 -15.77
N VAL C 29 13.56 21.61 -16.39
CA VAL C 29 14.27 22.46 -17.35
C VAL C 29 15.34 23.31 -16.64
N ASN C 30 14.97 23.91 -15.51
CA ASN C 30 15.90 24.72 -14.70
C ASN C 30 17.23 24.03 -14.39
N ASN C 31 17.20 22.72 -14.14
CA ASN C 31 18.41 21.98 -13.81
C ASN C 31 19.05 21.27 -15.01
N GLU C 32 18.26 20.46 -15.71
CA GLU C 32 18.81 19.57 -16.75
C GLU C 32 19.08 20.25 -18.10
N TRP C 33 18.20 21.16 -18.49
CA TRP C 33 18.22 21.73 -19.84
C TRP C 33 19.14 22.94 -19.99
N LEU C 34 19.22 23.74 -18.92
CA LEU C 34 19.98 24.99 -18.92
C LEU C 34 21.50 24.79 -18.80
N GLY C 35 22.26 25.74 -19.32
CA GLY C 35 23.71 25.78 -19.14
C GLY C 35 24.56 25.09 -20.21
N GLN C 36 23.95 24.16 -20.94
CA GLN C 36 24.66 23.34 -21.92
C GLN C 36 25.08 24.09 -23.18
N SER C 37 25.91 23.44 -23.99
CA SER C 37 26.45 24.01 -25.22
C SER C 37 25.91 23.30 -26.45
N TYR C 38 25.75 24.07 -27.54
CA TYR C 38 25.13 23.58 -28.77
C TYR C 38 25.94 23.98 -29.99
N PRO C 39 26.50 22.98 -30.71
CA PRO C 39 27.29 23.23 -31.92
C PRO C 39 26.43 23.54 -33.14
N LEU C 40 27.09 23.82 -34.26
CA LEU C 40 26.43 23.91 -35.54
C LEU C 40 26.17 22.49 -36.01
N VAL C 41 25.20 22.32 -36.90
CA VAL C 41 24.95 21.03 -37.52
C VAL C 41 25.00 21.23 -39.02
N ILE C 42 26.04 20.69 -39.65
CA ILE C 42 26.17 20.71 -41.09
C ILE C 42 26.43 19.28 -41.54
N ASP C 43 25.59 18.81 -42.48
CA ASP C 43 25.70 17.47 -43.05
C ASP C 43 25.70 16.36 -41.98
N GLY C 44 25.01 16.59 -40.88
CA GLY C 44 24.91 15.62 -39.79
C GLY C 44 26.08 15.65 -38.81
N GLU C 45 27.09 16.46 -39.09
CA GLU C 45 28.29 16.54 -38.27
C GLU C 45 28.30 17.78 -37.41
N ARG C 46 28.73 17.64 -36.16
CA ARG C 46 28.77 18.74 -35.21
C ARG C 46 30.04 19.59 -35.40
N TYR C 47 29.88 20.90 -35.28
CA TYR C 47 30.99 21.84 -35.47
C TYR C 47 30.95 22.84 -34.31
N GLU C 48 31.92 22.78 -33.42
CA GLU C 48 32.00 23.71 -32.29
C GLU C 48 32.89 24.90 -32.67
N THR C 49 32.54 26.09 -32.19
CA THR C 49 33.41 27.25 -32.36
C THR C 49 33.78 27.85 -31.01
N GLU C 50 34.89 28.57 -30.99
CA GLU C 50 35.34 29.28 -29.80
C GLU C 50 34.50 30.56 -29.65
N ASN C 51 34.03 31.05 -30.80
CA ASN C 51 33.08 32.16 -30.88
C ASN C 51 31.68 31.67 -30.56
N LYS C 52 31.05 32.24 -29.53
CA LYS C 52 29.76 31.74 -29.09
C LYS C 52 28.64 32.80 -29.05
N ILE C 53 27.41 32.32 -29.20
CA ILE C 53 26.24 33.12 -28.92
C ILE C 53 25.78 32.74 -27.52
N VAL C 54 25.77 33.72 -26.62
CA VAL C 54 25.40 33.47 -25.25
C VAL C 54 23.94 33.86 -25.02
N SER C 55 23.06 32.86 -24.96
CA SER C 55 21.64 33.11 -24.73
C SER C 55 21.37 33.23 -23.24
N ILE C 56 20.93 34.43 -22.84
CA ILE C 56 20.65 34.73 -21.43
C ILE C 56 19.15 34.90 -21.17
N ASN C 57 18.73 34.66 -19.92
CA ASN C 57 17.35 34.89 -19.47
C ASN C 57 17.05 36.39 -19.47
N PRO C 58 16.03 36.82 -20.24
CA PRO C 58 15.67 38.25 -20.27
C PRO C 58 15.02 38.76 -18.99
N ALA C 59 14.57 37.85 -18.13
CA ALA C 59 14.03 38.21 -16.81
C ALA C 59 15.11 38.28 -15.73
N ASN C 60 16.12 37.42 -15.84
CA ASN C 60 17.28 37.42 -14.95
C ASN C 60 18.52 37.45 -15.82
N LYS C 61 19.02 38.66 -16.11
CA LYS C 61 20.03 38.89 -17.17
C LYS C 61 21.42 38.30 -16.94
N GLU C 62 21.58 37.62 -15.81
CA GLU C 62 22.82 36.92 -15.47
C GLU C 62 22.70 35.39 -15.53
N GLU C 63 21.47 34.88 -15.61
CA GLU C 63 21.26 33.45 -15.81
C GLU C 63 21.51 33.07 -17.28
N VAL C 64 22.50 32.22 -17.50
CA VAL C 64 22.82 31.71 -18.83
C VAL C 64 21.86 30.54 -19.15
N VAL C 65 21.01 30.73 -20.15
CA VAL C 65 20.07 29.71 -20.61
C VAL C 65 20.83 28.64 -21.39
N GLY C 66 21.68 29.09 -22.32
CA GLY C 66 22.52 28.19 -23.09
C GLY C 66 23.53 28.95 -23.92
N THR C 67 24.59 28.26 -24.33
CA THR C 67 25.63 28.82 -25.18
C THR C 67 25.56 28.10 -26.54
N VAL C 68 25.70 28.85 -27.62
CA VAL C 68 25.52 28.31 -28.96
C VAL C 68 26.67 28.73 -29.86
N SER C 69 27.21 27.78 -30.63
CA SER C 69 28.26 28.06 -31.61
C SER C 69 27.83 29.09 -32.66
N LYS C 70 28.74 29.99 -33.01
CA LYS C 70 28.51 31.04 -33.99
C LYS C 70 29.14 30.60 -35.31
N ALA C 71 28.38 30.67 -36.39
CA ALA C 71 28.83 30.19 -37.70
C ALA C 71 29.55 31.27 -38.51
N THR C 72 30.55 30.86 -39.28
CA THR C 72 31.23 31.76 -40.19
C THR C 72 30.65 31.56 -41.60
N GLN C 73 31.14 32.35 -42.56
CA GLN C 73 30.78 32.20 -43.97
C GLN C 73 31.27 30.87 -44.52
N ASP C 74 32.39 30.37 -43.99
CA ASP C 74 32.91 29.07 -44.36
C ASP C 74 31.95 27.96 -43.93
N HIS C 75 31.35 28.13 -42.76
CA HIS C 75 30.34 27.21 -42.25
C HIS C 75 29.02 27.31 -43.01
N ALA C 76 28.68 28.53 -43.43
CA ALA C 76 27.47 28.79 -44.20
C ALA C 76 27.57 28.22 -45.61
N GLU C 77 28.77 28.30 -46.17
CA GLU C 77 29.12 27.73 -47.47
C GLU C 77 28.84 26.23 -47.48
N LYS C 78 29.39 25.55 -46.48
CA LYS C 78 29.31 24.11 -46.35
C LYS C 78 27.91 23.62 -46.08
N ALA C 79 27.14 24.44 -45.34
CA ALA C 79 25.75 24.10 -44.99
C ALA C 79 24.84 24.03 -46.22
N ILE C 80 24.99 24.99 -47.13
CA ILE C 80 24.15 24.96 -48.31
C ILE C 80 24.61 23.95 -49.38
N GLN C 81 25.87 23.55 -49.33
CA GLN C 81 26.39 22.50 -50.21
C GLN C 81 25.89 21.14 -49.75
N ALA C 82 25.74 21.01 -48.42
CA ALA C 82 25.21 19.82 -47.79
C ALA C 82 23.73 19.72 -48.12
N ALA C 83 23.04 20.84 -48.03
CA ALA C 83 21.65 20.95 -48.43
C ALA C 83 21.45 20.63 -49.92
N ALA C 84 22.29 21.18 -50.78
CA ALA C 84 22.22 20.91 -52.22
C ALA C 84 22.35 19.43 -52.55
N LYS C 85 23.36 18.79 -51.94
CA LYS C 85 23.63 17.37 -52.14
C LYS C 85 22.50 16.52 -51.59
N ALA C 86 22.05 16.85 -50.38
CA ALA C 86 20.94 16.12 -49.75
C ALA C 86 19.68 16.21 -50.58
N PHE C 87 19.49 17.37 -51.21
CA PHE C 87 18.34 17.61 -52.08
C PHE C 87 18.24 16.63 -53.24
N GLU C 88 19.39 16.23 -53.78
CA GLU C 88 19.48 15.33 -54.92
C GLU C 88 18.90 13.94 -54.65
N THR C 89 18.78 13.56 -53.39
CA THR C 89 18.12 12.31 -53.01
C THR C 89 16.80 12.52 -52.27
N TRP C 90 16.72 13.59 -51.46
CA TRP C 90 15.53 13.87 -50.65
C TRP C 90 14.30 14.23 -51.50
N ARG C 91 14.53 14.79 -52.68
CA ARG C 91 13.45 15.23 -53.54
C ARG C 91 12.65 14.05 -54.09
N TYR C 92 13.23 12.86 -53.95
CA TYR C 92 12.68 11.64 -54.51
C TYR C 92 12.01 10.78 -53.44
N THR C 93 12.15 11.20 -52.18
CA THR C 93 11.58 10.50 -51.04
C THR C 93 10.06 10.59 -51.09
N ASP C 94 9.41 9.43 -51.01
CA ASP C 94 7.95 9.33 -51.02
C ASP C 94 7.33 10.30 -50.02
N PRO C 95 6.39 11.15 -50.48
CA PRO C 95 5.70 12.09 -49.58
C PRO C 95 5.12 11.47 -48.30
N GLU C 96 4.84 10.17 -48.30
CA GLU C 96 4.38 9.48 -47.10
C GLU C 96 5.48 9.37 -46.05
N GLU C 97 6.71 9.15 -46.51
CA GLU C 97 7.90 9.04 -45.65
CA GLU C 97 7.87 9.03 -45.62
C GLU C 97 8.35 10.40 -45.13
N ARG C 98 8.06 11.45 -45.89
CA ARG C 98 8.34 12.84 -45.47
C ARG C 98 7.34 13.28 -44.43
N ALA C 99 6.07 12.94 -44.66
CA ALA C 99 5.02 13.17 -43.66
C ALA C 99 5.27 12.36 -42.39
N ALA C 100 5.88 11.18 -42.54
CA ALA C 100 6.20 10.29 -41.42
C ALA C 100 7.21 10.93 -40.46
N VAL C 101 8.17 11.68 -41.00
CA VAL C 101 9.19 12.38 -40.20
C VAL C 101 8.54 13.44 -39.30
N LEU C 102 7.56 14.15 -39.85
CA LEU C 102 6.83 15.17 -39.10
C LEU C 102 5.91 14.55 -38.03
N PHE C 103 5.35 13.38 -38.31
CA PHE C 103 4.50 12.68 -37.35
C PHE C 103 5.27 12.20 -36.14
N ARG C 104 6.48 11.71 -36.32
CA ARG C 104 7.27 11.31 -35.16
C ARG C 104 7.95 12.50 -34.49
N ALA C 105 8.13 13.61 -35.21
CA ALA C 105 8.64 14.81 -34.56
C ALA C 105 7.58 15.41 -33.64
N VAL C 106 6.35 15.49 -34.14
CA VAL C 106 5.22 16.03 -33.37
C VAL C 106 4.92 15.18 -32.13
N ALA C 107 5.11 13.86 -32.23
CA ALA C 107 4.93 12.93 -31.11
C ALA C 107 5.96 13.17 -30.01
N LYS C 108 7.21 13.39 -30.40
CA LYS C 108 8.29 13.70 -29.46
C LYS C 108 8.06 15.02 -28.73
N VAL C 109 7.60 16.04 -29.45
CA VAL C 109 7.33 17.35 -28.85
C VAL C 109 6.14 17.30 -27.91
N ARG C 110 5.11 16.53 -28.30
CA ARG C 110 3.89 16.35 -27.49
C ARG C 110 4.19 15.64 -26.16
N ARG C 111 5.13 14.70 -26.20
CA ARG C 111 5.52 13.95 -25.01
C ARG C 111 6.29 14.85 -24.02
N LYS C 112 7.04 15.82 -24.56
CA LYS C 112 7.79 16.78 -23.74
C LYS C 112 7.16 18.17 -23.80
N LYS C 113 5.83 18.22 -23.95
CA LYS C 113 5.09 19.47 -24.17
CA LYS C 113 5.09 19.47 -24.17
C LYS C 113 5.45 20.58 -23.19
N HIS C 114 5.28 20.29 -21.90
CA HIS C 114 5.46 21.28 -20.87
C HIS C 114 6.90 21.77 -20.74
N GLU C 115 7.85 20.85 -20.91
CA GLU C 115 9.27 21.23 -20.82
C GLU C 115 9.77 22.01 -22.05
N PHE C 116 9.24 21.69 -23.23
CA PHE C 116 9.47 22.55 -24.39
C PHE C 116 8.90 23.95 -24.14
N SER C 117 7.72 24.02 -23.55
CA SER C 117 7.12 25.29 -23.13
C SER C 117 7.96 26.02 -22.09
N ALA C 118 8.48 25.29 -21.11
CA ALA C 118 9.27 25.89 -20.03
C ALA C 118 10.59 26.49 -20.52
N LEU C 119 11.19 25.87 -21.53
CA LEU C 119 12.36 26.42 -22.21
C LEU C 119 12.12 27.83 -22.76
N LEU C 120 10.92 28.03 -23.29
CA LEU C 120 10.48 29.30 -23.85
C LEU C 120 10.30 30.36 -22.77
N VAL C 121 9.82 29.93 -21.60
CA VAL C 121 9.72 30.79 -20.42
C VAL C 121 11.10 31.31 -20.03
N LYS C 122 12.10 30.44 -20.08
CA LYS C 122 13.46 30.80 -19.73
C LYS C 122 14.14 31.67 -20.79
N GLU C 123 14.10 31.23 -22.05
CA GLU C 123 14.88 31.87 -23.09
C GLU C 123 14.24 33.15 -23.65
N ALA C 124 12.91 33.22 -23.64
CA ALA C 124 12.23 34.37 -24.22
C ALA C 124 11.46 35.22 -23.21
N GLY C 125 11.38 34.75 -21.97
CA GLY C 125 10.66 35.46 -20.91
C GLY C 125 9.15 35.34 -21.07
N LYS C 126 8.72 34.23 -21.66
CA LYS C 126 7.33 34.03 -22.05
C LYS C 126 6.45 33.72 -20.83
N PRO C 127 5.31 34.41 -20.70
CA PRO C 127 4.29 33.97 -19.74
C PRO C 127 3.78 32.56 -20.10
N TRP C 128 3.28 31.84 -19.09
CA TRP C 128 2.97 30.42 -19.21
C TRP C 128 2.00 30.09 -20.34
N ASN C 129 0.89 30.82 -20.39
CA ASN C 129 -0.12 30.64 -21.42
C ASN C 129 0.38 30.96 -22.83
N GLU C 130 1.29 31.94 -22.94
CA GLU C 130 1.90 32.31 -24.20
C GLU C 130 2.96 31.30 -24.67
N ALA C 131 3.69 30.73 -23.72
CA ALA C 131 4.68 29.70 -24.05
C ALA C 131 3.99 28.40 -24.46
N ASP C 132 2.91 28.08 -23.75
CA ASP C 132 2.10 26.88 -24.00
C ASP C 132 1.43 26.99 -25.36
N ALA C 133 0.93 28.18 -25.68
CA ALA C 133 0.30 28.47 -26.97
C ALA C 133 1.29 28.43 -28.14
N ASP C 134 2.54 28.80 -27.86
CA ASP C 134 3.61 28.76 -28.86
C ASP C 134 3.90 27.31 -29.24
N THR C 135 3.95 26.45 -28.22
CA THR C 135 4.30 25.04 -28.37
C THR C 135 3.18 24.29 -29.07
N ALA C 136 1.95 24.61 -28.69
CA ALA C 136 0.76 24.04 -29.28
C ALA C 136 0.67 24.39 -30.77
N GLU C 137 1.07 25.62 -31.11
CA GLU C 137 1.04 26.07 -32.49
C GLU C 137 2.17 25.43 -33.30
N ALA C 138 3.33 25.23 -32.67
CA ALA C 138 4.41 24.46 -33.30
C ALA C 138 3.92 23.07 -33.66
N ILE C 139 3.30 22.40 -32.68
CA ILE C 139 2.65 21.08 -32.86
C ILE C 139 1.65 21.14 -34.02
N ASP C 140 0.80 22.16 -34.01
CA ASP C 140 -0.24 22.36 -35.02
C ASP C 140 0.32 22.43 -36.43
N PHE C 141 1.34 23.28 -36.62
CA PHE C 141 2.07 23.42 -37.88
C PHE C 141 2.57 22.10 -38.38
N MET C 142 3.14 21.30 -37.50
CA MET C 142 3.65 19.97 -37.86
C MET C 142 2.54 19.02 -38.35
N GLU C 143 1.44 18.94 -37.59
CA GLU C 143 0.31 18.04 -37.92
C GLU C 143 -0.44 18.49 -39.18
N TYR C 144 -0.52 19.81 -39.36
CA TYR C 144 -1.31 20.40 -40.44
C TYR C 144 -0.57 20.34 -41.76
N TYR C 145 0.75 20.36 -41.72
CA TYR C 145 1.52 20.25 -42.95
C TYR C 145 1.79 18.81 -43.34
N ALA C 146 1.79 17.90 -42.37
CA ALA C 146 1.99 16.50 -42.67
C ALA C 146 0.80 16.05 -43.53
N ARG C 147 -0.41 16.37 -43.05
CA ARG C 147 -1.66 16.08 -43.76
C ARG C 147 -1.77 16.81 -45.10
N GLN C 148 -1.29 18.05 -45.15
CA GLN C 148 -1.44 18.84 -46.37
C GLN C 148 -0.62 18.30 -47.52
N MET C 149 0.51 17.67 -47.20
CA MET C 149 1.32 17.06 -48.23
C MET C 149 0.80 15.73 -48.76
N ILE C 150 0.13 14.96 -47.91
CA ILE C 150 -0.54 13.73 -48.40
C ILE C 150 -1.65 14.11 -49.38
N GLU C 151 -2.28 15.25 -49.13
CA GLU C 151 -3.29 15.79 -50.01
C GLU C 151 -2.68 16.31 -51.32
N LEU C 152 -1.53 16.97 -51.25
CA LEU C 152 -0.84 17.48 -52.42
C LEU C 152 -0.27 16.38 -53.32
N ALA C 153 0.07 15.24 -52.72
CA ALA C 153 0.61 14.08 -53.45
C ALA C 153 -0.40 13.45 -54.41
N LYS C 154 -1.69 13.75 -54.19
CA LYS C 154 -2.75 13.36 -55.12
C LYS C 154 -2.67 14.15 -56.42
N GLY C 155 -2.08 15.36 -56.36
CA GLY C 155 -2.05 16.26 -57.51
C GLY C 155 -3.38 16.97 -57.68
N LYS C 156 -3.59 17.59 -58.84
CA LYS C 156 -4.88 18.22 -59.17
C LYS C 156 -5.41 17.67 -60.49
N PRO C 157 -6.74 17.48 -60.59
CA PRO C 157 -7.32 16.97 -61.83
C PRO C 157 -7.20 17.96 -62.99
N VAL C 158 -6.72 17.47 -64.13
CA VAL C 158 -6.84 18.17 -65.41
C VAL C 158 -7.57 17.28 -66.42
N ASN C 159 -8.08 17.91 -67.49
CA ASN C 159 -8.76 17.20 -68.57
C ASN C 159 -7.86 16.30 -69.42
N SER C 160 -8.41 15.16 -69.86
CA SER C 160 -7.73 14.28 -70.81
C SER C 160 -8.54 13.96 -72.07
N ARG C 161 -7.92 14.15 -73.24
CA ARG C 161 -8.50 13.72 -74.52
C ARG C 161 -8.46 12.18 -74.60
N GLU C 162 -9.20 11.61 -75.55
CA GLU C 162 -9.12 10.17 -75.82
C GLU C 162 -7.74 9.85 -76.36
N GLY C 163 -7.15 8.77 -75.86
CA GLY C 163 -5.81 8.38 -76.27
C GLY C 163 -4.68 9.05 -75.50
N GLU C 164 -5.02 9.95 -74.57
CA GLU C 164 -4.00 10.59 -73.72
C GLU C 164 -4.34 10.59 -72.23
N ARG C 165 -3.31 10.48 -71.41
CA ARG C 165 -3.42 10.65 -69.97
C ARG C 165 -2.61 11.86 -69.48
N ASN C 166 -3.32 12.83 -68.93
CA ASN C 166 -2.71 14.05 -68.41
C ASN C 166 -2.68 14.08 -66.89
N GLN C 167 -1.53 14.48 -66.35
CA GLN C 167 -1.34 14.59 -64.91
C GLN C 167 -0.76 15.94 -64.57
N TYR C 168 -1.24 16.49 -63.44
CA TYR C 168 -0.77 17.75 -62.88
C TYR C 168 -0.35 17.45 -61.45
N VAL C 169 0.95 17.43 -61.19
CA VAL C 169 1.48 17.04 -59.87
C VAL C 169 2.42 18.13 -59.33
N TYR C 170 2.88 17.99 -58.08
CA TYR C 170 3.80 18.97 -57.46
C TYR C 170 5.17 18.37 -57.22
N THR C 171 6.23 19.13 -57.47
CA THR C 171 7.61 18.66 -57.27
C THR C 171 8.42 19.58 -56.33
N PRO C 172 9.43 19.04 -55.61
CA PRO C 172 10.28 19.86 -54.75
C PRO C 172 11.11 20.90 -55.51
N THR C 173 11.51 21.97 -54.82
CA THR C 173 12.14 23.10 -55.48
C THR C 173 13.66 23.09 -55.32
N GLY C 174 14.15 23.08 -54.08
CA GLY C 174 15.59 23.10 -53.85
C GLY C 174 15.99 23.45 -52.44
N VAL C 175 17.10 24.16 -52.34
CA VAL C 175 17.62 24.62 -51.07
C VAL C 175 16.77 25.79 -50.58
N THR C 176 16.33 25.68 -49.33
CA THR C 176 15.52 26.68 -48.68
C THR C 176 16.26 27.26 -47.47
N VAL C 177 16.39 28.58 -47.44
CA VAL C 177 17.03 29.27 -46.31
C VAL C 177 15.93 29.78 -45.40
N VAL C 178 15.90 29.25 -44.18
CA VAL C 178 14.85 29.59 -43.23
C VAL C 178 15.38 30.63 -42.24
N ILE C 179 14.66 31.75 -42.14
CA ILE C 179 14.97 32.80 -41.16
C ILE C 179 13.73 33.13 -40.31
N PRO C 180 13.61 32.50 -39.13
CA PRO C 180 12.54 32.73 -38.16
C PRO C 180 12.78 33.98 -37.28
N PRO C 181 11.75 34.45 -36.57
CA PRO C 181 11.92 35.57 -35.66
C PRO C 181 12.25 35.10 -34.25
N TRP C 182 12.43 36.05 -33.35
CA TRP C 182 12.63 35.79 -31.92
C TRP C 182 11.32 35.68 -31.14
N ASN C 183 10.25 36.29 -31.68
CA ASN C 183 8.95 36.33 -31.02
C ASN C 183 8.25 34.96 -30.91
N PHE C 184 7.53 34.54 -31.95
CA PHE C 184 6.92 33.20 -31.96
C PHE C 184 8.02 32.18 -32.22
N LEU C 185 8.75 31.92 -31.16
CA LEU C 185 10.08 31.35 -31.22
C LEU C 185 10.10 29.84 -31.46
N PHE C 186 8.98 29.18 -31.15
CA PHE C 186 8.86 27.76 -31.43
C PHE C 186 8.02 27.53 -32.69
N ALA C 187 6.81 28.07 -32.72
CA ALA C 187 5.85 27.76 -33.78
C ALA C 187 6.27 28.19 -35.18
N ILE C 188 6.70 29.45 -35.32
CA ILE C 188 7.05 30.00 -36.63
C ILE C 188 8.33 29.37 -37.11
N MET C 189 9.25 29.18 -36.18
CA MET C 189 10.48 28.51 -36.47
C MET C 189 10.23 27.06 -36.91
N ALA C 190 9.35 26.35 -36.20
CA ALA C 190 8.99 24.96 -36.58
C ALA C 190 8.23 24.91 -37.88
N GLY C 191 7.25 25.79 -38.02
CA GLY C 191 6.41 25.86 -39.22
C GLY C 191 7.19 26.13 -40.50
N THR C 192 7.99 27.21 -40.47
CA THR C 192 8.84 27.56 -41.63
C THR C 192 10.03 26.62 -41.80
N THR C 193 10.30 25.79 -40.80
CA THR C 193 11.30 24.72 -40.98
C THR C 193 10.71 23.45 -41.60
N VAL C 194 9.61 22.94 -41.03
CA VAL C 194 9.04 21.64 -41.48
C VAL C 194 8.32 21.74 -42.82
N ALA C 195 7.83 22.93 -43.16
CA ALA C 195 7.16 23.15 -44.44
C ALA C 195 8.02 22.90 -45.67
N PRO C 196 9.20 23.56 -45.79
CA PRO C 196 10.09 23.17 -46.88
C PRO C 196 10.49 21.70 -46.81
N ILE C 197 10.80 21.21 -45.60
CA ILE C 197 11.28 19.84 -45.43
C ILE C 197 10.24 18.81 -45.92
N VAL C 198 8.97 18.96 -45.52
CA VAL C 198 7.94 17.97 -45.91
C VAL C 198 7.58 18.00 -47.42
N THR C 199 7.77 19.15 -48.05
CA THR C 199 7.53 19.29 -49.48
C THR C 199 8.67 18.73 -50.34
N GLY C 200 9.68 18.13 -49.71
CA GLY C 200 10.81 17.57 -50.43
C GLY C 200 12.01 18.49 -50.60
N ASN C 201 11.93 19.71 -50.05
CA ASN C 201 13.07 20.66 -50.07
C ASN C 201 14.08 20.39 -48.94
N THR C 202 15.20 21.10 -48.96
CA THR C 202 16.18 20.99 -47.90
C THR C 202 16.41 22.34 -47.24
N VAL C 203 16.85 22.31 -45.99
CA VAL C 203 16.89 23.50 -45.15
C VAL C 203 18.29 23.85 -44.67
N VAL C 204 18.61 25.14 -44.76
CA VAL C 204 19.71 25.72 -44.00
C VAL C 204 19.00 26.69 -43.07
N LEU C 205 19.01 26.39 -41.76
CA LEU C 205 18.28 27.17 -40.77
C LEU C 205 19.21 28.10 -39.99
N LYS C 206 19.01 29.40 -40.15
CA LYS C 206 19.71 30.39 -39.34
C LYS C 206 18.66 30.94 -38.40
N PRO C 207 18.68 30.48 -37.13
CA PRO C 207 17.70 30.96 -36.17
C PRO C 207 18.12 32.32 -35.62
N ALA C 208 17.18 33.02 -34.99
CA ALA C 208 17.45 34.32 -34.40
C ALA C 208 18.42 34.18 -33.22
N SER C 209 19.46 35.02 -33.26
CA SER C 209 20.53 35.03 -32.25
C SER C 209 19.99 35.33 -30.86
N ALA C 210 18.91 36.10 -30.82
CA ALA C 210 18.19 36.44 -29.59
C ALA C 210 17.74 35.21 -28.80
N ALA C 211 17.44 34.11 -29.50
CA ALA C 211 17.11 32.83 -28.86
C ALA C 211 17.29 31.58 -29.75
N PRO C 212 18.50 30.98 -29.72
CA PRO C 212 18.87 29.84 -30.56
C PRO C 212 18.82 28.43 -29.93
N VAL C 213 18.53 28.33 -28.64
CA VAL C 213 18.54 27.03 -27.94
C VAL C 213 17.36 26.16 -28.39
N ILE C 214 16.18 26.76 -28.39
CA ILE C 214 14.94 26.09 -28.79
C ILE C 214 15.07 25.48 -30.19
N ALA C 215 15.69 26.22 -31.11
CA ALA C 215 15.91 25.77 -32.47
C ALA C 215 16.87 24.60 -32.50
N ALA C 216 17.93 24.67 -31.70
CA ALA C 216 18.91 23.57 -31.60
C ALA C 216 18.26 22.28 -31.13
N LYS C 217 17.40 22.38 -30.13
CA LYS C 217 16.66 21.23 -29.62
C LYS C 217 15.65 20.70 -30.62
N PHE C 218 15.04 21.61 -31.38
CA PHE C 218 14.12 21.19 -32.42
C PHE C 218 14.83 20.51 -33.58
N VAL C 219 15.99 21.04 -33.95
CA VAL C 219 16.83 20.37 -34.94
C VAL C 219 17.18 18.94 -34.50
N GLU C 220 17.55 18.77 -33.23
CA GLU C 220 17.81 17.44 -32.65
C GLU C 220 16.59 16.51 -32.72
N VAL C 221 15.40 17.07 -32.52
CA VAL C 221 14.15 16.32 -32.59
C VAL C 221 13.90 15.81 -34.00
N LEU C 222 14.12 16.68 -35.00
CA LEU C 222 14.04 16.33 -36.41
C LEU C 222 15.02 15.22 -36.80
N GLU C 223 16.25 15.33 -36.32
CA GLU C 223 17.30 14.35 -36.59
C GLU C 223 16.94 12.98 -36.04
N GLU C 224 16.32 12.97 -34.86
CA GLU C 224 15.83 11.75 -34.24
C GLU C 224 14.59 11.19 -34.94
N SER C 225 14.01 11.97 -35.85
CA SER C 225 12.80 11.58 -36.55
C SER C 225 13.08 10.94 -37.90
N GLY C 226 14.31 10.51 -38.10
CA GLY C 226 14.67 9.77 -39.31
C GLY C 226 14.93 10.66 -40.52
N LEU C 227 15.40 11.87 -40.23
CA LEU C 227 15.81 12.79 -41.28
C LEU C 227 17.24 12.43 -41.74
N PRO C 228 17.43 12.25 -43.07
CA PRO C 228 18.76 12.04 -43.65
C PRO C 228 19.64 13.27 -43.49
N LYS C 229 20.95 13.05 -43.49
CA LYS C 229 21.91 14.13 -43.24
C LYS C 229 21.83 15.22 -44.32
N GLY C 230 21.93 16.47 -43.86
CA GLY C 230 21.96 17.60 -44.78
C GLY C 230 20.61 18.15 -45.18
N VAL C 231 19.53 17.55 -44.69
CA VAL C 231 18.19 18.04 -45.00
C VAL C 231 17.88 19.23 -44.10
N VAL C 232 18.13 19.08 -42.81
CA VAL C 232 18.18 20.23 -41.94
C VAL C 232 19.64 20.52 -41.62
N ASN C 233 19.99 21.80 -41.71
CA ASN C 233 21.30 22.28 -41.31
C ASN C 233 21.02 23.43 -40.37
N PHE C 234 21.89 23.57 -39.37
CA PHE C 234 21.68 24.49 -38.26
C PHE C 234 22.87 25.43 -38.15
N VAL C 235 22.71 26.68 -38.58
CA VAL C 235 23.82 27.65 -38.65
C VAL C 235 23.48 29.04 -38.07
N PRO C 236 23.40 29.16 -36.74
CA PRO C 236 23.14 30.48 -36.18
C PRO C 236 24.36 31.39 -36.32
N GLY C 237 24.13 32.67 -36.58
CA GLY C 237 25.24 33.61 -36.78
C GLY C 237 24.71 35.01 -36.91
N SER C 238 25.57 35.92 -37.35
CA SER C 238 25.15 37.29 -37.60
C SER C 238 24.54 37.38 -38.99
N GLY C 239 23.53 38.23 -39.13
CA GLY C 239 22.97 38.57 -40.43
C GLY C 239 24.02 39.22 -41.32
N ALA C 240 24.95 39.92 -40.68
CA ALA C 240 26.07 40.59 -41.34
C ALA C 240 26.94 39.63 -42.19
N GLU C 241 27.55 38.62 -41.56
CA GLU C 241 28.41 37.72 -42.33
C GLU C 241 27.72 36.43 -42.84
N VAL C 242 26.72 35.94 -42.15
CA VAL C 242 26.06 34.70 -42.56
C VAL C 242 24.77 34.95 -43.33
N GLY C 243 23.90 35.79 -42.77
CA GLY C 243 22.58 36.06 -43.32
C GLY C 243 22.57 36.42 -44.79
N ASP C 244 23.28 37.50 -45.12
CA ASP C 244 23.37 37.98 -46.50
C ASP C 244 24.05 36.97 -47.42
N TYR C 245 24.98 36.21 -46.85
CA TYR C 245 25.65 35.14 -47.59
C TYR C 245 24.71 34.00 -48.03
N LEU C 246 23.83 33.55 -47.12
CA LEU C 246 22.85 32.49 -47.42
C LEU C 246 21.89 32.92 -48.50
N VAL C 247 21.44 34.17 -48.39
CA VAL C 247 20.48 34.75 -49.31
C VAL C 247 21.09 35.05 -50.69
N ASP C 248 22.39 35.32 -50.75
CA ASP C 248 23.04 35.62 -52.03
C ASP C 248 23.55 34.39 -52.77
N HIS C 249 23.60 33.24 -52.09
CA HIS C 249 24.20 32.05 -52.67
C HIS C 249 23.45 31.60 -53.93
N PRO C 250 24.19 31.28 -55.01
CA PRO C 250 23.57 30.87 -56.28
C PRO C 250 22.78 29.56 -56.25
N LYS C 251 22.91 28.79 -55.16
CA LYS C 251 22.21 27.53 -55.05
C LYS C 251 20.98 27.63 -54.14
N THR C 252 20.81 28.77 -53.47
CA THR C 252 19.61 29.05 -52.67
C THR C 252 18.42 29.30 -53.60
N SER C 253 17.35 28.54 -53.41
CA SER C 253 16.15 28.56 -54.27
C SER C 253 14.94 29.27 -53.65
N ILE C 254 14.73 29.06 -52.36
CA ILE C 254 13.70 29.74 -51.60
C ILE C 254 14.37 30.37 -50.35
N ILE C 255 13.97 31.59 -49.98
CA ILE C 255 14.18 32.10 -48.66
C ILE C 255 12.81 32.23 -47.99
N THR C 256 12.61 31.60 -46.83
CA THR C 256 11.35 31.78 -46.10
C THR C 256 11.59 32.56 -44.82
N PHE C 257 11.15 33.81 -44.81
CA PHE C 257 11.58 34.78 -43.81
C PHE C 257 10.44 35.29 -42.94
N THR C 258 10.65 35.37 -41.64
CA THR C 258 9.72 36.07 -40.74
C THR C 258 10.47 37.05 -39.83
N GLY C 259 10.00 38.30 -39.81
CA GLY C 259 10.63 39.31 -38.95
C GLY C 259 10.20 40.73 -39.23
N SER C 260 11.19 41.62 -39.36
CA SER C 260 10.93 43.05 -39.50
C SER C 260 10.92 43.47 -40.96
N ARG C 261 10.17 44.53 -41.23
CA ARG C 261 10.05 45.16 -42.53
C ARG C 261 11.41 45.53 -43.12
N GLU C 262 12.24 46.20 -42.31
CA GLU C 262 13.53 46.75 -42.73
C GLU C 262 14.47 45.67 -43.25
N VAL C 263 14.54 44.57 -42.51
CA VAL C 263 15.40 43.44 -42.86
C VAL C 263 14.78 42.66 -44.02
N GLY C 264 13.46 42.47 -43.96
CA GLY C 264 12.73 41.73 -45.00
C GLY C 264 12.82 42.35 -46.37
N THR C 265 12.82 43.68 -46.42
CA THR C 265 13.01 44.41 -47.67
C THR C 265 14.40 44.15 -48.25
N ARG C 266 15.42 44.18 -47.40
CA ARG C 266 16.81 43.92 -47.82
C ARG C 266 16.95 42.53 -48.46
N ILE C 267 16.31 41.53 -47.85
CA ILE C 267 16.29 40.14 -48.35
C ILE C 267 15.61 40.03 -49.72
N PHE C 268 14.48 40.72 -49.86
CA PHE C 268 13.66 40.67 -51.07
C PHE C 268 14.37 41.28 -52.29
N GLU C 269 15.17 42.32 -52.04
CA GLU C 269 15.98 42.98 -53.07
C GLU C 269 17.23 42.18 -53.46
N ARG C 270 17.85 41.53 -52.47
CA ARG C 270 19.05 40.75 -52.71
C ARG C 270 18.76 39.39 -53.35
N ALA C 271 17.56 38.86 -53.10
CA ALA C 271 17.18 37.53 -53.61
C ALA C 271 16.96 37.48 -55.12
N ALA C 272 16.17 38.41 -55.64
CA ALA C 272 15.87 38.51 -57.07
C ALA C 272 17.07 38.69 -58.00
N LYS C 273 18.19 39.11 -57.42
CA LYS C 273 19.44 39.24 -58.14
C LYS C 273 19.86 37.84 -58.60
N VAL C 274 20.27 37.74 -59.86
CA VAL C 274 20.67 36.45 -60.41
C VAL C 274 22.18 36.41 -60.57
N GLN C 275 22.82 35.74 -59.61
CA GLN C 275 24.26 35.73 -59.46
C GLN C 275 24.96 34.94 -60.57
N PRO C 276 26.29 35.14 -60.74
CA PRO C 276 26.98 34.29 -61.70
C PRO C 276 26.86 32.82 -61.32
N GLY C 277 26.56 31.99 -62.32
CA GLY C 277 26.37 30.56 -62.13
C GLY C 277 25.04 30.13 -61.52
N GLN C 278 24.10 31.07 -61.42
CA GLN C 278 22.79 30.79 -60.85
C GLN C 278 21.82 30.49 -61.98
N THR C 279 21.06 29.41 -61.84
CA THR C 279 20.23 28.91 -62.92
C THR C 279 18.77 28.74 -62.52
N HIS C 280 18.28 29.63 -61.65
CA HIS C 280 16.86 29.73 -61.32
C HIS C 280 16.55 31.11 -60.80
N LEU C 281 15.25 31.43 -60.76
CA LEU C 281 14.78 32.64 -60.08
C LEU C 281 14.46 32.30 -58.62
N LYS C 282 15.03 33.07 -57.69
CA LYS C 282 14.81 32.82 -56.25
C LYS C 282 13.42 33.27 -55.83
N GLN C 283 12.94 32.73 -54.73
CA GLN C 283 11.58 32.98 -54.28
C GLN C 283 11.60 33.32 -52.80
N VAL C 284 10.94 34.41 -52.45
CA VAL C 284 10.87 34.80 -51.07
C VAL C 284 9.44 34.63 -50.62
N ILE C 285 9.28 33.93 -49.49
CA ILE C 285 8.05 33.95 -48.74
C ILE C 285 8.37 34.79 -47.53
N ALA C 286 7.64 35.88 -47.32
CA ALA C 286 8.00 36.81 -46.26
C ALA C 286 6.83 37.37 -45.48
N GLU C 287 6.87 37.20 -44.17
CA GLU C 287 5.95 37.88 -43.29
C GLU C 287 6.81 38.93 -42.57
N MET C 288 6.44 40.20 -42.72
CA MET C 288 7.30 41.31 -42.26
C MET C 288 6.72 42.19 -41.16
N GLY C 289 5.77 41.64 -40.41
CA GLY C 289 5.17 42.35 -39.28
C GLY C 289 4.21 43.45 -39.68
N GLY C 290 3.56 44.06 -38.71
CA GLY C 290 2.56 45.08 -38.99
C GLY C 290 2.34 46.12 -37.90
N LYS C 291 1.50 47.09 -38.23
CA LYS C 291 1.08 48.14 -37.32
C LYS C 291 -0.44 47.99 -37.26
N ASP C 292 -0.91 47.21 -36.30
CA ASP C 292 -2.25 46.62 -36.33
C ASP C 292 -3.29 47.35 -35.50
N THR C 293 -4.54 47.28 -35.94
CA THR C 293 -5.56 48.21 -35.49
C THR C 293 -6.84 47.56 -34.97
N VAL C 294 -7.24 47.96 -33.76
CA VAL C 294 -8.54 47.60 -33.20
C VAL C 294 -9.50 48.79 -33.33
N VAL C 295 -10.40 48.69 -34.30
CA VAL C 295 -11.39 49.71 -34.54
C VAL C 295 -12.62 49.47 -33.67
N VAL C 296 -12.90 50.45 -32.82
CA VAL C 296 -14.09 50.41 -31.99
C VAL C 296 -15.01 51.54 -32.41
N ASP C 297 -16.17 51.19 -32.93
CA ASP C 297 -17.08 52.25 -33.34
C ASP C 297 -18.12 52.63 -32.27
N GLU C 298 -18.88 53.67 -32.59
CA GLU C 298 -19.96 54.26 -31.78
C GLU C 298 -20.81 53.25 -31.02
N ASP C 299 -21.23 52.20 -31.73
CA ASP C 299 -22.17 51.22 -31.19
C ASP C 299 -21.51 49.85 -31.06
N CYS C 300 -21.04 49.58 -29.86
CA CYS C 300 -20.25 48.37 -29.57
C CYS C 300 -20.61 47.84 -28.19
N ASP C 301 -19.98 46.73 -27.81
CA ASP C 301 -19.95 46.28 -26.43
C ASP C 301 -18.65 46.84 -25.89
N ILE C 302 -18.75 47.79 -24.95
CA ILE C 302 -17.58 48.53 -24.47
C ILE C 302 -16.60 47.65 -23.70
N GLU C 303 -17.11 46.68 -22.94
CA GLU C 303 -16.28 45.73 -22.22
C GLU C 303 -15.52 44.82 -23.16
N LEU C 304 -16.19 44.36 -24.21
CA LEU C 304 -15.56 43.54 -25.23
C LEU C 304 -14.55 44.36 -26.04
N ALA C 305 -14.88 45.62 -26.31
CA ALA C 305 -13.95 46.54 -26.97
C ALA C 305 -12.66 46.64 -26.15
N ALA C 306 -12.79 47.13 -24.91
CA ALA C 306 -11.68 47.31 -23.98
C ALA C 306 -10.83 46.06 -23.72
N GLN C 307 -11.49 44.90 -23.57
CA GLN C 307 -10.79 43.61 -23.44
C GLN C 307 -10.01 43.31 -24.71
N SER C 308 -10.66 43.55 -25.85
CA SER C 308 -10.07 43.25 -27.14
C SER C 308 -8.87 44.12 -27.46
N ILE C 309 -8.88 45.39 -27.07
CA ILE C 309 -7.66 46.19 -27.32
C ILE C 309 -6.54 45.79 -26.34
N PHE C 310 -6.91 45.40 -25.12
CA PHE C 310 -5.96 44.96 -24.09
C PHE C 310 -5.18 43.69 -24.49
N THR C 311 -5.89 42.67 -24.96
CA THR C 311 -5.31 41.41 -25.42
C THR C 311 -4.40 41.66 -26.63
N SER C 312 -4.85 42.52 -27.53
CA SER C 312 -4.10 42.84 -28.74
C SER C 312 -2.81 43.60 -28.45
N ALA C 313 -2.86 44.51 -27.47
CA ALA C 313 -1.72 45.35 -27.14
C ALA C 313 -0.65 44.63 -26.33
N PHE C 314 -1.05 43.70 -25.47
CA PHE C 314 -0.15 43.23 -24.42
C PHE C 314 0.07 41.72 -24.31
N GLY C 315 -0.60 40.95 -25.18
CA GLY C 315 -0.28 39.53 -25.35
C GLY C 315 1.19 39.39 -25.74
N PHE C 316 1.92 38.61 -24.95
CA PHE C 316 3.40 38.49 -25.00
C PHE C 316 4.13 39.84 -25.08
N ALA C 317 3.76 40.76 -24.18
CA ALA C 317 4.36 42.09 -24.06
C ALA C 317 4.38 42.93 -25.34
N GLY C 318 3.39 42.72 -26.21
CA GLY C 318 3.29 43.43 -27.49
C GLY C 318 4.39 43.17 -28.50
N GLN C 319 5.11 42.06 -28.31
CA GLN C 319 6.24 41.71 -29.18
C GLN C 319 5.79 40.82 -30.34
N LYS C 320 4.48 40.67 -30.48
CA LYS C 320 3.86 39.93 -31.58
C LYS C 320 3.90 40.77 -32.85
N CYS C 321 3.99 40.11 -34.00
CA CYS C 321 3.82 40.78 -35.29
C CYS C 321 2.36 41.23 -35.50
N SER C 322 1.44 40.48 -34.91
CA SER C 322 0.01 40.77 -34.97
C SER C 322 -0.48 41.75 -33.89
N ALA C 323 0.45 42.29 -33.09
CA ALA C 323 0.11 43.15 -31.94
C ALA C 323 -0.66 44.40 -32.32
N GLY C 324 -1.81 44.57 -31.68
CA GLY C 324 -2.71 45.69 -31.93
C GLY C 324 -2.27 46.91 -31.14
N SER C 325 -1.28 47.61 -31.68
CA SER C 325 -0.70 48.77 -31.04
C SER C 325 -1.40 50.07 -31.44
N ARG C 326 -2.55 49.94 -32.10
CA ARG C 326 -3.41 51.06 -32.47
C ARG C 326 -4.85 50.79 -32.06
N ALA C 327 -5.39 51.64 -31.20
CA ALA C 327 -6.82 51.60 -30.92
C ALA C 327 -7.48 52.85 -31.51
N VAL C 328 -8.26 52.64 -32.56
CA VAL C 328 -9.00 53.73 -33.21
C VAL C 328 -10.45 53.71 -32.74
N VAL C 329 -10.77 54.67 -31.90
CA VAL C 329 -11.98 54.65 -31.08
C VAL C 329 -12.86 55.85 -31.40
N HIS C 330 -14.15 55.57 -31.61
CA HIS C 330 -15.15 56.59 -31.92
C HIS C 330 -15.38 57.50 -30.71
N GLU C 331 -15.50 58.81 -30.99
CA GLU C 331 -15.59 59.87 -29.96
C GLU C 331 -16.62 59.63 -28.87
N LYS C 332 -17.72 58.96 -29.23
CA LYS C 332 -18.85 58.70 -28.33
C LYS C 332 -18.46 57.77 -27.18
N VAL C 333 -17.58 56.83 -27.45
CA VAL C 333 -17.14 55.89 -26.42
C VAL C 333 -15.66 56.03 -26.04
N TYR C 334 -14.97 56.98 -26.69
CA TYR C 334 -13.53 57.22 -26.50
C TYR C 334 -13.08 57.24 -25.05
N ASP C 335 -13.67 58.15 -24.27
CA ASP C 335 -13.32 58.30 -22.86
C ASP C 335 -13.63 57.05 -22.06
N GLU C 336 -14.77 56.42 -22.34
CA GLU C 336 -15.20 55.25 -21.57
C GLU C 336 -14.44 53.97 -21.90
N VAL C 337 -13.98 53.84 -23.15
CA VAL C 337 -13.17 52.70 -23.56
C VAL C 337 -11.73 52.83 -23.00
N LEU C 338 -11.14 54.01 -23.16
CA LEU C 338 -9.76 54.27 -22.71
C LEU C 338 -9.58 54.11 -21.20
N LYS C 339 -10.52 54.64 -20.43
CA LYS C 339 -10.55 54.51 -18.98
C LYS C 339 -10.68 53.05 -18.54
N ARG C 340 -11.36 52.24 -19.35
CA ARG C 340 -11.51 50.82 -19.03
C ARG C 340 -10.23 50.04 -19.33
N VAL C 341 -9.61 50.31 -20.48
CA VAL C 341 -8.35 49.69 -20.86
C VAL C 341 -7.25 49.93 -19.81
N ILE C 342 -7.17 51.16 -19.32
CA ILE C 342 -6.25 51.52 -18.23
C ILE C 342 -6.50 50.66 -16.99
N GLU C 343 -7.76 50.55 -16.61
CA GLU C 343 -8.22 49.76 -15.46
C GLU C 343 -7.73 48.33 -15.55
N ILE C 344 -7.87 47.71 -16.69
CA ILE C 344 -7.51 46.30 -16.91
C ILE C 344 -5.99 46.11 -16.96
N THR C 345 -5.30 47.07 -17.58
CA THR C 345 -3.84 47.02 -17.81
C THR C 345 -3.04 47.04 -16.51
N GLU C 346 -3.44 47.88 -15.57
CA GLU C 346 -2.68 47.98 -14.31
C GLU C 346 -3.18 47.09 -13.17
N SER C 347 -4.21 46.29 -13.46
CA SER C 347 -4.64 45.24 -12.53
C SER C 347 -3.85 43.95 -12.80
N LYS C 348 -3.05 43.95 -13.86
CA LYS C 348 -2.26 42.80 -14.28
C LYS C 348 -0.83 42.90 -13.78
N LYS C 349 -0.30 41.82 -13.21
CA LYS C 349 1.07 41.82 -12.67
C LYS C 349 2.14 41.48 -13.70
N VAL C 350 3.08 42.40 -13.84
CA VAL C 350 4.20 42.32 -14.77
C VAL C 350 5.46 41.89 -14.02
N GLY C 351 6.11 40.83 -14.48
CA GLY C 351 7.31 40.33 -13.79
C GLY C 351 7.97 39.09 -14.36
N GLU C 352 8.86 38.50 -13.57
CA GLU C 352 9.52 37.25 -13.91
C GLU C 352 8.45 36.15 -13.92
N PRO C 353 8.31 35.42 -15.05
CA PRO C 353 7.22 34.45 -15.18
C PRO C 353 7.47 33.14 -14.42
N ASP C 354 7.50 33.24 -13.09
CA ASP C 354 7.72 32.10 -12.19
C ASP C 354 6.42 31.41 -11.79
N SER C 355 5.29 32.00 -12.22
CA SER C 355 3.97 31.44 -11.94
C SER C 355 2.97 31.77 -13.05
N ALA C 356 1.81 31.12 -13.00
CA ALA C 356 0.77 31.26 -14.00
C ALA C 356 0.08 32.64 -14.02
N ASP C 357 0.07 33.33 -12.88
CA ASP C 357 -0.63 34.63 -12.81
C ASP C 357 0.20 35.86 -13.25
N VAL C 358 1.41 35.62 -13.73
CA VAL C 358 2.21 36.69 -14.35
C VAL C 358 1.77 36.88 -15.81
N TYR C 359 0.97 37.91 -16.07
CA TYR C 359 0.45 38.15 -17.43
C TYR C 359 1.54 38.60 -18.42
N MET C 360 2.56 39.31 -17.94
CA MET C 360 3.51 39.90 -18.85
C MET C 360 4.96 39.82 -18.38
N GLY C 361 5.77 39.08 -19.13
CA GLY C 361 7.22 39.05 -18.90
C GLY C 361 7.96 40.32 -19.34
N PRO C 362 9.29 40.23 -19.46
CA PRO C 362 10.12 41.33 -19.94
C PRO C 362 10.21 41.35 -21.46
N VAL C 363 10.88 42.36 -22.02
CA VAL C 363 11.22 42.35 -23.44
C VAL C 363 12.51 41.54 -23.65
N ILE C 364 12.82 41.25 -24.91
CA ILE C 364 13.78 40.20 -25.30
C ILE C 364 15.28 40.43 -24.97
N ASP C 365 15.77 41.65 -25.16
CA ASP C 365 17.17 42.00 -24.87
C ASP C 365 17.38 43.50 -24.58
N GLN C 366 18.63 43.91 -24.50
CA GLN C 366 18.98 45.31 -24.21
C GLN C 366 18.63 46.25 -25.36
N ALA C 367 18.94 45.83 -26.59
CA ALA C 367 18.71 46.63 -27.79
C ALA C 367 17.22 46.86 -28.07
N SER C 368 16.41 45.86 -27.73
CA SER C 368 14.95 45.99 -27.78
C SER C 368 14.48 47.00 -26.72
N PHE C 369 14.99 46.82 -25.49
CA PHE C 369 14.69 47.70 -24.35
C PHE C 369 14.97 49.17 -24.66
N ASN C 370 16.11 49.45 -25.31
CA ASN C 370 16.50 50.83 -25.66
C ASN C 370 15.55 51.51 -26.65
N LYS C 371 15.31 50.86 -27.78
CA LYS C 371 14.44 51.42 -28.81
C LYS C 371 12.96 51.47 -28.41
N ILE C 372 12.51 50.57 -27.55
CA ILE C 372 11.14 50.67 -27.00
C ILE C 372 11.05 51.89 -26.10
N MET C 373 12.08 52.09 -25.27
CA MET C 373 12.18 53.24 -24.39
C MET C 373 12.31 54.55 -25.18
N ASP C 374 12.97 54.44 -26.34
CA ASP C 374 13.08 55.53 -27.27
C ASP C 374 11.74 55.94 -27.84
N TYR C 375 10.90 54.98 -28.17
CA TYR C 375 9.54 55.20 -28.67
C TYR C 375 8.59 55.79 -27.62
N ILE C 376 8.84 55.49 -26.34
CA ILE C 376 8.03 56.03 -25.25
C ILE C 376 8.26 57.55 -25.08
N GLU C 377 9.52 57.97 -25.25
CA GLU C 377 9.86 59.39 -25.27
C GLU C 377 9.27 60.13 -26.49
N ILE C 378 9.18 59.42 -27.61
CA ILE C 378 8.51 59.91 -28.82
C ILE C 378 6.99 60.02 -28.57
N GLY C 379 6.47 59.07 -27.80
CA GLY C 379 5.07 59.09 -27.37
C GLY C 379 4.73 60.23 -26.43
N LYS C 380 5.66 60.61 -25.57
CA LYS C 380 5.50 61.71 -24.61
C LYS C 380 5.32 63.07 -25.28
N GLU C 381 5.91 63.24 -26.46
CA GLU C 381 5.74 64.46 -27.25
C GLU C 381 4.44 64.41 -28.06
N GLU C 382 4.26 63.32 -28.80
CA GLU C 382 3.15 63.18 -29.74
C GLU C 382 1.79 62.95 -29.09
N GLY C 383 1.77 62.48 -27.85
CA GLY C 383 0.52 62.15 -27.17
C GLY C 383 0.57 62.19 -25.66
N ARG C 384 -0.56 61.85 -25.04
CA ARG C 384 -0.71 61.91 -23.59
C ARG C 384 -0.47 60.55 -22.96
N LEU C 385 0.58 60.45 -22.14
CA LEU C 385 0.88 59.24 -21.39
C LEU C 385 -0.15 59.08 -20.28
N VAL C 386 -0.94 58.02 -20.33
CA VAL C 386 -2.01 57.82 -19.33
C VAL C 386 -1.85 56.55 -18.48
N SER C 387 -0.84 55.74 -18.83
CA SER C 387 -0.49 54.56 -18.07
C SER C 387 0.94 54.15 -18.39
N GLY C 388 1.62 53.54 -17.42
CA GLY C 388 2.97 52.99 -17.59
C GLY C 388 4.03 54.04 -17.88
N GLY C 389 4.92 53.71 -18.82
CA GLY C 389 5.99 54.62 -19.21
C GLY C 389 7.33 54.32 -18.56
N LYS C 390 7.32 53.57 -17.45
CA LYS C 390 8.53 53.28 -16.69
C LYS C 390 9.15 51.92 -17.02
N GLY C 391 10.47 51.82 -16.86
CA GLY C 391 11.19 50.58 -17.10
C GLY C 391 12.66 50.66 -16.73
N ASP C 392 13.15 49.63 -16.04
CA ASP C 392 14.58 49.53 -15.70
C ASP C 392 15.26 48.28 -16.28
N ASP C 393 16.49 48.48 -16.75
CA ASP C 393 17.32 47.40 -17.31
C ASP C 393 18.15 46.68 -16.23
N SER C 394 17.64 46.68 -15.00
CA SER C 394 18.38 46.32 -13.79
C SER C 394 18.61 44.81 -13.60
N LYS C 395 17.58 44.09 -13.18
CA LYS C 395 17.64 42.63 -13.04
C LYS C 395 17.31 41.96 -14.38
N GLY C 396 16.31 42.51 -15.06
CA GLY C 396 15.93 42.09 -16.40
C GLY C 396 15.53 43.28 -17.25
N TYR C 397 14.96 43.00 -18.42
CA TYR C 397 14.54 44.03 -19.36
C TYR C 397 13.06 44.33 -19.25
N PHE C 398 12.68 44.88 -18.09
CA PHE C 398 11.28 45.06 -17.74
C PHE C 398 10.75 46.43 -18.10
N ILE C 399 9.58 46.42 -18.75
CA ILE C 399 8.92 47.64 -19.20
C ILE C 399 7.44 47.54 -18.83
N GLU C 400 6.92 48.58 -18.18
CA GLU C 400 5.51 48.67 -17.85
C GLU C 400 4.67 48.72 -19.13
N PRO C 401 3.45 48.15 -19.09
CA PRO C 401 2.57 48.27 -20.23
C PRO C 401 2.12 49.73 -20.37
N THR C 402 2.42 50.31 -21.52
CA THR C 402 2.37 51.75 -21.71
C THR C 402 1.22 52.16 -22.65
N ILE C 403 0.38 53.09 -22.18
CA ILE C 403 -0.78 53.54 -22.94
C ILE C 403 -0.69 55.03 -23.28
N PHE C 404 -0.74 55.33 -24.57
CA PHE C 404 -0.74 56.72 -25.03
C PHE C 404 -2.08 57.06 -25.67
N ALA C 405 -2.66 58.19 -25.27
CA ALA C 405 -3.93 58.64 -25.83
C ALA C 405 -3.80 59.94 -26.61
N ASP C 406 -4.81 60.22 -27.43
CA ASP C 406 -4.98 61.48 -28.17
C ASP C 406 -3.90 61.71 -29.24
N LEU C 407 -3.61 60.66 -30.00
CA LEU C 407 -2.62 60.72 -31.09
C LEU C 407 -3.25 61.12 -32.40
N ASP C 408 -2.53 61.95 -33.16
CA ASP C 408 -2.85 62.23 -34.55
C ASP C 408 -2.64 60.93 -35.34
N PRO C 409 -3.55 60.62 -36.30
CA PRO C 409 -3.45 59.41 -37.12
C PRO C 409 -2.15 59.25 -37.89
N LYS C 410 -1.51 60.36 -38.25
CA LYS C 410 -0.27 60.31 -39.03
C LYS C 410 1.00 60.52 -38.20
N ALA C 411 0.88 60.45 -36.87
CA ALA C 411 2.03 60.53 -35.97
C ALA C 411 2.82 59.22 -35.99
N ARG C 412 4.03 59.24 -35.42
CA ARG C 412 4.99 58.13 -35.57
C ARG C 412 4.59 56.84 -34.85
N LEU C 413 4.02 56.98 -33.65
CA LEU C 413 3.52 55.84 -32.88
C LEU C 413 2.37 55.12 -33.58
N MET C 414 1.70 55.85 -34.46
CA MET C 414 0.56 55.34 -35.20
C MET C 414 1.01 54.66 -36.49
N GLN C 415 2.29 54.82 -36.83
CA GLN C 415 2.83 54.39 -38.11
C GLN C 415 3.93 53.35 -38.03
N GLU C 416 4.74 53.41 -36.97
CA GLU C 416 5.97 52.65 -36.91
C GLU C 416 5.90 51.41 -36.02
N GLU C 417 6.44 50.31 -36.54
CA GLU C 417 6.53 49.02 -35.85
C GLU C 417 7.37 49.18 -34.58
N ILE C 418 6.75 49.04 -33.41
CA ILE C 418 7.42 49.27 -32.12
C ILE C 418 7.96 47.98 -31.49
N PHE C 419 7.21 46.89 -31.63
CA PHE C 419 7.56 45.56 -31.02
C PHE C 419 7.70 45.58 -29.51
N GLY C 420 6.83 46.30 -28.82
CA GLY C 420 6.86 46.35 -27.36
C GLY C 420 5.51 46.66 -26.79
N PRO C 421 5.40 46.70 -25.44
CA PRO C 421 4.11 46.86 -24.76
C PRO C 421 3.59 48.29 -24.82
N VAL C 422 3.32 48.78 -26.04
CA VAL C 422 2.88 50.15 -26.27
C VAL C 422 1.61 50.13 -27.11
N VAL C 423 0.56 50.82 -26.65
CA VAL C 423 -0.64 51.04 -27.46
C VAL C 423 -0.99 52.54 -27.61
N ALA C 424 -1.35 52.93 -28.83
CA ALA C 424 -1.69 54.31 -29.18
C ALA C 424 -3.18 54.48 -29.47
N PHE C 425 -3.80 55.48 -28.84
CA PHE C 425 -5.21 55.79 -29.04
C PHE C 425 -5.41 56.99 -29.94
N SER C 426 -6.26 56.83 -30.94
CA SER C 426 -6.64 57.92 -31.83
C SER C 426 -8.16 58.02 -31.92
N LYS C 427 -8.66 59.25 -31.82
CA LYS C 427 -10.09 59.55 -31.79
C LYS C 427 -10.61 59.84 -33.19
N VAL C 428 -11.67 59.13 -33.57
CA VAL C 428 -12.39 59.43 -34.81
C VAL C 428 -13.85 59.80 -34.53
N SER C 429 -14.49 60.44 -35.51
CA SER C 429 -15.85 60.96 -35.32
C SER C 429 -16.92 60.19 -36.10
N SER C 430 -16.48 59.28 -36.99
CA SER C 430 -17.39 58.40 -37.71
C SER C 430 -16.70 57.10 -38.13
N PHE C 431 -17.51 56.11 -38.49
CA PHE C 431 -17.01 54.82 -38.97
C PHE C 431 -16.28 54.93 -40.31
N ASP C 432 -16.67 55.90 -41.14
CA ASP C 432 -15.97 56.17 -42.41
C ASP C 432 -14.57 56.71 -42.13
N GLU C 433 -14.44 57.51 -41.10
CA GLU C 433 -13.16 58.08 -40.67
C GLU C 433 -12.34 56.98 -40.08
N ALA C 434 -12.98 56.11 -39.34
CA ALA C 434 -12.34 54.99 -38.67
C ALA C 434 -11.63 54.05 -39.64
N LEU C 435 -12.25 53.79 -40.80
CA LEU C 435 -11.69 52.91 -41.83
C LEU C 435 -10.56 53.61 -42.57
N GLU C 436 -10.73 54.90 -42.83
CA GLU C 436 -9.69 55.74 -43.44
C GLU C 436 -8.38 55.67 -42.64
N VAL C 437 -8.49 55.77 -41.31
CA VAL C 437 -7.35 55.67 -40.43
C VAL C 437 -6.90 54.21 -40.33
N ALA C 438 -7.85 53.28 -40.23
CA ALA C 438 -7.52 51.85 -40.23
C ALA C 438 -6.56 51.48 -41.35
N ASN C 439 -6.80 51.99 -42.55
CA ASN C 439 -5.97 51.78 -43.74
C ASN C 439 -4.86 52.83 -43.96
N ASN C 440 -4.47 53.57 -42.93
CA ASN C 440 -3.51 54.66 -43.14
C ASN C 440 -2.03 54.27 -42.96
N THR C 441 -1.77 53.00 -42.63
CA THR C 441 -0.41 52.48 -42.48
C THR C 441 0.08 51.78 -43.74
N GLU C 442 1.38 51.50 -43.77
CA GLU C 442 2.03 50.78 -44.86
C GLU C 442 1.89 49.26 -44.70
N TYR C 443 1.18 48.83 -43.68
CA TYR C 443 1.06 47.42 -43.38
C TYR C 443 -0.35 46.92 -43.62
N GLY C 444 -0.50 45.61 -43.72
CA GLY C 444 -1.82 45.01 -43.94
C GLY C 444 -1.93 43.65 -43.31
N LEU C 445 -1.45 43.53 -42.08
CA LEU C 445 -1.42 42.24 -41.41
C LEU C 445 -2.75 41.95 -40.71
N THR C 446 -2.96 42.51 -39.52
CA THR C 446 -4.20 42.23 -38.76
C THR C 446 -5.03 43.47 -38.41
N GLY C 447 -6.32 43.22 -38.19
CA GLY C 447 -7.28 44.26 -37.93
C GLY C 447 -8.48 43.66 -37.23
N ALA C 448 -9.07 44.46 -36.35
CA ALA C 448 -10.27 44.08 -35.65
C ALA C 448 -11.30 45.20 -35.68
N VAL C 449 -12.56 44.81 -35.82
CA VAL C 449 -13.67 45.76 -35.72
C VAL C 449 -14.64 45.25 -34.64
N ILE C 450 -14.91 46.13 -33.67
CA ILE C 450 -15.85 45.89 -32.59
C ILE C 450 -17.09 46.76 -32.84
N THR C 451 -18.20 46.10 -33.15
CA THR C 451 -19.42 46.79 -33.54
C THR C 451 -20.66 45.91 -33.43
N LYS C 452 -21.78 46.57 -33.17
CA LYS C 452 -23.09 45.91 -33.14
C LYS C 452 -23.76 46.11 -34.51
N ASN C 453 -23.15 46.96 -35.33
CA ASN C 453 -23.69 47.34 -36.65
C ASN C 453 -23.32 46.35 -37.76
N ARG C 454 -24.33 45.63 -38.24
CA ARG C 454 -24.18 44.60 -39.26
C ARG C 454 -23.70 45.17 -40.60
N ASP C 455 -24.16 46.36 -40.94
CA ASP C 455 -23.74 47.07 -42.15
C ASP C 455 -22.26 47.42 -42.09
N HIS C 456 -21.80 47.84 -40.90
CA HIS C 456 -20.42 48.21 -40.66
C HIS C 456 -19.48 47.01 -40.73
N ILE C 457 -19.96 45.84 -40.31
CA ILE C 457 -19.22 44.59 -40.46
C ILE C 457 -19.01 44.28 -41.95
N ASN C 458 -20.08 44.33 -42.73
CA ASN C 458 -20.02 44.07 -44.17
C ASN C 458 -19.16 45.06 -44.92
N ARG C 459 -19.27 46.34 -44.55
CA ARG C 459 -18.37 47.38 -45.07
C ARG C 459 -16.91 47.02 -44.78
N ALA C 460 -16.61 46.65 -43.54
CA ALA C 460 -15.25 46.32 -43.15
C ALA C 460 -14.69 45.11 -43.88
N LYS C 461 -15.53 44.07 -44.04
CA LYS C 461 -15.15 42.86 -44.77
C LYS C 461 -14.54 43.22 -46.14
N GLN C 462 -15.18 44.15 -46.82
CA GLN C 462 -14.70 44.61 -48.12
C GLN C 462 -13.60 45.67 -47.99
N GLU C 463 -13.80 46.64 -47.08
CA GLU C 463 -13.04 47.92 -47.07
C GLU C 463 -11.81 48.00 -46.14
N PHE C 464 -11.81 47.22 -45.06
CA PHE C 464 -10.65 47.15 -44.16
C PHE C 464 -9.60 46.21 -44.78
N HIS C 465 -8.55 46.80 -45.35
CA HIS C 465 -7.51 46.04 -46.06
C HIS C 465 -6.35 45.57 -45.19
N VAL C 466 -6.56 44.41 -44.59
CA VAL C 466 -5.58 43.69 -43.80
C VAL C 466 -5.79 42.23 -44.14
N GLY C 467 -4.74 41.41 -44.02
CA GLY C 467 -4.83 39.98 -44.40
C GLY C 467 -5.71 39.16 -43.48
N ASN C 468 -5.74 39.56 -42.21
CA ASN C 468 -6.48 38.89 -41.16
C ASN C 468 -7.45 39.83 -40.47
N LEU C 469 -8.73 39.60 -40.71
CA LEU C 469 -9.76 40.51 -40.24
C LEU C 469 -10.65 39.82 -39.22
N TYR C 470 -10.70 40.43 -38.04
CA TYR C 470 -11.46 39.90 -36.92
C TYR C 470 -12.59 40.83 -36.48
N PHE C 471 -13.71 40.23 -36.16
CA PHE C 471 -14.88 40.96 -35.69
C PHE C 471 -15.24 40.52 -34.29
N ASN C 472 -15.49 41.52 -33.44
CA ASN C 472 -15.90 41.34 -32.05
C ASN C 472 -15.04 40.42 -31.16
N ARG C 473 -13.72 40.45 -31.41
CA ARG C 473 -12.68 39.84 -30.56
C ARG C 473 -11.32 40.54 -30.78
N ASN C 474 -10.26 40.01 -30.19
CA ASN C 474 -8.91 40.57 -30.37
C ASN C 474 -8.33 40.27 -31.76
N CYS C 475 -7.34 41.06 -32.17
CA CYS C 475 -6.73 40.85 -33.47
C CYS C 475 -5.49 39.95 -33.47
N THR C 476 -5.32 39.15 -32.41
CA THR C 476 -4.11 38.31 -32.28
C THR C 476 -4.33 36.79 -32.26
N GLY C 477 -5.57 36.33 -32.10
CA GLY C 477 -5.84 34.90 -31.96
C GLY C 477 -5.81 34.10 -33.25
N ALA C 478 -4.60 33.81 -33.75
CA ALA C 478 -4.41 33.15 -35.04
C ALA C 478 -4.06 31.66 -34.92
N ILE C 479 -5.02 30.81 -35.25
CA ILE C 479 -4.88 29.37 -35.05
C ILE C 479 -4.78 28.62 -36.39
N VAL C 480 -3.82 27.71 -36.48
CA VAL C 480 -3.52 26.91 -37.68
C VAL C 480 -4.74 26.11 -38.17
N GLY C 481 -5.06 26.28 -39.45
CA GLY C 481 -6.19 25.58 -40.08
C GLY C 481 -7.54 26.22 -39.81
N TYR C 482 -7.52 27.31 -39.05
CA TYR C 482 -8.72 28.03 -38.62
C TYR C 482 -8.64 29.45 -39.13
N HIS C 483 -7.49 30.09 -38.89
CA HIS C 483 -7.25 31.47 -39.30
C HIS C 483 -5.87 31.55 -39.93
N PRO C 484 -5.76 31.29 -41.25
CA PRO C 484 -4.45 31.33 -41.90
C PRO C 484 -3.85 32.73 -41.89
N PHE C 485 -2.55 32.81 -41.60
CA PHE C 485 -1.93 34.07 -41.18
C PHE C 485 -0.95 34.64 -42.22
N GLY C 486 -1.21 35.88 -42.62
CA GLY C 486 -0.33 36.57 -43.57
C GLY C 486 -1.01 37.85 -44.02
N GLY C 487 -0.22 38.82 -44.48
CA GLY C 487 -0.74 40.15 -44.78
C GLY C 487 -0.34 40.78 -46.10
N PHE C 488 -1.08 41.80 -46.51
CA PHE C 488 -0.78 42.54 -47.77
C PHE C 488 0.23 43.66 -47.48
N LYS C 489 0.57 44.41 -48.53
CA LYS C 489 1.40 45.61 -48.44
C LYS C 489 2.77 45.31 -47.87
N MET C 490 3.26 46.12 -46.93
CA MET C 490 4.61 45.89 -46.39
C MET C 490 4.63 44.83 -45.29
N SER C 491 3.48 44.21 -45.03
CA SER C 491 3.44 43.08 -44.10
C SER C 491 4.00 41.83 -44.75
N GLY C 492 4.27 41.92 -46.04
CA GLY C 492 4.92 40.82 -46.74
C GLY C 492 4.17 40.30 -47.93
N THR C 493 4.43 39.04 -48.26
CA THR C 493 4.01 38.42 -49.53
C THR C 493 2.69 37.65 -49.41
N ASP C 494 1.96 37.90 -48.32
CA ASP C 494 0.66 37.25 -48.05
C ASP C 494 0.66 35.73 -48.25
N SER C 495 1.67 35.08 -47.69
CA SER C 495 1.78 33.65 -47.78
C SER C 495 1.16 33.13 -46.51
N LYS C 496 -0.05 32.62 -46.63
CA LYS C 496 -0.86 32.34 -45.45
C LYS C 496 -0.41 31.05 -44.80
N ALA C 497 0.39 31.23 -43.74
CA ALA C 497 0.87 30.15 -42.93
C ALA C 497 -0.30 29.56 -42.19
N GLY C 498 -0.28 28.24 -42.01
CA GLY C 498 -1.42 27.52 -41.44
C GLY C 498 -2.63 27.66 -42.33
N GLY C 499 -2.39 27.71 -43.64
CA GLY C 499 -3.46 27.73 -44.65
C GLY C 499 -3.28 26.67 -45.71
N PRO C 500 -4.33 26.42 -46.51
CA PRO C 500 -4.33 25.41 -47.58
C PRO C 500 -3.45 25.73 -48.81
N ASP C 501 -3.04 26.97 -49.00
CA ASP C 501 -2.26 27.31 -50.19
C ASP C 501 -0.76 27.31 -49.91
N TYR C 502 -0.43 27.14 -48.64
CA TYR C 502 0.90 27.40 -48.12
C TYR C 502 2.00 26.48 -48.60
N LEU C 503 1.75 25.17 -48.63
CA LEU C 503 2.82 24.25 -49.01
C LEU C 503 3.17 24.37 -50.49
N ALA C 504 2.19 24.78 -51.30
CA ALA C 504 2.33 24.80 -52.76
C ALA C 504 3.30 25.88 -53.20
N LEU C 505 3.47 26.89 -52.34
CA LEU C 505 4.44 27.94 -52.52
C LEU C 505 5.85 27.37 -52.55
N HIS C 506 6.06 26.34 -51.74
CA HIS C 506 7.31 25.60 -51.65
C HIS C 506 7.53 24.57 -52.77
N MET C 507 6.53 24.35 -53.60
CA MET C 507 6.64 23.36 -54.66
C MET C 507 6.46 23.97 -56.02
N GLN C 508 6.91 23.27 -57.04
CA GLN C 508 6.57 23.70 -58.37
C GLN C 508 5.91 22.63 -59.19
N ALA C 509 4.79 23.01 -59.81
CA ALA C 509 3.88 22.07 -60.47
C ALA C 509 4.45 21.54 -61.77
N LYS C 510 4.07 20.29 -62.10
CA LYS C 510 4.59 19.58 -63.26
C LYS C 510 3.43 18.94 -64.03
N THR C 511 3.48 19.11 -65.35
CA THR C 511 2.48 18.57 -66.23
C THR C 511 3.11 17.42 -66.97
N ILE C 512 2.48 16.25 -66.86
CA ILE C 512 2.95 15.00 -67.46
C ILE C 512 1.86 14.43 -68.35
N SER C 513 2.19 14.29 -69.64
CA SER C 513 1.24 13.87 -70.63
C SER C 513 1.77 12.68 -71.42
N GLU C 514 1.01 11.58 -71.42
CA GLU C 514 1.34 10.42 -72.21
C GLU C 514 0.29 10.19 -73.28
N MET C 515 0.74 10.00 -74.52
CA MET C 515 -0.11 9.58 -75.64
C MET C 515 0.04 8.07 -75.86
N PHE C 516 -1.07 7.41 -76.20
CA PHE C 516 -1.03 5.97 -76.50
C PHE C 516 -1.10 5.69 -78.00
N PRO D 4 8.52 45.62 22.25
CA PRO D 4 7.55 46.37 21.45
C PRO D 4 6.69 45.46 20.58
N TYR D 5 5.39 45.41 20.89
CA TYR D 5 4.49 44.47 20.24
C TYR D 5 4.04 44.94 18.86
N LYS D 6 4.19 44.05 17.89
CA LYS D 6 3.53 44.17 16.58
C LYS D 6 2.93 42.81 16.22
N HIS D 7 1.88 42.82 15.41
CA HIS D 7 1.19 41.60 15.02
C HIS D 7 2.01 40.78 14.03
N GLU D 8 1.74 39.47 13.98
CA GLU D 8 2.43 38.58 13.05
C GLU D 8 1.99 38.85 11.63
N PRO D 9 2.97 39.05 10.71
CA PRO D 9 2.67 39.34 9.30
C PRO D 9 2.00 38.15 8.61
N PHE D 10 0.92 38.42 7.89
CA PHE D 10 0.27 37.43 7.04
C PHE D 10 1.19 37.05 5.87
N THR D 11 1.23 35.76 5.56
CA THR D 11 2.05 35.25 4.46
C THR D 11 1.45 35.67 3.11
N ASN D 12 2.25 36.34 2.28
CA ASN D 12 1.78 36.72 0.95
C ASN D 12 1.81 35.54 -0.02
N PHE D 13 0.63 35.09 -0.41
CA PHE D 13 0.48 33.92 -1.29
C PHE D 13 0.50 34.29 -2.78
N GLY D 14 0.59 35.59 -3.07
CA GLY D 14 0.84 36.07 -4.42
C GLY D 14 2.27 35.85 -4.88
N ILE D 15 3.11 35.34 -3.97
CA ILE D 15 4.51 34.97 -4.26
C ILE D 15 4.63 33.45 -4.31
N GLU D 16 5.31 32.94 -5.34
CA GLU D 16 5.53 31.51 -5.54
C GLU D 16 6.46 30.91 -4.47
N GLU D 17 7.42 31.71 -4.00
CA GLU D 17 8.38 31.27 -2.98
C GLU D 17 7.71 30.88 -1.64
N ASN D 18 6.68 31.63 -1.26
CA ASN D 18 5.85 31.33 -0.08
C ASN D 18 4.89 30.16 -0.32
N ARG D 19 4.41 30.06 -1.56
CA ARG D 19 3.41 29.06 -1.94
C ARG D 19 4.04 27.67 -2.01
N LYS D 20 5.31 27.62 -2.40
CA LYS D 20 6.10 26.38 -2.45
C LYS D 20 6.40 25.87 -1.03
N ALA D 21 6.69 26.79 -0.11
CA ALA D 21 6.96 26.46 1.28
C ALA D 21 5.74 25.92 2.03
N PHE D 22 4.56 26.43 1.68
CA PHE D 22 3.28 25.97 2.25
C PHE D 22 2.90 24.57 1.75
N GLU D 23 3.29 24.26 0.53
CA GLU D 23 2.98 22.97 -0.08
C GLU D 23 3.89 21.88 0.48
N LYS D 24 5.16 22.23 0.65
CA LYS D 24 6.14 21.35 1.32
C LYS D 24 5.61 20.98 2.71
N ALA D 25 5.14 21.99 3.43
CA ALA D 25 4.58 21.82 4.77
C ALA D 25 3.27 21.02 4.78
N LEU D 26 2.44 21.21 3.74
CA LEU D 26 1.19 20.46 3.59
C LEU D 26 1.44 18.98 3.27
N GLU D 27 2.50 18.72 2.51
CA GLU D 27 2.89 17.35 2.19
C GLU D 27 3.50 16.63 3.41
N THR D 28 4.29 17.35 4.20
CA THR D 28 4.84 16.84 5.46
C THR D 28 3.73 16.40 6.42
N VAL D 29 2.69 17.23 6.54
CA VAL D 29 1.52 16.95 7.36
C VAL D 29 0.72 15.75 6.81
N ASN D 30 0.54 15.74 5.48
CA ASN D 30 -0.08 14.62 4.76
C ASN D 30 0.57 13.27 5.03
N ASN D 31 1.91 13.27 5.09
CA ASN D 31 2.69 12.04 5.24
C ASN D 31 2.97 11.64 6.69
N GLU D 32 3.18 12.63 7.56
CA GLU D 32 3.74 12.37 8.89
C GLU D 32 2.84 12.74 10.08
N TRP D 33 1.92 13.70 9.91
CA TRP D 33 1.09 14.21 11.01
C TRP D 33 -0.26 13.49 11.16
N LEU D 34 -0.86 13.14 10.03
CA LEU D 34 -2.22 12.58 10.01
C LEU D 34 -2.32 11.14 10.50
N GLY D 35 -3.54 10.73 10.87
CA GLY D 35 -3.85 9.34 11.19
C GLY D 35 -3.50 8.87 12.60
N GLN D 36 -2.72 9.67 13.31
CA GLN D 36 -2.22 9.30 14.65
C GLN D 36 -3.28 9.37 15.73
N SER D 37 -2.98 8.76 16.86
CA SER D 37 -3.88 8.70 18.01
C SER D 37 -3.45 9.68 19.11
N TYR D 38 -4.41 10.32 19.76
CA TYR D 38 -4.11 11.33 20.77
C TYR D 38 -4.87 11.06 22.07
N PRO D 39 -4.14 10.81 23.16
CA PRO D 39 -4.71 10.55 24.48
C PRO D 39 -5.13 11.82 25.21
N LEU D 40 -5.90 11.63 26.28
CA LEU D 40 -6.21 12.66 27.25
C LEU D 40 -4.94 13.06 27.97
N VAL D 41 -4.91 14.27 28.51
CA VAL D 41 -3.80 14.66 29.34
C VAL D 41 -4.36 15.15 30.67
N ILE D 42 -4.11 14.38 31.73
CA ILE D 42 -4.57 14.74 33.07
C ILE D 42 -3.37 14.60 34.00
N ASP D 43 -3.05 15.69 34.69
CA ASP D 43 -1.92 15.77 35.65
C ASP D 43 -0.57 15.35 35.05
N GLY D 44 -0.37 15.69 33.78
CA GLY D 44 0.85 15.32 33.06
C GLY D 44 0.77 13.98 32.38
N GLU D 45 0.04 13.05 32.99
CA GLU D 45 -0.09 11.68 32.51
CA GLU D 45 -0.11 11.67 32.53
C GLU D 45 -1.02 11.59 31.30
N ARG D 46 -0.72 10.66 30.39
CA ARG D 46 -1.50 10.47 29.18
C ARG D 46 -2.47 9.28 29.33
N TYR D 47 -3.77 9.56 29.23
CA TYR D 47 -4.80 8.54 29.41
C TYR D 47 -5.45 8.17 28.06
N GLU D 48 -5.50 6.88 27.76
CA GLU D 48 -6.16 6.44 26.52
C GLU D 48 -7.44 5.68 26.84
N THR D 49 -8.52 5.97 26.12
CA THR D 49 -9.80 5.27 26.34
C THR D 49 -10.21 4.48 25.09
N GLU D 50 -11.14 3.55 25.25
CA GLU D 50 -11.60 2.70 24.15
C GLU D 50 -12.52 3.46 23.19
N ASN D 51 -13.56 4.10 23.75
CA ASN D 51 -14.39 5.02 23.01
C ASN D 51 -13.59 6.25 22.56
N LYS D 52 -13.68 6.57 21.27
CA LYS D 52 -12.84 7.61 20.66
C LYS D 52 -13.62 8.61 19.79
N ILE D 53 -13.05 9.79 19.60
CA ILE D 53 -13.58 10.77 18.64
C ILE D 53 -12.67 10.74 17.41
N VAL D 54 -13.27 10.42 16.27
CA VAL D 54 -12.54 10.35 15.01
C VAL D 54 -12.71 11.67 14.26
N SER D 55 -11.61 12.39 14.12
CA SER D 55 -11.60 13.64 13.37
C SER D 55 -11.30 13.37 11.89
N ILE D 56 -12.22 13.77 11.03
CA ILE D 56 -12.12 13.51 9.59
C ILE D 56 -11.94 14.80 8.82
N ASN D 57 -11.53 14.66 7.55
CA ASN D 57 -11.44 15.77 6.63
C ASN D 57 -12.84 16.19 6.15
N PRO D 58 -13.20 17.48 6.32
CA PRO D 58 -14.50 17.96 5.83
C PRO D 58 -14.58 18.13 4.31
N ALA D 59 -13.42 18.06 3.64
CA ALA D 59 -13.34 18.06 2.18
C ALA D 59 -13.29 16.64 1.62
N ASN D 60 -13.03 15.67 2.49
CA ASN D 60 -12.82 14.27 2.12
C ASN D 60 -13.23 13.38 3.28
N LYS D 61 -14.54 13.10 3.39
CA LYS D 61 -15.14 12.45 4.56
C LYS D 61 -14.68 11.03 4.90
N GLU D 62 -13.78 10.48 4.07
CA GLU D 62 -13.22 9.16 4.33
C GLU D 62 -11.74 9.19 4.76
N GLU D 63 -11.12 10.37 4.65
CA GLU D 63 -9.74 10.57 5.16
C GLU D 63 -9.73 11.00 6.63
N VAL D 64 -9.05 10.21 7.46
CA VAL D 64 -8.93 10.46 8.90
C VAL D 64 -7.75 11.41 9.20
N VAL D 65 -8.06 12.51 9.87
CA VAL D 65 -7.05 13.49 10.31
C VAL D 65 -6.39 13.00 11.60
N GLY D 66 -7.20 12.53 12.54
CA GLY D 66 -6.69 11.98 13.79
C GLY D 66 -7.80 11.38 14.62
N THR D 67 -7.40 10.50 15.54
CA THR D 67 -8.33 9.88 16.48
C THR D 67 -7.92 10.33 17.87
N VAL D 68 -8.92 10.63 18.70
CA VAL D 68 -8.68 11.22 20.00
C VAL D 68 -9.49 10.46 21.05
N SER D 69 -8.91 10.23 22.22
CA SER D 69 -9.64 9.62 23.34
C SER D 69 -10.82 10.47 23.84
N LYS D 70 -11.90 9.79 24.23
CA LYS D 70 -13.16 10.43 24.64
C LYS D 70 -13.31 10.28 26.16
N ALA D 71 -13.26 11.42 26.87
CA ALA D 71 -13.23 11.43 28.33
C ALA D 71 -14.58 11.11 28.98
N THR D 72 -14.54 10.40 30.10
CA THR D 72 -15.73 10.16 30.91
C THR D 72 -15.87 11.28 31.95
N GLN D 73 -16.92 11.20 32.77
CA GLN D 73 -17.09 12.14 33.88
C GLN D 73 -16.00 11.97 34.94
N ASP D 74 -15.55 10.72 35.11
CA ASP D 74 -14.46 10.42 36.03
C ASP D 74 -13.15 11.09 35.60
N HIS D 75 -12.91 11.16 34.29
CA HIS D 75 -11.74 11.85 33.75
C HIS D 75 -11.88 13.37 33.89
N ALA D 76 -13.12 13.85 33.77
CA ALA D 76 -13.43 15.26 33.99
C ALA D 76 -13.16 15.67 35.45
N GLU D 77 -13.66 14.86 36.40
CA GLU D 77 -13.39 15.03 37.83
C GLU D 77 -11.89 15.09 38.15
N LYS D 78 -11.14 14.16 37.55
CA LYS D 78 -9.69 14.08 37.74
C LYS D 78 -8.97 15.30 37.19
N ALA D 79 -9.44 15.82 36.04
CA ALA D 79 -8.87 17.00 35.43
C ALA D 79 -9.05 18.21 36.33
N ILE D 80 -10.27 18.36 36.86
CA ILE D 80 -10.62 19.43 37.80
C ILE D 80 -9.74 19.36 39.05
N GLN D 81 -9.59 18.15 39.59
CA GLN D 81 -8.79 17.93 40.81
C GLN D 81 -7.31 18.17 40.57
N ALA D 82 -6.82 17.76 39.41
CA ALA D 82 -5.44 18.00 39.02
C ALA D 82 -5.18 19.49 38.83
N ALA D 83 -6.13 20.17 38.18
CA ALA D 83 -6.04 21.61 37.96
C ALA D 83 -6.10 22.39 39.27
N ALA D 84 -6.95 21.92 40.20
CA ALA D 84 -7.08 22.57 41.51
C ALA D 84 -5.83 22.39 42.37
N LYS D 85 -5.26 21.19 42.35
CA LYS D 85 -4.06 20.91 43.12
C LYS D 85 -2.85 21.64 42.53
N ALA D 86 -2.84 21.78 41.21
CA ALA D 86 -1.76 22.49 40.53
C ALA D 86 -1.86 24.00 40.77
N PHE D 87 -3.08 24.50 40.88
CA PHE D 87 -3.34 25.91 41.14
C PHE D 87 -2.64 26.40 42.40
N GLU D 88 -2.54 25.54 43.42
CA GLU D 88 -2.00 25.92 44.72
CA GLU D 88 -2.01 25.96 44.71
C GLU D 88 -0.50 26.28 44.72
N THR D 89 0.20 25.97 43.64
CA THR D 89 1.59 26.44 43.51
C THR D 89 1.72 27.40 42.33
N TRP D 90 1.08 27.06 41.20
CA TRP D 90 1.08 27.89 39.99
C TRP D 90 0.62 29.33 40.22
N ARG D 91 -0.31 29.50 41.14
CA ARG D 91 -0.78 30.82 41.55
C ARG D 91 0.26 31.69 42.24
N TYR D 92 1.36 31.10 42.73
CA TYR D 92 2.43 31.85 43.39
C TYR D 92 3.67 32.08 42.51
N THR D 93 3.63 31.60 41.27
CA THR D 93 4.76 31.72 40.34
C THR D 93 4.90 33.16 39.85
N ASP D 94 6.14 33.62 39.71
CA ASP D 94 6.44 34.94 39.19
C ASP D 94 5.71 35.11 37.87
N PRO D 95 5.08 36.23 37.66
CA PRO D 95 4.49 36.52 36.34
C PRO D 95 5.48 36.61 35.17
N GLU D 96 6.75 36.87 35.46
CA GLU D 96 7.80 36.87 34.44
C GLU D 96 8.04 35.45 33.92
N GLU D 97 8.05 34.50 34.85
CA GLU D 97 8.25 33.08 34.53
C GLU D 97 7.04 32.48 33.83
N ARG D 98 5.86 32.95 34.22
CA ARG D 98 4.61 32.62 33.53
C ARG D 98 4.60 33.06 32.07
N ALA D 99 5.01 34.31 31.84
CA ALA D 99 5.09 34.88 30.49
C ALA D 99 6.13 34.17 29.62
N ALA D 100 7.15 33.59 30.27
CA ALA D 100 8.19 32.83 29.60
C ALA D 100 7.66 31.55 28.92
N VAL D 101 6.73 30.83 29.57
CA VAL D 101 6.09 29.66 28.94
C VAL D 101 5.46 30.04 27.59
N LEU D 102 4.66 31.11 27.60
CA LEU D 102 4.09 31.69 26.38
C LEU D 102 5.14 32.07 25.34
N PHE D 103 6.16 32.87 25.71
CA PHE D 103 7.21 33.33 24.77
C PHE D 103 7.97 32.23 24.05
N ARG D 104 8.31 31.16 24.75
CA ARG D 104 8.96 30.04 24.07
C ARG D 104 7.97 29.10 23.36
N ALA D 105 6.69 29.18 23.72
CA ALA D 105 5.64 28.48 22.96
C ALA D 105 5.35 29.20 21.64
N VAL D 106 5.33 30.52 21.67
CA VAL D 106 5.27 31.38 20.47
C VAL D 106 6.31 30.94 19.42
N ALA D 107 7.55 30.79 19.87
CA ALA D 107 8.68 30.47 18.99
C ALA D 107 8.54 29.11 18.30
N LYS D 108 8.03 28.11 19.04
CA LYS D 108 7.80 26.76 18.50
C LYS D 108 6.71 26.75 17.42
N VAL D 109 5.62 27.47 17.70
CA VAL D 109 4.53 27.63 16.73
C VAL D 109 5.00 28.43 15.50
N ARG D 110 5.77 29.51 15.73
CA ARG D 110 6.31 30.31 14.62
C ARG D 110 7.31 29.54 13.76
N ARG D 111 8.12 28.69 14.38
CA ARG D 111 9.04 27.82 13.65
C ARG D 111 8.29 26.84 12.75
N LYS D 112 7.19 26.30 13.25
CA LYS D 112 6.38 25.31 12.52
C LYS D 112 5.13 25.95 11.89
N LYS D 113 5.21 27.26 11.64
CA LYS D 113 4.08 28.10 11.21
C LYS D 113 3.20 27.50 10.12
N HIS D 114 3.83 27.13 9.00
CA HIS D 114 3.10 26.63 7.86
C HIS D 114 2.49 25.26 8.12
N GLU D 115 3.17 24.45 8.96
CA GLU D 115 2.74 23.09 9.25
C GLU D 115 1.52 23.06 10.18
N PHE D 116 1.47 23.99 11.13
CA PHE D 116 0.26 24.20 11.93
C PHE D 116 -0.91 24.66 11.06
N SER D 117 -0.64 25.59 10.15
CA SER D 117 -1.65 26.06 9.20
C SER D 117 -2.15 24.94 8.31
N ALA D 118 -1.23 24.08 7.87
CA ALA D 118 -1.56 22.95 7.01
C ALA D 118 -2.48 21.95 7.72
N LEU D 119 -2.36 21.86 9.04
CA LEU D 119 -3.23 21.00 9.84
C LEU D 119 -4.64 21.56 9.90
N LEU D 120 -4.75 22.89 9.94
CA LEU D 120 -6.04 23.57 9.90
C LEU D 120 -6.73 23.38 8.55
N VAL D 121 -5.93 23.37 7.49
CA VAL D 121 -6.40 23.09 6.14
C VAL D 121 -7.02 21.69 6.12
N LYS D 122 -6.32 20.73 6.75
CA LYS D 122 -6.74 19.35 6.77
C LYS D 122 -7.93 19.05 7.68
N GLU D 123 -7.97 19.70 8.84
CA GLU D 123 -8.98 19.38 9.85
C GLU D 123 -10.24 20.24 9.77
N ALA D 124 -10.08 21.52 9.43
CA ALA D 124 -11.21 22.44 9.36
C ALA D 124 -11.58 22.83 7.92
N GLY D 125 -10.89 22.26 6.95
CA GLY D 125 -11.15 22.52 5.53
C GLY D 125 -10.79 23.94 5.15
N LYS D 126 -9.74 24.47 5.78
CA LYS D 126 -9.46 25.89 5.72
C LYS D 126 -8.76 26.26 4.43
N PRO D 127 -9.24 27.32 3.76
CA PRO D 127 -8.47 27.95 2.68
C PRO D 127 -7.14 28.48 3.22
N TRP D 128 -6.11 28.40 2.38
CA TRP D 128 -4.71 28.66 2.75
C TRP D 128 -4.46 29.99 3.47
N ASN D 129 -5.11 31.06 3.01
CA ASN D 129 -4.98 32.37 3.65
C ASN D 129 -5.67 32.42 5.01
N GLU D 130 -6.76 31.67 5.14
CA GLU D 130 -7.59 31.64 6.35
C GLU D 130 -6.94 30.80 7.45
N ALA D 131 -6.19 29.79 7.03
CA ALA D 131 -5.40 28.97 7.94
C ALA D 131 -4.19 29.76 8.43
N ASP D 132 -3.54 30.45 7.50
CA ASP D 132 -2.40 31.32 7.79
C ASP D 132 -2.75 32.46 8.77
N ALA D 133 -3.95 33.03 8.62
CA ALA D 133 -4.42 34.10 9.48
C ALA D 133 -4.73 33.59 10.90
N ASP D 134 -5.29 32.38 10.96
CA ASP D 134 -5.62 31.69 12.20
C ASP D 134 -4.37 31.40 13.03
N THR D 135 -3.38 30.77 12.40
CA THR D 135 -2.10 30.47 13.06
C THR D 135 -1.39 31.74 13.51
N ALA D 136 -1.43 32.77 12.68
CA ALA D 136 -0.86 34.08 13.03
C ALA D 136 -1.57 34.75 14.22
N GLU D 137 -2.89 34.56 14.32
CA GLU D 137 -3.69 35.15 15.39
C GLU D 137 -3.44 34.44 16.73
N ALA D 138 -3.14 33.15 16.65
CA ALA D 138 -2.69 32.36 17.80
C ALA D 138 -1.34 32.87 18.30
N ILE D 139 -0.41 33.08 17.37
CA ILE D 139 0.90 33.68 17.66
C ILE D 139 0.74 35.01 18.39
N ASP D 140 -0.10 35.88 17.82
CA ASP D 140 -0.42 37.21 18.36
C ASP D 140 -0.99 37.19 19.78
N PHE D 141 -1.94 36.29 20.02
CA PHE D 141 -2.54 36.09 21.34
C PHE D 141 -1.46 35.79 22.38
N MET D 142 -0.55 34.89 22.03
CA MET D 142 0.50 34.45 22.91
C MET D 142 1.51 35.56 23.18
N GLU D 143 1.84 36.36 22.15
CA GLU D 143 2.76 37.51 22.29
C GLU D 143 2.18 38.67 23.11
N TYR D 144 0.91 38.96 22.87
CA TYR D 144 0.21 40.09 23.49
C TYR D 144 -0.16 39.79 24.94
N TYR D 145 -0.65 38.58 25.21
CA TYR D 145 -1.01 38.19 26.58
C TYR D 145 0.20 38.02 27.47
N ALA D 146 1.33 37.64 26.89
CA ALA D 146 2.56 37.55 27.65
C ALA D 146 3.00 38.94 28.11
N ARG D 147 2.96 39.93 27.21
CA ARG D 147 3.35 41.33 27.53
C ARG D 147 2.36 42.01 28.49
N GLN D 148 1.07 41.71 28.33
CA GLN D 148 0.02 42.24 29.20
C GLN D 148 0.17 41.75 30.64
N MET D 149 0.67 40.52 30.81
CA MET D 149 0.95 40.00 32.15
C MET D 149 2.11 40.69 32.87
N ILE D 150 3.15 41.06 32.12
CA ILE D 150 4.26 41.81 32.71
C ILE D 150 3.76 43.19 33.14
N GLU D 151 2.84 43.75 32.34
CA GLU D 151 2.17 45.01 32.65
C GLU D 151 1.28 44.95 33.91
N LEU D 152 0.46 43.91 34.01
CA LEU D 152 -0.44 43.70 35.15
C LEU D 152 0.27 43.42 36.47
N ALA D 153 1.52 42.98 36.38
CA ALA D 153 2.31 42.59 37.52
C ALA D 153 2.80 43.79 38.34
N LYS D 154 2.80 45.00 37.74
CA LYS D 154 3.14 46.20 38.51
C LYS D 154 1.95 46.86 39.22
N GLY D 155 0.73 46.46 38.83
CA GLY D 155 -0.48 46.94 39.49
C GLY D 155 -0.87 48.37 39.14
N LYS D 156 -1.87 48.91 39.83
CA LYS D 156 -2.33 50.28 39.58
C LYS D 156 -1.94 51.16 40.76
N PRO D 157 -1.50 52.40 40.48
CA PRO D 157 -1.15 53.25 41.60
C PRO D 157 -2.40 53.73 42.34
N VAL D 158 -2.38 53.61 43.67
CA VAL D 158 -3.41 54.24 44.49
C VAL D 158 -2.77 55.24 45.42
N ASN D 159 -3.58 56.10 46.01
CA ASN D 159 -3.09 57.10 46.95
C ASN D 159 -2.70 56.51 48.31
N SER D 160 -1.69 57.14 48.93
CA SER D 160 -1.20 56.75 50.24
C SER D 160 -1.04 57.97 51.14
N ARG D 161 -1.50 57.86 52.38
CA ARG D 161 -1.23 58.89 53.39
C ARG D 161 0.21 58.76 53.89
N GLU D 162 0.70 59.77 54.62
CA GLU D 162 2.00 59.66 55.28
C GLU D 162 1.94 58.56 56.34
N GLY D 163 2.99 57.76 56.43
CA GLY D 163 3.06 56.64 57.36
C GLY D 163 2.22 55.44 56.92
N GLU D 164 1.96 55.37 55.61
CA GLU D 164 1.03 54.41 55.03
C GLU D 164 1.47 54.05 53.61
N ARG D 165 1.38 52.75 53.29
CA ARG D 165 1.73 52.24 51.95
C ARG D 165 0.59 51.39 51.38
N ASN D 166 -0.10 51.93 50.38
CA ASN D 166 -1.24 51.26 49.75
C ASN D 166 -0.91 50.69 48.39
N GLN D 167 -1.36 49.46 48.14
CA GLN D 167 -1.05 48.77 46.89
C GLN D 167 -2.31 48.11 46.30
N TYR D 168 -2.36 48.10 44.97
CA TYR D 168 -3.48 47.52 44.23
C TYR D 168 -2.88 46.58 43.18
N VAL D 169 -2.77 45.31 43.55
CA VAL D 169 -2.17 44.31 42.68
C VAL D 169 -3.27 43.37 42.21
N TYR D 170 -2.92 42.43 41.31
CA TYR D 170 -3.88 41.46 40.75
C TYR D 170 -3.46 40.05 41.12
N THR D 171 -4.31 39.36 41.88
CA THR D 171 -4.00 38.01 42.30
C THR D 171 -4.69 37.03 41.33
N PRO D 172 -4.17 35.79 41.20
CA PRO D 172 -4.85 34.79 40.35
C PRO D 172 -6.14 34.26 40.97
N THR D 173 -7.01 33.65 40.16
CA THR D 173 -8.40 33.30 40.56
C THR D 173 -8.63 31.82 40.93
N GLY D 174 -8.40 30.90 40.01
CA GLY D 174 -8.68 29.47 40.28
C GLY D 174 -8.68 28.59 39.04
N VAL D 175 -9.41 27.48 39.13
CA VAL D 175 -9.62 26.57 37.99
C VAL D 175 -10.42 27.28 36.91
N THR D 176 -9.94 27.20 35.67
CA THR D 176 -10.63 27.77 34.51
C THR D 176 -11.06 26.67 33.52
N VAL D 177 -12.35 26.64 33.19
CA VAL D 177 -12.84 25.72 32.16
C VAL D 177 -12.94 26.40 30.79
N VAL D 178 -12.13 25.92 29.85
CA VAL D 178 -12.06 26.47 28.51
C VAL D 178 -12.83 25.60 27.52
N ILE D 179 -13.83 26.22 26.86
CA ILE D 179 -14.64 25.57 25.84
C ILE D 179 -14.59 26.40 24.55
N PRO D 180 -13.62 26.08 23.67
CA PRO D 180 -13.43 26.80 22.41
C PRO D 180 -14.34 26.28 21.28
N PRO D 181 -14.38 26.99 20.13
CA PRO D 181 -15.18 26.50 19.01
C PRO D 181 -14.34 25.80 17.94
N TRP D 182 -15.00 25.31 16.90
CA TRP D 182 -14.32 24.66 15.79
C TRP D 182 -13.84 25.63 14.71
N ASN D 183 -14.51 26.78 14.61
CA ASN D 183 -14.30 27.71 13.51
C ASN D 183 -12.96 28.46 13.52
N PHE D 184 -12.60 29.08 14.65
CA PHE D 184 -11.24 29.60 14.80
C PHE D 184 -10.44 28.65 15.68
N LEU D 185 -10.25 27.48 15.07
CA LEU D 185 -9.71 26.27 15.65
C LEU D 185 -8.37 26.38 16.37
N PHE D 186 -7.50 27.28 15.90
CA PHE D 186 -6.24 27.53 16.55
C PHE D 186 -6.38 28.74 17.48
N ALA D 187 -6.64 29.90 16.90
CA ALA D 187 -6.46 31.19 17.58
C ALA D 187 -7.29 31.38 18.83
N ILE D 188 -8.59 31.18 18.73
CA ILE D 188 -9.47 31.40 19.88
C ILE D 188 -9.27 30.29 20.93
N MET D 189 -9.00 29.08 20.44
CA MET D 189 -8.64 27.96 21.30
C MET D 189 -7.37 28.27 22.07
N ALA D 190 -6.35 28.73 21.36
CA ALA D 190 -5.07 29.08 21.99
C ALA D 190 -5.22 30.29 22.90
N GLY D 191 -6.00 31.28 22.44
CA GLY D 191 -6.19 32.56 23.14
C GLY D 191 -6.91 32.44 24.46
N THR D 192 -8.01 31.68 24.49
CA THR D 192 -8.76 31.46 25.73
C THR D 192 -8.08 30.39 26.58
N THR D 193 -7.02 29.79 26.04
CA THR D 193 -6.21 28.86 26.82
C THR D 193 -5.04 29.57 27.53
N VAL D 194 -4.23 30.33 26.78
CA VAL D 194 -3.03 30.93 27.41
C VAL D 194 -3.37 32.02 28.42
N ALA D 195 -4.43 32.76 28.15
CA ALA D 195 -4.83 33.90 28.96
C ALA D 195 -5.08 33.56 30.43
N PRO D 196 -5.93 32.54 30.73
CA PRO D 196 -6.00 32.15 32.12
C PRO D 196 -4.69 31.54 32.62
N ILE D 197 -4.02 30.77 31.78
CA ILE D 197 -2.78 30.15 32.18
C ILE D 197 -1.76 31.22 32.62
N VAL D 198 -1.50 32.23 31.77
CA VAL D 198 -0.49 33.27 32.10
C VAL D 198 -0.90 34.10 33.33
N THR D 199 -2.21 34.25 33.57
CA THR D 199 -2.71 34.94 34.75
C THR D 199 -2.66 34.16 36.07
N GLY D 200 -1.88 33.08 36.15
CA GLY D 200 -1.82 32.28 37.39
C GLY D 200 -2.96 31.26 37.54
N ASN D 201 -3.89 31.23 36.61
CA ASN D 201 -4.97 30.25 36.69
C ASN D 201 -4.55 28.93 36.07
N THR D 202 -5.22 27.86 36.47
CA THR D 202 -5.02 26.57 35.83
C THR D 202 -6.20 26.23 34.95
N VAL D 203 -5.98 25.34 33.99
CA VAL D 203 -6.94 25.12 32.92
C VAL D 203 -7.37 23.67 32.78
N VAL D 204 -8.67 23.49 32.55
CA VAL D 204 -9.18 22.27 31.96
C VAL D 204 -9.71 22.63 30.58
N LEU D 205 -9.12 22.03 29.55
CA LEU D 205 -9.49 22.33 28.17
C LEU D 205 -10.29 21.20 27.54
N LYS D 206 -11.55 21.49 27.22
CA LYS D 206 -12.41 20.56 26.49
C LYS D 206 -12.63 21.16 25.12
N PRO D 207 -11.84 20.72 24.11
CA PRO D 207 -11.94 21.33 22.78
C PRO D 207 -13.22 20.90 22.05
N ALA D 208 -13.51 21.62 20.97
CA ALA D 208 -14.58 21.25 20.04
C ALA D 208 -14.26 19.88 19.48
N SER D 209 -15.22 18.97 19.58
CA SER D 209 -15.01 17.58 19.11
C SER D 209 -15.10 17.46 17.59
N ALA D 210 -15.57 18.54 16.94
CA ALA D 210 -15.55 18.66 15.50
C ALA D 210 -14.11 18.72 14.98
N ALA D 211 -13.22 19.25 15.80
CA ALA D 211 -11.78 19.25 15.49
C ALA D 211 -10.82 19.37 16.69
N PRO D 212 -10.49 18.23 17.34
CA PRO D 212 -9.65 18.22 18.56
C PRO D 212 -8.13 18.11 18.35
N VAL D 213 -7.70 17.71 17.15
CA VAL D 213 -6.28 17.37 16.91
C VAL D 213 -5.31 18.54 17.10
N ILE D 214 -5.70 19.73 16.65
CA ILE D 214 -4.80 20.90 16.79
C ILE D 214 -4.71 21.38 18.24
N ALA D 215 -5.73 21.08 19.03
CA ALA D 215 -5.74 21.38 20.45
C ALA D 215 -4.78 20.45 21.20
N ALA D 216 -4.82 19.17 20.82
CA ALA D 216 -3.88 18.15 21.30
C ALA D 216 -2.44 18.52 20.99
N LYS D 217 -2.20 18.91 19.74
CA LYS D 217 -0.89 19.41 19.32
C LYS D 217 -0.48 20.68 20.07
N PHE D 218 -1.44 21.58 20.34
CA PHE D 218 -1.15 22.82 21.11
C PHE D 218 -0.80 22.56 22.58
N VAL D 219 -1.47 21.59 23.19
CA VAL D 219 -1.17 21.20 24.56
C VAL D 219 0.28 20.73 24.65
N GLU D 220 0.67 19.90 23.67
CA GLU D 220 2.04 19.41 23.56
C GLU D 220 3.07 20.55 23.50
N VAL D 221 2.78 21.60 22.73
CA VAL D 221 3.68 22.75 22.61
C VAL D 221 3.89 23.41 23.98
N LEU D 222 2.81 23.58 24.75
CA LEU D 222 2.86 24.23 26.06
C LEU D 222 3.63 23.41 27.08
N GLU D 223 3.41 22.10 27.08
CA GLU D 223 4.15 21.14 27.91
C GLU D 223 5.63 21.11 27.54
N GLU D 224 5.93 21.18 26.25
CA GLU D 224 7.32 21.20 25.79
C GLU D 224 7.98 22.50 26.21
N SER D 225 7.18 23.56 26.24
CA SER D 225 7.64 24.89 26.64
C SER D 225 7.82 25.01 28.16
N GLY D 226 7.33 24.01 28.90
CA GLY D 226 7.63 23.91 30.31
C GLY D 226 6.52 24.21 31.31
N LEU D 227 5.27 23.97 30.91
CA LEU D 227 4.15 24.01 31.85
C LEU D 227 4.23 22.80 32.76
N PRO D 228 4.26 23.03 34.09
CA PRO D 228 4.21 21.91 35.03
C PRO D 228 2.88 21.18 34.97
N LYS D 229 2.88 19.94 35.45
CA LYS D 229 1.74 19.04 35.33
C LYS D 229 0.49 19.56 36.04
N GLY D 230 -0.61 19.63 35.30
CA GLY D 230 -1.88 20.02 35.90
C GLY D 230 -2.36 21.41 35.50
N VAL D 231 -1.41 22.29 35.19
CA VAL D 231 -1.72 23.65 34.72
C VAL D 231 -2.61 23.62 33.47
N VAL D 232 -2.31 22.69 32.55
CA VAL D 232 -3.24 22.42 31.45
C VAL D 232 -3.69 20.96 31.47
N ASN D 233 -4.98 20.75 31.23
CA ASN D 233 -5.55 19.40 31.19
C ASN D 233 -6.45 19.24 29.98
N PHE D 234 -6.14 18.23 29.18
CA PHE D 234 -6.77 18.03 27.89
C PHE D 234 -7.80 16.91 27.95
N VAL D 235 -9.08 17.26 27.92
CA VAL D 235 -10.16 16.24 28.03
C VAL D 235 -11.30 16.43 27.01
N PRO D 236 -11.10 15.96 25.77
CA PRO D 236 -12.20 16.05 24.81
C PRO D 236 -13.34 15.09 25.14
N GLY D 237 -14.55 15.45 24.73
CA GLY D 237 -15.73 14.62 24.98
C GLY D 237 -17.01 15.33 24.61
N SER D 238 -18.13 14.69 24.92
CA SER D 238 -19.45 15.25 24.63
C SER D 238 -19.86 16.24 25.72
N GLY D 239 -20.59 17.29 25.30
CA GLY D 239 -21.06 18.34 26.19
C GLY D 239 -21.97 17.85 27.31
N ALA D 240 -22.76 16.82 27.01
CA ALA D 240 -23.67 16.21 27.99
C ALA D 240 -22.93 15.54 29.14
N GLU D 241 -21.89 14.79 28.82
CA GLU D 241 -21.09 14.11 29.85
C GLU D 241 -20.03 15.02 30.46
N VAL D 242 -19.18 15.60 29.61
CA VAL D 242 -18.03 16.35 30.09
C VAL D 242 -18.35 17.82 30.38
N GLY D 243 -18.91 18.51 29.39
CA GLY D 243 -19.14 19.96 29.43
C GLY D 243 -19.95 20.47 30.60
N ASP D 244 -21.16 19.92 30.76
CA ASP D 244 -22.03 20.27 31.88
C ASP D 244 -21.34 19.99 33.22
N TYR D 245 -20.70 18.82 33.33
CA TYR D 245 -19.97 18.44 34.55
C TYR D 245 -18.87 19.42 34.95
N LEU D 246 -18.05 19.81 33.96
CA LEU D 246 -16.97 20.76 34.18
C LEU D 246 -17.53 22.07 34.72
N VAL D 247 -18.51 22.60 34.00
CA VAL D 247 -19.21 23.85 34.34
C VAL D 247 -19.82 23.82 35.74
N ASP D 248 -20.55 22.75 36.05
CA ASP D 248 -21.27 22.60 37.33
C ASP D 248 -20.39 22.30 38.54
N HIS D 249 -19.09 22.04 38.32
CA HIS D 249 -18.20 21.64 39.41
C HIS D 249 -17.91 22.76 40.42
N PRO D 250 -18.08 22.48 41.73
CA PRO D 250 -17.87 23.46 42.80
C PRO D 250 -16.47 24.05 42.91
N LYS D 251 -15.49 23.44 42.26
CA LYS D 251 -14.12 23.94 42.26
C LYS D 251 -13.79 24.77 41.03
N THR D 252 -14.74 24.86 40.10
CA THR D 252 -14.61 25.63 38.88
C THR D 252 -14.84 27.12 39.17
N SER D 253 -13.88 27.96 38.80
CA SER D 253 -13.94 29.40 39.11
C SER D 253 -14.33 30.28 37.93
N ILE D 254 -13.67 30.06 36.78
CA ILE D 254 -13.91 30.81 35.57
C ILE D 254 -14.27 29.86 34.44
N ILE D 255 -15.36 30.12 33.72
CA ILE D 255 -15.61 29.39 32.49
C ILE D 255 -15.47 30.33 31.30
N THR D 256 -14.62 29.98 30.35
CA THR D 256 -14.44 30.80 29.14
C THR D 256 -14.85 30.06 27.85
N PHE D 257 -15.97 30.50 27.32
CA PHE D 257 -16.69 29.80 26.27
C PHE D 257 -16.67 30.62 24.99
N THR D 258 -16.45 29.96 23.87
CA THR D 258 -16.71 30.56 22.58
C THR D 258 -17.45 29.56 21.71
N GLY D 259 -18.64 29.96 21.26
CA GLY D 259 -19.48 29.09 20.45
C GLY D 259 -20.85 29.70 20.19
N SER D 260 -21.89 28.87 20.27
CA SER D 260 -23.24 29.30 19.90
C SER D 260 -24.01 29.94 21.06
N ARG D 261 -25.04 30.70 20.70
CA ARG D 261 -25.94 31.33 21.64
C ARG D 261 -26.65 30.33 22.54
N GLU D 262 -27.11 29.21 21.96
CA GLU D 262 -27.94 28.24 22.71
C GLU D 262 -27.17 27.44 23.76
N VAL D 263 -25.93 27.07 23.44
CA VAL D 263 -25.03 26.42 24.40
C VAL D 263 -24.58 27.44 25.45
N GLY D 264 -24.26 28.65 24.99
CA GLY D 264 -23.78 29.74 25.85
C GLY D 264 -24.77 30.24 26.88
N THR D 265 -26.05 30.23 26.52
CA THR D 265 -27.12 30.60 27.42
C THR D 265 -27.28 29.52 28.49
N ARG D 266 -27.16 28.27 28.08
CA ARG D 266 -27.18 27.12 28.98
C ARG D 266 -26.02 27.20 29.99
N ILE D 267 -24.83 27.55 29.50
CA ILE D 267 -23.63 27.68 30.33
C ILE D 267 -23.72 28.83 31.33
N PHE D 268 -24.23 29.98 30.88
CA PHE D 268 -24.40 31.16 31.73
C PHE D 268 -25.37 30.92 32.88
N GLU D 269 -26.45 30.18 32.61
CA GLU D 269 -27.45 29.84 33.62
C GLU D 269 -26.97 28.81 34.66
N ARG D 270 -26.21 27.82 34.21
CA ARG D 270 -25.72 26.74 35.09
C ARG D 270 -24.56 27.20 35.98
N ALA D 271 -23.77 28.15 35.47
CA ALA D 271 -22.58 28.64 36.16
C ALA D 271 -22.90 29.45 37.39
N ALA D 272 -23.89 30.33 37.27
CA ALA D 272 -24.30 31.19 38.38
C ALA D 272 -24.84 30.44 39.63
N LYS D 273 -25.35 29.23 39.42
CA LYS D 273 -25.84 28.38 40.51
C LYS D 273 -24.71 28.04 41.49
N VAL D 274 -24.90 28.39 42.76
CA VAL D 274 -23.94 28.06 43.81
C VAL D 274 -24.23 26.67 44.38
N GLN D 275 -23.39 25.72 43.98
CA GLN D 275 -23.53 24.31 44.31
C GLN D 275 -23.29 24.01 45.80
N PRO D 276 -23.81 22.87 46.30
CA PRO D 276 -23.41 22.41 47.63
C PRO D 276 -21.91 22.19 47.69
N GLY D 277 -21.25 22.85 48.63
CA GLY D 277 -19.80 22.78 48.75
C GLY D 277 -19.03 23.86 47.99
N GLN D 278 -19.73 24.62 47.15
CA GLN D 278 -19.12 25.73 46.41
C GLN D 278 -19.01 26.96 47.31
N THR D 279 -17.84 27.59 47.31
CA THR D 279 -17.56 28.77 48.16
C THR D 279 -17.05 29.99 47.38
N HIS D 280 -17.38 30.08 46.09
CA HIS D 280 -17.07 31.28 45.31
C HIS D 280 -18.18 31.61 44.33
N LEU D 281 -18.13 32.81 43.75
CA LEU D 281 -19.04 33.11 42.64
C LEU D 281 -18.31 32.86 41.33
N LYS D 282 -18.92 32.07 40.46
CA LYS D 282 -18.36 31.71 39.16
C LYS D 282 -18.42 32.86 38.16
N GLN D 283 -17.37 32.99 37.36
CA GLN D 283 -17.33 33.99 36.29
C GLN D 283 -17.40 33.32 34.93
N VAL D 284 -18.26 33.86 34.08
CA VAL D 284 -18.38 33.38 32.71
C VAL D 284 -17.90 34.46 31.74
N ILE D 285 -16.88 34.13 30.96
CA ILE D 285 -16.42 34.96 29.85
C ILE D 285 -16.92 34.35 28.55
N ALA D 286 -17.81 35.04 27.83
CA ALA D 286 -18.40 34.42 26.64
C ALA D 286 -18.48 35.26 25.37
N GLU D 287 -18.21 34.59 24.25
CA GLU D 287 -18.52 35.12 22.91
C GLU D 287 -19.48 34.16 22.27
N MET D 288 -20.66 34.65 21.94
CA MET D 288 -21.74 33.76 21.55
C MET D 288 -22.25 33.98 20.12
N GLY D 289 -21.35 34.43 19.25
CA GLY D 289 -21.66 34.64 17.84
C GLY D 289 -22.54 35.84 17.56
N GLY D 290 -22.79 36.12 16.29
CA GLY D 290 -23.63 37.23 15.90
C GLY D 290 -24.35 36.99 14.59
N LYS D 291 -25.20 37.95 14.24
CA LYS D 291 -25.86 38.01 12.94
C LYS D 291 -25.48 39.38 12.36
N ASP D 292 -24.38 39.41 11.60
CA ASP D 292 -23.66 40.66 11.36
C ASP D 292 -23.94 41.33 10.02
N THR D 293 -23.66 42.64 9.97
CA THR D 293 -24.24 43.49 8.95
C THR D 293 -23.25 44.47 8.31
N VAL D 294 -23.25 44.48 6.98
CA VAL D 294 -22.59 45.54 6.21
C VAL D 294 -23.64 46.51 5.67
N VAL D 295 -23.54 47.76 6.12
CA VAL D 295 -24.42 48.84 5.70
C VAL D 295 -23.75 49.57 4.55
N VAL D 296 -24.43 49.61 3.40
CA VAL D 296 -23.94 50.31 2.23
C VAL D 296 -24.90 51.44 1.88
N ASP D 297 -24.42 52.68 1.93
CA ASP D 297 -25.28 53.80 1.62
C ASP D 297 -25.11 54.35 0.20
N GLU D 298 -25.89 55.41 -0.10
CA GLU D 298 -25.98 56.05 -1.40
C GLU D 298 -24.65 56.59 -1.96
N ASP D 299 -23.85 57.22 -1.10
CA ASP D 299 -22.61 57.86 -1.54
C ASP D 299 -21.40 57.10 -0.99
N CYS D 300 -20.82 56.26 -1.85
CA CYS D 300 -19.73 55.36 -1.47
C CYS D 300 -18.85 55.03 -2.66
N ASP D 301 -17.80 54.24 -2.43
CA ASP D 301 -17.11 53.52 -3.50
C ASP D 301 -17.84 52.20 -3.66
N ILE D 302 -18.48 51.99 -4.82
CA ILE D 302 -19.33 50.81 -5.00
C ILE D 302 -18.52 49.51 -5.12
N GLU D 303 -17.27 49.63 -5.57
CA GLU D 303 -16.35 48.51 -5.65
C GLU D 303 -15.95 48.04 -4.26
N LEU D 304 -15.65 48.99 -3.38
CA LEU D 304 -15.31 48.69 -2.00
C LEU D 304 -16.49 48.04 -1.27
N ALA D 305 -17.68 48.57 -1.51
CA ALA D 305 -18.93 48.02 -0.96
C ALA D 305 -19.12 46.54 -1.32
N ALA D 306 -18.91 46.22 -2.59
CA ALA D 306 -19.03 44.85 -3.09
C ALA D 306 -17.92 43.94 -2.58
N GLN D 307 -16.71 44.46 -2.48
CA GLN D 307 -15.56 43.69 -1.98
C GLN D 307 -15.59 43.50 -0.46
N SER D 308 -16.47 44.23 0.22
CA SER D 308 -16.62 44.13 1.66
C SER D 308 -17.74 43.17 2.00
N ILE D 309 -18.87 43.30 1.31
CA ILE D 309 -19.97 42.34 1.41
C ILE D 309 -19.50 40.90 1.14
N PHE D 310 -18.70 40.73 0.08
CA PHE D 310 -18.20 39.41 -0.31
C PHE D 310 -17.24 38.77 0.69
N THR D 311 -16.21 39.53 1.10
CA THR D 311 -15.26 39.08 2.12
C THR D 311 -16.01 38.68 3.40
N SER D 312 -16.86 39.57 3.89
CA SER D 312 -17.64 39.36 5.11
C SER D 312 -18.56 38.15 5.08
N ALA D 313 -19.16 37.90 3.92
CA ALA D 313 -20.12 36.81 3.76
C ALA D 313 -19.46 35.46 3.60
N PHE D 314 -18.29 35.44 2.98
CA PHE D 314 -17.76 34.20 2.43
C PHE D 314 -16.34 33.81 2.82
N GLY D 315 -15.69 34.66 3.64
CA GLY D 315 -14.42 34.29 4.26
C GLY D 315 -14.61 33.11 5.20
N PHE D 316 -13.80 32.06 5.00
CA PHE D 316 -13.96 30.73 5.64
C PHE D 316 -15.41 30.16 5.58
N ALA D 317 -16.01 30.26 4.39
CA ALA D 317 -17.37 29.80 4.11
C ALA D 317 -18.46 30.33 5.06
N GLY D 318 -18.29 31.58 5.51
CA GLY D 318 -19.27 32.23 6.38
C GLY D 318 -19.44 31.60 7.75
N GLN D 319 -18.44 30.81 8.17
CA GLN D 319 -18.48 30.06 9.42
C GLN D 319 -17.85 30.82 10.58
N LYS D 320 -17.66 32.13 10.41
CA LYS D 320 -17.12 32.97 11.46
C LYS D 320 -18.25 33.55 12.31
N CYS D 321 -17.94 33.84 13.59
CA CYS D 321 -18.84 34.58 14.47
C CYS D 321 -19.14 35.94 13.83
N SER D 322 -18.09 36.52 13.25
CA SER D 322 -18.10 37.85 12.64
C SER D 322 -18.69 37.95 11.22
N ALA D 323 -19.22 36.83 10.71
CA ALA D 323 -19.69 36.73 9.32
C ALA D 323 -20.79 37.72 8.95
N GLY D 324 -20.54 38.49 7.90
CA GLY D 324 -21.50 39.49 7.43
C GLY D 324 -22.56 38.84 6.58
N SER D 325 -23.45 38.10 7.25
CA SER D 325 -24.52 37.37 6.57
C SER D 325 -25.71 38.29 6.23
N ARG D 326 -25.57 39.58 6.51
CA ARG D 326 -26.58 40.58 6.16
C ARG D 326 -25.97 41.74 5.37
N ALA D 327 -26.58 42.06 4.24
CA ALA D 327 -26.22 43.24 3.46
C ALA D 327 -27.38 44.21 3.43
N VAL D 328 -27.26 45.32 4.16
CA VAL D 328 -28.26 46.38 4.17
C VAL D 328 -27.81 47.47 3.19
N VAL D 329 -28.54 47.58 2.08
CA VAL D 329 -28.11 48.41 0.96
C VAL D 329 -29.15 49.46 0.62
N HIS D 330 -28.67 50.70 0.41
CA HIS D 330 -29.49 51.82 -0.01
C HIS D 330 -30.08 51.56 -1.38
N GLU D 331 -31.38 51.88 -1.53
CA GLU D 331 -32.15 51.64 -2.76
C GLU D 331 -31.57 52.20 -4.06
N LYS D 332 -30.76 53.25 -3.94
CA LYS D 332 -30.19 53.89 -5.12
C LYS D 332 -29.10 53.03 -5.74
N VAL D 333 -28.22 52.49 -4.89
CA VAL D 333 -27.07 51.71 -5.37
CA VAL D 333 -27.06 51.72 -5.32
C VAL D 333 -27.29 50.20 -5.16
N TYR D 334 -28.49 49.83 -4.70
CA TYR D 334 -28.87 48.43 -4.45
C TYR D 334 -28.66 47.46 -5.61
N ASP D 335 -29.05 47.87 -6.81
CA ASP D 335 -29.00 46.97 -7.96
C ASP D 335 -27.59 46.74 -8.50
N GLU D 336 -26.77 47.79 -8.47
CA GLU D 336 -25.41 47.73 -8.98
C GLU D 336 -24.49 46.95 -8.05
N VAL D 337 -24.62 47.20 -6.75
CA VAL D 337 -23.81 46.54 -5.73
C VAL D 337 -24.12 45.03 -5.69
N LEU D 338 -25.42 44.69 -5.68
CA LEU D 338 -25.85 43.29 -5.73
C LEU D 338 -25.30 42.56 -6.95
N LYS D 339 -25.44 43.18 -8.12
CA LYS D 339 -24.92 42.62 -9.38
C LYS D 339 -23.40 42.40 -9.33
N ARG D 340 -22.67 43.39 -8.80
CA ARG D 340 -21.24 43.26 -8.66
C ARG D 340 -20.86 42.14 -7.69
N VAL D 341 -21.56 42.03 -6.56
CA VAL D 341 -21.29 40.96 -5.58
C VAL D 341 -21.49 39.56 -6.18
N ILE D 342 -22.55 39.39 -6.97
CA ILE D 342 -22.79 38.12 -7.67
C ILE D 342 -21.65 37.79 -8.63
N GLU D 343 -21.15 38.78 -9.35
CA GLU D 343 -20.01 38.59 -10.27
C GLU D 343 -18.78 38.06 -9.53
N ILE D 344 -18.45 38.66 -8.40
CA ILE D 344 -17.28 38.30 -7.60
C ILE D 344 -17.44 36.91 -6.98
N THR D 345 -18.64 36.63 -6.48
CA THR D 345 -18.99 35.36 -5.84
C THR D 345 -18.80 34.16 -6.77
N GLU D 346 -19.38 34.21 -7.96
CA GLU D 346 -19.22 33.07 -8.87
C GLU D 346 -17.95 33.06 -9.73
N SER D 347 -17.09 34.05 -9.54
CA SER D 347 -15.76 34.07 -10.17
C SER D 347 -14.77 33.27 -9.34
N LYS D 348 -15.16 33.00 -8.10
CA LYS D 348 -14.29 32.38 -7.12
C LYS D 348 -14.37 30.85 -7.14
N LYS D 349 -13.21 30.22 -6.92
CA LYS D 349 -13.10 28.75 -6.89
C LYS D 349 -13.45 28.16 -5.52
N VAL D 350 -14.32 27.15 -5.56
CA VAL D 350 -14.83 26.49 -4.36
C VAL D 350 -14.56 25.00 -4.47
N GLY D 351 -13.87 24.45 -3.47
CA GLY D 351 -13.55 23.03 -3.48
C GLY D 351 -12.61 22.66 -2.36
N GLU D 352 -12.01 21.48 -2.50
CA GLU D 352 -11.00 21.00 -1.56
C GLU D 352 -9.81 21.98 -1.62
N PRO D 353 -9.36 22.48 -0.45
CA PRO D 353 -8.26 23.47 -0.40
C PRO D 353 -6.89 22.88 -0.77
N ASP D 354 -6.71 22.55 -2.05
CA ASP D 354 -5.50 21.88 -2.54
C ASP D 354 -4.40 22.87 -2.93
N SER D 355 -4.77 24.14 -3.04
CA SER D 355 -3.85 25.22 -3.38
C SER D 355 -4.35 26.59 -2.92
N ALA D 356 -3.55 27.61 -3.17
CA ALA D 356 -3.81 28.98 -2.70
C ALA D 356 -4.99 29.68 -3.39
N ASP D 357 -5.31 29.25 -4.62
CA ASP D 357 -6.39 29.88 -5.40
C ASP D 357 -7.78 29.29 -5.11
N VAL D 358 -7.88 28.33 -4.21
CA VAL D 358 -9.20 27.87 -3.74
C VAL D 358 -9.66 28.82 -2.64
N TYR D 359 -10.54 29.75 -3.00
CA TYR D 359 -11.02 30.77 -2.06
C TYR D 359 -11.85 30.21 -0.91
N MET D 360 -12.72 29.25 -1.22
CA MET D 360 -13.65 28.75 -0.22
C MET D 360 -13.63 27.23 -0.14
N GLY D 361 -13.47 26.74 1.09
CA GLY D 361 -13.52 25.31 1.35
C GLY D 361 -14.92 24.83 1.67
N PRO D 362 -15.03 23.65 2.30
CA PRO D 362 -16.29 23.09 2.75
C PRO D 362 -16.73 23.62 4.11
N VAL D 363 -17.95 23.27 4.51
CA VAL D 363 -18.42 23.46 5.88
C VAL D 363 -17.95 22.27 6.73
N ILE D 364 -18.12 22.37 8.05
CA ILE D 364 -17.41 21.51 8.99
C ILE D 364 -17.85 20.03 9.05
N ASP D 365 -19.15 19.77 9.16
CA ASP D 365 -19.66 18.40 9.28
C ASP D 365 -21.06 18.25 8.67
N GLN D 366 -21.58 17.02 8.75
CA GLN D 366 -22.89 16.67 8.20
C GLN D 366 -24.05 17.46 8.82
N ALA D 367 -24.01 17.60 10.14
CA ALA D 367 -25.08 18.30 10.87
C ALA D 367 -25.15 19.79 10.52
N SER D 368 -23.97 20.40 10.36
CA SER D 368 -23.85 21.80 9.95
C SER D 368 -24.32 21.96 8.52
N PHE D 369 -23.90 21.04 7.64
CA PHE D 369 -24.32 20.99 6.24
C PHE D 369 -25.83 21.02 6.12
N ASN D 370 -26.49 20.14 6.86
CA ASN D 370 -27.94 20.03 6.85
C ASN D 370 -28.68 21.29 7.34
N LYS D 371 -28.14 21.93 8.37
CA LYS D 371 -28.69 23.19 8.90
C LYS D 371 -28.67 24.32 7.86
N ILE D 372 -27.51 24.53 7.24
CA ILE D 372 -27.33 25.56 6.21
C ILE D 372 -28.27 25.29 5.02
N MET D 373 -28.32 24.02 4.62
CA MET D 373 -29.20 23.56 3.55
C MET D 373 -30.69 23.82 3.84
N ASP D 374 -31.07 23.70 5.12
CA ASP D 374 -32.43 24.05 5.56
C ASP D 374 -32.68 25.55 5.43
N TYR D 375 -31.68 26.37 5.77
CA TYR D 375 -31.78 27.81 5.64
C TYR D 375 -31.83 28.29 4.19
N ILE D 376 -31.22 27.55 3.30
CA ILE D 376 -31.28 27.84 1.87
C ILE D 376 -32.68 27.51 1.29
N GLU D 377 -33.36 26.54 1.90
CA GLU D 377 -34.76 26.24 1.54
C GLU D 377 -35.72 27.25 2.15
N ILE D 378 -35.47 27.62 3.41
CA ILE D 378 -36.26 28.65 4.13
C ILE D 378 -36.15 30.03 3.46
N GLY D 379 -34.95 30.33 2.95
CA GLY D 379 -34.68 31.55 2.21
C GLY D 379 -35.45 31.70 0.92
N LYS D 380 -35.84 30.57 0.31
CA LYS D 380 -36.65 30.58 -0.90
C LYS D 380 -38.10 31.05 -0.66
N GLU D 381 -38.62 30.78 0.54
CA GLU D 381 -39.91 31.32 0.96
C GLU D 381 -39.79 32.82 1.28
N GLU D 382 -38.70 33.20 1.93
CA GLU D 382 -38.54 34.56 2.46
C GLU D 382 -38.02 35.55 1.41
N GLY D 383 -37.14 35.09 0.52
CA GLY D 383 -36.56 35.97 -0.49
C GLY D 383 -36.35 35.29 -1.82
N ARG D 384 -35.53 35.92 -2.67
CA ARG D 384 -35.28 35.46 -4.02
C ARG D 384 -33.83 34.96 -4.13
N LEU D 385 -33.65 33.69 -4.51
CA LEU D 385 -32.34 33.13 -4.72
C LEU D 385 -31.73 33.67 -6.01
N VAL D 386 -30.59 34.35 -5.89
CA VAL D 386 -29.95 34.95 -7.07
C VAL D 386 -28.67 34.25 -7.51
N SER D 387 -27.91 33.76 -6.54
CA SER D 387 -26.69 33.00 -6.81
C SER D 387 -26.55 31.87 -5.80
N GLY D 388 -26.00 30.74 -6.23
CA GLY D 388 -25.68 29.62 -5.34
C GLY D 388 -26.87 28.73 -5.03
N GLY D 389 -26.89 28.18 -3.82
CA GLY D 389 -28.00 27.33 -3.38
C GLY D 389 -27.80 25.84 -3.54
N LYS D 390 -26.76 25.43 -4.27
CA LYS D 390 -26.44 24.02 -4.50
C LYS D 390 -25.50 23.51 -3.42
N GLY D 391 -25.73 22.28 -2.99
CA GLY D 391 -24.85 21.59 -2.04
C GLY D 391 -24.79 20.10 -2.29
N ASP D 392 -23.69 19.47 -1.91
CA ASP D 392 -23.55 18.01 -2.04
C ASP D 392 -22.69 17.35 -0.96
N ASP D 393 -23.32 16.41 -0.25
CA ASP D 393 -22.69 15.70 0.88
C ASP D 393 -21.99 14.38 0.51
N SER D 394 -21.63 14.20 -0.76
CA SER D 394 -21.06 12.93 -1.23
C SER D 394 -19.58 12.69 -0.89
N LYS D 395 -18.71 13.63 -1.27
CA LYS D 395 -17.27 13.51 -0.98
C LYS D 395 -16.90 14.32 0.27
N GLY D 396 -17.16 15.62 0.22
CA GLY D 396 -16.99 16.52 1.36
C GLY D 396 -18.26 17.31 1.63
N TYR D 397 -18.17 18.31 2.50
CA TYR D 397 -19.34 19.10 2.88
C TYR D 397 -19.41 20.44 2.13
N PHE D 398 -19.58 20.35 0.81
CA PHE D 398 -19.51 21.51 -0.06
C PHE D 398 -20.86 22.14 -0.34
N ILE D 399 -20.96 23.41 0.00
CA ILE D 399 -22.14 24.23 -0.29
C ILE D 399 -21.64 25.43 -1.09
N GLU D 400 -22.33 25.75 -2.18
CA GLU D 400 -22.04 26.92 -3.00
C GLU D 400 -22.19 28.22 -2.21
N PRO D 401 -21.37 29.25 -2.53
CA PRO D 401 -21.62 30.56 -1.92
C PRO D 401 -22.98 31.08 -2.39
N THR D 402 -23.85 31.40 -1.43
CA THR D 402 -25.27 31.61 -1.69
C THR D 402 -25.74 33.03 -1.35
N ILE D 403 -26.37 33.68 -2.31
CA ILE D 403 -26.89 35.03 -2.13
C ILE D 403 -28.41 35.04 -2.27
N PHE D 404 -29.08 35.67 -1.32
CA PHE D 404 -30.51 35.92 -1.37
C PHE D 404 -30.78 37.41 -1.39
N ALA D 405 -31.75 37.82 -2.19
CA ALA D 405 -32.08 39.24 -2.32
C ALA D 405 -33.50 39.53 -1.89
N ASP D 406 -33.76 40.82 -1.63
CA ASP D 406 -35.09 41.38 -1.36
C ASP D 406 -35.73 40.92 -0.04
N LEU D 407 -34.94 40.88 1.03
CA LEU D 407 -35.43 40.41 2.32
C LEU D 407 -36.07 41.50 3.17
N ASP D 408 -37.21 41.14 3.77
CA ASP D 408 -37.85 41.90 4.84
C ASP D 408 -36.89 41.91 6.05
N PRO D 409 -36.72 43.08 6.72
CA PRO D 409 -35.75 43.20 7.81
C PRO D 409 -35.98 42.27 9.00
N LYS D 410 -37.16 41.65 9.07
CA LYS D 410 -37.55 40.81 10.20
C LYS D 410 -37.65 39.34 9.80
N ALA D 411 -37.26 39.03 8.56
CA ALA D 411 -37.22 37.65 8.05
C ALA D 411 -36.21 36.81 8.82
N ARG D 412 -36.46 35.50 8.91
CA ARG D 412 -35.60 34.59 9.68
C ARG D 412 -34.16 34.61 9.19
N LEU D 413 -34.00 34.58 7.87
CA LEU D 413 -32.69 34.66 7.21
C LEU D 413 -31.94 35.96 7.53
N MET D 414 -32.67 36.94 8.04
CA MET D 414 -32.14 38.26 8.40
C MET D 414 -31.97 38.37 9.93
N GLN D 415 -32.27 37.28 10.63
CA GLN D 415 -32.31 37.28 12.09
C GLN D 415 -31.48 36.17 12.74
N GLU D 416 -31.58 34.96 12.19
CA GLU D 416 -30.98 33.77 12.76
C GLU D 416 -29.58 33.50 12.22
N GLU D 417 -28.66 33.15 13.12
CA GLU D 417 -27.27 32.82 12.78
C GLU D 417 -27.16 31.50 12.01
N ILE D 418 -26.76 31.60 10.74
CA ILE D 418 -26.71 30.45 9.83
C ILE D 418 -25.39 29.63 9.93
N PHE D 419 -24.27 30.33 10.13
CA PHE D 419 -22.92 29.71 10.19
C PHE D 419 -22.50 28.99 8.89
N GLY D 420 -22.97 29.51 7.76
CA GLY D 420 -22.62 28.98 6.45
C GLY D 420 -22.50 30.09 5.43
N PRO D 421 -22.17 29.73 4.17
CA PRO D 421 -21.94 30.73 3.15
C PRO D 421 -23.24 31.29 2.58
N VAL D 422 -24.00 32.02 3.40
CA VAL D 422 -25.26 32.64 2.99
C VAL D 422 -25.25 34.14 3.32
N VAL D 423 -25.62 34.98 2.34
CA VAL D 423 -25.91 36.41 2.60
C VAL D 423 -27.37 36.73 2.34
N ALA D 424 -27.87 37.75 3.03
CA ALA D 424 -29.20 38.28 2.79
C ALA D 424 -29.07 39.75 2.43
N PHE D 425 -29.70 40.13 1.33
CA PHE D 425 -29.77 41.51 0.89
C PHE D 425 -31.09 42.15 1.28
N SER D 426 -31.02 43.33 1.87
CA SER D 426 -32.21 44.11 2.23
C SER D 426 -32.04 45.56 1.83
N LYS D 427 -33.12 46.11 1.29
CA LYS D 427 -33.13 47.44 0.70
C LYS D 427 -33.67 48.48 1.69
N VAL D 428 -33.03 49.65 1.73
CA VAL D 428 -33.50 50.80 2.53
C VAL D 428 -33.54 52.07 1.69
N SER D 429 -34.43 53.00 2.05
CA SER D 429 -34.54 54.25 1.29
C SER D 429 -33.75 55.43 1.88
N SER D 430 -33.23 55.27 3.09
CA SER D 430 -32.36 56.29 3.72
C SER D 430 -31.30 55.68 4.64
N PHE D 431 -30.30 56.48 5.00
CA PHE D 431 -29.24 56.03 5.89
C PHE D 431 -29.75 55.78 7.31
N ASP D 432 -30.64 56.65 7.77
CA ASP D 432 -31.20 56.53 9.11
C ASP D 432 -32.11 55.31 9.26
N GLU D 433 -32.75 54.89 8.16
CA GLU D 433 -33.50 53.63 8.11
C GLU D 433 -32.55 52.42 8.15
N ALA D 434 -31.34 52.60 7.61
CA ALA D 434 -30.33 51.54 7.54
C ALA D 434 -29.77 51.21 8.92
N LEU D 435 -29.64 52.24 9.76
CA LEU D 435 -29.22 52.06 11.15
C LEU D 435 -30.24 51.32 11.99
N GLU D 436 -31.52 51.54 11.69
CA GLU D 436 -32.60 50.83 12.42
C GLU D 436 -32.68 49.35 12.04
N VAL D 437 -32.45 49.04 10.78
CA VAL D 437 -32.33 47.66 10.32
C VAL D 437 -31.06 47.03 10.89
N ALA D 438 -29.95 47.78 10.82
CA ALA D 438 -28.64 47.36 11.36
C ALA D 438 -28.66 46.95 12.84
N ASN D 439 -29.61 47.49 13.60
CA ASN D 439 -29.74 47.19 15.03
C ASN D 439 -30.93 46.31 15.38
N ASN D 440 -31.58 45.71 14.37
CA ASN D 440 -32.84 45.01 14.63
C ASN D 440 -32.74 43.60 15.19
N THR D 441 -31.52 43.06 15.28
CA THR D 441 -31.31 41.70 15.78
C THR D 441 -31.05 41.69 17.28
N GLU D 442 -30.93 40.49 17.82
CA GLU D 442 -30.66 40.25 19.23
C GLU D 442 -29.15 40.20 19.49
N TYR D 443 -28.36 40.35 18.43
CA TYR D 443 -26.90 40.32 18.51
C TYR D 443 -26.30 41.71 18.38
N GLY D 444 -25.02 41.85 18.71
CA GLY D 444 -24.31 43.13 18.60
C GLY D 444 -22.82 42.94 18.56
N LEU D 445 -22.36 42.07 17.64
CA LEU D 445 -20.95 41.71 17.56
C LEU D 445 -20.17 42.60 16.60
N THR D 446 -20.37 42.41 15.30
CA THR D 446 -19.67 43.21 14.30
C THR D 446 -20.57 43.92 13.29
N GLY D 447 -20.03 44.96 12.67
CA GLY D 447 -20.74 45.79 11.72
C GLY D 447 -19.79 46.64 10.90
N ALA D 448 -20.15 46.86 9.64
CA ALA D 448 -19.41 47.74 8.77
C ALA D 448 -20.34 48.71 8.08
N VAL D 449 -19.86 49.95 7.91
CA VAL D 449 -20.55 50.96 7.11
C VAL D 449 -19.66 51.37 5.93
N ILE D 450 -20.21 51.31 4.73
CA ILE D 450 -19.53 51.78 3.53
C ILE D 450 -20.14 53.11 3.07
N THR D 451 -19.35 54.19 3.23
CA THR D 451 -19.82 55.55 2.99
C THR D 451 -18.67 56.54 2.79
N LYS D 452 -18.97 57.65 2.11
CA LYS D 452 -18.02 58.74 1.93
C LYS D 452 -18.40 59.92 2.81
N ASN D 453 -19.49 59.74 3.55
CA ASN D 453 -20.12 60.80 4.35
C ASN D 453 -19.63 60.80 5.79
N ARG D 454 -18.90 61.87 6.16
CA ARG D 454 -18.35 62.06 7.50
C ARG D 454 -19.41 62.05 8.61
N ASP D 455 -20.56 62.67 8.32
CA ASP D 455 -21.69 62.72 9.26
C ASP D 455 -22.24 61.34 9.54
N HIS D 456 -22.36 60.55 8.48
CA HIS D 456 -22.90 59.19 8.56
C HIS D 456 -21.98 58.24 9.32
N ILE D 457 -20.67 58.52 9.25
CA ILE D 457 -19.68 57.79 10.03
C ILE D 457 -19.91 58.04 11.53
N ASN D 458 -20.09 59.31 11.90
CA ASN D 458 -20.23 59.72 13.29
C ASN D 458 -21.55 59.31 13.92
N ARG D 459 -22.63 59.37 13.14
CA ARG D 459 -23.92 58.80 13.56
C ARG D 459 -23.73 57.32 13.90
N ALA D 460 -23.08 56.59 13.00
CA ALA D 460 -22.81 55.17 13.19
C ALA D 460 -21.91 54.87 14.39
N LYS D 461 -20.90 55.73 14.63
CA LYS D 461 -20.00 55.55 15.78
C LYS D 461 -20.76 55.52 17.10
N GLN D 462 -21.84 56.32 17.18
CA GLN D 462 -22.72 56.37 18.34
C GLN D 462 -23.88 55.37 18.27
N GLU D 463 -24.56 55.32 17.13
CA GLU D 463 -25.80 54.54 16.98
C GLU D 463 -25.73 53.13 16.41
N PHE D 464 -24.65 52.78 15.71
CA PHE D 464 -24.45 51.39 15.29
C PHE D 464 -24.03 50.57 16.51
N HIS D 465 -25.01 49.94 17.16
CA HIS D 465 -24.77 49.20 18.39
C HIS D 465 -24.22 47.80 18.13
N VAL D 466 -22.96 47.76 17.74
CA VAL D 466 -22.16 46.53 17.71
C VAL D 466 -20.80 46.78 18.38
N GLY D 467 -20.18 45.73 18.88
CA GLY D 467 -18.92 45.82 19.63
C GLY D 467 -17.69 46.10 18.78
N ASN D 468 -17.71 45.56 17.56
CA ASN D 468 -16.68 45.78 16.56
C ASN D 468 -17.29 46.53 15.39
N LEU D 469 -16.84 47.77 15.17
CA LEU D 469 -17.42 48.64 14.15
C LEU D 469 -16.37 49.10 13.17
N TYR D 470 -16.59 48.81 11.91
CA TYR D 470 -15.59 49.05 10.89
C TYR D 470 -16.11 49.99 9.81
N PHE D 471 -15.25 50.89 9.37
CA PHE D 471 -15.63 51.80 8.30
C PHE D 471 -14.80 51.59 7.05
N ASN D 472 -15.51 51.51 5.92
CA ASN D 472 -14.91 51.36 4.59
C ASN D 472 -13.96 50.17 4.43
N ARG D 473 -14.42 49.03 4.95
CA ARG D 473 -13.74 47.74 4.85
C ARG D 473 -14.74 46.63 5.19
N ASN D 474 -14.26 45.38 5.28
CA ASN D 474 -15.09 44.25 5.69
C ASN D 474 -15.28 44.20 7.21
N CYS D 475 -16.32 43.48 7.65
CA CYS D 475 -16.62 43.37 9.08
C CYS D 475 -16.00 42.15 9.78
N THR D 476 -15.11 41.46 9.08
CA THR D 476 -14.31 40.39 9.66
C THR D 476 -12.84 40.82 9.71
N GLY D 477 -12.01 39.98 10.32
CA GLY D 477 -10.57 40.20 10.34
C GLY D 477 -10.12 41.15 11.43
N ALA D 478 -10.40 40.79 12.67
CA ALA D 478 -9.92 41.52 13.82
C ALA D 478 -8.51 41.05 14.12
N ILE D 479 -7.62 42.01 14.39
CA ILE D 479 -6.25 41.70 14.78
C ILE D 479 -5.99 42.05 16.25
N VAL D 480 -5.42 41.08 16.96
CA VAL D 480 -5.03 41.17 18.36
C VAL D 480 -4.20 42.44 18.64
N GLY D 481 -4.65 43.25 19.59
CA GLY D 481 -3.96 44.48 19.96
C GLY D 481 -4.21 45.66 19.03
N TYR D 482 -4.98 45.42 17.97
CA TYR D 482 -5.33 46.44 16.99
C TYR D 482 -6.83 46.63 17.00
N HIS D 483 -7.56 45.52 16.84
CA HIS D 483 -9.01 45.52 16.95
C HIS D 483 -9.49 44.51 17.99
N PRO D 484 -9.44 44.88 19.30
CA PRO D 484 -9.94 44.00 20.37
C PRO D 484 -11.36 43.54 20.08
N PHE D 485 -11.67 42.27 20.37
CA PHE D 485 -12.85 41.61 19.81
C PHE D 485 -13.85 41.10 20.85
N GLY D 486 -15.07 41.65 20.77
CA GLY D 486 -16.18 41.21 21.61
C GLY D 486 -17.43 42.02 21.33
N GLY D 487 -18.61 41.43 21.60
CA GLY D 487 -19.87 42.08 21.26
C GLY D 487 -20.94 42.16 22.34
N PHE D 488 -21.96 42.96 22.07
CA PHE D 488 -23.03 43.23 23.03
C PHE D 488 -24.16 42.23 22.91
N LYS D 489 -25.19 42.46 23.72
CA LYS D 489 -26.48 41.82 23.60
C LYS D 489 -26.36 40.28 23.70
N MET D 490 -26.88 39.54 22.72
CA MET D 490 -26.73 38.09 22.76
C MET D 490 -25.42 37.54 22.20
N SER D 491 -24.50 38.44 21.85
CA SER D 491 -23.15 38.04 21.44
C SER D 491 -22.19 37.88 22.62
N GLY D 492 -22.69 38.08 23.84
CA GLY D 492 -21.95 37.68 25.04
C GLY D 492 -21.65 38.76 26.06
N THR D 493 -20.54 38.59 26.78
CA THR D 493 -20.18 39.46 27.89
C THR D 493 -19.36 40.68 27.46
N ASP D 494 -19.12 40.82 26.15
CA ASP D 494 -18.28 41.88 25.58
C ASP D 494 -16.90 41.90 26.23
N SER D 495 -16.32 40.71 26.30
CA SER D 495 -15.03 40.51 26.91
C SER D 495 -14.01 40.58 25.79
N LYS D 496 -13.31 41.72 25.73
CA LYS D 496 -12.56 42.09 24.52
C LYS D 496 -11.21 41.40 24.38
N ALA D 497 -11.24 40.27 23.70
CA ALA D 497 -10.07 39.45 23.44
C ALA D 497 -9.08 40.19 22.56
N GLY D 498 -7.81 40.06 22.90
CA GLY D 498 -6.75 40.85 22.26
C GLY D 498 -6.90 42.32 22.57
N GLY D 499 -7.43 42.61 23.76
CA GLY D 499 -7.58 43.98 24.26
C GLY D 499 -6.83 44.20 25.56
N PRO D 500 -6.74 45.48 26.00
CA PRO D 500 -6.01 45.82 27.22
C PRO D 500 -6.76 45.51 28.52
N ASP D 501 -8.06 45.21 28.42
CA ASP D 501 -8.87 44.90 29.60
C ASP D 501 -9.03 43.39 29.84
N TYR D 502 -8.55 42.57 28.90
CA TYR D 502 -8.87 41.13 28.85
C TYR D 502 -8.32 40.25 29.98
N LEU D 503 -7.03 40.35 30.24
CA LEU D 503 -6.36 39.51 31.26
C LEU D 503 -6.78 39.85 32.67
N ALA D 504 -7.18 41.11 32.90
CA ALA D 504 -7.65 41.52 34.22
C ALA D 504 -8.99 40.87 34.58
N LEU D 505 -9.72 40.40 33.58
CA LEU D 505 -10.96 39.66 33.81
C LEU D 505 -10.73 38.29 34.42
N HIS D 506 -9.52 37.75 34.24
CA HIS D 506 -9.18 36.43 34.74
C HIS D 506 -8.59 36.48 36.15
N MET D 507 -8.42 37.70 36.65
CA MET D 507 -7.76 37.91 37.93
C MET D 507 -8.66 38.68 38.87
N GLN D 508 -8.50 38.44 40.17
CA GLN D 508 -9.22 39.27 41.12
C GLN D 508 -8.26 40.16 41.88
N ALA D 509 -8.56 41.46 41.90
CA ALA D 509 -7.63 42.49 42.42
C ALA D 509 -7.58 42.51 43.94
N LYS D 510 -6.43 42.91 44.50
CA LYS D 510 -6.18 42.92 45.95
C LYS D 510 -5.63 44.25 46.42
N THR D 511 -6.26 44.80 47.46
CA THR D 511 -5.76 45.98 48.12
C THR D 511 -4.97 45.49 49.31
N ILE D 512 -3.75 46.00 49.43
CA ILE D 512 -2.84 45.66 50.51
C ILE D 512 -2.37 46.98 51.14
N SER D 513 -2.52 47.11 52.46
CA SER D 513 -2.25 48.37 53.14
C SER D 513 -1.49 48.18 54.44
N GLU D 514 -0.35 48.86 54.56
CA GLU D 514 0.45 48.81 55.77
C GLU D 514 0.65 50.20 56.39
N MET D 515 0.33 50.32 57.69
CA MET D 515 0.71 51.48 58.50
C MET D 515 2.09 51.29 59.11
N PHE D 516 2.92 52.33 59.01
CA PHE D 516 4.26 52.29 59.58
C PHE D 516 4.33 53.09 60.87
N PRO E 4 -32.60 -27.94 -30.00
CA PRO E 4 -33.76 -27.07 -29.77
C PRO E 4 -33.41 -25.89 -28.86
N TYR E 5 -33.35 -24.70 -29.44
CA TYR E 5 -32.92 -23.49 -28.72
C TYR E 5 -33.92 -23.02 -27.66
N LYS E 6 -33.43 -22.95 -26.42
CA LYS E 6 -34.12 -22.24 -25.33
C LYS E 6 -33.20 -21.18 -24.76
N HIS E 7 -33.78 -20.05 -24.35
CA HIS E 7 -33.01 -18.93 -23.84
C HIS E 7 -32.50 -19.20 -22.43
N GLU E 8 -31.34 -18.61 -22.11
CA GLU E 8 -30.70 -18.76 -20.81
C GLU E 8 -31.56 -18.13 -19.73
N PRO E 9 -31.89 -18.92 -18.69
CA PRO E 9 -32.72 -18.48 -17.57
C PRO E 9 -32.09 -17.31 -16.81
N PHE E 10 -32.88 -16.26 -16.59
CA PHE E 10 -32.52 -15.18 -15.67
C PHE E 10 -32.45 -15.76 -14.27
N THR E 11 -31.41 -15.37 -13.55
CA THR E 11 -31.20 -15.81 -12.18
C THR E 11 -32.23 -15.18 -11.22
N ASN E 12 -33.00 -16.04 -10.56
CA ASN E 12 -33.95 -15.64 -9.51
C ASN E 12 -33.23 -15.12 -8.27
N PHE E 13 -33.25 -13.81 -8.06
CA PHE E 13 -32.64 -13.22 -6.87
C PHE E 13 -33.58 -13.20 -5.65
N GLY E 14 -34.68 -13.94 -5.76
CA GLY E 14 -35.62 -14.13 -4.65
C GLY E 14 -35.27 -15.33 -3.79
N ILE E 15 -34.44 -16.22 -4.34
CA ILE E 15 -33.90 -17.35 -3.58
C ILE E 15 -32.46 -17.10 -3.13
N GLU E 16 -32.23 -17.27 -1.82
CA GLU E 16 -31.00 -16.81 -1.14
C GLU E 16 -29.70 -17.47 -1.60
N GLU E 17 -29.77 -18.68 -2.14
CA GLU E 17 -28.59 -19.38 -2.68
C GLU E 17 -27.94 -18.56 -3.79
N ASN E 18 -28.78 -18.04 -4.69
CA ASN E 18 -28.34 -17.22 -5.82
C ASN E 18 -27.69 -15.90 -5.40
N ARG E 19 -28.28 -15.25 -4.40
CA ARG E 19 -27.76 -13.98 -3.86
C ARG E 19 -26.34 -14.11 -3.31
N LYS E 20 -26.12 -15.08 -2.43
CA LYS E 20 -24.81 -15.33 -1.82
C LYS E 20 -23.78 -15.78 -2.87
N ALA E 21 -24.25 -16.50 -3.89
CA ALA E 21 -23.39 -16.94 -5.01
C ALA E 21 -22.86 -15.77 -5.85
N PHE E 22 -23.72 -14.77 -6.11
CA PHE E 22 -23.35 -13.57 -6.87
C PHE E 22 -22.42 -12.69 -6.05
N GLU E 23 -22.71 -12.58 -4.75
CA GLU E 23 -21.89 -11.88 -3.77
C GLU E 23 -20.47 -12.46 -3.72
N LYS E 24 -20.40 -13.80 -3.78
CA LYS E 24 -19.13 -14.52 -3.83
C LYS E 24 -18.35 -14.17 -5.11
N ALA E 25 -19.05 -14.15 -6.24
CA ALA E 25 -18.46 -13.80 -7.53
C ALA E 25 -17.99 -12.35 -7.59
N LEU E 26 -18.76 -11.46 -6.97
CA LEU E 26 -18.43 -10.04 -6.90
C LEU E 26 -17.17 -9.81 -6.08
N GLU E 27 -17.05 -10.49 -4.95
CA GLU E 27 -15.82 -10.46 -4.13
C GLU E 27 -14.62 -11.13 -4.84
N THR E 28 -14.89 -12.19 -5.61
CA THR E 28 -13.86 -12.83 -6.45
C THR E 28 -13.32 -11.85 -7.50
N VAL E 29 -14.23 -11.10 -8.12
CA VAL E 29 -13.88 -10.13 -9.16
C VAL E 29 -13.25 -8.86 -8.56
N ASN E 30 -13.78 -8.42 -7.42
CA ASN E 30 -13.28 -7.24 -6.72
C ASN E 30 -11.76 -7.30 -6.44
N ASN E 31 -11.27 -8.48 -6.07
CA ASN E 31 -9.85 -8.71 -5.81
C ASN E 31 -9.07 -9.11 -7.05
N GLU E 32 -9.35 -10.32 -7.54
CA GLU E 32 -8.52 -11.01 -8.53
C GLU E 32 -8.60 -10.44 -9.94
N TRP E 33 -9.77 -9.95 -10.33
CA TRP E 33 -10.02 -9.49 -11.70
C TRP E 33 -9.68 -8.02 -11.90
N LEU E 34 -9.89 -7.22 -10.85
CA LEU E 34 -9.72 -5.77 -10.91
C LEU E 34 -8.27 -5.30 -10.95
N GLY E 35 -8.05 -4.18 -11.64
CA GLY E 35 -6.77 -3.47 -11.64
C GLY E 35 -5.71 -4.01 -12.60
N GLN E 36 -6.11 -4.89 -13.52
CA GLN E 36 -5.16 -5.51 -14.42
C GLN E 36 -5.05 -4.81 -15.77
N SER E 37 -4.00 -5.12 -16.51
CA SER E 37 -3.66 -4.41 -17.74
C SER E 37 -3.90 -5.28 -18.97
N TYR E 38 -4.43 -4.66 -20.02
CA TYR E 38 -4.87 -5.42 -21.20
C TYR E 38 -4.30 -4.87 -22.50
N PRO E 39 -3.52 -5.70 -23.21
CA PRO E 39 -2.95 -5.33 -24.50
C PRO E 39 -3.95 -5.46 -25.66
N LEU E 40 -3.58 -4.90 -26.80
CA LEU E 40 -4.28 -5.10 -28.07
C LEU E 40 -4.04 -6.53 -28.52
N VAL E 41 -5.00 -7.11 -29.22
CA VAL E 41 -4.78 -8.42 -29.79
C VAL E 41 -4.87 -8.29 -31.30
N ILE E 42 -3.74 -8.50 -31.97
CA ILE E 42 -3.61 -8.34 -33.41
C ILE E 42 -2.76 -9.51 -33.94
N ASP E 43 -3.36 -10.29 -34.83
CA ASP E 43 -2.76 -11.49 -35.43
C ASP E 43 -2.23 -12.49 -34.39
N GLY E 44 -3.03 -12.72 -33.35
CA GLY E 44 -2.66 -13.63 -32.26
C GLY E 44 -1.71 -13.05 -31.23
N GLU E 45 -1.20 -11.84 -31.49
CA GLU E 45 -0.14 -11.24 -30.67
C GLU E 45 -0.65 -10.14 -29.74
N ARG E 46 -0.01 -10.03 -28.59
CA ARG E 46 -0.35 -9.00 -27.61
C ARG E 46 0.53 -7.76 -27.80
N TYR E 47 -0.09 -6.64 -28.16
CA TYR E 47 0.62 -5.38 -28.35
C TYR E 47 0.36 -4.42 -27.20
N GLU E 48 1.43 -3.93 -26.59
CA GLU E 48 1.33 -2.95 -25.51
C GLU E 48 1.62 -1.58 -26.09
N THR E 49 0.95 -0.56 -25.57
CA THR E 49 1.28 0.83 -25.89
C THR E 49 1.46 1.58 -24.58
N GLU E 50 2.20 2.68 -24.61
CA GLU E 50 2.42 3.48 -23.41
C GLU E 50 1.19 4.34 -23.12
N ASN E 51 0.59 4.90 -24.18
CA ASN E 51 -0.70 5.59 -24.09
C ASN E 51 -1.83 4.63 -23.76
N LYS E 52 -2.59 4.93 -22.70
CA LYS E 52 -3.58 3.98 -22.19
C LYS E 52 -4.96 4.59 -21.92
N ILE E 53 -5.98 3.77 -22.15
CA ILE E 53 -7.36 4.09 -21.81
C ILE E 53 -7.62 3.53 -20.42
N VAL E 54 -7.95 4.40 -19.48
CA VAL E 54 -8.21 3.96 -18.11
C VAL E 54 -9.70 3.84 -17.87
N SER E 55 -10.15 2.62 -17.60
CA SER E 55 -11.56 2.33 -17.36
C SER E 55 -11.86 2.37 -15.88
N ILE E 56 -12.63 3.38 -15.49
CA ILE E 56 -12.97 3.61 -14.08
C ILE E 56 -14.32 2.99 -13.72
N ASN E 57 -14.61 2.95 -12.42
CA ASN E 57 -15.91 2.52 -11.92
C ASN E 57 -16.85 3.73 -11.89
N PRO E 58 -17.93 3.71 -12.69
CA PRO E 58 -18.87 4.85 -12.74
C PRO E 58 -19.68 5.10 -11.45
N ALA E 59 -19.60 4.18 -10.50
CA ALA E 59 -20.20 4.38 -9.16
C ALA E 59 -19.15 4.85 -8.15
N ASN E 60 -17.88 4.71 -8.49
CA ASN E 60 -16.76 5.16 -7.66
C ASN E 60 -15.59 5.56 -8.55
N LYS E 61 -15.57 6.83 -8.96
CA LYS E 61 -14.64 7.33 -10.00
C LYS E 61 -13.15 7.26 -9.65
N GLU E 62 -12.82 6.79 -8.44
CA GLU E 62 -11.44 6.59 -8.01
C GLU E 62 -10.95 5.15 -8.14
N GLU E 63 -11.87 4.19 -8.01
CA GLU E 63 -11.54 2.77 -8.24
C GLU E 63 -11.35 2.50 -9.73
N VAL E 64 -10.20 1.92 -10.06
CA VAL E 64 -9.86 1.58 -11.44
C VAL E 64 -10.23 0.12 -11.69
N VAL E 65 -11.00 -0.11 -12.75
CA VAL E 65 -11.40 -1.47 -13.14
C VAL E 65 -10.28 -2.10 -13.97
N GLY E 66 -9.81 -1.36 -14.97
CA GLY E 66 -8.69 -1.82 -15.78
C GLY E 66 -8.13 -0.72 -16.66
N THR E 67 -6.89 -0.91 -17.10
CA THR E 67 -6.27 -0.06 -18.11
C THR E 67 -6.07 -0.91 -19.36
N VAL E 68 -6.32 -0.32 -20.52
CA VAL E 68 -6.18 -1.01 -21.79
C VAL E 68 -5.31 -0.14 -22.71
N SER E 69 -4.51 -0.76 -23.58
CA SER E 69 -3.67 -0.04 -24.55
C SER E 69 -4.49 0.75 -25.59
N LYS E 70 -3.91 1.87 -26.03
CA LYS E 70 -4.58 2.79 -26.96
C LYS E 70 -3.97 2.64 -28.35
N ALA E 71 -4.70 1.98 -29.24
CA ALA E 71 -4.21 1.68 -30.59
C ALA E 71 -4.10 2.90 -31.48
N THR E 72 -3.17 2.84 -32.42
CA THR E 72 -2.92 3.91 -33.38
C THR E 72 -3.40 3.49 -34.75
N GLN E 73 -3.31 4.40 -35.72
CA GLN E 73 -3.64 4.12 -37.11
C GLN E 73 -2.84 2.94 -37.66
N ASP E 74 -1.56 2.91 -37.31
CA ASP E 74 -0.65 1.81 -37.64
C ASP E 74 -1.14 0.48 -37.06
N HIS E 75 -1.70 0.52 -35.85
CA HIS E 75 -2.24 -0.68 -35.23
C HIS E 75 -3.56 -1.11 -35.87
N ALA E 76 -4.38 -0.14 -36.24
CA ALA E 76 -5.61 -0.41 -37.00
C ALA E 76 -5.28 -1.02 -38.36
N GLU E 77 -4.27 -0.46 -39.04
CA GLU E 77 -3.72 -1.00 -40.30
C GLU E 77 -3.34 -2.46 -40.21
N LYS E 78 -2.56 -2.79 -39.19
CA LYS E 78 -2.03 -4.14 -38.99
C LYS E 78 -3.13 -5.16 -38.68
N ALA E 79 -4.15 -4.70 -37.96
CA ALA E 79 -5.29 -5.53 -37.57
C ALA E 79 -6.20 -5.86 -38.74
N ILE E 80 -6.39 -4.88 -39.62
CA ILE E 80 -7.22 -5.13 -40.78
C ILE E 80 -6.45 -5.97 -41.79
N GLN E 81 -5.13 -5.76 -41.89
CA GLN E 81 -4.28 -6.65 -42.69
C GLN E 81 -4.36 -8.08 -42.18
N ALA E 82 -4.26 -8.25 -40.87
CA ALA E 82 -4.37 -9.55 -40.20
C ALA E 82 -5.72 -10.21 -40.42
N ALA E 83 -6.79 -9.40 -40.41
CA ALA E 83 -8.15 -9.89 -40.60
C ALA E 83 -8.36 -10.34 -42.04
N ALA E 84 -7.81 -9.56 -42.97
CA ALA E 84 -7.87 -9.88 -44.40
C ALA E 84 -7.14 -11.16 -44.75
N LYS E 85 -5.99 -11.32 -44.11
CA LYS E 85 -5.08 -12.42 -44.34
C LYS E 85 -5.66 -13.69 -43.74
N ALA E 86 -6.30 -13.55 -42.58
CA ALA E 86 -6.92 -14.70 -41.91
C ALA E 86 -8.19 -15.14 -42.63
N PHE E 87 -8.86 -14.19 -43.30
CA PHE E 87 -10.04 -14.46 -44.09
C PHE E 87 -9.82 -15.48 -45.23
N GLU E 88 -8.64 -15.46 -45.85
CA GLU E 88 -8.33 -16.35 -46.98
C GLU E 88 -8.38 -17.86 -46.67
N THR E 89 -8.34 -18.22 -45.40
CA THR E 89 -8.51 -19.61 -44.99
C THR E 89 -9.81 -19.80 -44.19
N TRP E 90 -10.14 -18.84 -43.34
CA TRP E 90 -11.38 -18.87 -42.57
C TRP E 90 -12.63 -18.95 -43.43
N ARG E 91 -12.58 -18.24 -44.56
CA ARG E 91 -13.49 -18.36 -45.74
C ARG E 91 -14.03 -19.78 -45.98
N TYR E 92 -13.15 -20.76 -45.84
CA TYR E 92 -13.42 -22.11 -46.30
C TYR E 92 -13.62 -23.11 -45.17
N THR E 93 -13.45 -22.64 -43.92
CA THR E 93 -13.60 -23.50 -42.75
C THR E 93 -15.04 -23.99 -42.65
N ASP E 94 -15.19 -25.31 -42.40
CA ASP E 94 -16.50 -25.97 -42.27
C ASP E 94 -17.40 -25.20 -41.31
N PRO E 95 -18.65 -24.92 -41.74
CA PRO E 95 -19.62 -24.21 -40.90
C PRO E 95 -19.77 -24.79 -39.48
N GLU E 96 -19.77 -26.12 -39.37
CA GLU E 96 -19.80 -26.82 -38.07
C GLU E 96 -18.60 -26.50 -37.17
N GLU E 97 -17.43 -26.32 -37.78
CA GLU E 97 -16.21 -26.03 -37.02
C GLU E 97 -16.21 -24.60 -36.51
N ARG E 98 -16.85 -23.72 -37.27
CA ARG E 98 -17.04 -22.34 -36.88
C ARG E 98 -18.02 -22.24 -35.72
N ALA E 99 -19.14 -22.97 -35.86
CA ALA E 99 -20.18 -23.06 -34.83
C ALA E 99 -19.61 -23.62 -33.54
N ALA E 100 -18.71 -24.59 -33.67
CA ALA E 100 -18.04 -25.24 -32.54
C ALA E 100 -17.24 -24.24 -31.69
N VAL E 101 -16.58 -23.28 -32.33
CA VAL E 101 -15.87 -22.21 -31.60
C VAL E 101 -16.85 -21.45 -30.69
N LEU E 102 -18.06 -21.19 -31.19
CA LEU E 102 -19.10 -20.54 -30.41
C LEU E 102 -19.68 -21.43 -29.30
N PHE E 103 -19.93 -22.71 -29.59
CA PHE E 103 -20.48 -23.63 -28.58
C PHE E 103 -19.56 -23.86 -27.38
N ARG E 104 -18.26 -23.96 -27.66
CA ARG E 104 -17.24 -24.06 -26.62
C ARG E 104 -17.15 -22.77 -25.81
N ALA E 105 -17.23 -21.62 -26.49
CA ALA E 105 -17.26 -20.32 -25.84
C ALA E 105 -18.48 -20.12 -24.93
N VAL E 106 -19.66 -20.59 -25.33
CA VAL E 106 -20.87 -20.43 -24.50
C VAL E 106 -20.66 -21.11 -23.15
N ALA E 107 -20.07 -22.30 -23.19
CA ALA E 107 -19.77 -23.09 -21.99
C ALA E 107 -18.85 -22.33 -21.05
N LYS E 108 -17.79 -21.72 -21.59
CA LYS E 108 -16.85 -20.96 -20.77
C LYS E 108 -17.50 -19.78 -20.07
N VAL E 109 -18.30 -19.03 -20.83
CA VAL E 109 -19.12 -17.93 -20.29
C VAL E 109 -20.17 -18.42 -19.26
N ARG E 110 -20.94 -19.46 -19.61
CA ARG E 110 -21.96 -20.02 -18.71
C ARG E 110 -21.37 -20.50 -17.37
N ARG E 111 -20.19 -21.11 -17.45
CA ARG E 111 -19.43 -21.55 -16.28
C ARG E 111 -19.08 -20.36 -15.36
N LYS E 112 -18.66 -19.25 -15.96
CA LYS E 112 -18.23 -18.06 -15.22
C LYS E 112 -19.29 -16.94 -15.24
N LYS E 113 -20.56 -17.35 -15.34
CA LYS E 113 -21.73 -16.47 -15.51
C LYS E 113 -21.79 -15.29 -14.56
N HIS E 114 -21.79 -15.59 -13.26
CA HIS E 114 -21.92 -14.56 -12.21
C HIS E 114 -20.67 -13.70 -12.11
N GLU E 115 -19.54 -14.25 -12.53
CA GLU E 115 -18.27 -13.54 -12.50
C GLU E 115 -18.16 -12.54 -13.66
N PHE E 116 -18.71 -12.89 -14.82
CA PHE E 116 -18.76 -11.94 -15.93
C PHE E 116 -19.73 -10.82 -15.63
N SER E 117 -20.88 -11.18 -15.07
CA SER E 117 -21.91 -10.23 -14.65
C SER E 117 -21.33 -9.22 -13.67
N ALA E 118 -20.52 -9.70 -12.73
CA ALA E 118 -19.94 -8.86 -11.67
C ALA E 118 -18.96 -7.83 -12.21
N LEU E 119 -18.31 -8.15 -13.33
CA LEU E 119 -17.44 -7.22 -14.02
C LEU E 119 -18.22 -6.06 -14.67
N LEU E 120 -19.46 -6.34 -15.08
CA LEU E 120 -20.33 -5.30 -15.66
C LEU E 120 -20.86 -4.37 -14.59
N VAL E 121 -21.01 -4.90 -13.37
CA VAL E 121 -21.37 -4.12 -12.20
C VAL E 121 -20.25 -3.11 -11.90
N LYS E 122 -19.00 -3.55 -11.99
CA LYS E 122 -17.86 -2.70 -11.68
C LYS E 122 -17.53 -1.71 -12.80
N GLU E 123 -17.63 -2.18 -14.04
CA GLU E 123 -17.20 -1.37 -15.17
C GLU E 123 -18.30 -0.48 -15.73
N ALA E 124 -19.56 -0.84 -15.51
CA ALA E 124 -20.69 -0.08 -16.08
C ALA E 124 -21.73 0.38 -15.05
N GLY E 125 -21.57 -0.05 -13.80
CA GLY E 125 -22.48 0.36 -12.73
C GLY E 125 -23.83 -0.30 -12.83
N LYS E 126 -23.86 -1.49 -13.43
CA LYS E 126 -25.13 -2.15 -13.70
C LYS E 126 -25.69 -2.78 -12.43
N PRO E 127 -27.01 -2.64 -12.22
CA PRO E 127 -27.70 -3.41 -11.19
C PRO E 127 -27.55 -4.92 -11.45
N TRP E 128 -27.62 -5.70 -10.38
CA TRP E 128 -27.32 -7.14 -10.41
C TRP E 128 -28.15 -7.90 -11.43
N ASN E 129 -29.45 -7.58 -11.49
CA ASN E 129 -30.35 -8.23 -12.43
C ASN E 129 -30.05 -7.82 -13.87
N GLU E 130 -29.62 -6.57 -14.07
CA GLU E 130 -29.28 -6.03 -15.39
C GLU E 130 -27.97 -6.62 -15.89
N ALA E 131 -27.04 -6.84 -14.96
CA ALA E 131 -25.78 -7.50 -15.26
C ALA E 131 -25.99 -8.96 -15.64
N ASP E 132 -26.85 -9.63 -14.86
CA ASP E 132 -27.23 -11.03 -15.09
C ASP E 132 -27.89 -11.25 -16.46
N ALA E 133 -28.89 -10.41 -16.77
CA ALA E 133 -29.63 -10.47 -18.04
C ALA E 133 -28.77 -10.10 -19.26
N ASP E 134 -27.80 -9.22 -19.05
CA ASP E 134 -26.81 -8.86 -20.06
C ASP E 134 -25.96 -10.09 -20.40
N THR E 135 -25.54 -10.80 -19.36
CA THR E 135 -24.71 -12.00 -19.51
C THR E 135 -25.50 -13.14 -20.15
N ALA E 136 -26.77 -13.31 -19.72
CA ALA E 136 -27.65 -14.31 -20.32
C ALA E 136 -27.91 -14.05 -21.81
N GLU E 137 -27.99 -12.77 -22.19
CA GLU E 137 -28.24 -12.39 -23.58
C GLU E 137 -27.03 -12.69 -24.46
N ALA E 138 -25.84 -12.49 -23.91
CA ALA E 138 -24.57 -12.84 -24.58
C ALA E 138 -24.48 -14.34 -24.82
N ILE E 139 -24.85 -15.14 -23.80
CA ILE E 139 -24.96 -16.60 -23.91
C ILE E 139 -25.92 -16.95 -25.04
N ASP E 140 -27.09 -16.31 -25.02
CA ASP E 140 -28.14 -16.53 -26.02
C ASP E 140 -27.72 -16.23 -27.45
N PHE E 141 -26.99 -15.13 -27.63
CA PHE E 141 -26.46 -14.75 -28.94
C PHE E 141 -25.52 -15.77 -29.51
N MET E 142 -24.71 -16.37 -28.65
CA MET E 142 -23.78 -17.37 -29.10
C MET E 142 -24.45 -18.70 -29.43
N GLU E 143 -25.43 -19.11 -28.62
CA GLU E 143 -26.18 -20.37 -28.81
C GLU E 143 -27.04 -20.35 -30.06
N TYR E 144 -27.70 -19.22 -30.27
CA TYR E 144 -28.71 -19.05 -31.31
C TYR E 144 -28.05 -18.86 -32.67
N TYR E 145 -26.97 -18.08 -32.74
CA TYR E 145 -26.27 -17.85 -34.00
C TYR E 145 -25.50 -19.07 -34.46
N ALA E 146 -25.07 -19.90 -33.51
CA ALA E 146 -24.40 -21.13 -33.84
C ALA E 146 -25.36 -22.12 -34.52
N ARG E 147 -26.58 -22.22 -34.00
CA ARG E 147 -27.61 -23.11 -34.60
C ARG E 147 -28.05 -22.54 -35.94
N GLN E 148 -28.17 -21.22 -36.00
CA GLN E 148 -28.57 -20.53 -37.22
C GLN E 148 -27.58 -20.73 -38.38
N MET E 149 -26.28 -20.77 -38.08
CA MET E 149 -25.31 -21.01 -39.14
C MET E 149 -25.28 -22.44 -39.65
N ILE E 150 -25.58 -23.39 -38.75
CA ILE E 150 -25.71 -24.79 -39.11
C ILE E 150 -26.87 -24.93 -40.10
N GLU E 151 -27.94 -24.18 -39.82
CA GLU E 151 -29.13 -24.16 -40.64
C GLU E 151 -28.93 -23.50 -42.00
N LEU E 152 -28.13 -22.42 -42.05
CA LEU E 152 -27.89 -21.70 -43.30
C LEU E 152 -26.94 -22.44 -44.23
N ALA E 153 -26.19 -23.39 -43.67
CA ALA E 153 -25.19 -24.14 -44.43
C ALA E 153 -25.82 -25.15 -45.39
N LYS E 154 -27.11 -25.43 -45.22
CA LYS E 154 -27.81 -26.27 -46.21
C LYS E 154 -28.47 -25.46 -47.32
N GLY E 155 -28.31 -24.14 -47.29
CA GLY E 155 -28.78 -23.26 -48.37
C GLY E 155 -30.29 -23.13 -48.44
N LYS E 156 -30.79 -22.74 -49.62
CA LYS E 156 -32.23 -22.65 -49.89
C LYS E 156 -32.58 -23.44 -51.16
N PRO E 157 -33.67 -24.22 -51.12
CA PRO E 157 -34.09 -24.99 -52.28
C PRO E 157 -34.56 -24.12 -53.44
N VAL E 158 -33.91 -24.27 -54.59
CA VAL E 158 -34.34 -23.64 -55.82
C VAL E 158 -34.70 -24.74 -56.83
N ASN E 159 -35.33 -24.34 -57.93
CA ASN E 159 -35.79 -25.28 -58.93
C ASN E 159 -34.70 -25.71 -59.91
N SER E 160 -34.84 -26.94 -60.41
CA SER E 160 -33.93 -27.49 -61.42
C SER E 160 -34.70 -28.07 -62.60
N ARG E 161 -34.28 -27.71 -63.81
CA ARG E 161 -34.72 -28.39 -65.03
C ARG E 161 -34.08 -29.79 -65.05
N GLU E 162 -34.70 -30.73 -65.76
CA GLU E 162 -34.16 -32.10 -65.89
C GLU E 162 -32.89 -32.07 -66.73
N GLY E 163 -31.79 -32.56 -66.16
CA GLY E 163 -30.49 -32.49 -66.82
C GLY E 163 -29.57 -31.42 -66.24
N GLU E 164 -30.11 -30.59 -65.35
CA GLU E 164 -29.31 -29.62 -64.60
C GLU E 164 -29.47 -29.80 -63.09
N ARG E 165 -28.46 -29.40 -62.32
CA ARG E 165 -28.56 -29.33 -60.87
C ARG E 165 -28.23 -27.91 -60.37
N ASN E 166 -29.24 -27.27 -59.79
CA ASN E 166 -29.12 -25.89 -59.32
C ASN E 166 -28.99 -25.82 -57.80
N GLN E 167 -28.11 -24.92 -57.32
CA GLN E 167 -27.81 -24.76 -55.89
C GLN E 167 -27.79 -23.29 -55.51
N TYR E 168 -28.21 -23.00 -54.29
CA TYR E 168 -28.27 -21.63 -53.78
C TYR E 168 -27.66 -21.65 -52.39
N VAL E 169 -26.40 -21.26 -52.31
CA VAL E 169 -25.67 -21.30 -51.05
C VAL E 169 -25.34 -19.92 -50.53
N TYR E 170 -24.81 -19.88 -49.31
CA TYR E 170 -24.39 -18.65 -48.67
C TYR E 170 -22.89 -18.67 -48.49
N THR E 171 -22.22 -17.57 -48.80
CA THR E 171 -20.75 -17.52 -48.76
C THR E 171 -20.25 -16.34 -47.90
N PRO E 172 -19.10 -16.51 -47.21
CA PRO E 172 -18.61 -15.42 -46.37
C PRO E 172 -18.23 -14.17 -47.19
N THR E 173 -18.24 -13.02 -46.53
CA THR E 173 -18.13 -11.75 -47.21
C THR E 173 -16.69 -11.20 -47.16
N GLY E 174 -16.16 -10.97 -45.96
CA GLY E 174 -14.83 -10.38 -45.82
C GLY E 174 -14.57 -9.81 -44.44
N VAL E 175 -13.77 -8.75 -44.39
CA VAL E 175 -13.38 -8.12 -43.14
C VAL E 175 -14.53 -7.32 -42.56
N THR E 176 -14.88 -7.64 -41.32
CA THR E 176 -15.95 -6.96 -40.61
C THR E 176 -15.41 -6.04 -39.49
N VAL E 177 -15.67 -4.74 -39.60
CA VAL E 177 -15.33 -3.80 -38.54
C VAL E 177 -16.48 -3.78 -37.51
N VAL E 178 -16.16 -4.10 -36.25
CA VAL E 178 -17.20 -4.17 -35.20
C VAL E 178 -17.09 -3.04 -34.17
N ILE E 179 -18.14 -2.22 -34.11
CA ILE E 179 -18.22 -1.08 -33.18
C ILE E 179 -19.47 -1.21 -32.30
N PRO E 180 -19.32 -1.88 -31.13
CA PRO E 180 -20.39 -2.09 -30.16
C PRO E 180 -20.67 -0.84 -29.31
N PRO E 181 -21.79 -0.84 -28.55
CA PRO E 181 -22.07 0.30 -27.66
C PRO E 181 -21.44 0.10 -26.28
N TRP E 182 -21.68 1.05 -25.38
CA TRP E 182 -21.24 0.88 -23.99
C TRP E 182 -22.34 0.36 -23.08
N ASN E 183 -23.58 0.59 -23.46
CA ASN E 183 -24.75 0.19 -22.68
C ASN E 183 -24.89 -1.33 -22.45
N PHE E 184 -24.95 -2.11 -23.53
CA PHE E 184 -24.89 -3.56 -23.39
C PHE E 184 -23.48 -4.03 -23.72
N LEU E 185 -22.51 -3.47 -23.00
CA LEU E 185 -21.08 -3.80 -23.07
C LEU E 185 -20.72 -5.28 -23.25
N PHE E 186 -21.60 -6.17 -22.79
CA PHE E 186 -21.40 -7.59 -23.00
C PHE E 186 -22.26 -8.15 -24.13
N ALA E 187 -23.57 -8.02 -24.02
CA ALA E 187 -24.51 -8.68 -24.95
C ALA E 187 -24.35 -8.31 -26.42
N ILE E 188 -24.50 -7.03 -26.75
CA ILE E 188 -24.42 -6.62 -28.15
C ILE E 188 -23.01 -6.76 -28.74
N MET E 189 -22.00 -6.45 -27.91
CA MET E 189 -20.60 -6.73 -28.24
C MET E 189 -20.35 -8.22 -28.55
N ALA E 190 -20.90 -9.12 -27.72
CA ALA E 190 -20.80 -10.56 -27.99
C ALA E 190 -21.45 -10.92 -29.30
N GLY E 191 -22.70 -10.47 -29.47
CA GLY E 191 -23.51 -10.74 -30.65
C GLY E 191 -23.00 -10.18 -31.97
N THR E 192 -22.53 -8.94 -31.98
CA THR E 192 -22.03 -8.33 -33.22
C THR E 192 -20.58 -8.71 -33.54
N THR E 193 -19.90 -9.35 -32.59
CA THR E 193 -18.56 -9.91 -32.84
C THR E 193 -18.70 -11.34 -33.42
N VAL E 194 -19.50 -12.18 -32.77
CA VAL E 194 -19.54 -13.60 -33.16
C VAL E 194 -20.31 -13.86 -34.44
N ALA E 195 -21.41 -13.12 -34.65
CA ALA E 195 -22.25 -13.31 -35.83
C ALA E 195 -21.49 -13.22 -37.16
N PRO E 196 -20.60 -12.22 -37.34
CA PRO E 196 -19.72 -12.29 -38.51
C PRO E 196 -18.74 -13.47 -38.45
N ILE E 197 -18.06 -13.62 -37.31
CA ILE E 197 -17.13 -14.75 -37.11
C ILE E 197 -17.75 -16.12 -37.48
N VAL E 198 -18.98 -16.39 -37.04
CA VAL E 198 -19.62 -17.69 -37.33
C VAL E 198 -20.00 -17.82 -38.82
N THR E 199 -20.17 -16.69 -39.48
CA THR E 199 -20.50 -16.67 -40.90
C THR E 199 -19.29 -16.66 -41.85
N GLY E 200 -18.13 -17.10 -41.36
CA GLY E 200 -16.92 -17.17 -42.20
C GLY E 200 -16.19 -15.84 -42.34
N ASN E 201 -16.72 -14.80 -41.70
CA ASN E 201 -16.06 -13.50 -41.73
C ASN E 201 -15.00 -13.38 -40.66
N THR E 202 -14.17 -12.35 -40.78
CA THR E 202 -13.14 -12.04 -39.79
C THR E 202 -13.31 -10.63 -39.22
N VAL E 203 -12.98 -10.47 -37.96
CA VAL E 203 -13.45 -9.33 -37.22
C VAL E 203 -12.30 -8.44 -36.74
N VAL E 204 -12.50 -7.14 -36.85
CA VAL E 204 -11.69 -6.19 -36.12
C VAL E 204 -12.65 -5.55 -35.14
N LEU E 205 -12.38 -5.75 -33.86
CA LEU E 205 -13.23 -5.24 -32.79
C LEU E 205 -12.71 -3.93 -32.22
N LYS E 206 -13.52 -2.88 -32.28
CA LYS E 206 -13.21 -1.63 -31.61
C LYS E 206 -14.26 -1.40 -30.55
N PRO E 207 -13.97 -1.81 -29.31
CA PRO E 207 -14.93 -1.69 -28.23
C PRO E 207 -15.16 -0.25 -27.84
N ALA E 208 -16.23 -0.02 -27.09
CA ALA E 208 -16.50 1.29 -26.53
C ALA E 208 -15.48 1.57 -25.44
N SER E 209 -14.79 2.70 -25.56
CA SER E 209 -13.73 3.09 -24.62
C SER E 209 -14.22 3.37 -23.19
N ALA E 210 -15.54 3.45 -23.03
CA ALA E 210 -16.15 3.55 -21.71
C ALA E 210 -16.15 2.20 -20.98
N ALA E 211 -16.15 1.11 -21.76
CA ALA E 211 -16.07 -0.25 -21.20
C ALA E 211 -15.32 -1.29 -22.06
N PRO E 212 -13.97 -1.19 -22.14
CA PRO E 212 -13.20 -2.11 -22.99
C PRO E 212 -12.67 -3.39 -22.32
N VAL E 213 -12.66 -3.43 -20.99
CA VAL E 213 -12.08 -4.55 -20.25
C VAL E 213 -12.87 -5.85 -20.48
N ILE E 214 -14.19 -5.74 -20.43
CA ILE E 214 -15.10 -6.85 -20.72
C ILE E 214 -14.89 -7.43 -22.12
N ALA E 215 -14.60 -6.56 -23.08
CA ALA E 215 -14.36 -6.96 -24.46
C ALA E 215 -13.04 -7.69 -24.57
N ALA E 216 -12.03 -7.20 -23.83
CA ALA E 216 -10.71 -7.83 -23.76
C ALA E 216 -10.81 -9.24 -23.16
N LYS E 217 -11.66 -9.37 -22.15
CA LYS E 217 -11.95 -10.66 -21.52
C LYS E 217 -12.65 -11.62 -22.47
N PHE E 218 -13.60 -11.10 -23.25
CA PHE E 218 -14.37 -11.92 -24.20
C PHE E 218 -13.52 -12.41 -25.36
N VAL E 219 -12.62 -11.54 -25.83
CA VAL E 219 -11.65 -11.89 -26.86
C VAL E 219 -10.77 -13.08 -26.42
N GLU E 220 -10.32 -13.04 -25.15
CA GLU E 220 -9.55 -14.14 -24.56
C GLU E 220 -10.32 -15.47 -24.50
N VAL E 221 -11.63 -15.40 -24.22
CA VAL E 221 -12.48 -16.59 -24.20
C VAL E 221 -12.57 -17.25 -25.57
N LEU E 222 -12.70 -16.43 -26.62
CA LEU E 222 -12.79 -16.93 -27.99
C LEU E 222 -11.49 -17.60 -28.41
N GLU E 223 -10.37 -17.06 -27.95
CA GLU E 223 -9.04 -17.63 -28.21
C GLU E 223 -8.84 -18.96 -27.51
N GLU E 224 -9.25 -19.03 -26.25
CA GLU E 224 -9.21 -20.28 -25.49
C GLU E 224 -10.08 -21.35 -26.16
N SER E 225 -11.12 -20.92 -26.85
CA SER E 225 -12.03 -21.82 -27.56
C SER E 225 -11.47 -22.28 -28.90
N GLY E 226 -10.37 -21.64 -29.29
CA GLY E 226 -9.58 -22.10 -30.42
C GLY E 226 -9.83 -21.39 -31.72
N LEU E 227 -10.19 -20.12 -31.66
CA LEU E 227 -10.21 -19.26 -32.83
C LEU E 227 -8.78 -19.04 -33.27
N PRO E 228 -8.49 -19.23 -34.57
CA PRO E 228 -7.12 -19.00 -35.04
C PRO E 228 -6.79 -17.51 -35.14
N LYS E 229 -5.50 -17.19 -35.13
CA LYS E 229 -5.00 -15.81 -35.18
C LYS E 229 -5.61 -15.01 -36.33
N GLY E 230 -5.98 -13.77 -36.03
CA GLY E 230 -6.47 -12.83 -37.06
C GLY E 230 -7.97 -12.78 -37.28
N VAL E 231 -8.68 -13.84 -36.88
CA VAL E 231 -10.13 -13.93 -37.03
C VAL E 231 -10.85 -12.96 -36.09
N VAL E 232 -10.25 -12.69 -34.94
CA VAL E 232 -10.69 -11.54 -34.15
C VAL E 232 -9.49 -10.67 -33.77
N ASN E 233 -9.64 -9.36 -33.95
CA ASN E 233 -8.60 -8.41 -33.61
C ASN E 233 -9.10 -7.34 -32.65
N PHE E 234 -8.64 -7.39 -31.42
CA PHE E 234 -9.10 -6.51 -30.36
C PHE E 234 -8.31 -5.21 -30.39
N VAL E 235 -8.94 -4.17 -30.94
CA VAL E 235 -8.26 -2.90 -31.23
C VAL E 235 -9.01 -1.70 -30.61
N PRO E 236 -8.82 -1.46 -29.30
CA PRO E 236 -9.49 -0.30 -28.71
C PRO E 236 -8.73 1.01 -28.96
N GLY E 237 -9.48 2.09 -29.10
CA GLY E 237 -8.90 3.40 -29.40
C GLY E 237 -9.95 4.47 -29.65
N SER E 238 -9.50 5.68 -29.93
CA SER E 238 -10.38 6.82 -30.19
C SER E 238 -11.04 6.70 -31.56
N GLY E 239 -12.27 7.22 -31.66
CA GLY E 239 -13.05 7.17 -32.89
C GLY E 239 -12.50 7.99 -34.05
N ALA E 240 -11.75 9.05 -33.73
CA ALA E 240 -11.14 9.90 -34.75
C ALA E 240 -9.94 9.25 -35.43
N GLU E 241 -9.15 8.50 -34.67
CA GLU E 241 -7.92 7.89 -35.20
C GLU E 241 -8.07 6.41 -35.63
N VAL E 242 -8.90 5.66 -34.91
CA VAL E 242 -9.10 4.24 -35.22
C VAL E 242 -10.40 4.00 -35.97
N GLY E 243 -11.49 4.56 -35.42
CA GLY E 243 -12.84 4.39 -35.98
C GLY E 243 -12.93 4.87 -37.40
N ASP E 244 -12.62 6.15 -37.61
CA ASP E 244 -12.57 6.77 -38.94
C ASP E 244 -11.65 6.00 -39.90
N TYR E 245 -10.56 5.45 -39.39
CA TYR E 245 -9.61 4.72 -40.22
C TYR E 245 -10.12 3.34 -40.64
N LEU E 246 -10.69 2.60 -39.69
CA LEU E 246 -11.25 1.27 -39.95
C LEU E 246 -12.42 1.29 -40.93
N VAL E 247 -13.34 2.24 -40.74
CA VAL E 247 -14.48 2.42 -41.62
C VAL E 247 -14.02 2.69 -43.07
N ASP E 248 -13.08 3.62 -43.23
CA ASP E 248 -12.61 4.05 -44.55
C ASP E 248 -11.82 3.01 -45.33
N HIS E 249 -11.18 2.07 -44.62
CA HIS E 249 -10.24 1.16 -45.23
C HIS E 249 -10.84 0.37 -46.40
N PRO E 250 -10.12 0.32 -47.55
CA PRO E 250 -10.62 -0.32 -48.77
C PRO E 250 -10.80 -1.83 -48.70
N LYS E 251 -10.31 -2.45 -47.62
CA LYS E 251 -10.45 -3.90 -47.40
C LYS E 251 -11.61 -4.25 -46.44
N THR E 252 -12.20 -3.23 -45.82
CA THR E 252 -13.40 -3.40 -44.99
C THR E 252 -14.59 -3.77 -45.86
N SER E 253 -15.24 -4.89 -45.54
CA SER E 253 -16.44 -5.33 -46.25
C SER E 253 -17.74 -4.93 -45.57
N ILE E 254 -17.96 -5.40 -44.33
CA ILE E 254 -19.14 -5.00 -43.59
C ILE E 254 -18.78 -4.21 -42.32
N ILE E 255 -19.62 -3.24 -41.94
CA ILE E 255 -19.46 -2.58 -40.65
C ILE E 255 -20.72 -2.81 -39.82
N THR E 256 -20.58 -3.50 -38.70
CA THR E 256 -21.72 -3.70 -37.79
C THR E 256 -21.61 -2.81 -36.56
N PHE E 257 -22.48 -1.80 -36.51
CA PHE E 257 -22.34 -0.71 -35.56
C PHE E 257 -23.55 -0.62 -34.62
N THR E 258 -23.30 -0.46 -33.33
CA THR E 258 -24.37 -0.15 -32.40
C THR E 258 -23.98 1.01 -31.49
N GLY E 259 -24.78 2.08 -31.50
CA GLY E 259 -24.48 3.27 -30.71
C GLY E 259 -25.49 4.36 -30.97
N SER E 260 -24.99 5.57 -31.24
CA SER E 260 -25.85 6.75 -31.39
C SER E 260 -26.23 7.04 -32.84
N ARG E 261 -27.16 7.98 -33.01
CA ARG E 261 -27.60 8.46 -34.30
C ARG E 261 -26.52 9.26 -35.00
N GLU E 262 -25.91 10.19 -34.26
CA GLU E 262 -24.90 11.10 -34.78
C GLU E 262 -23.68 10.36 -35.32
N VAL E 263 -23.23 9.34 -34.57
CA VAL E 263 -22.09 8.52 -35.00
C VAL E 263 -22.46 7.62 -36.19
N GLY E 264 -23.61 6.95 -36.08
CA GLY E 264 -24.12 6.06 -37.13
C GLY E 264 -24.28 6.71 -38.49
N THR E 265 -24.66 8.00 -38.49
CA THR E 265 -24.87 8.77 -39.71
C THR E 265 -23.53 9.05 -40.40
N ARG E 266 -22.52 9.37 -39.60
CA ARG E 266 -21.17 9.58 -40.09
C ARG E 266 -20.63 8.29 -40.74
N ILE E 267 -20.81 7.15 -40.06
CA ILE E 267 -20.37 5.84 -40.55
C ILE E 267 -21.05 5.42 -41.85
N PHE E 268 -22.38 5.57 -41.90
CA PHE E 268 -23.17 5.20 -43.07
C PHE E 268 -22.77 6.03 -44.29
N GLU E 269 -22.52 7.31 -44.07
CA GLU E 269 -22.08 8.23 -45.11
C GLU E 269 -20.69 7.88 -45.63
N ARG E 270 -19.73 7.71 -44.71
CA ARG E 270 -18.34 7.44 -45.07
C ARG E 270 -18.12 6.05 -45.68
N ALA E 271 -18.91 5.07 -45.25
CA ALA E 271 -18.78 3.69 -45.75
C ALA E 271 -19.17 3.51 -47.20
N ALA E 272 -20.07 4.34 -47.70
CA ALA E 272 -20.49 4.22 -49.10
C ALA E 272 -19.45 4.72 -50.11
N LYS E 273 -18.50 5.52 -49.65
CA LYS E 273 -17.40 6.01 -50.48
C LYS E 273 -16.59 4.81 -51.00
N VAL E 274 -16.60 4.58 -52.31
CA VAL E 274 -15.71 3.59 -52.92
C VAL E 274 -14.32 4.19 -53.00
N GLN E 275 -13.41 3.71 -52.16
CA GLN E 275 -12.06 4.26 -52.02
C GLN E 275 -11.14 3.80 -53.15
N PRO E 276 -10.04 4.54 -53.41
CA PRO E 276 -9.08 4.05 -54.40
C PRO E 276 -8.46 2.73 -53.94
N GLY E 277 -8.57 1.72 -54.80
CA GLY E 277 -8.17 0.35 -54.48
C GLY E 277 -9.34 -0.53 -54.07
N GLN E 278 -10.41 0.07 -53.55
CA GLN E 278 -11.58 -0.67 -53.12
C GLN E 278 -12.27 -1.27 -54.31
N THR E 279 -12.63 -2.54 -54.21
CA THR E 279 -13.26 -3.28 -55.29
C THR E 279 -14.53 -4.00 -54.85
N HIS E 280 -15.20 -3.47 -53.83
CA HIS E 280 -16.54 -3.92 -53.42
C HIS E 280 -17.39 -2.78 -52.87
N LEU E 281 -18.68 -3.03 -52.73
CA LEU E 281 -19.57 -2.08 -52.04
C LEU E 281 -19.74 -2.48 -50.58
N LYS E 282 -19.46 -1.54 -49.67
CA LYS E 282 -19.55 -1.80 -48.24
C LYS E 282 -20.99 -1.88 -47.70
N GLN E 283 -21.24 -2.89 -46.89
CA GLN E 283 -22.55 -3.02 -46.28
C GLN E 283 -22.49 -2.60 -44.83
N VAL E 284 -23.40 -1.72 -44.43
CA VAL E 284 -23.44 -1.28 -43.05
C VAL E 284 -24.66 -1.84 -42.34
N ILE E 285 -24.44 -2.36 -41.14
CA ILE E 285 -25.51 -2.88 -40.29
C ILE E 285 -25.50 -2.02 -39.04
N ALA E 286 -26.54 -1.20 -38.87
CA ALA E 286 -26.56 -0.24 -37.79
C ALA E 286 -27.82 -0.29 -36.97
N GLU E 287 -27.66 -0.33 -35.65
CA GLU E 287 -28.71 0.00 -34.72
C GLU E 287 -28.27 1.32 -34.04
N MET E 288 -29.09 2.36 -34.17
CA MET E 288 -28.63 3.73 -33.88
C MET E 288 -29.41 4.49 -32.81
N GLY E 289 -30.08 3.76 -31.93
CA GLY E 289 -30.78 4.38 -30.82
C GLY E 289 -32.16 4.84 -31.21
N GLY E 290 -32.97 5.17 -30.22
CA GLY E 290 -34.35 5.52 -30.46
C GLY E 290 -34.90 6.51 -29.47
N LYS E 291 -36.20 6.73 -29.56
CA LYS E 291 -36.87 7.68 -28.70
C LYS E 291 -38.25 7.09 -28.52
N ASP E 292 -38.34 6.18 -27.55
CA ASP E 292 -39.41 5.20 -27.53
C ASP E 292 -40.56 5.56 -26.62
N THR E 293 -41.69 4.91 -26.86
CA THR E 293 -42.98 5.42 -26.41
C THR E 293 -43.87 4.34 -25.80
N VAL E 294 -44.34 4.61 -24.58
CA VAL E 294 -45.41 3.85 -23.95
C VAL E 294 -46.70 4.65 -24.07
N VAL E 295 -47.60 4.14 -24.90
CA VAL E 295 -48.93 4.68 -25.11
C VAL E 295 -49.86 4.04 -24.10
N VAL E 296 -50.61 4.88 -23.37
CA VAL E 296 -51.59 4.40 -22.41
C VAL E 296 -52.97 4.98 -22.74
N ASP E 297 -53.87 4.16 -23.25
CA ASP E 297 -55.19 4.69 -23.52
C ASP E 297 -56.13 4.60 -22.31
N GLU E 298 -57.36 5.05 -22.51
CA GLU E 298 -58.41 5.17 -21.50
C GLU E 298 -58.76 3.87 -20.78
N ASP E 299 -58.92 2.78 -21.53
CA ASP E 299 -59.40 1.51 -20.97
C ASP E 299 -58.24 0.58 -20.80
N CYS E 300 -57.62 0.63 -19.63
CA CYS E 300 -56.39 -0.12 -19.37
C CYS E 300 -56.31 -0.52 -17.91
N ASP E 301 -55.48 -1.52 -17.62
CA ASP E 301 -55.02 -1.78 -16.27
C ASP E 301 -54.01 -0.66 -15.97
N ILE E 302 -54.35 0.20 -15.03
CA ILE E 302 -53.55 1.42 -14.79
C ILE E 302 -52.27 1.09 -14.02
N GLU E 303 -52.34 0.04 -13.19
CA GLU E 303 -51.19 -0.50 -12.48
C GLU E 303 -50.16 -1.01 -13.46
N LEU E 304 -50.63 -1.79 -14.42
CA LEU E 304 -49.77 -2.34 -15.46
C LEU E 304 -49.26 -1.22 -16.34
N ALA E 305 -50.08 -0.20 -16.55
CA ALA E 305 -49.69 0.97 -17.31
C ALA E 305 -48.53 1.71 -16.64
N ALA E 306 -48.68 1.98 -15.34
CA ALA E 306 -47.64 2.66 -14.55
C ALA E 306 -46.36 1.86 -14.35
N GLN E 307 -46.50 0.56 -14.10
CA GLN E 307 -45.34 -0.34 -13.98
C GLN E 307 -44.54 -0.41 -15.29
N SER E 308 -45.23 -0.42 -16.43
CA SER E 308 -44.57 -0.50 -17.74
C SER E 308 -43.83 0.79 -18.07
N ILE E 309 -44.39 1.93 -17.67
CA ILE E 309 -43.78 3.22 -17.86
C ILE E 309 -42.48 3.35 -17.05
N PHE E 310 -42.58 3.06 -15.74
CA PHE E 310 -41.42 3.05 -14.84
C PHE E 310 -40.27 2.17 -15.33
N THR E 311 -40.59 0.90 -15.65
CA THR E 311 -39.63 -0.09 -16.15
C THR E 311 -38.86 0.38 -17.38
N SER E 312 -39.59 0.96 -18.34
CA SER E 312 -39.03 1.39 -19.62
C SER E 312 -38.13 2.63 -19.47
N ALA E 313 -38.48 3.49 -18.53
CA ALA E 313 -37.79 4.74 -18.33
C ALA E 313 -36.49 4.58 -17.54
N PHE E 314 -36.44 3.62 -16.62
CA PHE E 314 -35.38 3.64 -15.60
C PHE E 314 -34.52 2.37 -15.48
N GLY E 315 -34.81 1.37 -16.31
CA GLY E 315 -33.98 0.15 -16.39
C GLY E 315 -32.59 0.53 -16.90
N PHE E 316 -31.56 0.15 -16.14
CA PHE E 316 -30.16 0.58 -16.33
C PHE E 316 -30.04 2.11 -16.45
N ALA E 317 -30.72 2.80 -15.54
CA ALA E 317 -30.73 4.27 -15.45
C ALA E 317 -31.09 4.97 -16.77
N GLY E 318 -32.03 4.38 -17.51
CA GLY E 318 -32.47 4.91 -18.80
C GLY E 318 -31.47 4.83 -19.92
N GLN E 319 -30.31 4.20 -19.66
CA GLN E 319 -29.23 4.10 -20.65
C GLN E 319 -29.42 2.92 -21.58
N LYS E 320 -30.57 2.90 -22.24
CA LYS E 320 -30.92 1.84 -23.16
C LYS E 320 -31.38 2.45 -24.48
N CYS E 321 -30.97 1.82 -25.58
CA CYS E 321 -31.53 2.11 -26.90
C CYS E 321 -33.05 1.98 -26.88
N SER E 322 -33.56 0.96 -26.19
CA SER E 322 -35.00 0.68 -26.13
C SER E 322 -35.78 1.45 -25.04
N ALA E 323 -35.18 2.50 -24.47
CA ALA E 323 -35.77 3.19 -23.32
C ALA E 323 -37.04 3.98 -23.65
N GLY E 324 -38.09 3.73 -22.87
CA GLY E 324 -39.35 4.47 -22.98
C GLY E 324 -39.24 5.80 -22.26
N SER E 325 -38.54 6.74 -22.87
CA SER E 325 -38.37 8.07 -22.29
C SER E 325 -39.59 8.96 -22.59
N ARG E 326 -40.61 8.39 -23.23
CA ARG E 326 -41.85 9.07 -23.56
C ARG E 326 -43.08 8.30 -23.11
N ALA E 327 -43.91 8.94 -22.29
CA ALA E 327 -45.18 8.40 -21.85
C ALA E 327 -46.32 9.22 -22.44
N VAL E 328 -47.10 8.59 -23.32
CA VAL E 328 -48.20 9.25 -24.00
C VAL E 328 -49.50 8.65 -23.49
N VAL E 329 -50.14 9.39 -22.60
CA VAL E 329 -51.25 8.88 -21.81
C VAL E 329 -52.55 9.65 -22.13
N HIS E 330 -53.64 8.90 -22.25
CA HIS E 330 -54.98 9.45 -22.44
C HIS E 330 -55.43 10.29 -21.26
N GLU E 331 -56.07 11.43 -21.56
CA GLU E 331 -56.42 12.47 -20.56
C GLU E 331 -57.22 12.00 -19.35
N LYS E 332 -58.05 10.96 -19.54
CA LYS E 332 -58.96 10.47 -18.49
C LYS E 332 -58.20 9.75 -17.40
N VAL E 333 -57.11 9.09 -17.76
CA VAL E 333 -56.30 8.40 -16.76
CA VAL E 333 -56.28 8.36 -16.82
C VAL E 333 -54.89 9.02 -16.64
N TYR E 334 -54.66 10.15 -17.32
CA TYR E 334 -53.35 10.85 -17.22
C TYR E 334 -52.87 11.08 -15.80
N ASP E 335 -53.74 11.65 -14.97
CA ASP E 335 -53.40 12.08 -13.60
C ASP E 335 -53.03 10.94 -12.64
N GLU E 336 -53.84 9.88 -12.65
CA GLU E 336 -53.68 8.71 -11.79
C GLU E 336 -52.43 7.94 -12.22
N VAL E 337 -52.27 7.77 -13.53
CA VAL E 337 -51.06 7.17 -14.11
C VAL E 337 -49.81 7.91 -13.66
N LEU E 338 -49.77 9.23 -13.89
CA LEU E 338 -48.62 10.02 -13.49
C LEU E 338 -48.36 9.89 -11.99
N LYS E 339 -49.43 9.98 -11.20
CA LYS E 339 -49.39 9.77 -9.75
C LYS E 339 -48.84 8.40 -9.34
N ARG E 340 -49.30 7.34 -10.01
CA ARG E 340 -48.85 6.00 -9.65
C ARG E 340 -47.41 5.78 -10.09
N VAL E 341 -47.03 6.35 -11.23
CA VAL E 341 -45.63 6.31 -11.68
C VAL E 341 -44.68 6.98 -10.68
N ILE E 342 -45.04 8.16 -10.19
CA ILE E 342 -44.17 8.93 -9.28
C ILE E 342 -43.90 8.15 -7.99
N GLU E 343 -44.96 7.54 -7.46
CA GLU E 343 -44.90 6.71 -6.27
C GLU E 343 -43.99 5.50 -6.39
N ILE E 344 -44.09 4.81 -7.53
CA ILE E 344 -43.28 3.61 -7.78
C ILE E 344 -41.82 4.02 -7.93
N THR E 345 -41.60 5.07 -8.72
CA THR E 345 -40.27 5.60 -9.00
C THR E 345 -39.48 5.91 -7.73
N GLU E 346 -39.99 6.80 -6.88
CA GLU E 346 -39.23 7.19 -5.68
C GLU E 346 -39.27 6.21 -4.49
N SER E 347 -39.94 5.07 -4.66
CA SER E 347 -39.88 3.97 -3.68
C SER E 347 -38.77 2.97 -4.02
N LYS E 348 -37.92 3.34 -4.97
CA LYS E 348 -36.87 2.46 -5.48
C LYS E 348 -35.48 2.92 -5.03
N LYS E 349 -34.63 1.95 -4.70
CA LYS E 349 -33.27 2.22 -4.22
C LYS E 349 -32.35 2.59 -5.38
N VAL E 350 -31.69 3.74 -5.26
CA VAL E 350 -30.74 4.20 -6.26
C VAL E 350 -29.39 4.46 -5.59
N GLY E 351 -28.38 3.72 -6.00
CA GLY E 351 -27.06 3.81 -5.38
C GLY E 351 -26.02 2.92 -6.03
N GLU E 352 -24.95 2.62 -5.30
CA GLU E 352 -23.92 1.75 -5.81
C GLU E 352 -24.49 0.37 -5.83
N PRO E 353 -24.26 -0.38 -6.91
CA PRO E 353 -24.87 -1.72 -6.99
C PRO E 353 -24.08 -2.77 -6.21
N ASP E 354 -24.00 -2.56 -4.88
CA ASP E 354 -23.30 -3.49 -4.00
C ASP E 354 -24.24 -4.50 -3.33
N SER E 355 -25.50 -4.51 -3.78
CA SER E 355 -26.48 -5.50 -3.35
C SER E 355 -27.60 -5.70 -4.38
N ALA E 356 -28.42 -6.73 -4.16
CA ALA E 356 -29.49 -7.13 -5.07
C ALA E 356 -30.75 -6.27 -4.99
N ASP E 357 -30.71 -5.22 -4.16
CA ASP E 357 -31.86 -4.34 -3.93
C ASP E 357 -31.77 -2.99 -4.64
N VAL E 358 -30.56 -2.62 -5.02
CA VAL E 358 -30.31 -1.41 -5.79
C VAL E 358 -30.93 -1.59 -7.17
N TYR E 359 -32.03 -0.89 -7.41
CA TYR E 359 -32.74 -0.97 -8.69
C TYR E 359 -31.98 -0.27 -9.81
N MET E 360 -31.31 0.83 -9.47
CA MET E 360 -30.74 1.74 -10.45
C MET E 360 -29.36 2.25 -10.02
N GLY E 361 -28.38 2.09 -10.90
CA GLY E 361 -27.04 2.59 -10.64
C GLY E 361 -26.78 3.93 -11.30
N PRO E 362 -25.50 4.33 -11.37
CA PRO E 362 -25.11 5.60 -11.95
C PRO E 362 -25.14 5.55 -13.48
N VAL E 363 -24.88 6.69 -14.10
CA VAL E 363 -24.60 6.73 -15.53
C VAL E 363 -23.12 6.47 -15.80
N ILE E 364 -22.74 6.35 -17.06
CA ILE E 364 -21.46 5.77 -17.45
C ILE E 364 -20.19 6.65 -17.26
N ASP E 365 -20.26 7.94 -17.61
CA ASP E 365 -19.08 8.81 -17.49
C ASP E 365 -19.45 10.27 -17.22
N GLN E 366 -18.45 11.14 -17.31
CA GLN E 366 -18.62 12.58 -17.06
C GLN E 366 -19.44 13.29 -18.14
N ALA E 367 -19.04 13.15 -19.41
CA ALA E 367 -19.72 13.79 -20.53
C ALA E 367 -21.16 13.33 -20.69
N SER E 368 -21.42 12.08 -20.29
CA SER E 368 -22.76 11.51 -20.29
C SER E 368 -23.60 12.12 -19.17
N PHE E 369 -23.03 12.19 -17.97
CA PHE E 369 -23.62 12.89 -16.82
C PHE E 369 -24.00 14.33 -17.16
N ASN E 370 -23.13 15.01 -17.90
CA ASN E 370 -23.33 16.41 -18.29
C ASN E 370 -24.46 16.62 -19.29
N LYS E 371 -24.53 15.73 -20.28
CA LYS E 371 -25.58 15.74 -21.30
C LYS E 371 -26.96 15.60 -20.65
N ILE E 372 -27.11 14.59 -19.78
CA ILE E 372 -28.38 14.33 -19.09
C ILE E 372 -28.76 15.51 -18.19
N MET E 373 -27.78 16.05 -17.47
CA MET E 373 -27.96 17.23 -16.64
C MET E 373 -28.33 18.48 -17.43
N ASP E 374 -27.80 18.59 -18.65
CA ASP E 374 -28.16 19.67 -19.58
C ASP E 374 -29.60 19.52 -20.07
N TYR E 375 -30.04 18.27 -20.29
CA TYR E 375 -31.40 18.02 -20.74
C TYR E 375 -32.41 18.25 -19.64
N ILE E 376 -31.99 18.02 -18.39
CA ILE E 376 -32.84 18.27 -17.21
C ILE E 376 -33.20 19.76 -17.09
N GLU E 377 -32.24 20.64 -17.37
CA GLU E 377 -32.47 22.09 -17.36
C GLU E 377 -33.37 22.55 -18.51
N ILE E 378 -33.22 21.90 -19.66
CA ILE E 378 -34.05 22.15 -20.84
C ILE E 378 -35.51 21.77 -20.56
N GLY E 379 -35.71 20.66 -19.84
CA GLY E 379 -37.04 20.18 -19.49
C GLY E 379 -37.85 21.05 -18.52
N LYS E 380 -37.16 21.92 -17.78
CA LYS E 380 -37.84 22.85 -16.88
C LYS E 380 -38.45 24.02 -17.64
N GLU E 381 -37.85 24.32 -18.79
CA GLU E 381 -38.33 25.37 -19.70
C GLU E 381 -39.50 24.90 -20.54
N GLU E 382 -39.62 23.58 -20.70
CA GLU E 382 -40.60 23.00 -21.62
C GLU E 382 -41.72 22.26 -20.90
N GLY E 383 -41.43 21.74 -19.71
CA GLY E 383 -42.41 20.98 -18.94
C GLY E 383 -42.29 21.21 -17.45
N ARG E 384 -42.99 20.38 -16.69
CA ARG E 384 -43.04 20.52 -15.23
C ARG E 384 -42.37 19.33 -14.56
N LEU E 385 -41.25 19.60 -13.87
CA LEU E 385 -40.54 18.58 -13.07
C LEU E 385 -41.41 18.12 -11.91
N VAL E 386 -41.75 16.83 -11.90
CA VAL E 386 -42.68 16.29 -10.90
C VAL E 386 -42.05 15.26 -9.95
N SER E 387 -40.84 14.81 -10.28
CA SER E 387 -40.05 13.89 -9.45
C SER E 387 -38.60 13.89 -9.92
N GLY E 388 -37.65 13.64 -9.02
CA GLY E 388 -36.22 13.62 -9.36
C GLY E 388 -35.65 14.98 -9.72
N GLY E 389 -34.60 14.98 -10.54
CA GLY E 389 -34.02 16.22 -11.06
C GLY E 389 -32.61 16.53 -10.58
N LYS E 390 -32.19 15.87 -9.50
CA LYS E 390 -30.89 16.14 -8.87
C LYS E 390 -29.80 15.19 -9.33
N GLY E 391 -28.55 15.66 -9.22
CA GLY E 391 -27.37 14.85 -9.48
C GLY E 391 -26.11 15.55 -9.03
N ASP E 392 -25.12 14.76 -8.61
CA ASP E 392 -23.79 15.33 -8.31
C ASP E 392 -22.63 14.47 -8.82
N ASP E 393 -21.61 15.17 -9.31
CA ASP E 393 -20.43 14.57 -9.94
C ASP E 393 -19.29 14.28 -8.94
N SER E 394 -19.61 14.25 -7.65
CA SER E 394 -18.59 14.14 -6.57
C SER E 394 -17.98 12.75 -6.36
N LYS E 395 -18.82 11.75 -6.08
CA LYS E 395 -18.34 10.38 -5.80
C LYS E 395 -18.52 9.47 -7.02
N GLY E 396 -19.75 9.42 -7.53
CA GLY E 396 -20.06 8.68 -8.74
C GLY E 396 -20.83 9.56 -9.71
N TYR E 397 -21.39 8.95 -10.75
CA TYR E 397 -22.18 9.68 -11.72
C TYR E 397 -23.67 9.39 -11.50
N PHE E 398 -24.16 9.81 -10.34
CA PHE E 398 -25.51 9.50 -9.92
C PHE E 398 -26.52 10.60 -10.25
N ILE E 399 -27.52 10.23 -11.03
CA ILE E 399 -28.64 11.10 -11.38
C ILE E 399 -29.93 10.48 -10.84
N GLU E 400 -30.74 11.30 -10.18
CA GLU E 400 -32.05 10.90 -9.69
C GLU E 400 -32.97 10.52 -10.86
N PRO E 401 -33.77 9.46 -10.67
CA PRO E 401 -34.80 9.09 -11.65
C PRO E 401 -35.78 10.25 -11.82
N THR E 402 -35.84 10.79 -13.03
CA THR E 402 -36.49 12.08 -13.30
C THR E 402 -37.76 11.98 -14.18
N ILE E 403 -38.88 12.49 -13.67
CA ILE E 403 -40.13 12.52 -14.42
C ILE E 403 -40.55 13.96 -14.76
N PHE E 404 -40.77 14.21 -16.04
CA PHE E 404 -41.31 15.48 -16.52
C PHE E 404 -42.74 15.33 -17.04
N ALA E 405 -43.56 16.34 -16.78
CA ALA E 405 -44.97 16.32 -17.14
C ALA E 405 -45.37 17.50 -18.02
N ASP E 406 -46.45 17.31 -18.78
CA ASP E 406 -47.15 18.34 -19.58
C ASP E 406 -46.37 18.88 -20.80
N LEU E 407 -45.58 18.00 -21.41
CA LEU E 407 -44.79 18.36 -22.59
C LEU E 407 -45.62 18.46 -23.86
N ASP E 408 -45.30 19.47 -24.66
CA ASP E 408 -45.74 19.55 -26.04
C ASP E 408 -45.18 18.34 -26.80
N PRO E 409 -45.96 17.75 -27.72
CA PRO E 409 -45.49 16.59 -28.49
C PRO E 409 -44.21 16.84 -29.32
N LYS E 410 -43.92 18.11 -29.63
CA LYS E 410 -42.77 18.47 -30.46
C LYS E 410 -41.64 19.17 -29.67
N ALA E 411 -41.71 19.09 -28.34
CA ALA E 411 -40.63 19.55 -27.44
C ALA E 411 -39.36 18.73 -27.63
N ARG E 412 -38.22 19.35 -27.37
CA ARG E 412 -36.91 18.70 -27.46
C ARG E 412 -36.82 17.44 -26.59
N LEU E 413 -37.44 17.49 -25.42
CA LEU E 413 -37.45 16.37 -24.47
C LEU E 413 -38.36 15.24 -24.92
N MET E 414 -38.98 15.43 -26.06
CA MET E 414 -39.95 14.51 -26.58
C MET E 414 -39.43 14.03 -27.94
N GLN E 415 -38.33 14.64 -28.39
CA GLN E 415 -37.78 14.35 -29.71
C GLN E 415 -36.37 13.79 -29.67
N GLU E 416 -35.49 14.42 -28.88
CA GLU E 416 -34.08 14.08 -28.83
C GLU E 416 -33.81 12.96 -27.83
N GLU E 417 -33.00 12.00 -28.24
CA GLU E 417 -32.57 10.86 -27.40
C GLU E 417 -31.62 11.33 -26.28
N ILE E 418 -31.96 11.00 -25.04
CA ILE E 418 -31.26 11.56 -23.88
C ILE E 418 -30.23 10.59 -23.26
N PHE E 419 -30.52 9.29 -23.34
CA PHE E 419 -29.63 8.21 -22.83
C PHE E 419 -29.48 8.24 -21.30
N GLY E 420 -30.56 8.60 -20.60
CA GLY E 420 -30.51 8.76 -19.15
C GLY E 420 -31.85 8.56 -18.47
N PRO E 421 -31.89 8.75 -17.14
CA PRO E 421 -33.09 8.44 -16.36
C PRO E 421 -34.12 9.57 -16.36
N VAL E 422 -34.54 9.97 -17.56
CA VAL E 422 -35.58 10.97 -17.77
C VAL E 422 -36.77 10.35 -18.55
N VAL E 423 -37.99 10.62 -18.09
CA VAL E 423 -39.19 10.31 -18.90
C VAL E 423 -40.11 11.53 -19.00
N ALA E 424 -40.60 11.81 -20.20
CA ALA E 424 -41.55 12.90 -20.47
C ALA E 424 -42.99 12.40 -20.66
N PHE E 425 -43.90 12.97 -19.87
CA PHE E 425 -45.33 12.69 -19.99
C PHE E 425 -46.00 13.69 -20.91
N SER E 426 -46.81 13.18 -21.83
CA SER E 426 -47.58 14.01 -22.74
C SER E 426 -49.02 13.55 -22.82
N LYS E 427 -49.94 14.52 -22.71
CA LYS E 427 -51.37 14.27 -22.68
C LYS E 427 -52.00 14.33 -24.09
N VAL E 428 -52.78 13.30 -24.42
CA VAL E 428 -53.56 13.25 -25.68
C VAL E 428 -55.03 12.90 -25.38
N SER E 429 -55.92 13.30 -26.28
CA SER E 429 -57.37 13.13 -26.04
C SER E 429 -58.06 11.93 -26.70
N SER E 430 -57.35 11.15 -27.50
CA SER E 430 -57.90 9.89 -28.06
C SER E 430 -56.81 8.87 -28.37
N PHE E 431 -57.19 7.60 -28.51
CA PHE E 431 -56.25 6.55 -28.93
C PHE E 431 -55.62 6.88 -30.29
N ASP E 432 -56.39 7.51 -31.17
CA ASP E 432 -55.90 7.88 -32.50
C ASP E 432 -54.83 8.98 -32.46
N GLU E 433 -55.04 10.00 -31.63
CA GLU E 433 -54.05 11.06 -31.42
C GLU E 433 -52.78 10.47 -30.76
N ALA E 434 -52.97 9.38 -30.02
CA ALA E 434 -51.89 8.75 -29.27
C ALA E 434 -50.86 8.10 -30.20
N LEU E 435 -51.34 7.53 -31.30
CA LEU E 435 -50.48 6.95 -32.32
C LEU E 435 -49.82 8.04 -33.14
N GLU E 436 -50.48 9.20 -33.23
CA GLU E 436 -49.96 10.30 -34.03
C GLU E 436 -48.73 10.90 -33.34
N VAL E 437 -48.84 11.07 -32.04
CA VAL E 437 -47.73 11.50 -31.20
C VAL E 437 -46.66 10.41 -31.10
N ALA E 438 -47.06 9.15 -30.93
CA ALA E 438 -46.12 8.03 -30.94
C ALA E 438 -45.20 8.03 -32.16
N ASN E 439 -45.77 8.35 -33.33
CA ASN E 439 -45.06 8.33 -34.59
C ASN E 439 -44.39 9.65 -34.96
N ASN E 440 -44.47 10.65 -34.10
CA ASN E 440 -43.98 11.98 -34.48
C ASN E 440 -42.47 12.17 -34.32
N THR E 441 -41.76 11.09 -34.01
CA THR E 441 -40.30 11.13 -33.88
C THR E 441 -39.62 10.75 -35.17
N GLU E 442 -38.33 11.04 -35.23
CA GLU E 442 -37.46 10.67 -36.33
C GLU E 442 -36.98 9.22 -36.20
N TYR E 443 -37.22 8.60 -35.05
CA TYR E 443 -36.73 7.24 -34.72
C TYR E 443 -37.90 6.24 -34.81
N GLY E 444 -37.60 4.94 -34.78
CA GLY E 444 -38.65 3.92 -34.87
C GLY E 444 -38.27 2.55 -34.32
N LEU E 445 -37.75 2.54 -33.09
CA LEU E 445 -37.18 1.33 -32.51
C LEU E 445 -38.20 0.50 -31.73
N THR E 446 -38.59 0.95 -30.55
CA THR E 446 -39.53 0.19 -29.69
C THR E 446 -40.73 1.01 -29.28
N GLY E 447 -41.78 0.32 -28.87
CA GLY E 447 -43.02 0.94 -28.47
C GLY E 447 -43.92 -0.03 -27.72
N ALA E 448 -44.68 0.52 -26.77
CA ALA E 448 -45.62 -0.27 -26.01
C ALA E 448 -46.94 0.46 -26.01
N VAL E 449 -48.01 -0.31 -26.10
CA VAL E 449 -49.35 0.23 -25.95
C VAL E 449 -50.02 -0.55 -24.82
N ILE E 450 -50.58 0.18 -23.85
CA ILE E 450 -51.30 -0.43 -22.75
C ILE E 450 -52.80 -0.18 -22.98
N THR E 451 -53.54 -1.26 -23.22
CA THR E 451 -54.96 -1.18 -23.59
C THR E 451 -55.71 -2.53 -23.43
N LYS E 452 -57.02 -2.45 -23.19
CA LYS E 452 -57.88 -3.62 -23.12
C LYS E 452 -58.73 -3.78 -24.38
N ASN E 453 -58.65 -2.77 -25.24
CA ASN E 453 -59.43 -2.69 -26.47
C ASN E 453 -58.75 -3.48 -27.60
N ARG E 454 -59.42 -4.53 -28.07
CA ARG E 454 -58.88 -5.37 -29.14
C ARG E 454 -58.65 -4.66 -30.47
N ASP E 455 -59.63 -3.87 -30.90
CA ASP E 455 -59.55 -3.12 -32.15
C ASP E 455 -58.40 -2.11 -32.12
N HIS E 456 -58.08 -1.61 -30.93
CA HIS E 456 -56.96 -0.70 -30.74
C HIS E 456 -55.63 -1.39 -30.91
N ILE E 457 -55.56 -2.63 -30.43
CA ILE E 457 -54.37 -3.46 -30.55
C ILE E 457 -54.08 -3.70 -32.04
N ASN E 458 -55.10 -4.15 -32.76
CA ASN E 458 -55.00 -4.39 -34.20
C ASN E 458 -54.73 -3.15 -35.05
N ARG E 459 -55.33 -2.02 -34.70
CA ARG E 459 -54.95 -0.75 -35.32
C ARG E 459 -53.46 -0.46 -35.06
N ALA E 460 -53.02 -0.65 -33.82
CA ALA E 460 -51.62 -0.37 -33.44
C ALA E 460 -50.62 -1.31 -34.10
N LYS E 461 -51.01 -2.58 -34.29
CA LYS E 461 -50.16 -3.55 -35.00
C LYS E 461 -49.74 -3.07 -36.40
N GLN E 462 -50.62 -2.32 -37.07
CA GLN E 462 -50.33 -1.76 -38.38
C GLN E 462 -49.73 -0.35 -38.31
N GLU E 463 -50.27 0.49 -37.44
CA GLU E 463 -49.97 1.93 -37.50
C GLU E 463 -48.91 2.48 -36.56
N PHE E 464 -48.56 1.71 -35.51
CA PHE E 464 -47.46 2.09 -34.62
C PHE E 464 -46.18 1.63 -35.30
N HIS E 465 -45.47 2.59 -35.90
CA HIS E 465 -44.33 2.27 -36.74
C HIS E 465 -43.05 2.22 -35.96
N VAL E 466 -42.94 1.13 -35.20
CA VAL E 466 -41.69 0.77 -34.53
C VAL E 466 -41.33 -0.65 -34.92
N GLY E 467 -40.04 -0.98 -34.86
CA GLY E 467 -39.58 -2.33 -35.20
C GLY E 467 -39.92 -3.37 -34.14
N ASN E 468 -40.11 -2.89 -32.92
CA ASN E 468 -40.40 -3.70 -31.75
C ASN E 468 -41.59 -3.18 -30.99
N LEU E 469 -42.74 -3.76 -31.26
CA LEU E 469 -43.97 -3.29 -30.70
C LEU E 469 -44.45 -4.29 -29.66
N TYR E 470 -44.84 -3.77 -28.50
CA TYR E 470 -45.26 -4.60 -27.39
C TYR E 470 -46.66 -4.17 -26.93
N PHE E 471 -47.47 -5.15 -26.51
CA PHE E 471 -48.79 -4.88 -25.98
C PHE E 471 -48.93 -5.40 -24.55
N ASN E 472 -49.38 -4.51 -23.65
CA ASN E 472 -49.63 -4.84 -22.23
C ASN E 472 -48.42 -5.35 -21.46
N ARG E 473 -47.30 -4.68 -21.71
CA ARG E 473 -46.04 -4.89 -21.03
C ARG E 473 -45.15 -3.68 -21.38
N ASN E 474 -43.93 -3.68 -20.85
CA ASN E 474 -42.98 -2.61 -21.15
C ASN E 474 -42.30 -2.78 -22.51
N CYS E 475 -41.62 -1.72 -22.96
CA CYS E 475 -40.95 -1.70 -24.27
C CYS E 475 -39.44 -1.98 -24.21
N THR E 476 -38.96 -2.37 -23.04
CA THR E 476 -37.60 -2.87 -22.88
C THR E 476 -37.64 -4.40 -22.76
N GLY E 477 -36.48 -5.03 -22.68
CA GLY E 477 -36.39 -6.49 -22.55
C GLY E 477 -36.77 -7.23 -23.81
N ALA E 478 -35.82 -7.36 -24.72
CA ALA E 478 -36.01 -8.17 -25.92
C ALA E 478 -35.10 -9.38 -25.84
N ILE E 479 -35.70 -10.56 -25.99
CA ILE E 479 -34.99 -11.83 -25.87
C ILE E 479 -34.69 -12.47 -27.22
N VAL E 480 -33.42 -12.83 -27.41
CA VAL E 480 -32.89 -13.50 -28.60
C VAL E 480 -33.74 -14.71 -29.00
N GLY E 481 -34.19 -14.72 -30.26
CA GLY E 481 -35.02 -15.80 -30.81
C GLY E 481 -36.49 -15.76 -30.42
N TYR E 482 -36.86 -14.74 -29.66
CA TYR E 482 -38.22 -14.60 -29.16
C TYR E 482 -38.77 -13.28 -29.65
N HIS E 483 -38.01 -12.21 -29.41
CA HIS E 483 -38.34 -10.89 -29.91
C HIS E 483 -37.12 -10.30 -30.65
N PRO E 484 -36.98 -10.56 -31.95
CA PRO E 484 -35.78 -10.05 -32.64
C PRO E 484 -35.73 -8.51 -32.69
N PHE E 485 -34.55 -7.96 -32.43
CA PHE E 485 -34.44 -6.55 -32.09
C PHE E 485 -33.82 -5.75 -33.21
N GLY E 486 -34.49 -4.67 -33.59
CA GLY E 486 -34.04 -3.76 -34.65
C GLY E 486 -35.19 -2.80 -34.92
N GLY E 487 -34.87 -1.64 -35.51
CA GLY E 487 -35.88 -0.62 -35.77
C GLY E 487 -35.81 0.16 -37.08
N PHE E 488 -36.85 0.96 -37.32
CA PHE E 488 -37.03 1.73 -38.56
C PHE E 488 -36.43 3.12 -38.46
N LYS E 489 -36.48 3.84 -39.59
CA LYS E 489 -36.22 5.28 -39.63
C LYS E 489 -34.80 5.62 -39.14
N MET E 490 -34.64 6.52 -38.18
CA MET E 490 -33.28 6.87 -37.73
C MET E 490 -32.70 5.93 -36.66
N SER E 491 -33.47 4.91 -36.29
CA SER E 491 -32.97 3.85 -35.41
C SER E 491 -32.01 2.91 -36.13
N GLY E 492 -32.01 2.94 -37.47
CA GLY E 492 -31.00 2.24 -38.26
C GLY E 492 -31.49 1.42 -39.43
N THR E 493 -30.81 0.30 -39.68
CA THR E 493 -31.09 -0.54 -40.84
C THR E 493 -32.14 -1.63 -40.64
N ASP E 494 -32.75 -1.68 -39.44
CA ASP E 494 -33.71 -2.74 -39.08
C ASP E 494 -33.11 -4.13 -39.32
N SER E 495 -31.88 -4.29 -38.87
CA SER E 495 -31.22 -5.57 -38.96
C SER E 495 -31.57 -6.28 -37.66
N LYS E 496 -32.48 -7.23 -37.77
CA LYS E 496 -33.13 -7.86 -36.61
C LYS E 496 -32.19 -8.84 -35.93
N ALA E 497 -31.51 -8.35 -34.90
CA ALA E 497 -30.56 -9.15 -34.15
C ALA E 497 -31.31 -10.16 -33.32
N GLY E 498 -30.78 -11.37 -33.27
CA GLY E 498 -31.46 -12.46 -32.57
C GLY E 498 -32.72 -12.88 -33.30
N GLY E 499 -32.69 -12.82 -34.63
CA GLY E 499 -33.78 -13.24 -35.48
C GLY E 499 -33.27 -14.10 -36.61
N PRO E 500 -34.17 -14.74 -37.37
CA PRO E 500 -33.86 -15.75 -38.38
C PRO E 500 -33.12 -15.25 -39.65
N ASP E 501 -33.11 -13.94 -39.86
CA ASP E 501 -32.56 -13.35 -41.09
C ASP E 501 -31.24 -12.62 -40.84
N TYR E 502 -30.78 -12.64 -39.59
CA TYR E 502 -29.64 -11.80 -39.18
C TYR E 502 -28.30 -12.22 -39.77
N LEU E 503 -28.03 -13.52 -39.75
CA LEU E 503 -26.76 -14.06 -40.25
C LEU E 503 -26.57 -13.96 -41.76
N ALA E 504 -27.67 -14.05 -42.51
CA ALA E 504 -27.62 -13.97 -43.97
C ALA E 504 -27.23 -12.56 -44.44
N LEU E 505 -27.42 -11.59 -43.56
CA LEU E 505 -26.94 -10.23 -43.81
C LEU E 505 -25.44 -10.22 -43.93
N HIS E 506 -24.80 -11.08 -43.15
CA HIS E 506 -23.36 -11.18 -43.08
C HIS E 506 -22.76 -12.05 -44.18
N MET E 507 -23.61 -12.58 -45.05
CA MET E 507 -23.15 -13.50 -46.09
C MET E 507 -23.61 -13.11 -47.46
N GLN E 508 -23.00 -13.69 -48.48
CA GLN E 508 -23.53 -13.48 -49.82
C GLN E 508 -24.01 -14.75 -50.49
N ALA E 509 -25.17 -14.63 -51.11
CA ALA E 509 -25.79 -15.70 -51.82
C ALA E 509 -25.00 -16.09 -53.08
N LYS E 510 -24.92 -17.39 -53.34
CA LYS E 510 -24.21 -17.89 -54.51
C LYS E 510 -25.03 -18.97 -55.22
N THR E 511 -25.21 -18.76 -56.52
CA THR E 511 -25.93 -19.70 -57.37
C THR E 511 -24.92 -20.59 -58.09
N ILE E 512 -25.05 -21.90 -57.91
CA ILE E 512 -24.22 -22.92 -58.58
C ILE E 512 -25.14 -23.81 -59.40
N SER E 513 -24.88 -23.88 -60.70
CA SER E 513 -25.66 -24.68 -61.63
C SER E 513 -24.78 -25.56 -62.52
N GLU E 514 -25.13 -26.84 -62.64
CA GLU E 514 -24.34 -27.75 -63.47
C GLU E 514 -25.20 -28.52 -64.47
N MET E 515 -24.82 -28.45 -65.74
CA MET E 515 -25.40 -29.29 -66.81
C MET E 515 -24.66 -30.62 -66.92
N PHE E 516 -25.37 -31.68 -67.31
CA PHE E 516 -24.78 -33.02 -67.33
C PHE E 516 -24.48 -33.58 -68.73
N PRO F 4 -27.14 13.71 32.31
CA PRO F 4 -26.23 13.52 31.18
C PRO F 4 -26.72 12.44 30.22
N TYR F 5 -27.87 12.67 29.57
CA TYR F 5 -28.48 11.63 28.73
C TYR F 5 -29.09 12.10 27.41
N LYS F 6 -28.55 11.57 26.32
CA LYS F 6 -29.22 11.53 25.02
C LYS F 6 -29.11 10.11 24.49
N HIS F 7 -30.14 9.66 23.79
CA HIS F 7 -30.27 8.24 23.40
C HIS F 7 -29.24 7.74 22.38
N GLU F 8 -29.02 6.41 22.37
CA GLU F 8 -28.12 5.72 21.44
C GLU F 8 -28.69 5.73 20.02
N PRO F 9 -27.98 6.40 19.08
CA PRO F 9 -28.44 6.56 17.71
C PRO F 9 -28.50 5.24 16.96
N PHE F 10 -29.51 5.10 16.10
CA PHE F 10 -29.66 3.90 15.28
C PHE F 10 -28.64 3.94 14.15
N THR F 11 -28.29 2.77 13.63
CA THR F 11 -27.36 2.65 12.51
C THR F 11 -28.04 3.08 11.21
N ASN F 12 -27.48 4.11 10.58
CA ASN F 12 -27.95 4.60 9.29
C ASN F 12 -27.56 3.60 8.19
N PHE F 13 -28.53 2.79 7.77
CA PHE F 13 -28.28 1.71 6.80
C PHE F 13 -28.22 2.19 5.35
N GLY F 14 -28.09 3.50 5.17
CA GLY F 14 -27.97 4.09 3.84
C GLY F 14 -26.53 4.23 3.38
N ILE F 15 -25.65 4.62 4.29
CA ILE F 15 -24.24 4.86 3.95
C ILE F 15 -23.48 3.57 3.65
N GLU F 16 -22.41 3.69 2.87
CA GLU F 16 -21.62 2.55 2.40
C GLU F 16 -20.82 1.89 3.53
N GLU F 17 -20.27 2.71 4.42
CA GLU F 17 -19.36 2.25 5.48
C GLU F 17 -20.06 1.36 6.52
N ASN F 18 -21.32 1.67 6.83
CA ASN F 18 -22.10 0.94 7.84
C ASN F 18 -22.70 -0.38 7.34
N ARG F 19 -22.98 -0.46 6.04
CA ARG F 19 -23.53 -1.68 5.44
C ARG F 19 -22.50 -2.80 5.37
N LYS F 20 -21.22 -2.41 5.27
CA LYS F 20 -20.09 -3.35 5.29
C LYS F 20 -19.93 -4.01 6.66
N ALA F 21 -20.15 -3.23 7.72
CA ALA F 21 -19.95 -3.68 9.10
C ALA F 21 -20.97 -4.73 9.53
N PHE F 22 -22.22 -4.59 9.08
CA PHE F 22 -23.27 -5.55 9.40
C PHE F 22 -23.12 -6.85 8.61
N GLU F 23 -22.57 -6.74 7.40
CA GLU F 23 -22.12 -7.89 6.63
C GLU F 23 -21.03 -8.65 7.41
N LYS F 24 -20.04 -7.91 7.91
CA LYS F 24 -18.95 -8.46 8.71
C LYS F 24 -19.49 -9.16 9.95
N ALA F 25 -20.36 -8.47 10.69
CA ALA F 25 -20.87 -8.95 11.97
C ALA F 25 -21.76 -10.18 11.87
N LEU F 26 -22.59 -10.23 10.82
CA LEU F 26 -23.51 -11.36 10.61
C LEU F 26 -22.75 -12.63 10.25
N GLU F 27 -21.68 -12.49 9.47
CA GLU F 27 -20.81 -13.62 9.14
C GLU F 27 -20.00 -14.08 10.36
N THR F 28 -19.62 -13.14 11.22
CA THR F 28 -18.95 -13.44 12.49
C THR F 28 -19.86 -14.29 13.38
N VAL F 29 -21.16 -13.94 13.40
CA VAL F 29 -22.17 -14.66 14.17
C VAL F 29 -22.47 -16.04 13.58
N ASN F 30 -22.59 -16.10 12.25
CA ASN F 30 -22.91 -17.33 11.52
C ASN F 30 -22.11 -18.59 11.87
N ASN F 31 -20.85 -18.41 12.27
CA ASN F 31 -19.98 -19.53 12.62
C ASN F 31 -19.63 -19.62 14.10
N GLU F 32 -19.21 -18.49 14.67
CA GLU F 32 -18.66 -18.47 16.03
C GLU F 32 -19.73 -18.51 17.13
N TRP F 33 -20.74 -17.66 16.99
CA TRP F 33 -21.79 -17.53 18.00
C TRP F 33 -22.81 -18.68 17.97
N LEU F 34 -23.12 -19.14 16.77
CA LEU F 34 -24.12 -20.19 16.52
C LEU F 34 -23.66 -21.57 16.96
N GLY F 35 -24.63 -22.47 17.08
CA GLY F 35 -24.37 -23.89 17.34
C GLY F 35 -23.93 -24.24 18.74
N GLN F 36 -23.67 -23.24 19.57
CA GLN F 36 -23.10 -23.43 20.90
C GLN F 36 -24.16 -23.85 21.93
N SER F 37 -23.71 -24.40 23.06
CA SER F 37 -24.62 -24.92 24.08
C SER F 37 -24.58 -24.13 25.38
N TYR F 38 -25.76 -23.82 25.91
CA TYR F 38 -25.91 -22.92 27.05
C TYR F 38 -26.65 -23.55 28.24
N PRO F 39 -25.95 -23.66 29.39
CA PRO F 39 -26.51 -24.18 30.64
C PRO F 39 -27.41 -23.19 31.41
N LEU F 40 -28.03 -23.68 32.47
CA LEU F 40 -28.74 -22.86 33.44
C LEU F 40 -27.71 -22.19 34.33
N VAL F 41 -28.04 -21.03 34.89
CA VAL F 41 -27.11 -20.37 35.81
C VAL F 41 -27.82 -20.12 37.13
N ILE F 42 -27.38 -20.84 38.16
CA ILE F 42 -27.97 -20.76 39.48
C ILE F 42 -26.84 -20.57 40.49
N ASP F 43 -26.90 -19.47 41.24
CA ASP F 43 -25.86 -19.07 42.22
C ASP F 43 -24.43 -19.14 41.67
N GLY F 44 -24.25 -18.66 40.44
CA GLY F 44 -22.94 -18.65 39.78
C GLY F 44 -22.46 -19.99 39.25
N GLU F 45 -23.28 -21.03 39.39
CA GLU F 45 -22.92 -22.38 38.96
C GLU F 45 -23.62 -22.74 37.66
N ARG F 46 -23.02 -23.63 36.89
CA ARG F 46 -23.60 -24.07 35.62
C ARG F 46 -24.25 -25.44 35.80
N TYR F 47 -25.52 -25.55 35.45
CA TYR F 47 -26.26 -26.80 35.50
C TYR F 47 -26.68 -27.14 34.08
N GLU F 48 -26.50 -28.40 33.69
CA GLU F 48 -26.83 -28.85 32.35
C GLU F 48 -27.80 -30.02 32.42
N THR F 49 -28.84 -29.98 31.59
CA THR F 49 -29.84 -31.05 31.57
C THR F 49 -29.78 -31.87 30.28
N GLU F 50 -30.29 -33.09 30.33
CA GLU F 50 -30.31 -33.97 29.17
C GLU F 50 -31.40 -33.49 28.20
N ASN F 51 -32.48 -32.94 28.76
CA ASN F 51 -33.55 -32.33 28.01
C ASN F 51 -33.22 -30.88 27.68
N LYS F 52 -33.54 -30.45 26.45
CA LYS F 52 -33.17 -29.11 25.99
C LYS F 52 -34.25 -28.32 25.24
N ILE F 53 -34.03 -27.01 25.15
CA ILE F 53 -34.77 -26.12 24.24
C ILE F 53 -33.87 -25.89 23.04
N VAL F 54 -34.39 -26.19 21.85
CA VAL F 54 -33.65 -25.96 20.61
C VAL F 54 -34.16 -24.69 19.94
N SER F 55 -33.32 -23.66 19.92
CA SER F 55 -33.67 -22.39 19.30
C SER F 55 -33.25 -22.39 17.83
N ILE F 56 -34.25 -22.37 16.95
CA ILE F 56 -34.03 -22.42 15.49
C ILE F 56 -34.08 -21.04 14.83
N ASN F 57 -33.48 -20.93 13.65
CA ASN F 57 -33.62 -19.77 12.78
C ASN F 57 -35.02 -19.76 12.17
N PRO F 58 -35.85 -18.75 12.48
CA PRO F 58 -37.22 -18.78 11.95
C PRO F 58 -37.33 -18.47 10.44
N ALA F 59 -36.25 -17.98 9.84
CA ALA F 59 -36.18 -17.72 8.40
C ALA F 59 -35.57 -18.89 7.63
N ASN F 60 -35.02 -19.86 8.37
CA ASN F 60 -34.46 -21.08 7.80
C ASN F 60 -34.59 -22.16 8.87
N LYS F 61 -35.73 -22.84 8.90
CA LYS F 61 -36.21 -23.64 10.05
C LYS F 61 -35.36 -24.83 10.48
N GLU F 62 -34.35 -25.18 9.68
CA GLU F 62 -33.42 -26.24 10.08
C GLU F 62 -32.00 -25.76 10.35
N GLU F 63 -31.83 -24.46 10.62
CA GLU F 63 -30.58 -23.94 11.17
C GLU F 63 -30.75 -23.80 12.67
N VAL F 64 -29.96 -24.56 13.42
CA VAL F 64 -29.98 -24.50 14.88
C VAL F 64 -29.09 -23.35 15.37
N VAL F 65 -29.72 -22.32 15.92
CA VAL F 65 -29.03 -21.13 16.44
C VAL F 65 -28.33 -21.46 17.77
N GLY F 66 -29.03 -22.22 18.61
CA GLY F 66 -28.45 -22.64 19.88
C GLY F 66 -29.30 -23.65 20.62
N THR F 67 -28.63 -24.42 21.47
CA THR F 67 -29.29 -25.33 22.38
C THR F 67 -29.17 -24.76 23.79
N VAL F 68 -30.25 -24.82 24.55
CA VAL F 68 -30.27 -24.34 25.94
C VAL F 68 -30.94 -25.38 26.84
N SER F 69 -30.37 -25.62 28.03
CA SER F 69 -30.96 -26.51 29.02
C SER F 69 -32.32 -26.03 29.53
N LYS F 70 -33.23 -26.98 29.78
CA LYS F 70 -34.57 -26.70 30.27
C LYS F 70 -34.60 -26.92 31.79
N ALA F 71 -35.14 -25.96 32.52
CA ALA F 71 -35.18 -26.03 33.98
C ALA F 71 -36.42 -26.78 34.45
N THR F 72 -36.33 -27.32 35.66
CA THR F 72 -37.41 -28.05 36.31
C THR F 72 -37.81 -27.26 37.55
N GLN F 73 -38.79 -27.77 38.31
CA GLN F 73 -39.23 -27.10 39.53
C GLN F 73 -38.14 -27.09 40.60
N ASP F 74 -37.26 -28.09 40.55
CA ASP F 74 -36.13 -28.19 41.47
C ASP F 74 -35.09 -27.12 41.17
N HIS F 75 -34.89 -26.84 39.88
CA HIS F 75 -33.95 -25.81 39.45
C HIS F 75 -34.44 -24.42 39.81
N ALA F 76 -35.74 -24.23 39.69
CA ALA F 76 -36.41 -22.97 40.01
C ALA F 76 -36.32 -22.67 41.50
N GLU F 77 -36.55 -23.71 42.31
CA GLU F 77 -36.42 -23.68 43.77
C GLU F 77 -35.05 -23.14 44.17
N LYS F 78 -33.99 -23.73 43.59
CA LYS F 78 -32.61 -23.38 43.91
C LYS F 78 -32.21 -22.00 43.40
N ALA F 79 -32.83 -21.58 42.32
CA ALA F 79 -32.61 -20.25 41.73
C ALA F 79 -33.15 -19.19 42.67
N ILE F 80 -34.32 -19.48 43.24
CA ILE F 80 -34.98 -18.57 44.18
C ILE F 80 -34.23 -18.47 45.50
N GLN F 81 -33.68 -19.60 45.97
CA GLN F 81 -32.90 -19.62 47.21
C GLN F 81 -31.58 -18.88 47.03
N ALA F 82 -31.00 -19.01 45.84
CA ALA F 82 -29.78 -18.30 45.48
C ALA F 82 -30.04 -16.82 45.52
N ALA F 83 -31.12 -16.42 44.85
CA ALA F 83 -31.58 -15.05 44.79
C ALA F 83 -31.94 -14.52 46.17
N ALA F 84 -32.62 -15.34 46.97
CA ALA F 84 -32.98 -14.95 48.34
C ALA F 84 -31.75 -14.68 49.19
N LYS F 85 -30.80 -15.61 49.16
CA LYS F 85 -29.57 -15.50 49.94
C LYS F 85 -28.68 -14.35 49.46
N ALA F 86 -28.54 -14.23 48.14
CA ALA F 86 -27.72 -13.18 47.52
C ALA F 86 -28.24 -11.78 47.82
N PHE F 87 -29.57 -11.67 47.95
CA PHE F 87 -30.24 -10.42 48.32
C PHE F 87 -29.75 -9.83 49.64
N GLU F 88 -29.42 -10.70 50.60
CA GLU F 88 -29.00 -10.30 51.95
C GLU F 88 -27.76 -9.38 52.00
N THR F 89 -26.90 -9.46 51.00
CA THR F 89 -25.73 -8.59 50.91
C THR F 89 -25.85 -7.56 49.78
N TRP F 90 -26.36 -8.01 48.63
CA TRP F 90 -26.53 -7.12 47.47
C TRP F 90 -27.38 -5.87 47.77
N ARG F 91 -28.39 -6.03 48.62
CA ARG F 91 -29.23 -4.92 49.04
C ARG F 91 -28.50 -3.78 49.75
N TYR F 92 -27.31 -4.04 50.26
CA TYR F 92 -26.51 -3.02 50.95
C TYR F 92 -25.43 -2.37 50.07
N THR F 93 -25.30 -2.80 48.82
CA THR F 93 -24.28 -2.30 47.90
C THR F 93 -24.58 -0.86 47.52
N ASP F 94 -23.57 0.01 47.64
CA ASP F 94 -23.67 1.43 47.24
C ASP F 94 -24.31 1.48 45.85
N PRO F 95 -25.46 2.20 45.72
CA PRO F 95 -26.12 2.36 44.42
C PRO F 95 -25.17 2.77 43.31
N GLU F 96 -24.09 3.48 43.64
CA GLU F 96 -23.01 3.77 42.69
C GLU F 96 -22.45 2.50 42.03
N GLU F 97 -22.12 1.50 42.85
CA GLU F 97 -21.52 0.27 42.36
C GLU F 97 -22.52 -0.60 41.60
N ARG F 98 -23.79 -0.52 41.98
CA ARG F 98 -24.87 -1.15 41.22
C ARG F 98 -25.02 -0.51 39.84
N ALA F 99 -24.94 0.83 39.79
CA ALA F 99 -25.01 1.58 38.54
C ALA F 99 -23.81 1.33 37.65
N ALA F 100 -22.65 1.13 38.28
CA ALA F 100 -21.39 0.88 37.57
C ALA F 100 -21.39 -0.47 36.86
N VAL F 101 -22.07 -1.48 37.41
CA VAL F 101 -22.24 -2.79 36.76
C VAL F 101 -22.96 -2.62 35.42
N LEU F 102 -24.01 -1.79 35.43
CA LEU F 102 -24.76 -1.45 34.22
C LEU F 102 -23.92 -0.68 33.21
N PHE F 103 -23.09 0.26 33.70
CA PHE F 103 -22.23 1.08 32.85
C PHE F 103 -21.20 0.30 32.05
N ARG F 104 -20.51 -0.66 32.68
CA ARG F 104 -19.56 -1.49 31.95
C ARG F 104 -20.24 -2.67 31.25
N ALA F 105 -21.54 -2.84 31.47
CA ALA F 105 -22.35 -3.77 30.68
C ALA F 105 -22.81 -3.07 29.41
N VAL F 106 -23.02 -1.76 29.50
CA VAL F 106 -23.28 -0.92 28.32
C VAL F 106 -22.09 -1.02 27.38
N ALA F 107 -20.90 -0.79 27.93
CA ALA F 107 -19.63 -0.79 27.18
C ALA F 107 -19.41 -2.09 26.41
N LYS F 108 -19.61 -3.22 27.10
CA LYS F 108 -19.56 -4.55 26.47
C LYS F 108 -20.47 -4.67 25.24
N VAL F 109 -21.70 -4.19 25.39
CA VAL F 109 -22.72 -4.34 24.35
C VAL F 109 -22.47 -3.34 23.20
N ARG F 110 -22.10 -2.10 23.55
CA ARG F 110 -21.79 -1.07 22.56
C ARG F 110 -20.58 -1.42 21.68
N ARG F 111 -19.57 -2.07 22.26
CA ARG F 111 -18.41 -2.57 21.51
C ARG F 111 -18.80 -3.69 20.55
N LYS F 112 -19.72 -4.56 20.97
CA LYS F 112 -20.18 -5.67 20.13
C LYS F 112 -21.58 -5.41 19.57
N LYS F 113 -21.85 -4.13 19.25
CA LYS F 113 -23.18 -3.66 18.84
C LYS F 113 -23.80 -4.45 17.70
N HIS F 114 -23.07 -4.52 16.59
CA HIS F 114 -23.63 -5.04 15.36
C HIS F 114 -23.78 -6.56 15.39
N GLU F 115 -22.99 -7.22 16.25
CA GLU F 115 -23.06 -8.69 16.41
C GLU F 115 -24.11 -9.16 17.41
N PHE F 116 -24.47 -8.30 18.35
CA PHE F 116 -25.66 -8.56 19.17
C PHE F 116 -26.88 -8.40 18.29
N SER F 117 -26.89 -7.31 17.52
CA SER F 117 -27.91 -7.08 16.48
C SER F 117 -28.04 -8.29 15.55
N ALA F 118 -26.90 -8.80 15.07
CA ALA F 118 -26.84 -9.93 14.14
C ALA F 118 -27.36 -11.23 14.74
N LEU F 119 -27.20 -11.40 16.05
CA LEU F 119 -27.72 -12.57 16.77
C LEU F 119 -29.26 -12.53 16.83
N LEU F 120 -29.83 -11.34 16.99
CA LEU F 120 -31.28 -11.15 16.95
C LEU F 120 -31.83 -11.34 15.54
N VAL F 121 -31.02 -10.95 14.55
CA VAL F 121 -31.30 -11.21 13.13
C VAL F 121 -31.50 -12.71 12.93
N LYS F 122 -30.58 -13.50 13.49
CA LYS F 122 -30.65 -14.96 13.36
C LYS F 122 -31.72 -15.63 14.23
N GLU F 123 -31.79 -15.23 15.50
CA GLU F 123 -32.62 -15.93 16.47
C GLU F 123 -34.10 -15.56 16.38
N ALA F 124 -34.37 -14.28 16.09
CA ALA F 124 -35.74 -13.78 16.05
C ALA F 124 -36.27 -13.52 14.64
N GLY F 125 -35.38 -13.58 13.64
CA GLY F 125 -35.75 -13.30 12.25
C GLY F 125 -35.98 -11.81 12.03
N LYS F 126 -35.19 -11.01 12.70
CA LYS F 126 -35.41 -9.57 12.75
C LYS F 126 -34.70 -8.92 11.56
N PRO F 127 -35.42 -8.09 10.79
CA PRO F 127 -34.76 -7.32 9.75
C PRO F 127 -33.74 -6.37 10.37
N TRP F 128 -32.76 -5.95 9.59
CA TRP F 128 -31.58 -5.27 10.08
C TRP F 128 -31.87 -4.06 10.96
N ASN F 129 -32.77 -3.19 10.52
CA ASN F 129 -33.11 -1.98 11.27
C ASN F 129 -33.87 -2.25 12.57
N GLU F 130 -34.67 -3.33 12.56
CA GLU F 130 -35.48 -3.75 13.70
C GLU F 130 -34.61 -4.38 14.78
N ALA F 131 -33.55 -5.05 14.34
CA ALA F 131 -32.61 -5.69 15.25
C ALA F 131 -31.60 -4.69 15.81
N ASP F 132 -31.20 -3.71 14.98
CA ASP F 132 -30.31 -2.63 15.41
C ASP F 132 -30.94 -1.72 16.47
N ALA F 133 -32.23 -1.42 16.30
CA ALA F 133 -32.97 -0.58 17.23
C ALA F 133 -33.28 -1.29 18.55
N ASP F 134 -33.42 -2.61 18.49
CA ASP F 134 -33.63 -3.43 19.67
C ASP F 134 -32.40 -3.41 20.59
N THR F 135 -31.21 -3.49 19.99
CA THR F 135 -29.93 -3.43 20.72
C THR F 135 -29.68 -2.03 21.26
N ALA F 136 -29.96 -1.02 20.44
CA ALA F 136 -29.79 0.37 20.81
C ALA F 136 -30.72 0.77 21.96
N GLU F 137 -31.89 0.12 22.02
CA GLU F 137 -32.86 0.36 23.09
C GLU F 137 -32.45 -0.38 24.36
N ALA F 138 -31.84 -1.55 24.20
CA ALA F 138 -31.25 -2.28 25.33
C ALA F 138 -30.15 -1.44 25.97
N ILE F 139 -29.29 -0.84 25.15
CA ILE F 139 -28.24 0.08 25.62
C ILE F 139 -28.88 1.20 26.41
N ASP F 140 -29.86 1.86 25.79
CA ASP F 140 -30.60 2.97 26.39
C ASP F 140 -31.19 2.67 27.76
N PHE F 141 -31.89 1.54 27.87
CA PHE F 141 -32.47 1.11 29.14
C PHE F 141 -31.42 1.10 30.25
N MET F 142 -30.25 0.51 29.96
CA MET F 142 -29.16 0.39 30.90
C MET F 142 -28.54 1.75 31.25
N GLU F 143 -28.29 2.59 30.24
CA GLU F 143 -27.77 3.94 30.45
C GLU F 143 -28.74 4.78 31.29
N TYR F 144 -30.03 4.68 30.96
CA TYR F 144 -31.06 5.48 31.59
C TYR F 144 -31.33 5.02 33.02
N TYR F 145 -31.47 3.71 33.24
CA TYR F 145 -31.76 3.20 34.58
C TYR F 145 -30.57 3.30 35.53
N ALA F 146 -29.36 3.36 34.98
CA ALA F 146 -28.16 3.55 35.79
C ALA F 146 -28.12 4.98 36.33
N ARG F 147 -28.44 5.95 35.47
CA ARG F 147 -28.52 7.35 35.88
C ARG F 147 -29.70 7.59 36.82
N GLN F 148 -30.78 6.83 36.62
CA GLN F 148 -31.99 7.00 37.43
C GLN F 148 -31.82 6.54 38.87
N MET F 149 -30.97 5.54 39.08
CA MET F 149 -30.63 5.09 40.44
C MET F 149 -29.77 6.08 41.20
N ILE F 150 -28.90 6.75 40.48
CA ILE F 150 -28.05 7.79 41.04
C ILE F 150 -28.87 8.96 41.55
N GLU F 151 -29.89 9.36 40.78
CA GLU F 151 -30.81 10.42 41.19
C GLU F 151 -31.73 9.98 42.34
N LEU F 152 -32.11 8.70 42.36
CA LEU F 152 -32.96 8.19 43.44
C LEU F 152 -32.22 8.02 44.76
N ALA F 153 -30.91 7.79 44.69
CA ALA F 153 -30.07 7.62 45.88
C ALA F 153 -29.83 8.92 46.67
N LYS F 154 -30.24 10.06 46.11
CA LYS F 154 -30.22 11.34 46.81
C LYS F 154 -31.40 11.43 47.78
N GLY F 155 -32.42 10.62 47.53
CA GLY F 155 -33.66 10.66 48.29
C GLY F 155 -34.58 11.80 47.84
N LYS F 156 -35.69 11.95 48.55
CA LYS F 156 -36.59 13.09 48.30
C LYS F 156 -36.60 14.01 49.51
N PRO F 157 -36.68 15.33 49.28
CA PRO F 157 -36.77 16.24 50.42
C PRO F 157 -38.12 16.14 51.14
N VAL F 158 -38.08 16.15 52.47
CA VAL F 158 -39.28 16.38 53.29
C VAL F 158 -38.98 17.48 54.31
N ASN F 159 -40.05 18.08 54.85
CA ASN F 159 -39.96 19.06 55.92
C ASN F 159 -39.41 18.49 57.23
N SER F 160 -38.63 19.31 57.94
CA SER F 160 -38.17 18.97 59.29
C SER F 160 -38.47 20.13 60.24
N ARG F 161 -39.03 19.81 61.41
CA ARG F 161 -39.19 20.78 62.50
C ARG F 161 -37.82 21.15 63.07
N GLU F 162 -37.75 22.25 63.81
CA GLU F 162 -36.51 22.64 64.47
C GLU F 162 -36.15 21.59 65.54
N GLY F 163 -34.96 21.01 65.40
CA GLY F 163 -34.50 19.99 66.34
C GLY F 163 -34.74 18.56 65.92
N GLU F 164 -34.99 18.36 64.62
CA GLU F 164 -35.12 17.01 64.06
C GLU F 164 -34.51 16.94 62.67
N ARG F 165 -34.16 15.72 62.24
CA ARG F 165 -33.71 15.47 60.86
C ARG F 165 -34.52 14.34 60.24
N ASN F 166 -35.40 14.70 59.31
CA ASN F 166 -36.27 13.77 58.62
C ASN F 166 -35.71 13.38 57.25
N GLN F 167 -35.77 12.10 56.93
CA GLN F 167 -35.23 11.59 55.67
C GLN F 167 -36.25 10.71 54.96
N TYR F 168 -36.33 10.87 53.65
CA TYR F 168 -37.16 10.03 52.79
C TYR F 168 -36.24 9.38 51.75
N VAL F 169 -35.96 8.10 51.94
CA VAL F 169 -35.07 7.35 51.02
C VAL F 169 -35.77 6.09 50.47
N TYR F 170 -35.17 5.46 49.47
CA TYR F 170 -35.70 4.21 48.90
C TYR F 170 -34.78 3.05 49.25
N THR F 171 -35.39 1.88 49.49
CA THR F 171 -34.66 0.66 49.83
C THR F 171 -35.02 -0.50 48.88
N PRO F 172 -34.08 -1.44 48.65
CA PRO F 172 -34.35 -2.63 47.82
C PRO F 172 -35.46 -3.51 48.39
N THR F 173 -36.15 -4.23 47.52
CA THR F 173 -37.37 -4.95 47.92
C THR F 173 -37.15 -6.43 48.25
N GLY F 174 -36.68 -7.20 47.27
CA GLY F 174 -36.50 -8.64 47.45
C GLY F 174 -36.06 -9.36 46.18
N VAL F 175 -36.38 -10.64 46.08
CA VAL F 175 -36.13 -11.36 44.84
C VAL F 175 -37.19 -11.00 43.80
N THR F 176 -36.74 -10.81 42.56
CA THR F 176 -37.59 -10.42 41.47
C THR F 176 -37.63 -11.48 40.36
N VAL F 177 -38.83 -11.93 40.01
CA VAL F 177 -39.00 -12.90 38.93
C VAL F 177 -39.29 -12.20 37.61
N VAL F 178 -38.41 -12.39 36.63
CA VAL F 178 -38.48 -11.65 35.37
C VAL F 178 -38.94 -12.57 34.24
N ILE F 179 -40.05 -12.20 33.61
CA ILE F 179 -40.53 -12.92 32.44
C ILE F 179 -40.68 -11.92 31.29
N PRO F 180 -39.66 -11.82 30.43
CA PRO F 180 -39.72 -11.04 29.21
C PRO F 180 -40.35 -11.80 28.03
N PRO F 181 -40.72 -11.09 26.95
CA PRO F 181 -41.34 -11.77 25.83
C PRO F 181 -40.32 -12.19 24.77
N TRP F 182 -40.83 -12.56 23.59
CA TRP F 182 -40.00 -13.03 22.49
C TRP F 182 -39.72 -11.96 21.42
N ASN F 183 -40.63 -10.99 21.30
CA ASN F 183 -40.50 -9.92 20.29
C ASN F 183 -39.36 -8.92 20.51
N PHE F 184 -39.49 -8.01 21.47
CA PHE F 184 -38.38 -7.12 21.84
C PHE F 184 -37.43 -7.89 22.75
N LEU F 185 -36.77 -8.85 22.12
CA LEU F 185 -36.03 -9.92 22.73
C LEU F 185 -34.78 -9.49 23.50
N PHE F 186 -34.24 -8.33 23.13
CA PHE F 186 -33.04 -7.82 23.78
C PHE F 186 -33.39 -6.66 24.72
N ALA F 187 -34.04 -5.62 24.19
CA ALA F 187 -34.37 -4.42 24.97
C ALA F 187 -35.24 -4.66 26.21
N ILE F 188 -36.37 -5.34 26.03
CA ILE F 188 -37.31 -5.52 27.14
C ILE F 188 -36.75 -6.51 28.16
N MET F 189 -36.02 -7.49 27.67
CA MET F 189 -35.33 -8.44 28.53
C MET F 189 -34.16 -7.77 29.27
N ALA F 190 -33.41 -6.90 28.58
CA ALA F 190 -32.30 -6.15 29.23
C ALA F 190 -32.82 -5.21 30.28
N GLY F 191 -33.79 -4.39 29.89
CA GLY F 191 -34.37 -3.35 30.73
C GLY F 191 -35.06 -3.86 31.98
N THR F 192 -35.86 -4.92 31.84
CA THR F 192 -36.61 -5.49 32.98
C THR F 192 -35.76 -6.50 33.78
N THR F 193 -34.56 -6.81 33.29
CA THR F 193 -33.60 -7.54 34.11
C THR F 193 -32.74 -6.57 34.90
N VAL F 194 -32.22 -5.53 34.25
CA VAL F 194 -31.28 -4.60 34.93
C VAL F 194 -31.95 -3.63 35.89
N ALA F 195 -33.22 -3.30 35.65
CA ALA F 195 -33.95 -2.40 36.55
C ALA F 195 -34.11 -2.95 37.97
N PRO F 196 -34.55 -4.22 38.13
CA PRO F 196 -34.53 -4.76 39.50
C PRO F 196 -33.11 -4.84 40.08
N ILE F 197 -32.15 -5.31 39.29
CA ILE F 197 -30.78 -5.49 39.74
C ILE F 197 -30.11 -4.17 40.21
N VAL F 198 -30.27 -3.10 39.44
CA VAL F 198 -29.71 -1.81 39.83
C VAL F 198 -30.42 -1.20 41.07
N THR F 199 -31.67 -1.61 41.31
CA THR F 199 -32.42 -1.15 42.48
C THR F 199 -32.14 -1.99 43.72
N GLY F 200 -31.21 -2.95 43.62
CA GLY F 200 -30.74 -3.67 44.77
C GLY F 200 -31.42 -5.01 44.94
N ASN F 201 -32.34 -5.30 44.02
CA ASN F 201 -33.05 -6.56 44.01
C ASN F 201 -32.23 -7.67 43.35
N THR F 202 -32.74 -8.90 43.44
CA THR F 202 -32.07 -10.07 42.87
C THR F 202 -33.00 -10.74 41.87
N VAL F 203 -32.42 -11.24 40.79
CA VAL F 203 -33.23 -11.70 39.68
C VAL F 203 -33.22 -13.21 39.46
N VAL F 204 -34.41 -13.75 39.34
CA VAL F 204 -34.59 -15.05 38.73
C VAL F 204 -35.19 -14.76 37.36
N LEU F 205 -34.38 -14.92 36.33
CA LEU F 205 -34.79 -14.60 34.97
C LEU F 205 -35.30 -15.87 34.27
N LYS F 206 -36.52 -15.79 33.76
CA LYS F 206 -37.10 -16.87 32.97
C LYS F 206 -37.36 -16.33 31.56
N PRO F 207 -36.39 -16.51 30.65
CA PRO F 207 -36.53 -15.98 29.30
C PRO F 207 -37.58 -16.74 28.51
N ALA F 208 -38.06 -16.12 27.44
CA ALA F 208 -39.05 -16.71 26.57
C ALA F 208 -38.36 -17.85 25.82
N SER F 209 -38.92 -19.05 25.99
CA SER F 209 -38.32 -20.26 25.42
C SER F 209 -38.31 -20.25 23.89
N ALA F 210 -39.08 -19.33 23.32
CA ALA F 210 -39.08 -19.07 21.89
C ALA F 210 -37.72 -18.58 21.39
N ALA F 211 -36.99 -17.87 22.25
CA ALA F 211 -35.61 -17.45 21.96
C ALA F 211 -34.78 -17.11 23.22
N PRO F 212 -34.00 -18.09 23.71
CA PRO F 212 -33.25 -17.94 24.97
C PRO F 212 -31.73 -17.71 24.89
N VAL F 213 -31.15 -17.82 23.70
CA VAL F 213 -29.69 -17.68 23.49
C VAL F 213 -29.20 -16.27 23.79
N ILE F 214 -29.96 -15.26 23.35
CA ILE F 214 -29.66 -13.86 23.63
C ILE F 214 -29.64 -13.58 25.14
N ALA F 215 -30.61 -14.16 25.85
CA ALA F 215 -30.75 -14.00 27.29
C ALA F 215 -29.56 -14.63 28.00
N ALA F 216 -29.18 -15.83 27.55
CA ALA F 216 -27.99 -16.54 28.03
C ALA F 216 -26.74 -15.69 27.85
N LYS F 217 -26.62 -15.08 26.68
CA LYS F 217 -25.47 -14.23 26.37
C LYS F 217 -25.51 -12.92 27.13
N PHE F 218 -26.71 -12.44 27.45
CA PHE F 218 -26.83 -11.23 28.26
C PHE F 218 -26.49 -11.48 29.72
N VAL F 219 -26.97 -12.60 30.27
CA VAL F 219 -26.61 -13.02 31.62
C VAL F 219 -25.09 -13.12 31.77
N GLU F 220 -24.45 -13.79 30.82
CA GLU F 220 -22.99 -13.85 30.74
C GLU F 220 -22.32 -12.46 30.78
N VAL F 221 -22.90 -11.50 30.06
CA VAL F 221 -22.38 -10.12 30.03
C VAL F 221 -22.42 -9.45 31.41
N LEU F 222 -23.46 -9.75 32.20
CA LEU F 222 -23.63 -9.17 33.52
C LEU F 222 -22.68 -9.76 34.56
N GLU F 223 -22.38 -11.05 34.41
CA GLU F 223 -21.40 -11.75 35.26
C GLU F 223 -20.01 -11.17 35.06
N GLU F 224 -19.71 -10.79 33.82
CA GLU F 224 -18.47 -10.13 33.44
C GLU F 224 -18.42 -8.70 33.95
N SER F 225 -19.58 -8.16 34.29
CA SER F 225 -19.71 -6.76 34.65
C SER F 225 -19.60 -6.53 36.16
N GLY F 226 -19.39 -7.60 36.91
CA GLY F 226 -19.11 -7.51 38.34
C GLY F 226 -20.26 -7.90 39.25
N LEU F 227 -21.24 -8.62 38.69
CA LEU F 227 -22.35 -9.14 39.49
C LEU F 227 -21.91 -10.32 40.36
N PRO F 228 -22.17 -10.25 41.68
CA PRO F 228 -21.96 -11.40 42.57
C PRO F 228 -22.92 -12.53 42.23
N LYS F 229 -22.49 -13.75 42.54
CA LYS F 229 -23.28 -14.97 42.33
C LYS F 229 -24.67 -14.88 42.97
N GLY F 230 -25.68 -15.31 42.22
CA GLY F 230 -27.06 -15.34 42.69
C GLY F 230 -27.87 -14.07 42.48
N VAL F 231 -27.19 -12.97 42.15
CA VAL F 231 -27.86 -11.71 41.89
C VAL F 231 -28.68 -11.80 40.61
N VAL F 232 -28.13 -12.54 39.64
CA VAL F 232 -28.88 -12.93 38.47
C VAL F 232 -28.91 -14.47 38.34
N ASN F 233 -30.06 -15.02 37.99
CA ASN F 233 -30.25 -16.48 37.90
C ASN F 233 -31.02 -16.88 36.66
N PHE F 234 -30.34 -17.56 35.74
CA PHE F 234 -30.86 -17.85 34.41
C PHE F 234 -31.55 -19.23 34.35
N VAL F 235 -32.88 -19.24 34.27
CA VAL F 235 -33.64 -20.50 34.26
C VAL F 235 -34.75 -20.61 33.20
N PRO F 236 -34.38 -20.81 31.93
CA PRO F 236 -35.36 -21.03 30.87
C PRO F 236 -36.13 -22.34 31.05
N GLY F 237 -37.37 -22.38 30.58
CA GLY F 237 -38.15 -23.59 30.65
C GLY F 237 -39.61 -23.41 30.33
N SER F 238 -40.42 -24.27 30.91
CA SER F 238 -41.85 -24.28 30.68
C SER F 238 -42.57 -23.33 31.63
N GLY F 239 -43.58 -22.63 31.11
CA GLY F 239 -44.46 -21.82 31.94
C GLY F 239 -45.33 -22.68 32.83
N ALA F 240 -45.60 -23.91 32.36
CA ALA F 240 -46.34 -24.91 33.11
C ALA F 240 -45.64 -25.27 34.43
N GLU F 241 -44.44 -25.85 34.34
CA GLU F 241 -43.73 -26.24 35.55
C GLU F 241 -42.98 -25.11 36.25
N VAL F 242 -42.14 -24.38 35.52
CA VAL F 242 -41.28 -23.35 36.12
C VAL F 242 -42.04 -22.04 36.41
N GLY F 243 -42.78 -21.57 35.41
CA GLY F 243 -43.48 -20.28 35.45
C GLY F 243 -44.35 -20.05 36.67
N ASP F 244 -45.30 -20.95 36.89
CA ASP F 244 -46.19 -20.89 38.05
C ASP F 244 -45.45 -21.02 39.37
N TYR F 245 -44.42 -21.87 39.37
CA TYR F 245 -43.62 -22.13 40.58
C TYR F 245 -42.91 -20.87 41.04
N LEU F 246 -42.38 -20.10 40.06
CA LEU F 246 -41.66 -18.86 40.33
C LEU F 246 -42.59 -17.77 40.84
N VAL F 247 -43.80 -17.73 40.27
CA VAL F 247 -44.85 -16.81 40.69
C VAL F 247 -45.33 -17.13 42.11
N ASP F 248 -45.62 -18.41 42.37
CA ASP F 248 -46.17 -18.87 43.64
C ASP F 248 -45.21 -18.80 44.83
N HIS F 249 -43.92 -18.94 44.61
CA HIS F 249 -42.95 -19.07 45.70
C HIS F 249 -43.02 -17.97 46.75
N PRO F 250 -43.09 -18.35 48.04
CA PRO F 250 -43.24 -17.38 49.14
C PRO F 250 -42.14 -16.32 49.23
N LYS F 251 -40.95 -16.59 48.72
CA LYS F 251 -39.84 -15.64 48.79
C LYS F 251 -39.79 -14.69 47.58
N THR F 252 -40.66 -14.92 46.60
CA THR F 252 -40.81 -14.03 45.45
C THR F 252 -41.52 -12.75 45.88
N SER F 253 -40.88 -11.61 45.65
CA SER F 253 -41.41 -10.31 46.07
C SER F 253 -42.07 -9.53 44.94
N ILE F 254 -41.36 -9.45 43.82
CA ILE F 254 -41.77 -8.68 42.65
C ILE F 254 -41.76 -9.62 41.45
N ILE F 255 -42.80 -9.59 40.64
CA ILE F 255 -42.79 -10.29 39.37
C ILE F 255 -42.95 -9.28 38.27
N THR F 256 -41.95 -9.15 37.39
CA THR F 256 -42.05 -8.22 36.26
C THR F 256 -42.24 -8.91 34.89
N PHE F 257 -43.43 -8.73 34.30
CA PHE F 257 -43.86 -9.54 33.14
C PHE F 257 -44.25 -8.75 31.89
N THR F 258 -43.55 -8.96 30.79
CA THR F 258 -44.01 -8.44 29.50
C THR F 258 -44.45 -9.59 28.59
N GLY F 259 -45.63 -9.48 27.99
CA GLY F 259 -46.16 -10.57 27.17
C GLY F 259 -47.65 -10.48 26.88
N SER F 260 -48.35 -11.61 27.03
CA SER F 260 -49.75 -11.73 26.61
C SER F 260 -50.73 -11.52 27.75
N ARG F 261 -51.95 -11.13 27.38
CA ARG F 261 -53.03 -10.80 28.31
C ARG F 261 -53.47 -12.02 29.11
N GLU F 262 -53.58 -13.16 28.44
CA GLU F 262 -54.06 -14.39 29.09
C GLU F 262 -53.06 -14.93 30.11
N VAL F 263 -51.77 -14.77 29.82
CA VAL F 263 -50.70 -15.16 30.77
C VAL F 263 -50.54 -14.15 31.91
N GLY F 264 -50.62 -12.86 31.59
CA GLY F 264 -50.56 -11.79 32.61
C GLY F 264 -51.70 -11.80 33.62
N THR F 265 -52.89 -12.14 33.16
CA THR F 265 -54.06 -12.32 34.04
C THR F 265 -53.79 -13.40 35.06
N ARG F 266 -53.28 -14.54 34.60
CA ARG F 266 -52.91 -15.67 35.46
C ARG F 266 -51.90 -15.25 36.53
N ILE F 267 -50.84 -14.56 36.10
CA ILE F 267 -49.78 -14.03 36.98
C ILE F 267 -50.31 -13.07 38.06
N PHE F 268 -51.08 -12.07 37.64
CA PHE F 268 -51.70 -11.12 38.56
C PHE F 268 -52.63 -11.82 39.57
N GLU F 269 -53.43 -12.76 39.08
CA GLU F 269 -54.33 -13.57 39.94
C GLU F 269 -53.58 -14.41 40.98
N ARG F 270 -52.55 -15.12 40.54
CA ARG F 270 -51.80 -16.07 41.38
C ARG F 270 -50.83 -15.39 42.36
N ALA F 271 -50.26 -14.26 41.95
CA ALA F 271 -49.28 -13.54 42.80
C ALA F 271 -49.88 -12.99 44.08
N ALA F 272 -51.14 -12.56 44.03
CA ALA F 272 -51.80 -11.94 45.17
C ALA F 272 -52.15 -12.91 46.32
N LYS F 273 -52.17 -14.21 46.02
CA LYS F 273 -52.40 -15.24 47.01
C LYS F 273 -51.22 -15.29 47.97
N VAL F 274 -51.46 -14.90 49.23
CA VAL F 274 -50.42 -14.99 50.26
C VAL F 274 -50.28 -16.45 50.72
N GLN F 275 -49.14 -17.05 50.38
CA GLN F 275 -48.88 -18.47 50.58
C GLN F 275 -48.49 -18.75 52.03
N PRO F 276 -48.49 -20.03 52.46
CA PRO F 276 -48.01 -20.33 53.81
C PRO F 276 -46.56 -19.91 54.05
N GLY F 277 -46.34 -19.11 55.09
CA GLY F 277 -45.00 -18.61 55.42
C GLY F 277 -44.54 -17.46 54.56
N GLN F 278 -45.48 -16.85 53.85
CA GLN F 278 -45.20 -15.64 53.11
C GLN F 278 -45.37 -14.49 54.09
N THR F 279 -44.49 -13.50 54.00
CA THR F 279 -44.46 -12.39 54.95
C THR F 279 -44.38 -11.04 54.26
N HIS F 280 -44.94 -10.95 53.06
CA HIS F 280 -45.03 -9.70 52.31
C HIS F 280 -46.13 -9.85 51.27
N LEU F 281 -46.67 -8.73 50.79
CA LEU F 281 -47.58 -8.74 49.65
C LEU F 281 -46.78 -8.71 48.36
N LYS F 282 -47.17 -9.50 47.36
CA LYS F 282 -46.40 -9.55 46.11
C LYS F 282 -46.76 -8.42 45.17
N GLN F 283 -45.75 -7.83 44.56
CA GLN F 283 -45.96 -6.77 43.58
C GLN F 283 -45.79 -7.30 42.17
N VAL F 284 -46.71 -6.92 41.30
CA VAL F 284 -46.59 -7.27 39.91
C VAL F 284 -46.44 -6.00 39.08
N ILE F 285 -45.44 -5.99 38.19
CA ILE F 285 -45.33 -4.98 37.14
C ILE F 285 -45.57 -5.67 35.81
N ALA F 286 -46.63 -5.28 35.11
CA ALA F 286 -47.06 -6.02 33.92
C ALA F 286 -47.37 -5.17 32.68
N GLU F 287 -46.83 -5.59 31.54
CA GLU F 287 -47.21 -5.06 30.23
C GLU F 287 -47.82 -6.19 29.41
N MET F 288 -49.13 -6.12 29.20
CA MET F 288 -49.86 -7.26 28.66
C MET F 288 -50.32 -7.10 27.22
N GLY F 289 -49.53 -6.37 26.44
CA GLY F 289 -49.84 -6.20 25.03
C GLY F 289 -50.92 -5.18 24.78
N GLY F 290 -51.54 -5.25 23.61
CA GLY F 290 -52.54 -4.28 23.22
C GLY F 290 -53.24 -4.63 21.93
N LYS F 291 -54.17 -3.76 21.56
CA LYS F 291 -54.83 -3.80 20.27
C LYS F 291 -54.89 -2.33 19.88
N ASP F 292 -53.88 -1.89 19.14
CA ASP F 292 -53.58 -0.48 18.97
C ASP F 292 -54.16 0.12 17.69
N THR F 293 -54.31 1.44 17.71
CA THR F 293 -55.25 2.11 16.83
C THR F 293 -54.68 3.36 16.19
N VAL F 294 -54.74 3.41 14.85
CA VAL F 294 -54.44 4.62 14.11
C VAL F 294 -55.74 5.27 13.62
N VAL F 295 -56.10 6.40 14.23
CA VAL F 295 -57.26 7.20 13.85
C VAL F 295 -56.83 8.24 12.81
N VAL F 296 -57.50 8.21 11.66
CA VAL F 296 -57.25 9.14 10.57
C VAL F 296 -58.51 9.95 10.33
N ASP F 297 -58.42 11.26 10.57
CA ASP F 297 -59.55 12.16 10.45
C ASP F 297 -59.90 12.47 8.98
N GLU F 298 -61.04 13.13 8.82
CA GLU F 298 -61.50 13.78 7.59
C GLU F 298 -60.39 14.64 6.97
N ASP F 299 -59.71 15.41 7.80
CA ASP F 299 -58.76 16.43 7.32
C ASP F 299 -57.34 16.13 7.81
N CYS F 300 -56.52 15.61 6.90
CA CYS F 300 -55.20 15.06 7.24
C CYS F 300 -54.21 15.12 6.07
N ASP F 301 -52.94 14.84 6.37
CA ASP F 301 -51.95 14.54 5.33
C ASP F 301 -52.10 13.06 5.02
N ILE F 302 -52.46 12.76 3.79
CA ILE F 302 -52.83 11.40 3.35
C ILE F 302 -51.62 10.45 3.30
N GLU F 303 -50.52 10.94 2.73
CA GLU F 303 -49.27 10.20 2.69
C GLU F 303 -48.80 9.81 4.08
N LEU F 304 -48.80 10.79 4.97
CA LEU F 304 -48.45 10.61 6.37
C LEU F 304 -49.40 9.64 7.07
N ALA F 305 -50.69 9.75 6.80
CA ALA F 305 -51.69 8.83 7.36
C ALA F 305 -51.38 7.39 6.96
N ALA F 306 -51.12 7.20 5.66
CA ALA F 306 -50.81 5.90 5.08
C ALA F 306 -49.47 5.32 5.50
N GLN F 307 -48.43 6.16 5.59
CA GLN F 307 -47.14 5.71 6.12
C GLN F 307 -47.28 5.27 7.57
N SER F 308 -48.02 6.07 8.35
CA SER F 308 -48.24 5.83 9.77
C SER F 308 -48.95 4.50 10.03
N ILE F 309 -50.04 4.23 9.31
CA ILE F 309 -50.75 2.96 9.41
C ILE F 309 -49.81 1.82 9.04
N PHE F 310 -49.21 1.92 7.86
CA PHE F 310 -48.25 0.92 7.36
C PHE F 310 -47.15 0.54 8.35
N THR F 311 -46.46 1.56 8.87
CA THR F 311 -45.37 1.36 9.84
C THR F 311 -45.88 0.68 11.10
N SER F 312 -46.96 1.20 11.67
CA SER F 312 -47.56 0.66 12.89
C SER F 312 -47.97 -0.81 12.75
N ALA F 313 -48.46 -1.17 11.58
CA ALA F 313 -48.93 -2.52 11.33
C ALA F 313 -47.76 -3.47 11.10
N PHE F 314 -46.72 -3.00 10.43
CA PHE F 314 -45.72 -3.92 9.89
C PHE F 314 -44.29 -3.73 10.42
N GLY F 315 -44.13 -2.97 11.49
CA GLY F 315 -42.91 -2.98 12.28
C GLY F 315 -42.76 -4.34 12.95
N PHE F 316 -41.64 -5.01 12.66
CA PHE F 316 -41.35 -6.41 13.08
C PHE F 316 -42.49 -7.40 12.76
N ALA F 317 -42.98 -7.35 11.53
CA ALA F 317 -44.09 -8.19 11.07
C ALA F 317 -45.33 -8.13 11.99
N GLY F 318 -45.59 -6.93 12.55
CA GLY F 318 -46.68 -6.73 13.49
C GLY F 318 -46.59 -7.46 14.81
N GLN F 319 -45.45 -8.11 15.05
CA GLN F 319 -45.23 -8.92 16.26
C GLN F 319 -44.83 -8.05 17.45
N LYS F 320 -45.09 -6.75 17.35
CA LYS F 320 -44.93 -5.85 18.48
C LYS F 320 -46.22 -5.87 19.30
N CYS F 321 -46.08 -5.69 20.62
CA CYS F 321 -47.26 -5.49 21.47
C CYS F 321 -47.89 -4.12 21.23
N SER F 322 -47.09 -3.19 20.71
CA SER F 322 -47.50 -1.83 20.39
C SER F 322 -48.06 -1.67 18.96
N ALA F 323 -48.10 -2.78 18.22
CA ALA F 323 -48.42 -2.76 16.79
C ALA F 323 -49.82 -2.22 16.46
N GLY F 324 -49.88 -1.37 15.43
CA GLY F 324 -51.12 -0.75 15.01
C GLY F 324 -51.94 -1.66 14.12
N SER F 325 -52.60 -2.63 14.72
CA SER F 325 -53.41 -3.59 14.00
C SER F 325 -54.78 -3.03 13.61
N ARG F 326 -55.09 -1.80 14.04
CA ARG F 326 -56.37 -1.16 13.71
C ARG F 326 -56.25 0.20 13.04
N ALA F 327 -56.85 0.28 11.85
CA ALA F 327 -56.94 1.53 11.13
C ALA F 327 -58.38 2.04 11.13
N VAL F 328 -58.67 2.99 12.01
CA VAL F 328 -59.98 3.65 12.08
C VAL F 328 -59.95 4.93 11.26
N VAL F 329 -60.58 4.86 10.09
CA VAL F 329 -60.42 5.84 9.03
C VAL F 329 -61.75 6.46 8.67
N HIS F 330 -61.74 7.80 8.56
CA HIS F 330 -62.91 8.59 8.19
C HIS F 330 -63.38 8.27 6.77
N GLU F 331 -64.70 8.25 6.58
CA GLU F 331 -65.34 7.88 5.30
C GLU F 331 -64.91 8.72 4.09
N LYS F 332 -64.54 9.98 4.34
CA LYS F 332 -64.11 10.91 3.30
C LYS F 332 -62.79 10.49 2.66
N VAL F 333 -61.85 10.05 3.49
CA VAL F 333 -60.51 9.68 3.01
CA VAL F 333 -60.51 9.70 3.06
C VAL F 333 -60.29 8.16 3.04
N TYR F 334 -61.31 7.40 3.45
CA TYR F 334 -61.24 5.91 3.55
C TYR F 334 -60.69 5.15 2.34
N ASP F 335 -61.33 5.26 1.19
CA ASP F 335 -60.93 4.51 -0.02
C ASP F 335 -59.51 4.86 -0.48
N GLU F 336 -59.14 6.12 -0.31
CA GLU F 336 -57.82 6.63 -0.73
C GLU F 336 -56.69 6.15 0.18
N VAL F 337 -56.88 6.24 1.49
CA VAL F 337 -55.87 5.83 2.46
C VAL F 337 -55.67 4.31 2.40
N LEU F 338 -56.77 3.58 2.22
CA LEU F 338 -56.69 2.13 2.01
C LEU F 338 -55.80 1.84 0.79
N LYS F 339 -56.14 2.43 -0.34
CA LYS F 339 -55.37 2.27 -1.57
C LYS F 339 -53.87 2.53 -1.37
N ARG F 340 -53.53 3.67 -0.74
CA ARG F 340 -52.12 4.00 -0.54
C ARG F 340 -51.42 3.00 0.41
N VAL F 341 -52.03 2.67 1.54
CA VAL F 341 -51.48 1.62 2.44
C VAL F 341 -51.19 0.31 1.69
N ILE F 342 -52.13 -0.11 0.84
CA ILE F 342 -51.94 -1.31 0.00
C ILE F 342 -50.72 -1.18 -0.92
N GLU F 343 -50.53 -0.01 -1.52
CA GLU F 343 -49.41 0.24 -2.45
C GLU F 343 -48.04 0.15 -1.76
N ILE F 344 -47.96 0.73 -0.57
CA ILE F 344 -46.72 0.73 0.22
C ILE F 344 -46.41 -0.67 0.75
N THR F 345 -47.44 -1.34 1.28
CA THR F 345 -47.34 -2.70 1.82
C THR F 345 -46.78 -3.69 0.80
N GLU F 346 -47.36 -3.73 -0.40
CA GLU F 346 -46.90 -4.73 -1.37
C GLU F 346 -45.71 -4.31 -2.24
N SER F 347 -45.12 -3.14 -1.94
CA SER F 347 -43.84 -2.72 -2.52
C SER F 347 -42.64 -3.20 -1.70
N LYS F 348 -42.93 -3.85 -0.58
CA LYS F 348 -41.93 -4.26 0.39
C LYS F 348 -41.56 -5.74 0.24
N LYS F 349 -40.33 -6.10 0.61
CA LYS F 349 -39.88 -7.49 0.51
C LYS F 349 -39.88 -8.27 1.82
N VAL F 350 -40.55 -9.42 1.78
CA VAL F 350 -40.58 -10.38 2.86
C VAL F 350 -39.64 -11.52 2.49
N GLY F 351 -38.76 -11.90 3.41
CA GLY F 351 -37.76 -12.95 3.17
C GLY F 351 -36.79 -13.12 4.33
N GLU F 352 -35.73 -13.92 4.12
CA GLU F 352 -34.68 -14.08 5.12
C GLU F 352 -33.88 -12.77 5.20
N PRO F 353 -33.74 -12.20 6.42
CA PRO F 353 -33.04 -10.92 6.56
C PRO F 353 -31.53 -11.04 6.34
N ASP F 354 -31.12 -11.18 5.09
CA ASP F 354 -29.70 -11.29 4.72
C ASP F 354 -29.19 -9.98 4.08
N SER F 355 -30.07 -8.99 4.01
CA SER F 355 -29.72 -7.65 3.51
C SER F 355 -30.66 -6.62 4.13
N ALA F 356 -30.31 -5.34 3.99
CA ALA F 356 -31.06 -4.24 4.60
C ALA F 356 -32.45 -4.01 3.97
N ASP F 357 -32.60 -4.39 2.70
CA ASP F 357 -33.85 -4.15 1.96
C ASP F 357 -35.04 -5.00 2.39
N VAL F 358 -34.76 -6.15 2.99
CA VAL F 358 -35.80 -7.02 3.51
C VAL F 358 -36.47 -6.24 4.64
N TYR F 359 -37.69 -5.76 4.37
CA TYR F 359 -38.41 -4.95 5.35
C TYR F 359 -39.00 -5.82 6.43
N MET F 360 -39.49 -6.99 6.04
CA MET F 360 -40.20 -7.88 6.95
C MET F 360 -39.59 -9.27 6.90
N GLY F 361 -39.43 -9.89 8.08
CA GLY F 361 -38.94 -11.26 8.19
C GLY F 361 -40.09 -12.24 8.43
N PRO F 362 -39.79 -13.41 9.02
CA PRO F 362 -40.82 -14.42 9.31
C PRO F 362 -41.44 -14.17 10.67
N VAL F 363 -42.48 -14.93 11.02
CA VAL F 363 -42.94 -14.94 12.40
C VAL F 363 -42.09 -15.92 13.20
N ILE F 364 -42.24 -15.90 14.52
CA ILE F 364 -41.26 -16.50 15.44
C ILE F 364 -41.19 -18.04 15.48
N ASP F 365 -42.34 -18.72 15.49
CA ASP F 365 -42.37 -20.18 15.56
C ASP F 365 -43.59 -20.77 14.88
N GLN F 366 -43.79 -22.09 15.04
CA GLN F 366 -44.86 -22.83 14.40
C GLN F 366 -46.23 -22.46 14.96
N ALA F 367 -46.34 -22.47 16.30
CA ALA F 367 -47.59 -22.15 16.99
C ALA F 367 -48.05 -20.75 16.61
N SER F 368 -47.10 -19.82 16.62
CA SER F 368 -47.29 -18.44 16.18
C SER F 368 -47.75 -18.34 14.72
N PHE F 369 -47.13 -19.13 13.83
CA PHE F 369 -47.53 -19.22 12.42
C PHE F 369 -48.97 -19.71 12.30
N ASN F 370 -49.33 -20.74 13.07
CA ASN F 370 -50.66 -21.35 13.07
C ASN F 370 -51.76 -20.39 13.51
N LYS F 371 -51.50 -19.66 14.60
CA LYS F 371 -52.47 -18.75 15.19
C LYS F 371 -52.78 -17.55 14.29
N ILE F 372 -51.76 -17.03 13.62
CA ILE F 372 -51.95 -15.95 12.66
C ILE F 372 -52.74 -16.44 11.44
N MET F 373 -52.42 -17.66 11.00
CA MET F 373 -53.05 -18.26 9.83
C MET F 373 -54.52 -18.62 10.09
N ASP F 374 -54.82 -18.98 11.34
CA ASP F 374 -56.20 -19.15 11.79
C ASP F 374 -56.97 -17.82 11.82
N TYR F 375 -56.29 -16.73 12.17
CA TYR F 375 -56.91 -15.40 12.23
C TYR F 375 -57.24 -14.83 10.86
N ILE F 376 -56.42 -15.15 9.86
CA ILE F 376 -56.65 -14.69 8.50
C ILE F 376 -57.94 -15.30 7.94
N GLU F 377 -58.20 -16.57 8.28
CA GLU F 377 -59.44 -17.24 7.89
C GLU F 377 -60.66 -16.69 8.65
N ILE F 378 -60.44 -16.23 9.87
CA ILE F 378 -61.47 -15.54 10.64
C ILE F 378 -61.79 -14.18 9.97
N GLY F 379 -60.73 -13.45 9.60
CA GLY F 379 -60.86 -12.15 8.93
C GLY F 379 -61.49 -12.14 7.56
N LYS F 380 -61.43 -13.27 6.85
CA LYS F 380 -62.11 -13.42 5.56
C LYS F 380 -63.62 -13.49 5.74
N GLU F 381 -64.04 -14.06 6.87
CA GLU F 381 -65.46 -14.14 7.22
C GLU F 381 -65.97 -12.81 7.76
N GLU F 382 -65.08 -12.07 8.42
CA GLU F 382 -65.46 -10.85 9.11
C GLU F 382 -65.29 -9.59 8.26
N GLY F 383 -64.53 -9.71 7.18
CA GLY F 383 -64.26 -8.56 6.32
C GLY F 383 -63.83 -8.94 4.92
N ARG F 384 -63.03 -8.07 4.32
CA ARG F 384 -62.68 -8.16 2.91
C ARG F 384 -61.16 -8.11 2.74
N LEU F 385 -60.58 -9.21 2.29
CA LEU F 385 -59.13 -9.31 2.08
C LEU F 385 -58.73 -8.47 0.88
N VAL F 386 -57.91 -7.45 1.13
CA VAL F 386 -57.47 -6.58 0.04
C VAL F 386 -56.01 -6.77 -0.33
N SER F 387 -55.23 -7.37 0.58
CA SER F 387 -53.81 -7.65 0.35
C SER F 387 -53.30 -8.78 1.25
N GLY F 388 -52.36 -9.57 0.72
CA GLY F 388 -51.74 -10.67 1.44
C GLY F 388 -52.67 -11.85 1.70
N GLY F 389 -52.58 -12.41 2.91
CA GLY F 389 -53.43 -13.51 3.32
C GLY F 389 -52.83 -14.89 3.09
N LYS F 390 -51.68 -14.92 2.39
CA LYS F 390 -51.00 -16.18 2.11
C LYS F 390 -49.74 -16.31 2.96
N GLY F 391 -49.32 -17.55 3.17
CA GLY F 391 -48.06 -17.84 3.85
C GLY F 391 -47.73 -19.32 3.77
N ASP F 392 -46.43 -19.64 3.67
CA ASP F 392 -45.99 -21.04 3.70
C ASP F 392 -44.89 -21.29 4.73
N ASP F 393 -45.03 -22.43 5.42
CA ASP F 393 -44.09 -22.82 6.47
C ASP F 393 -43.11 -23.90 6.01
N SER F 394 -42.57 -23.73 4.80
CA SER F 394 -41.67 -24.72 4.21
C SER F 394 -40.20 -24.47 4.55
N LYS F 395 -39.68 -23.31 4.17
CA LYS F 395 -38.30 -22.93 4.49
C LYS F 395 -38.24 -22.29 5.87
N GLY F 396 -39.12 -21.33 6.10
CA GLY F 396 -39.26 -20.68 7.39
C GLY F 396 -40.71 -20.33 7.63
N TYR F 397 -40.96 -19.50 8.63
CA TYR F 397 -42.33 -19.20 9.05
C TYR F 397 -42.83 -17.89 8.45
N PHE F 398 -42.95 -17.90 7.12
CA PHE F 398 -43.21 -16.71 6.33
C PHE F 398 -44.68 -16.50 6.03
N ILE F 399 -45.16 -15.27 6.29
CA ILE F 399 -46.56 -14.87 6.07
C ILE F 399 -46.53 -13.49 5.43
N GLU F 400 -47.35 -13.29 4.40
CA GLU F 400 -47.48 -12.00 3.76
C GLU F 400 -48.09 -10.96 4.70
N PRO F 401 -47.71 -9.68 4.51
CA PRO F 401 -48.38 -8.63 5.26
C PRO F 401 -49.82 -8.55 4.77
N THR F 402 -50.75 -8.66 5.71
CA THR F 402 -52.15 -8.89 5.39
C THR F 402 -53.04 -7.73 5.83
N ILE F 403 -53.79 -7.18 4.88
CA ILE F 403 -54.68 -6.06 5.16
C ILE F 403 -56.13 -6.48 4.94
N PHE F 404 -56.97 -6.30 5.96
CA PHE F 404 -58.42 -6.48 5.84
C PHE F 404 -59.17 -5.15 5.92
N ALA F 405 -60.25 -5.04 5.15
CA ALA F 405 -61.05 -3.82 5.08
C ALA F 405 -62.50 -4.04 5.49
N ASP F 406 -63.22 -2.94 5.71
CA ASP F 406 -64.66 -2.89 5.98
C ASP F 406 -65.08 -3.79 7.15
N LEU F 407 -64.54 -3.50 8.33
CA LEU F 407 -64.83 -4.30 9.50
C LEU F 407 -65.72 -3.58 10.50
N ASP F 408 -66.64 -4.36 11.06
CA ASP F 408 -67.44 -3.97 12.21
C ASP F 408 -66.47 -3.65 13.35
N PRO F 409 -66.74 -2.54 14.09
CA PRO F 409 -65.88 -2.18 15.23
C PRO F 409 -65.81 -3.26 16.32
N LYS F 410 -66.80 -4.16 16.35
CA LYS F 410 -66.86 -5.23 17.35
C LYS F 410 -66.41 -6.58 16.81
N ALA F 411 -65.84 -6.61 15.60
CA ALA F 411 -65.28 -7.84 15.01
C ALA F 411 -64.06 -8.33 15.78
N ARG F 412 -63.82 -9.64 15.75
CA ARG F 412 -62.71 -10.23 16.50
C ARG F 412 -61.35 -9.70 16.07
N LEU F 413 -61.20 -9.45 14.76
CA LEU F 413 -60.01 -8.82 14.20
C LEU F 413 -59.82 -7.37 14.61
N MET F 414 -60.86 -6.81 15.21
CA MET F 414 -60.85 -5.44 15.66
C MET F 414 -60.71 -5.42 17.18
N GLN F 415 -60.75 -6.61 17.80
CA GLN F 415 -60.80 -6.72 19.25
C GLN F 415 -59.65 -7.49 19.88
N GLU F 416 -59.30 -8.62 19.26
CA GLU F 416 -58.37 -9.58 19.86
C GLU F 416 -56.93 -9.41 19.40
N GLU F 417 -56.00 -9.55 20.34
CA GLU F 417 -54.55 -9.43 20.10
C GLU F 417 -54.05 -10.50 19.13
N ILE F 418 -53.66 -10.09 17.93
CA ILE F 418 -53.27 -11.04 16.89
C ILE F 418 -51.78 -11.38 16.88
N PHE F 419 -50.93 -10.37 17.12
CA PHE F 419 -49.46 -10.55 17.14
C PHE F 419 -48.89 -11.07 15.81
N GLY F 420 -49.33 -10.46 14.72
CA GLY F 420 -48.93 -10.89 13.38
C GLY F 420 -49.06 -9.77 12.36
N PRO F 421 -48.65 -10.04 11.11
CA PRO F 421 -48.69 -9.01 10.05
C PRO F 421 -50.11 -8.76 9.55
N VAL F 422 -50.98 -8.26 10.45
CA VAL F 422 -52.38 -8.03 10.17
C VAL F 422 -52.79 -6.61 10.56
N VAL F 423 -53.47 -5.92 9.65
CA VAL F 423 -54.15 -4.68 9.99
C VAL F 423 -55.61 -4.74 9.53
N ALA F 424 -56.49 -4.21 10.36
CA ALA F 424 -57.92 -4.20 10.11
C ALA F 424 -58.42 -2.77 9.94
N PHE F 425 -58.97 -2.46 8.77
CA PHE F 425 -59.54 -1.14 8.46
C PHE F 425 -61.03 -1.12 8.82
N SER F 426 -61.44 -0.03 9.46
CA SER F 426 -62.83 0.24 9.77
C SER F 426 -63.17 1.71 9.50
N LYS F 427 -64.30 1.91 8.83
CA LYS F 427 -64.76 3.23 8.37
C LYS F 427 -65.67 3.91 9.38
N VAL F 428 -65.37 5.17 9.69
CA VAL F 428 -66.28 5.99 10.51
C VAL F 428 -66.68 7.24 9.74
N SER F 429 -67.56 8.06 10.30
CA SER F 429 -68.13 9.19 9.56
C SER F 429 -68.07 10.54 10.30
N SER F 430 -67.38 10.56 11.44
CA SER F 430 -67.13 11.78 12.21
C SER F 430 -65.96 11.49 13.14
N PHE F 431 -65.34 12.55 13.67
CA PHE F 431 -64.29 12.40 14.68
C PHE F 431 -64.85 11.85 15.99
N ASP F 432 -66.09 12.23 16.30
CA ASP F 432 -66.89 11.65 17.39
C ASP F 432 -66.87 10.13 17.34
N GLU F 433 -67.33 9.57 16.23
CA GLU F 433 -67.43 8.13 16.02
C GLU F 433 -66.06 7.44 16.08
N ALA F 434 -65.02 8.18 15.73
CA ALA F 434 -63.67 7.62 15.67
C ALA F 434 -63.09 7.38 17.07
N LEU F 435 -63.37 8.27 18.00
CA LEU F 435 -62.90 8.08 19.38
C LEU F 435 -63.67 6.94 20.04
N GLU F 436 -64.96 6.85 19.75
CA GLU F 436 -65.83 5.77 20.24
C GLU F 436 -65.23 4.41 19.90
N VAL F 437 -64.84 4.23 18.64
CA VAL F 437 -64.22 3.01 18.14
C VAL F 437 -62.80 2.82 18.69
N ALA F 438 -62.00 3.90 18.68
CA ALA F 438 -60.64 3.88 19.22
C ALA F 438 -60.59 3.42 20.68
N ASN F 439 -61.63 3.78 21.43
CA ASN F 439 -61.73 3.46 22.84
C ASN F 439 -62.52 2.19 23.15
N ASN F 440 -62.96 1.46 22.13
CA ASN F 440 -63.89 0.32 22.35
C ASN F 440 -63.27 -1.06 22.68
N THR F 441 -61.95 -1.12 22.80
CA THR F 441 -61.29 -2.38 23.16
C THR F 441 -61.07 -2.49 24.66
N GLU F 442 -60.62 -3.67 25.09
CA GLU F 442 -60.26 -3.89 26.50
C GLU F 442 -58.83 -3.41 26.79
N TYR F 443 -58.16 -2.86 25.78
CA TYR F 443 -56.77 -2.49 25.91
C TYR F 443 -56.61 -0.97 25.88
N GLY F 444 -55.45 -0.48 26.30
CA GLY F 444 -55.16 0.95 26.29
C GLY F 444 -53.69 1.24 26.22
N LEU F 445 -52.99 0.56 25.29
CA LEU F 445 -51.56 0.68 25.17
C LEU F 445 -51.17 1.88 24.31
N THR F 446 -51.25 1.74 22.99
CA THR F 446 -50.89 2.84 22.08
C THR F 446 -52.00 3.28 21.11
N GLY F 447 -51.87 4.52 20.65
CA GLY F 447 -52.81 5.11 19.73
C GLY F 447 -52.22 6.29 18.98
N ALA F 448 -52.64 6.44 17.73
CA ALA F 448 -52.20 7.55 16.90
C ALA F 448 -53.38 8.25 16.25
N VAL F 449 -53.30 9.58 16.18
CA VAL F 449 -54.28 10.40 15.49
C VAL F 449 -53.60 11.23 14.39
N ILE F 450 -54.10 11.10 13.17
CA ILE F 450 -53.61 11.87 12.05
C ILE F 450 -54.67 12.90 11.66
N THR F 451 -54.33 14.18 11.83
CA THR F 451 -55.28 15.26 11.61
C THR F 451 -54.63 16.64 11.50
N LYS F 452 -55.31 17.51 10.76
CA LYS F 452 -54.94 18.91 10.63
C LYS F 452 -55.75 19.73 11.62
N ASN F 453 -56.80 19.12 12.17
CA ASN F 453 -57.72 19.80 13.09
C ASN F 453 -57.20 19.91 14.53
N ARG F 454 -56.93 21.15 14.93
CA ARG F 454 -56.37 21.46 16.23
C ARG F 454 -57.31 21.18 17.40
N ASP F 455 -58.61 21.35 17.19
CA ASP F 455 -59.60 21.00 18.21
C ASP F 455 -59.66 19.49 18.42
N HIS F 456 -59.40 18.74 17.35
CA HIS F 456 -59.41 17.28 17.42
C HIS F 456 -58.22 16.69 18.14
N ILE F 457 -57.05 17.31 17.99
CA ILE F 457 -55.89 16.86 18.74
C ILE F 457 -56.06 17.09 20.24
N ASN F 458 -56.71 18.19 20.61
CA ASN F 458 -56.89 18.54 22.00
C ASN F 458 -57.92 17.66 22.65
N ARG F 459 -59.00 17.38 21.91
CA ARG F 459 -59.97 16.39 22.35
C ARG F 459 -59.31 15.05 22.60
N ALA F 460 -58.55 14.58 21.61
CA ALA F 460 -57.87 13.31 21.69
C ALA F 460 -56.96 13.19 22.91
N LYS F 461 -56.18 14.26 23.18
CA LYS F 461 -55.28 14.32 24.34
C LYS F 461 -55.98 13.96 25.67
N GLN F 462 -57.20 14.41 25.80
CA GLN F 462 -58.05 14.10 26.95
C GLN F 462 -58.86 12.79 26.73
N GLU F 463 -59.35 12.57 25.51
CA GLU F 463 -60.44 11.60 25.25
C GLU F 463 -60.07 10.22 24.70
N PHE F 464 -58.95 10.14 23.98
CA PHE F 464 -58.37 8.91 23.51
C PHE F 464 -57.60 8.30 24.69
N HIS F 465 -58.12 7.21 25.24
CA HIS F 465 -57.53 6.67 26.48
C HIS F 465 -56.50 5.60 26.22
N VAL F 466 -55.26 6.07 26.01
CA VAL F 466 -54.11 5.19 25.82
C VAL F 466 -52.93 5.73 26.60
N GLY F 467 -52.03 4.83 27.02
CA GLY F 467 -50.86 5.24 27.80
C GLY F 467 -49.90 6.02 26.94
N ASN F 468 -49.84 5.62 25.67
CA ASN F 468 -49.01 6.23 24.66
C ASN F 468 -49.83 6.74 23.50
N LEU F 469 -50.05 8.05 23.47
CA LEU F 469 -50.81 8.67 22.42
C LEU F 469 -49.90 9.49 21.52
N TYR F 470 -50.01 9.23 20.21
CA TYR F 470 -49.20 9.92 19.21
C TYR F 470 -50.03 10.71 18.21
N PHE F 471 -49.51 11.87 17.82
CA PHE F 471 -50.17 12.72 16.84
C PHE F 471 -49.30 12.97 15.63
N ASN F 472 -49.87 12.73 14.45
CA ASN F 472 -49.21 12.91 13.15
C ASN F 472 -47.90 12.14 12.98
N ARG F 473 -47.94 10.88 13.44
CA ARG F 473 -46.87 9.89 13.29
C ARG F 473 -47.39 8.47 13.63
N ASN F 474 -46.52 7.46 13.53
CA ASN F 474 -46.88 6.06 13.83
C ASN F 474 -46.98 5.77 15.33
N CYS F 475 -47.77 4.76 15.69
CA CYS F 475 -47.99 4.44 17.11
C CYS F 475 -46.99 3.44 17.74
N THR F 476 -46.09 2.87 16.93
CA THR F 476 -44.98 2.08 17.45
C THR F 476 -43.79 3.00 17.78
N GLY F 477 -42.70 2.41 18.28
CA GLY F 477 -41.44 3.14 18.50
C GLY F 477 -41.45 4.10 19.67
N ALA F 478 -41.14 3.57 20.85
CA ALA F 478 -41.02 4.40 22.04
C ALA F 478 -39.56 4.44 22.47
N ILE F 479 -38.98 5.62 22.44
CA ILE F 479 -37.59 5.83 22.84
C ILE F 479 -37.49 6.17 24.33
N VAL F 480 -36.68 5.38 25.03
CA VAL F 480 -36.38 5.53 26.45
C VAL F 480 -35.98 6.96 26.85
N GLY F 481 -36.72 7.54 27.80
CA GLY F 481 -36.47 8.90 28.27
C GLY F 481 -37.08 9.98 27.40
N TYR F 482 -37.61 9.59 26.24
CA TYR F 482 -38.26 10.50 25.31
C TYR F 482 -39.75 10.21 25.29
N HIS F 483 -40.09 8.93 25.21
CA HIS F 483 -41.47 8.47 25.31
C HIS F 483 -41.54 7.23 26.20
N PRO F 484 -41.78 7.40 27.52
CA PRO F 484 -42.06 6.29 28.45
C PRO F 484 -43.25 5.42 28.01
N PHE F 485 -43.25 4.14 28.37
CA PHE F 485 -44.11 3.13 27.72
C PHE F 485 -44.84 2.20 28.71
N GLY F 486 -46.16 2.15 28.59
CA GLY F 486 -47.01 1.35 29.47
C GLY F 486 -48.44 1.69 29.13
N GLY F 487 -49.38 0.84 29.53
CA GLY F 487 -50.76 0.99 29.09
C GLY F 487 -51.80 0.73 30.15
N PHE F 488 -53.02 1.21 29.91
CA PHE F 488 -54.09 1.10 30.89
C PHE F 488 -54.85 -0.20 30.66
N LYS F 489 -55.96 -0.34 31.37
CA LYS F 489 -56.97 -1.36 31.10
C LYS F 489 -56.31 -2.76 31.06
N MET F 490 -56.41 -3.48 29.96
CA MET F 490 -55.83 -4.83 29.94
C MET F 490 -54.43 -4.87 29.33
N SER F 491 -53.89 -3.69 29.03
CA SER F 491 -52.50 -3.55 28.64
C SER F 491 -51.56 -3.71 29.82
N GLY F 492 -52.10 -3.65 31.04
CA GLY F 492 -51.30 -3.88 32.25
C GLY F 492 -51.35 -2.79 33.31
N THR F 493 -50.27 -2.70 34.09
CA THR F 493 -50.21 -1.88 35.29
C THR F 493 -49.74 -0.46 35.04
N ASP F 494 -49.58 -0.11 33.75
CA ASP F 494 -49.13 1.22 33.33
C ASP F 494 -47.84 1.66 34.03
N SER F 495 -46.90 0.73 34.11
CA SER F 495 -45.60 1.03 34.63
C SER F 495 -44.80 1.47 33.44
N LYS F 496 -44.45 2.75 33.44
CA LYS F 496 -43.83 3.38 32.29
C LYS F 496 -42.36 3.03 32.19
N ALA F 497 -42.06 2.00 31.39
CA ALA F 497 -40.70 1.61 31.09
C ALA F 497 -39.98 2.75 30.38
N GLY F 498 -38.75 3.03 30.77
CA GLY F 498 -37.99 4.15 30.22
C GLY F 498 -38.52 5.50 30.62
N GLY F 499 -39.12 5.57 31.81
CA GLY F 499 -39.68 6.81 32.36
C GLY F 499 -39.16 7.13 33.74
N PRO F 500 -39.45 8.36 34.24
CA PRO F 500 -38.85 8.84 35.49
C PRO F 500 -39.34 8.19 36.78
N ASP F 501 -40.37 7.34 36.70
CA ASP F 501 -40.97 6.72 37.90
C ASP F 501 -40.82 5.19 37.93
N TYR F 502 -40.12 4.64 36.94
CA TYR F 502 -40.02 3.20 36.76
C TYR F 502 -39.18 2.49 37.83
N LEU F 503 -38.06 3.10 38.22
CA LEU F 503 -37.17 2.47 39.19
C LEU F 503 -37.79 2.40 40.58
N ALA F 504 -38.53 3.45 40.95
CA ALA F 504 -39.20 3.53 42.27
C ALA F 504 -40.25 2.44 42.50
N LEU F 505 -40.74 1.84 41.42
CA LEU F 505 -41.70 0.74 41.48
C LEU F 505 -41.05 -0.54 41.99
N HIS F 506 -39.73 -0.61 41.86
CA HIS F 506 -38.97 -1.79 42.26
C HIS F 506 -38.46 -1.64 43.70
N MET F 507 -38.76 -0.49 44.30
CA MET F 507 -38.25 -0.15 45.62
C MET F 507 -39.37 0.19 46.59
N GLN F 508 -39.05 0.13 47.87
CA GLN F 508 -39.98 0.62 48.88
C GLN F 508 -39.34 1.75 49.69
N ALA F 509 -40.10 2.82 49.88
CA ALA F 509 -39.60 4.04 50.52
C ALA F 509 -39.49 3.93 52.04
N LYS F 510 -38.45 4.54 52.59
CA LYS F 510 -38.16 4.50 54.02
C LYS F 510 -38.08 5.94 54.59
N THR F 511 -38.75 6.14 55.71
CA THR F 511 -38.72 7.39 56.46
C THR F 511 -37.88 7.25 57.71
N ILE F 512 -36.81 8.03 57.77
CA ILE F 512 -35.89 8.03 58.90
C ILE F 512 -35.92 9.39 59.58
N SER F 513 -36.13 9.39 60.89
CA SER F 513 -36.25 10.62 61.65
C SER F 513 -35.46 10.56 62.95
N GLU F 514 -34.60 11.55 63.17
CA GLU F 514 -33.83 11.65 64.40
C GLU F 514 -34.21 12.88 65.23
N MET F 515 -34.48 12.68 66.51
CA MET F 515 -34.68 13.78 67.46
C MET F 515 -33.41 13.99 68.28
N PHE F 516 -33.12 15.23 68.62
CA PHE F 516 -31.85 15.58 69.26
C PHE F 516 -31.89 15.66 70.79
N PRO G 4 14.98 -28.73 -27.70
CA PRO G 4 15.58 -29.86 -26.98
C PRO G 4 14.69 -30.34 -25.84
N TYR G 5 14.33 -31.61 -25.88
CA TYR G 5 13.37 -32.19 -24.92
C TYR G 5 13.91 -32.36 -23.50
N LYS G 6 13.29 -31.68 -22.56
CA LYS G 6 13.47 -31.95 -21.13
C LYS G 6 12.14 -32.47 -20.57
N HIS G 7 12.21 -33.31 -19.54
CA HIS G 7 10.99 -33.80 -18.91
C HIS G 7 10.43 -32.76 -17.95
N GLU G 8 9.11 -32.74 -17.80
CA GLU G 8 8.41 -31.87 -16.85
C GLU G 8 8.77 -32.29 -15.42
N PRO G 9 9.35 -31.36 -14.63
CA PRO G 9 9.81 -31.70 -13.29
C PRO G 9 8.64 -32.00 -12.36
N PHE G 10 8.80 -33.04 -11.54
CA PHE G 10 7.83 -33.38 -10.52
C PHE G 10 7.81 -32.29 -9.44
N THR G 11 6.61 -31.95 -8.99
CA THR G 11 6.42 -30.92 -7.97
C THR G 11 6.85 -31.40 -6.58
N ASN G 12 7.78 -30.65 -5.98
CA ASN G 12 8.24 -30.91 -4.63
C ASN G 12 7.19 -30.44 -3.63
N PHE G 13 6.63 -31.39 -2.89
CA PHE G 13 5.58 -31.07 -1.94
C PHE G 13 6.06 -30.73 -0.54
N GLY G 14 7.38 -30.82 -0.34
CA GLY G 14 8.03 -30.40 0.90
C GLY G 14 8.21 -28.89 0.98
N ILE G 15 8.04 -28.21 -0.15
CA ILE G 15 8.05 -26.75 -0.22
C ILE G 15 6.61 -26.24 -0.07
N GLU G 16 6.42 -25.28 0.83
CA GLU G 16 5.08 -24.81 1.20
C GLU G 16 4.37 -24.02 0.09
N GLU G 17 5.14 -23.29 -0.72
CA GLU G 17 4.59 -22.52 -1.84
C GLU G 17 3.84 -23.43 -2.83
N ASN G 18 4.46 -24.58 -3.14
CA ASN G 18 3.84 -25.62 -3.96
C ASN G 18 2.66 -26.28 -3.25
N ARG G 19 2.82 -26.52 -1.96
CA ARG G 19 1.82 -27.19 -1.13
C ARG G 19 0.50 -26.43 -1.04
N LYS G 20 0.60 -25.11 -0.89
CA LYS G 20 -0.57 -24.23 -0.81
C LYS G 20 -1.23 -24.11 -2.19
N ALA G 21 -0.40 -24.14 -3.24
CA ALA G 21 -0.88 -24.06 -4.62
C ALA G 21 -1.70 -25.27 -5.03
N PHE G 22 -1.28 -26.47 -4.63
CA PHE G 22 -2.04 -27.69 -4.91
C PHE G 22 -3.37 -27.71 -4.15
N GLU G 23 -3.34 -27.28 -2.89
CA GLU G 23 -4.52 -27.20 -2.03
C GLU G 23 -5.52 -26.18 -2.57
N LYS G 24 -4.98 -25.06 -3.04
CA LYS G 24 -5.75 -24.03 -3.74
C LYS G 24 -6.43 -24.59 -4.99
N ALA G 25 -5.66 -25.30 -5.82
CA ALA G 25 -6.20 -25.92 -7.05
C ALA G 25 -7.20 -27.02 -6.75
N LEU G 26 -6.94 -27.79 -5.69
CA LEU G 26 -7.85 -28.83 -5.23
C LEU G 26 -9.19 -28.26 -4.73
N GLU G 27 -9.13 -27.07 -4.15
CA GLU G 27 -10.33 -26.32 -3.73
C GLU G 27 -11.11 -25.81 -4.93
N THR G 28 -10.39 -25.29 -5.93
CA THR G 28 -10.97 -24.82 -7.20
C THR G 28 -11.70 -25.94 -7.92
N VAL G 29 -11.08 -27.11 -7.96
CA VAL G 29 -11.63 -28.28 -8.64
C VAL G 29 -12.87 -28.80 -7.89
N ASN G 30 -12.79 -28.80 -6.56
CA ASN G 30 -13.92 -29.20 -5.71
C ASN G 30 -15.22 -28.43 -5.95
N ASN G 31 -15.11 -27.13 -6.28
CA ASN G 31 -16.28 -26.28 -6.40
C ASN G 31 -16.73 -25.99 -7.83
N GLU G 32 -15.83 -26.13 -8.79
CA GLU G 32 -16.09 -25.70 -10.17
C GLU G 32 -16.02 -26.82 -11.22
N TRP G 33 -15.22 -27.85 -10.94
CA TRP G 33 -14.95 -28.92 -11.92
C TRP G 33 -15.86 -30.12 -11.70
N LEU G 34 -16.18 -30.39 -10.44
CA LEU G 34 -16.97 -31.55 -10.05
C LEU G 34 -18.46 -31.38 -10.34
N GLY G 35 -19.15 -32.51 -10.51
CA GLY G 35 -20.61 -32.52 -10.62
C GLY G 35 -21.20 -32.30 -12.00
N GLN G 36 -20.38 -31.93 -12.97
CA GLN G 36 -20.87 -31.58 -14.30
C GLN G 36 -21.13 -32.81 -15.19
N SER G 37 -21.75 -32.55 -16.34
CA SER G 37 -22.15 -33.61 -17.27
C SER G 37 -21.42 -33.50 -18.59
N TYR G 38 -21.10 -34.65 -19.19
CA TYR G 38 -20.24 -34.72 -20.39
C TYR G 38 -20.82 -35.64 -21.45
N PRO G 39 -21.06 -35.10 -22.65
CA PRO G 39 -21.62 -35.88 -23.75
C PRO G 39 -20.56 -36.59 -24.58
N LEU G 40 -21.02 -37.38 -25.54
CA LEU G 40 -20.15 -38.03 -26.50
C LEU G 40 -19.77 -36.97 -27.51
N VAL G 41 -18.61 -37.15 -28.14
CA VAL G 41 -18.17 -36.21 -29.15
C VAL G 41 -17.90 -36.97 -30.41
N ILE G 42 -18.66 -36.65 -31.44
CA ILE G 42 -18.56 -37.35 -32.69
C ILE G 42 -18.63 -36.29 -33.77
N ASP G 43 -17.66 -36.29 -34.68
CA ASP G 43 -17.62 -35.33 -35.80
C ASP G 43 -17.83 -33.89 -35.30
N GLY G 44 -17.27 -33.57 -34.14
CA GLY G 44 -17.45 -32.26 -33.50
C GLY G 44 -18.77 -32.01 -32.80
N GLU G 45 -19.73 -32.94 -32.94
CA GLU G 45 -21.09 -32.74 -32.40
C GLU G 45 -21.28 -33.46 -31.08
N ARG G 46 -21.98 -32.81 -30.15
CA ARG G 46 -22.26 -33.39 -28.83
C ARG G 46 -23.48 -34.32 -28.88
N TYR G 47 -23.39 -35.46 -28.18
CA TYR G 47 -24.47 -36.45 -28.17
C TYR G 47 -24.75 -36.90 -26.75
N GLU G 48 -25.70 -36.25 -26.08
CA GLU G 48 -26.11 -36.68 -24.74
C GLU G 48 -26.98 -37.95 -24.79
N THR G 49 -26.84 -38.81 -23.80
CA THR G 49 -27.74 -39.95 -23.66
C THR G 49 -28.45 -39.91 -22.30
N GLU G 50 -29.52 -40.68 -22.17
CA GLU G 50 -30.21 -40.80 -20.90
C GLU G 50 -29.46 -41.81 -20.03
N ASN G 51 -28.83 -42.76 -20.71
CA ASN G 51 -27.93 -43.74 -20.10
C ASN G 51 -26.60 -43.07 -19.76
N LYS G 52 -26.19 -43.13 -18.49
CA LYS G 52 -24.95 -42.47 -18.07
C LYS G 52 -23.95 -43.38 -17.36
N ILE G 53 -22.68 -43.04 -17.47
CA ILE G 53 -21.65 -43.62 -16.62
C ILE G 53 -21.40 -42.62 -15.50
N VAL G 54 -21.51 -43.09 -14.26
CA VAL G 54 -21.40 -42.24 -13.09
C VAL G 54 -20.02 -42.38 -12.43
N SER G 55 -19.18 -41.35 -12.60
CA SER G 55 -17.83 -41.37 -12.04
C SER G 55 -17.86 -40.88 -10.59
N ILE G 56 -17.46 -41.76 -9.67
CA ILE G 56 -17.50 -41.46 -8.24
C ILE G 56 -16.10 -41.42 -7.63
N ASN G 57 -15.94 -40.63 -6.57
CA ASN G 57 -14.69 -40.60 -5.78
C ASN G 57 -14.50 -41.95 -5.09
N PRO G 58 -13.39 -42.65 -5.38
CA PRO G 58 -13.20 -43.97 -4.77
C PRO G 58 -12.78 -43.88 -3.29
N ALA G 59 -12.49 -42.68 -2.82
CA ALA G 59 -12.23 -42.43 -1.41
C ALA G 59 -13.51 -42.05 -0.64
N ASN G 60 -14.44 -41.40 -1.33
CA ASN G 60 -15.74 -41.05 -0.79
C ASN G 60 -16.81 -41.43 -1.81
N LYS G 61 -17.30 -42.67 -1.71
CA LYS G 61 -18.15 -43.29 -2.74
C LYS G 61 -19.50 -42.63 -2.98
N GLU G 62 -19.92 -41.76 -2.07
CA GLU G 62 -21.13 -40.95 -2.25
C GLU G 62 -20.94 -39.73 -3.16
N GLU G 63 -19.72 -39.18 -3.18
CA GLU G 63 -19.40 -38.00 -3.99
C GLU G 63 -19.40 -38.33 -5.50
N VAL G 64 -20.09 -37.49 -6.27
CA VAL G 64 -20.11 -37.61 -7.72
C VAL G 64 -19.07 -36.66 -8.34
N VAL G 65 -18.05 -37.27 -8.96
CA VAL G 65 -16.99 -36.52 -9.64
C VAL G 65 -17.53 -35.95 -10.96
N GLY G 66 -18.21 -36.80 -11.71
CA GLY G 66 -18.89 -36.40 -12.93
C GLY G 66 -19.81 -37.49 -13.45
N THR G 67 -20.69 -37.11 -14.38
CA THR G 67 -21.55 -38.05 -15.10
C THR G 67 -21.25 -37.95 -16.60
N VAL G 68 -20.95 -39.07 -17.25
CA VAL G 68 -20.65 -39.05 -18.68
C VAL G 68 -21.70 -39.85 -19.46
N SER G 69 -22.03 -39.39 -20.65
CA SER G 69 -22.88 -40.14 -21.59
C SER G 69 -22.27 -41.50 -21.95
N LYS G 70 -23.13 -42.50 -22.07
CA LYS G 70 -22.73 -43.87 -22.41
C LYS G 70 -23.07 -44.09 -23.88
N ALA G 71 -22.07 -44.48 -24.67
CA ALA G 71 -22.23 -44.61 -26.12
C ALA G 71 -22.87 -45.95 -26.50
N THR G 72 -23.54 -45.97 -27.64
CA THR G 72 -24.15 -47.20 -28.15
C THR G 72 -23.36 -47.67 -29.38
N GLN G 73 -23.77 -48.80 -29.95
CA GLN G 73 -23.16 -49.30 -31.20
C GLN G 73 -23.40 -48.35 -32.36
N ASP G 74 -24.56 -47.70 -32.35
CA ASP G 74 -24.91 -46.70 -33.35
C ASP G 74 -24.01 -45.46 -33.21
N HIS G 75 -23.66 -45.12 -31.98
CA HIS G 75 -22.75 -44.02 -31.71
C HIS G 75 -21.30 -44.35 -32.11
N ALA G 76 -20.88 -45.58 -31.84
CA ALA G 76 -19.54 -46.05 -32.17
C ALA G 76 -19.31 -46.18 -33.68
N GLU G 77 -20.37 -46.58 -34.38
CA GLU G 77 -20.40 -46.67 -35.84
C GLU G 77 -20.28 -45.30 -36.48
N LYS G 78 -20.92 -44.31 -35.85
CA LYS G 78 -20.88 -42.94 -36.33
C LYS G 78 -19.52 -42.31 -36.10
N ALA G 79 -18.90 -42.64 -34.96
CA ALA G 79 -17.58 -42.13 -34.60
C ALA G 79 -16.50 -42.63 -35.56
N ILE G 80 -16.66 -43.88 -36.00
CA ILE G 80 -15.75 -44.50 -36.94
C ILE G 80 -15.84 -43.93 -38.36
N GLN G 81 -17.06 -43.61 -38.80
CA GLN G 81 -17.27 -42.96 -40.10
C GLN G 81 -16.79 -41.51 -40.05
N ALA G 82 -16.96 -40.87 -38.89
CA ALA G 82 -16.44 -39.52 -38.66
C ALA G 82 -14.93 -39.50 -38.81
N ALA G 83 -14.28 -40.46 -38.14
CA ALA G 83 -12.82 -40.59 -38.23
C ALA G 83 -12.36 -40.97 -39.64
N ALA G 84 -13.02 -41.95 -40.25
CA ALA G 84 -12.70 -42.33 -41.64
C ALA G 84 -12.77 -41.18 -42.61
N LYS G 85 -13.84 -40.38 -42.51
CA LYS G 85 -14.00 -39.19 -43.34
C LYS G 85 -12.97 -38.12 -43.01
N ALA G 86 -12.71 -37.91 -41.73
CA ALA G 86 -11.74 -36.89 -41.31
C ALA G 86 -10.33 -37.26 -41.73
N PHE G 87 -10.04 -38.57 -41.70
CA PHE G 87 -8.74 -39.08 -42.15
C PHE G 87 -8.44 -38.68 -43.58
N GLU G 88 -9.49 -38.61 -44.42
CA GLU G 88 -9.35 -38.25 -45.83
C GLU G 88 -8.72 -36.88 -46.10
N THR G 89 -8.76 -35.97 -45.14
CA THR G 89 -8.06 -34.68 -45.23
C THR G 89 -6.96 -34.48 -44.19
N TRP G 90 -7.18 -34.98 -42.97
CA TRP G 90 -6.18 -34.88 -41.90
C TRP G 90 -4.86 -35.58 -42.26
N ARG G 91 -4.91 -36.58 -43.13
CA ARG G 91 -3.71 -37.29 -43.55
C ARG G 91 -2.75 -36.40 -44.37
N TYR G 92 -3.28 -35.36 -45.00
CA TYR G 92 -2.46 -34.45 -45.80
C TYR G 92 -1.99 -33.22 -45.03
N THR G 93 -2.41 -33.10 -43.78
CA THR G 93 -2.06 -31.96 -42.94
C THR G 93 -0.56 -31.96 -42.66
N ASP G 94 0.09 -30.83 -42.89
CA ASP G 94 1.52 -30.69 -42.67
C ASP G 94 1.91 -31.12 -41.29
N PRO G 95 2.92 -31.95 -41.18
CA PRO G 95 3.33 -32.49 -39.89
C PRO G 95 3.62 -31.39 -38.84
N GLU G 96 4.11 -30.24 -39.31
CA GLU G 96 4.38 -29.10 -38.43
C GLU G 96 3.09 -28.51 -37.86
N GLU G 97 2.00 -28.64 -38.61
CA GLU G 97 0.67 -28.20 -38.16
C GLU G 97 0.03 -29.18 -37.16
N ARG G 98 0.29 -30.49 -37.33
CA ARG G 98 -0.21 -31.51 -36.40
C ARG G 98 0.54 -31.44 -35.07
N ALA G 99 1.86 -31.28 -35.15
CA ALA G 99 2.67 -31.03 -33.96
C ALA G 99 2.31 -29.71 -33.25
N ALA G 100 1.77 -28.75 -34.01
CA ALA G 100 1.34 -27.45 -33.47
C ALA G 100 0.17 -27.60 -32.51
N VAL G 101 -0.76 -28.52 -32.86
CA VAL G 101 -1.92 -28.86 -32.01
C VAL G 101 -1.48 -29.41 -30.66
N LEU G 102 -0.44 -30.26 -30.67
CA LEU G 102 0.10 -30.83 -29.45
C LEU G 102 0.78 -29.75 -28.60
N PHE G 103 1.57 -28.90 -29.24
CA PHE G 103 2.24 -27.78 -28.55
C PHE G 103 1.27 -26.86 -27.85
N ARG G 104 0.19 -26.47 -28.51
CA ARG G 104 -0.79 -25.64 -27.82
C ARG G 104 -1.62 -26.40 -26.77
N ALA G 105 -1.71 -27.72 -26.88
CA ALA G 105 -2.40 -28.49 -25.83
C ALA G 105 -1.51 -28.65 -24.61
N VAL G 106 -0.21 -28.91 -24.84
CA VAL G 106 0.80 -28.89 -23.77
C VAL G 106 0.61 -27.67 -22.88
N ALA G 107 0.60 -26.49 -23.52
CA ALA G 107 0.46 -25.19 -22.86
C ALA G 107 -0.81 -25.09 -22.01
N LYS G 108 -1.91 -25.61 -22.55
CA LYS G 108 -3.20 -25.56 -21.88
C LYS G 108 -3.21 -26.42 -20.60
N VAL G 109 -2.75 -27.67 -20.73
CA VAL G 109 -2.62 -28.58 -19.58
C VAL G 109 -1.64 -27.98 -18.54
N ARG G 110 -0.54 -27.41 -19.02
CA ARG G 110 0.48 -26.78 -18.18
C ARG G 110 -0.03 -25.59 -17.36
N ARG G 111 -0.88 -24.76 -17.95
CA ARG G 111 -1.43 -23.58 -17.27
C ARG G 111 -2.37 -24.00 -16.13
N LYS G 112 -3.10 -25.08 -16.34
CA LYS G 112 -4.01 -25.64 -15.35
C LYS G 112 -3.44 -26.91 -14.73
N LYS G 113 -2.11 -26.95 -14.54
CA LYS G 113 -1.37 -28.16 -14.15
C LYS G 113 -1.83 -28.80 -12.85
N HIS G 114 -1.85 -28.01 -11.78
CA HIS G 114 -2.22 -28.54 -10.48
C HIS G 114 -3.69 -28.91 -10.46
N GLU G 115 -4.47 -28.22 -11.26
CA GLU G 115 -5.91 -28.39 -11.35
C GLU G 115 -6.27 -29.67 -12.10
N PHE G 116 -5.52 -29.98 -13.16
CA PHE G 116 -5.65 -31.29 -13.83
C PHE G 116 -5.22 -32.41 -12.89
N SER G 117 -4.13 -32.17 -12.16
CA SER G 117 -3.66 -33.11 -11.14
C SER G 117 -4.72 -33.35 -10.07
N ALA G 118 -5.39 -32.28 -9.65
CA ALA G 118 -6.42 -32.36 -8.62
C ALA G 118 -7.63 -33.20 -9.03
N LEU G 119 -7.96 -33.18 -10.32
CA LEU G 119 -9.04 -34.02 -10.85
C LEU G 119 -8.75 -35.52 -10.63
N LEU G 120 -7.49 -35.90 -10.82
CA LEU G 120 -7.03 -37.27 -10.68
C LEU G 120 -7.02 -37.75 -9.23
N VAL G 121 -6.80 -36.82 -8.32
CA VAL G 121 -6.91 -37.06 -6.87
C VAL G 121 -8.37 -37.42 -6.56
N LYS G 122 -9.30 -36.69 -7.17
CA LYS G 122 -10.72 -36.90 -6.97
C LYS G 122 -11.25 -38.15 -7.69
N GLU G 123 -10.88 -38.30 -8.95
CA GLU G 123 -11.48 -39.32 -9.79
C GLU G 123 -10.90 -40.72 -9.58
N ALA G 124 -9.59 -40.81 -9.34
CA ALA G 124 -8.96 -42.13 -9.17
C ALA G 124 -8.33 -42.36 -7.81
N GLY G 125 -8.58 -41.43 -6.88
CA GLY G 125 -8.04 -41.54 -5.52
C GLY G 125 -6.52 -41.46 -5.47
N LYS G 126 -5.94 -40.83 -6.48
CA LYS G 126 -4.50 -40.78 -6.64
C LYS G 126 -3.90 -39.85 -5.59
N PRO G 127 -2.85 -40.32 -4.90
CA PRO G 127 -2.05 -39.46 -4.02
C PRO G 127 -1.41 -38.32 -4.79
N TRP G 128 -1.17 -37.20 -4.11
CA TRP G 128 -0.72 -35.95 -4.73
C TRP G 128 0.45 -36.11 -5.70
N ASN G 129 1.56 -36.66 -5.20
CA ASN G 129 2.78 -36.85 -6.00
C ASN G 129 2.59 -37.80 -7.19
N GLU G 130 1.76 -38.82 -7.01
CA GLU G 130 1.36 -39.74 -8.07
C GLU G 130 0.44 -39.09 -9.10
N ALA G 131 -0.44 -38.20 -8.63
CA ALA G 131 -1.32 -37.44 -9.50
C ALA G 131 -0.52 -36.36 -10.26
N ASP G 132 0.44 -35.75 -9.57
CA ASP G 132 1.34 -34.78 -10.16
C ASP G 132 2.27 -35.46 -11.16
N ALA G 133 2.65 -36.71 -10.88
CA ALA G 133 3.48 -37.50 -11.79
C ALA G 133 2.77 -37.86 -13.07
N ASP G 134 1.49 -38.22 -12.96
CA ASP G 134 0.65 -38.60 -14.11
C ASP G 134 0.53 -37.43 -15.09
N THR G 135 0.24 -36.24 -14.55
CA THR G 135 0.02 -35.02 -15.33
C THR G 135 1.31 -34.52 -15.97
N ALA G 136 2.41 -34.67 -15.24
CA ALA G 136 3.74 -34.33 -15.74
C ALA G 136 4.12 -35.24 -16.90
N GLU G 137 3.74 -36.52 -16.79
CA GLU G 137 4.04 -37.49 -17.80
C GLU G 137 3.11 -37.37 -19.01
N ALA G 138 1.91 -36.84 -18.78
CA ALA G 138 1.02 -36.46 -19.87
C ALA G 138 1.65 -35.35 -20.71
N ILE G 139 2.15 -34.31 -20.02
CA ILE G 139 2.88 -33.20 -20.64
C ILE G 139 4.08 -33.71 -21.43
N ASP G 140 4.93 -34.50 -20.76
CA ASP G 140 6.06 -35.21 -21.37
C ASP G 140 5.71 -35.92 -22.69
N PHE G 141 4.66 -36.72 -22.68
CA PHE G 141 4.21 -37.46 -23.87
C PHE G 141 3.87 -36.56 -25.04
N MET G 142 3.17 -35.47 -24.77
CA MET G 142 2.80 -34.51 -25.80
C MET G 142 4.02 -33.78 -26.37
N GLU G 143 4.92 -33.33 -25.49
CA GLU G 143 6.11 -32.59 -25.90
C GLU G 143 7.08 -33.43 -26.70
N TYR G 144 7.19 -34.70 -26.32
CA TYR G 144 8.17 -35.60 -26.88
C TYR G 144 7.71 -36.14 -28.22
N TYR G 145 6.42 -36.40 -28.36
CA TYR G 145 5.87 -36.85 -29.63
C TYR G 145 5.76 -35.73 -30.64
N ALA G 146 5.63 -34.49 -30.17
CA ALA G 146 5.53 -33.38 -31.10
C ALA G 146 6.86 -33.23 -31.85
N ARG G 147 7.96 -33.39 -31.11
CA ARG G 147 9.31 -33.27 -31.67
C ARG G 147 9.63 -34.48 -32.52
N GLN G 148 9.26 -35.67 -32.03
CA GLN G 148 9.52 -36.90 -32.78
C GLN G 148 8.93 -36.85 -34.19
N MET G 149 7.76 -36.26 -34.33
CA MET G 149 7.16 -36.13 -35.65
C MET G 149 7.79 -35.10 -36.57
N ILE G 150 8.35 -34.04 -36.00
CA ILE G 150 9.15 -33.12 -36.82
C ILE G 150 10.42 -33.82 -37.32
N GLU G 151 11.00 -34.65 -36.47
CA GLU G 151 12.12 -35.50 -36.85
C GLU G 151 11.75 -36.59 -37.89
N LEU G 152 10.59 -37.23 -37.72
CA LEU G 152 10.09 -38.24 -38.66
C LEU G 152 9.72 -37.63 -40.01
N ALA G 153 9.34 -36.35 -40.02
CA ALA G 153 8.98 -35.65 -41.27
C ALA G 153 10.15 -35.47 -42.24
N LYS G 154 11.37 -35.60 -41.72
CA LYS G 154 12.60 -35.55 -42.53
C LYS G 154 12.76 -36.79 -43.42
N GLY G 155 12.16 -37.90 -43.02
CA GLY G 155 12.32 -39.18 -43.71
C GLY G 155 13.62 -39.87 -43.31
N LYS G 156 13.93 -40.97 -43.97
CA LYS G 156 15.20 -41.67 -43.75
C LYS G 156 16.00 -41.73 -45.04
N PRO G 157 17.32 -41.45 -44.97
CA PRO G 157 18.10 -41.34 -46.19
C PRO G 157 18.44 -42.69 -46.80
N VAL G 158 18.01 -42.92 -48.04
CA VAL G 158 18.46 -44.08 -48.80
C VAL G 158 19.41 -43.64 -49.92
N ASN G 159 20.15 -44.61 -50.46
CA ASN G 159 21.02 -44.41 -51.62
C ASN G 159 20.27 -44.06 -52.92
N SER G 160 20.86 -43.14 -53.69
CA SER G 160 20.38 -42.84 -55.03
C SER G 160 21.45 -43.11 -56.10
N ARG G 161 21.06 -43.82 -57.16
CA ARG G 161 21.91 -43.98 -58.35
C ARG G 161 21.94 -42.65 -59.10
N GLU G 162 22.96 -42.47 -59.93
CA GLU G 162 23.04 -41.33 -60.84
C GLU G 162 21.82 -41.32 -61.75
N GLY G 163 21.19 -40.15 -61.83
CA GLY G 163 20.01 -39.99 -62.67
C GLY G 163 18.71 -40.32 -61.98
N GLU G 164 18.78 -40.71 -60.70
CA GLU G 164 17.57 -40.94 -59.92
C GLU G 164 17.57 -40.24 -58.57
N ARG G 165 16.38 -39.94 -58.06
CA ARG G 165 16.19 -39.39 -56.71
C ARG G 165 15.28 -40.30 -55.90
N ASN G 166 15.88 -40.95 -54.90
CA ASN G 166 15.18 -41.87 -54.01
C ASN G 166 14.97 -41.25 -52.63
N GLN G 167 13.71 -41.29 -52.18
CA GLN G 167 13.33 -40.80 -50.87
C GLN G 167 12.51 -41.89 -50.16
N TYR G 168 12.66 -41.96 -48.84
CA TYR G 168 12.00 -42.94 -47.98
C TYR G 168 11.33 -42.14 -46.88
N VAL G 169 10.02 -41.95 -47.01
CA VAL G 169 9.24 -41.09 -46.10
C VAL G 169 8.20 -41.90 -45.31
N TYR G 170 7.56 -41.23 -44.34
CA TYR G 170 6.50 -41.83 -43.50
C TYR G 170 5.12 -41.27 -43.82
N THR G 171 4.14 -42.15 -44.02
CA THR G 171 2.76 -41.72 -44.30
C THR G 171 1.79 -42.11 -43.17
N PRO G 172 0.78 -41.28 -42.90
CA PRO G 172 -0.27 -41.65 -41.93
C PRO G 172 -0.98 -42.96 -42.35
N THR G 173 -1.60 -43.66 -41.40
CA THR G 173 -2.14 -45.02 -41.63
C THR G 173 -3.67 -45.05 -41.77
N GLY G 174 -4.39 -44.49 -40.80
CA GLY G 174 -5.86 -44.47 -40.82
C GLY G 174 -6.57 -44.27 -39.49
N VAL G 175 -7.71 -44.95 -39.36
CA VAL G 175 -8.53 -44.90 -38.15
C VAL G 175 -7.80 -45.66 -37.06
N THR G 176 -7.74 -45.06 -35.88
CA THR G 176 -7.10 -45.65 -34.73
C THR G 176 -8.06 -45.65 -33.57
N VAL G 177 -8.27 -46.83 -33.03
CA VAL G 177 -9.15 -47.04 -31.90
C VAL G 177 -8.30 -47.09 -30.63
N VAL G 178 -8.54 -46.15 -29.72
CA VAL G 178 -7.73 -46.00 -28.54
C VAL G 178 -8.46 -46.56 -27.33
N ILE G 179 -7.80 -47.47 -26.61
CA ILE G 179 -8.36 -48.07 -25.41
C ILE G 179 -7.33 -48.02 -24.30
N PRO G 180 -7.34 -46.91 -23.51
CA PRO G 180 -6.44 -46.74 -22.36
C PRO G 180 -7.00 -47.38 -21.07
N PRO G 181 -6.18 -47.45 -20.00
CA PRO G 181 -6.71 -48.02 -18.76
C PRO G 181 -7.12 -46.94 -17.77
N TRP G 182 -7.50 -47.39 -16.57
CA TRP G 182 -8.00 -46.53 -15.50
C TRP G 182 -6.87 -46.04 -14.59
N ASN G 183 -5.78 -46.81 -14.55
CA ASN G 183 -4.67 -46.51 -13.65
C ASN G 183 -3.89 -45.23 -13.98
N PHE G 184 -3.22 -45.19 -15.14
CA PHE G 184 -2.59 -43.96 -15.60
C PHE G 184 -3.58 -43.21 -16.50
N LEU G 185 -4.62 -42.70 -15.86
CA LEU G 185 -5.80 -42.15 -16.53
C LEU G 185 -5.55 -40.85 -17.30
N PHE G 186 -4.45 -40.16 -17.00
CA PHE G 186 -4.07 -38.99 -17.79
C PHE G 186 -2.99 -39.33 -18.81
N ALA G 187 -1.80 -39.72 -18.36
CA ALA G 187 -0.66 -39.89 -19.27
C ALA G 187 -0.86 -40.94 -20.37
N ILE G 188 -1.15 -42.19 -20.00
CA ILE G 188 -1.32 -43.24 -21.01
C ILE G 188 -2.47 -42.94 -21.96
N MET G 189 -3.58 -42.50 -21.39
CA MET G 189 -4.71 -42.02 -22.17
C MET G 189 -4.30 -40.91 -23.14
N ALA G 190 -3.53 -39.92 -22.66
CA ALA G 190 -3.08 -38.82 -23.54
C ALA G 190 -2.05 -39.31 -24.53
N GLY G 191 -1.09 -40.08 -24.03
CA GLY G 191 0.00 -40.61 -24.85
C GLY G 191 -0.50 -41.42 -26.03
N THR G 192 -1.31 -42.46 -25.74
CA THR G 192 -1.93 -43.26 -26.81
C THR G 192 -2.99 -42.51 -27.63
N THR G 193 -3.30 -41.26 -27.25
CA THR G 193 -4.25 -40.44 -28.03
C THR G 193 -3.53 -39.47 -28.99
N VAL G 194 -2.61 -38.65 -28.45
CA VAL G 194 -1.88 -37.68 -29.29
C VAL G 194 -0.95 -38.34 -30.30
N ALA G 195 -0.43 -39.53 -29.96
CA ALA G 195 0.51 -40.23 -30.84
C ALA G 195 -0.03 -40.56 -32.23
N PRO G 196 -1.20 -41.25 -32.32
CA PRO G 196 -1.84 -41.36 -33.63
C PRO G 196 -2.13 -40.00 -34.29
N ILE G 197 -2.74 -39.07 -33.56
CA ILE G 197 -3.15 -37.76 -34.07
C ILE G 197 -1.97 -36.94 -34.63
N VAL G 198 -0.82 -37.00 -33.96
CA VAL G 198 0.36 -36.29 -34.47
C VAL G 198 0.93 -36.96 -35.73
N THR G 199 0.70 -38.26 -35.89
CA THR G 199 1.19 -38.98 -37.04
C THR G 199 0.24 -38.97 -38.24
N GLY G 200 -0.90 -38.30 -38.10
CA GLY G 200 -1.79 -38.05 -39.23
C GLY G 200 -2.96 -39.01 -39.26
N ASN G 201 -3.07 -39.80 -38.19
CA ASN G 201 -4.18 -40.70 -38.01
C ASN G 201 -5.32 -39.99 -37.33
N THR G 202 -6.48 -40.65 -37.27
CA THR G 202 -7.65 -40.10 -36.60
C THR G 202 -8.06 -41.07 -35.50
N VAL G 203 -8.68 -40.54 -34.46
CA VAL G 203 -8.89 -41.30 -33.24
C VAL G 203 -10.37 -41.45 -32.90
N VAL G 204 -10.76 -42.68 -32.59
CA VAL G 204 -12.01 -42.95 -31.91
C VAL G 204 -11.59 -43.44 -30.53
N LEU G 205 -11.87 -42.63 -29.50
CA LEU G 205 -11.37 -42.86 -28.14
C LEU G 205 -12.47 -43.42 -27.24
N LYS G 206 -12.26 -44.64 -26.76
CA LYS G 206 -13.14 -45.22 -25.78
C LYS G 206 -12.30 -45.31 -24.51
N PRO G 207 -12.47 -44.35 -23.59
CA PRO G 207 -11.68 -44.40 -22.37
C PRO G 207 -12.24 -45.40 -21.37
N ALA G 208 -11.43 -45.68 -20.34
CA ALA G 208 -11.86 -46.51 -19.23
C ALA G 208 -13.05 -45.87 -18.52
N SER G 209 -14.13 -46.65 -18.41
CA SER G 209 -15.38 -46.19 -17.82
C SER G 209 -15.27 -45.98 -16.31
N ALA G 210 -14.15 -46.43 -15.74
CA ALA G 210 -13.80 -46.15 -14.36
C ALA G 210 -13.29 -44.72 -14.18
N ALA G 211 -12.83 -44.09 -15.26
CA ALA G 211 -12.34 -42.70 -15.22
C ALA G 211 -12.48 -41.91 -16.53
N PRO G 212 -13.70 -41.45 -16.85
CA PRO G 212 -13.88 -40.79 -18.14
C PRO G 212 -13.87 -39.25 -18.16
N VAL G 213 -13.93 -38.61 -17.00
CA VAL G 213 -13.98 -37.14 -16.90
C VAL G 213 -12.70 -36.49 -17.41
N ILE G 214 -11.56 -37.05 -17.00
CA ILE G 214 -10.24 -36.60 -17.47
C ILE G 214 -10.13 -36.77 -19.00
N ALA G 215 -10.75 -37.83 -19.51
CA ALA G 215 -10.71 -38.08 -20.94
C ALA G 215 -11.61 -37.14 -21.68
N ALA G 216 -12.70 -36.69 -21.06
CA ALA G 216 -13.56 -35.69 -21.70
C ALA G 216 -12.90 -34.29 -21.63
N LYS G 217 -12.23 -34.00 -20.53
CA LYS G 217 -11.60 -32.67 -20.37
C LYS G 217 -10.43 -32.53 -21.32
N PHE G 218 -9.59 -33.57 -21.41
CA PHE G 218 -8.47 -33.59 -22.36
C PHE G 218 -8.94 -33.58 -23.80
N VAL G 219 -10.02 -34.27 -24.11
CA VAL G 219 -10.63 -34.14 -25.44
C VAL G 219 -11.08 -32.71 -25.78
N GLU G 220 -11.72 -32.03 -24.82
CA GLU G 220 -12.08 -30.61 -24.99
C GLU G 220 -10.85 -29.74 -25.23
N VAL G 221 -9.81 -29.97 -24.45
CA VAL G 221 -8.48 -29.34 -24.59
C VAL G 221 -7.93 -29.45 -26.03
N LEU G 222 -8.09 -30.63 -26.64
CA LEU G 222 -7.59 -30.88 -27.98
C LEU G 222 -8.35 -30.09 -29.05
N GLU G 223 -9.64 -29.89 -28.81
CA GLU G 223 -10.53 -29.22 -29.74
C GLU G 223 -10.27 -27.73 -29.71
N GLU G 224 -9.98 -27.25 -28.51
CA GLU G 224 -9.53 -25.90 -28.28
C GLU G 224 -8.15 -25.65 -28.90
N SER G 225 -7.47 -26.75 -29.28
CA SER G 225 -6.11 -26.68 -29.82
C SER G 225 -6.09 -26.70 -31.35
N GLY G 226 -7.24 -26.46 -31.96
CA GLY G 226 -7.34 -26.33 -33.40
C GLY G 226 -7.46 -27.66 -34.14
N LEU G 227 -7.97 -28.68 -33.47
CA LEU G 227 -8.26 -29.95 -34.12
C LEU G 227 -9.52 -29.89 -34.97
N PRO G 228 -9.41 -30.22 -36.27
CA PRO G 228 -10.58 -30.36 -37.13
C PRO G 228 -11.52 -31.47 -36.65
N LYS G 229 -12.79 -31.34 -36.99
CA LYS G 229 -13.83 -32.29 -36.56
C LYS G 229 -13.51 -33.71 -36.99
N GLY G 230 -13.70 -34.66 -36.07
CA GLY G 230 -13.57 -36.08 -36.38
C GLY G 230 -12.17 -36.64 -36.22
N VAL G 231 -11.20 -35.76 -35.98
CA VAL G 231 -9.81 -36.20 -35.79
C VAL G 231 -9.67 -36.86 -34.41
N VAL G 232 -10.43 -36.35 -33.44
CA VAL G 232 -10.65 -37.05 -32.20
C VAL G 232 -12.16 -37.19 -31.97
N ASN G 233 -12.58 -38.41 -31.68
CA ASN G 233 -13.96 -38.70 -31.32
C ASN G 233 -13.98 -39.34 -29.94
N PHE G 234 -14.95 -38.95 -29.11
CA PHE G 234 -15.02 -39.35 -27.70
C PHE G 234 -16.23 -40.24 -27.43
N VAL G 235 -15.99 -41.54 -27.29
CA VAL G 235 -17.10 -42.49 -27.17
C VAL G 235 -16.94 -43.48 -26.01
N PRO G 236 -17.05 -43.00 -24.77
CA PRO G 236 -16.96 -43.91 -23.65
C PRO G 236 -18.19 -44.79 -23.59
N GLY G 237 -18.00 -46.07 -23.31
CA GLY G 237 -19.10 -47.01 -23.27
C GLY G 237 -18.67 -48.34 -22.70
N SER G 238 -19.48 -49.36 -22.95
CA SER G 238 -19.25 -50.71 -22.50
C SER G 238 -18.38 -51.50 -23.49
N GLY G 239 -17.47 -52.30 -22.96
CA GLY G 239 -16.63 -53.20 -23.76
C GLY G 239 -17.43 -54.22 -24.55
N ALA G 240 -18.55 -54.66 -23.98
CA ALA G 240 -19.46 -55.61 -24.62
C ALA G 240 -20.08 -55.05 -25.91
N GLU G 241 -20.74 -53.90 -25.82
CA GLU G 241 -21.41 -53.32 -26.98
C GLU G 241 -20.54 -52.42 -27.86
N VAL G 242 -19.75 -51.53 -27.26
CA VAL G 242 -18.93 -50.58 -28.03
C VAL G 242 -17.56 -51.14 -28.40
N GLY G 243 -16.88 -51.72 -27.41
CA GLY G 243 -15.48 -52.16 -27.54
C GLY G 243 -15.19 -53.12 -28.68
N ASP G 244 -15.86 -54.27 -28.64
CA ASP G 244 -15.74 -55.28 -29.69
C ASP G 244 -16.12 -54.73 -31.05
N TYR G 245 -17.14 -53.88 -31.07
CA TYR G 245 -17.61 -53.26 -32.29
C TYR G 245 -16.54 -52.39 -32.95
N LEU G 246 -15.83 -51.60 -32.14
CA LEU G 246 -14.74 -50.74 -32.64
C LEU G 246 -13.65 -51.58 -33.26
N VAL G 247 -13.16 -52.52 -32.46
CA VAL G 247 -12.11 -53.45 -32.85
C VAL G 247 -12.46 -54.24 -34.14
N ASP G 248 -13.72 -54.68 -34.26
CA ASP G 248 -14.14 -55.50 -35.40
C ASP G 248 -14.49 -54.74 -36.67
N HIS G 249 -14.59 -53.42 -36.60
CA HIS G 249 -15.06 -52.68 -37.76
C HIS G 249 -14.07 -52.79 -38.91
N PRO G 250 -14.57 -52.96 -40.15
CA PRO G 250 -13.65 -53.10 -41.29
C PRO G 250 -12.90 -51.82 -41.69
N LYS G 251 -13.18 -50.71 -41.01
CA LYS G 251 -12.54 -49.43 -41.29
C LYS G 251 -11.45 -49.06 -40.27
N THR G 252 -11.38 -49.80 -39.16
CA THR G 252 -10.38 -49.60 -38.13
C THR G 252 -9.02 -50.11 -38.64
N SER G 253 -7.96 -49.33 -38.43
CA SER G 253 -6.64 -49.70 -38.97
C SER G 253 -5.64 -50.08 -37.88
N ILE G 254 -5.61 -49.29 -36.81
CA ILE G 254 -4.77 -49.55 -35.65
C ILE G 254 -5.69 -49.58 -34.42
N ILE G 255 -5.36 -50.44 -33.45
CA ILE G 255 -5.99 -50.44 -32.14
C ILE G 255 -4.86 -50.32 -31.13
N THR G 256 -4.63 -49.11 -30.61
CA THR G 256 -3.65 -48.97 -29.54
C THR G 256 -4.30 -49.24 -28.19
N PHE G 257 -3.73 -50.14 -27.43
CA PHE G 257 -4.42 -50.64 -26.26
C PHE G 257 -3.53 -50.69 -25.04
N THR G 258 -4.03 -50.23 -23.91
CA THR G 258 -3.34 -50.47 -22.64
C THR G 258 -4.31 -50.97 -21.58
N GLY G 259 -3.99 -52.11 -20.96
CA GLY G 259 -4.81 -52.67 -19.92
C GLY G 259 -4.37 -54.07 -19.54
N SER G 260 -5.33 -54.92 -19.22
CA SER G 260 -5.07 -56.27 -18.74
C SER G 260 -4.72 -57.22 -19.89
N ARG G 261 -4.04 -58.30 -19.53
CA ARG G 261 -3.65 -59.36 -20.46
C ARG G 261 -4.86 -60.08 -21.08
N GLU G 262 -5.88 -60.37 -20.26
CA GLU G 262 -7.07 -61.11 -20.69
C GLU G 262 -7.85 -60.36 -21.78
N VAL G 263 -7.99 -59.05 -21.62
CA VAL G 263 -8.69 -58.20 -22.58
C VAL G 263 -7.86 -58.03 -23.87
N GLY G 264 -6.58 -57.68 -23.71
CA GLY G 264 -5.65 -57.51 -24.83
C GLY G 264 -5.48 -58.72 -25.73
N THR G 265 -5.62 -59.91 -25.15
CA THR G 265 -5.61 -61.16 -25.88
C THR G 265 -6.83 -61.27 -26.81
N ARG G 266 -8.02 -60.99 -26.26
CA ARG G 266 -9.27 -60.99 -27.04
C ARG G 266 -9.19 -60.02 -28.22
N ILE G 267 -8.62 -58.83 -27.98
CA ILE G 267 -8.44 -57.78 -29.00
C ILE G 267 -7.44 -58.22 -30.07
N PHE G 268 -6.41 -58.96 -29.66
CA PHE G 268 -5.37 -59.37 -30.62
C PHE G 268 -5.91 -60.43 -31.59
N GLU G 269 -6.72 -61.36 -31.06
CA GLU G 269 -7.39 -62.39 -31.87
C GLU G 269 -8.44 -61.81 -32.81
N ARG G 270 -9.25 -60.88 -32.30
CA ARG G 270 -10.38 -60.38 -33.06
C ARG G 270 -9.95 -59.40 -34.15
N ALA G 271 -8.83 -58.71 -33.90
CA ALA G 271 -8.31 -57.71 -34.84
C ALA G 271 -7.73 -58.28 -36.11
N ALA G 272 -7.00 -59.40 -36.00
CA ALA G 272 -6.36 -60.02 -37.17
C ALA G 272 -7.34 -60.67 -38.14
N LYS G 273 -8.60 -60.77 -37.73
CA LYS G 273 -9.68 -61.27 -38.58
C LYS G 273 -9.93 -60.22 -39.66
N VAL G 274 -9.82 -60.61 -40.92
CA VAL G 274 -10.11 -59.71 -42.03
C VAL G 274 -11.58 -59.82 -42.41
N GLN G 275 -12.36 -58.80 -42.02
CA GLN G 275 -13.82 -58.83 -42.13
C GLN G 275 -14.31 -58.66 -43.56
N PRO G 276 -15.61 -58.94 -43.81
CA PRO G 276 -16.14 -58.59 -45.14
C PRO G 276 -16.06 -57.08 -45.39
N GLY G 277 -15.51 -56.71 -46.54
CA GLY G 277 -15.31 -55.31 -46.90
C GLY G 277 -13.98 -54.70 -46.47
N GLN G 278 -13.20 -55.44 -45.70
CA GLN G 278 -11.95 -54.95 -45.13
C GLN G 278 -10.81 -55.04 -46.14
N THR G 279 -10.03 -53.97 -46.27
CA THR G 279 -8.98 -53.88 -47.28
C THR G 279 -7.60 -53.50 -46.72
N HIS G 280 -7.35 -53.78 -45.44
CA HIS G 280 -6.00 -53.73 -44.88
C HIS G 280 -5.90 -54.77 -43.78
N LEU G 281 -4.67 -55.05 -43.35
CA LEU G 281 -4.45 -55.83 -42.14
C LEU G 281 -4.34 -54.89 -40.96
N LYS G 282 -5.13 -55.15 -39.93
CA LYS G 282 -5.11 -54.36 -38.70
C LYS G 282 -3.83 -54.59 -37.91
N GLN G 283 -3.37 -53.56 -37.22
CA GLN G 283 -2.24 -53.74 -36.31
C GLN G 283 -2.64 -53.37 -34.87
N VAL G 284 -2.24 -54.20 -33.93
CA VAL G 284 -2.52 -53.94 -32.53
C VAL G 284 -1.24 -53.42 -31.88
N ILE G 285 -1.35 -52.39 -31.06
CA ILE G 285 -0.21 -51.93 -30.28
C ILE G 285 -0.65 -52.08 -28.86
N ALA G 286 0.00 -52.97 -28.11
CA ALA G 286 -0.55 -53.39 -26.83
C ALA G 286 0.43 -53.40 -25.68
N GLU G 287 -0.03 -52.91 -24.54
CA GLU G 287 0.68 -53.04 -23.28
C GLU G 287 -0.29 -53.74 -22.35
N MET G 288 -0.01 -55.00 -22.06
CA MET G 288 -0.96 -55.87 -21.37
C MET G 288 -0.62 -56.15 -19.91
N GLY G 289 0.23 -55.31 -19.33
CA GLY G 289 0.55 -55.38 -17.91
C GLY G 289 1.67 -56.36 -17.61
N GLY G 290 2.04 -56.45 -16.35
CA GLY G 290 3.13 -57.31 -15.93
C GLY G 290 3.06 -57.76 -14.47
N LYS G 291 3.86 -58.78 -14.18
CA LYS G 291 4.00 -59.36 -12.86
C LYS G 291 5.47 -59.19 -12.49
N ASP G 292 5.78 -58.02 -11.96
CA ASP G 292 7.14 -57.48 -11.92
C ASP G 292 7.93 -57.88 -10.70
N THR G 293 9.26 -57.82 -10.82
CA THR G 293 10.14 -58.52 -9.89
C THR G 293 11.35 -57.71 -9.43
N VAL G 294 11.44 -57.50 -8.13
CA VAL G 294 12.63 -56.92 -7.53
C VAL G 294 13.50 -58.05 -6.95
N VAL G 295 14.53 -58.41 -7.70
CA VAL G 295 15.50 -59.41 -7.28
C VAL G 295 16.51 -58.77 -6.32
N VAL G 296 16.55 -59.28 -5.10
CA VAL G 296 17.48 -58.82 -4.09
C VAL G 296 18.56 -59.87 -3.88
N ASP G 297 19.79 -59.49 -4.18
CA ASP G 297 20.95 -60.38 -4.09
C ASP G 297 21.63 -60.33 -2.70
N GLU G 298 22.35 -61.42 -2.41
CA GLU G 298 23.14 -61.63 -1.18
C GLU G 298 23.98 -60.42 -0.75
N ASP G 299 24.58 -59.76 -1.73
CA ASP G 299 25.43 -58.62 -1.50
C ASP G 299 24.76 -57.38 -2.10
N CYS G 300 24.15 -56.58 -1.23
CA CYS G 300 23.32 -55.47 -1.63
C CYS G 300 23.37 -54.37 -0.58
N ASP G 301 22.88 -53.19 -0.92
CA ASP G 301 22.55 -52.18 0.10
C ASP G 301 21.14 -52.54 0.57
N ILE G 302 21.02 -53.04 1.80
CA ILE G 302 19.75 -53.54 2.33
C ILE G 302 18.67 -52.46 2.46
N GLU G 303 19.09 -51.24 2.83
CA GLU G 303 18.17 -50.11 2.95
C GLU G 303 17.63 -49.72 1.58
N LEU G 304 18.52 -49.71 0.59
CA LEU G 304 18.13 -49.45 -0.79
C LEU G 304 17.22 -50.55 -1.33
N ALA G 305 17.56 -51.81 -1.05
CA ALA G 305 16.75 -52.95 -1.47
C ALA G 305 15.33 -52.79 -0.97
N ALA G 306 15.20 -52.66 0.35
CA ALA G 306 13.91 -52.52 1.02
C ALA G 306 13.08 -51.31 0.60
N GLN G 307 13.73 -50.16 0.38
CA GLN G 307 13.06 -48.98 -0.16
C GLN G 307 12.59 -49.22 -1.60
N SER G 308 13.38 -49.96 -2.36
CA SER G 308 13.05 -50.29 -3.74
C SER G 308 11.89 -51.28 -3.85
N ILE G 309 11.80 -52.24 -2.92
CA ILE G 309 10.69 -53.19 -2.89
C ILE G 309 9.38 -52.48 -2.54
N PHE G 310 9.45 -51.64 -1.49
CA PHE G 310 8.33 -50.84 -1.00
C PHE G 310 7.71 -49.96 -2.08
N THR G 311 8.53 -49.10 -2.69
CA THR G 311 8.13 -48.19 -3.76
C THR G 311 7.53 -48.92 -4.96
N SER G 312 8.10 -50.08 -5.30
CA SER G 312 7.59 -50.89 -6.41
C SER G 312 6.23 -51.51 -6.09
N ALA G 313 6.02 -51.86 -4.83
CA ALA G 313 4.82 -52.57 -4.41
C ALA G 313 3.63 -51.67 -4.18
N PHE G 314 3.88 -50.44 -3.76
CA PHE G 314 2.83 -49.62 -3.17
C PHE G 314 2.63 -48.24 -3.77
N GLY G 315 3.38 -47.92 -4.82
CA GLY G 315 3.13 -46.73 -5.62
C GLY G 315 1.79 -46.84 -6.31
N PHE G 316 0.95 -45.82 -6.15
CA PHE G 316 -0.47 -45.78 -6.55
C PHE G 316 -1.24 -47.06 -6.16
N ALA G 317 -1.12 -47.42 -4.88
CA ALA G 317 -1.72 -48.63 -4.29
C ALA G 317 -1.44 -49.93 -5.05
N GLY G 318 -0.27 -50.01 -5.70
CA GLY G 318 0.10 -51.15 -6.54
C GLY G 318 -0.74 -51.37 -7.79
N GLN G 319 -1.43 -50.31 -8.23
CA GLN G 319 -2.31 -50.38 -9.41
C GLN G 319 -1.57 -50.00 -10.68
N LYS G 320 -0.25 -49.91 -10.59
CA LYS G 320 0.59 -49.70 -11.75
C LYS G 320 0.74 -51.01 -12.52
N CYS G 321 0.89 -50.93 -13.85
CA CYS G 321 1.27 -52.11 -14.63
C CYS G 321 2.71 -52.52 -14.35
N SER G 322 3.53 -51.53 -13.99
CA SER G 322 4.95 -51.71 -13.65
C SER G 322 5.18 -52.07 -12.17
N ALA G 323 4.11 -52.34 -11.42
CA ALA G 323 4.18 -52.56 -9.97
C ALA G 323 4.88 -53.87 -9.58
N GLY G 324 5.88 -53.74 -8.71
CA GLY G 324 6.71 -54.86 -8.29
C GLY G 324 6.09 -55.67 -7.17
N SER G 325 5.16 -56.55 -7.53
CA SER G 325 4.47 -57.39 -6.57
C SER G 325 5.22 -58.68 -6.21
N ARG G 326 6.40 -58.87 -6.79
CA ARG G 326 7.27 -60.01 -6.47
C ARG G 326 8.62 -59.54 -5.94
N ALA G 327 8.96 -59.97 -4.72
CA ALA G 327 10.27 -59.71 -4.15
C ALA G 327 11.06 -61.00 -3.98
N VAL G 328 11.93 -61.28 -4.95
CA VAL G 328 12.77 -62.47 -4.94
C VAL G 328 14.10 -62.17 -4.22
N VAL G 329 14.21 -62.65 -2.99
CA VAL G 329 15.25 -62.19 -2.06
C VAL G 329 16.16 -63.35 -1.62
N HIS G 330 17.47 -63.13 -1.73
CA HIS G 330 18.49 -64.11 -1.34
C HIS G 330 18.39 -64.42 0.16
N GLU G 331 18.49 -65.72 0.51
CA GLU G 331 18.32 -66.22 1.88
C GLU G 331 19.12 -65.49 2.95
N LYS G 332 20.31 -65.01 2.58
CA LYS G 332 21.24 -64.39 3.50
C LYS G 332 20.69 -63.10 4.09
N VAL G 333 20.06 -62.29 3.26
CA VAL G 333 19.49 -61.02 3.71
C VAL G 333 17.95 -61.06 3.82
N TYR G 334 17.37 -62.24 3.62
CA TYR G 334 15.91 -62.41 3.52
C TYR G 334 15.17 -61.84 4.72
N ASP G 335 15.48 -62.37 5.90
CA ASP G 335 14.79 -61.99 7.13
C ASP G 335 14.96 -60.51 7.42
N GLU G 336 16.16 -59.98 7.21
CA GLU G 336 16.44 -58.56 7.46
C GLU G 336 15.71 -57.62 6.52
N VAL G 337 15.73 -57.94 5.22
CA VAL G 337 15.06 -57.12 4.19
C VAL G 337 13.54 -57.14 4.37
N LEU G 338 12.97 -58.32 4.63
CA LEU G 338 11.53 -58.46 4.85
C LEU G 338 11.04 -57.62 6.04
N LYS G 339 11.72 -57.76 7.16
CA LYS G 339 11.48 -56.97 8.37
C LYS G 339 11.60 -55.46 8.13
N ARG G 340 12.54 -55.05 7.28
CA ARG G 340 12.69 -53.64 6.94
C ARG G 340 11.53 -53.14 6.06
N VAL G 341 11.13 -53.90 5.04
CA VAL G 341 9.98 -53.51 4.21
C VAL G 341 8.69 -53.35 5.05
N ILE G 342 8.48 -54.26 6.00
CA ILE G 342 7.32 -54.16 6.91
C ILE G 342 7.40 -52.86 7.73
N GLU G 343 8.57 -52.56 8.26
CA GLU G 343 8.82 -51.31 9.03
C GLU G 343 8.39 -50.08 8.23
N ILE G 344 8.80 -50.01 6.96
CA ILE G 344 8.54 -48.86 6.09
C ILE G 344 7.07 -48.77 5.67
N THR G 345 6.48 -49.92 5.34
CA THR G 345 5.08 -50.01 4.90
C THR G 345 4.08 -49.50 5.94
N GLU G 346 4.26 -49.88 7.20
CA GLU G 346 3.31 -49.46 8.24
C GLU G 346 3.62 -48.12 8.92
N SER G 347 4.69 -47.46 8.50
CA SER G 347 4.96 -46.09 8.93
C SER G 347 4.24 -45.08 8.01
N LYS G 348 3.66 -45.60 6.93
CA LYS G 348 3.01 -44.76 5.92
C LYS G 348 1.49 -44.73 6.12
N LYS G 349 0.89 -43.55 6.02
CA LYS G 349 -0.57 -43.42 6.22
C LYS G 349 -1.41 -43.58 4.97
N VAL G 350 -2.38 -44.49 5.09
CA VAL G 350 -3.30 -44.84 4.04
C VAL G 350 -4.66 -44.18 4.32
N GLY G 351 -5.11 -43.35 3.38
CA GLY G 351 -6.37 -42.63 3.55
C GLY G 351 -6.79 -41.81 2.33
N GLU G 352 -7.84 -41.00 2.51
CA GLU G 352 -8.25 -40.02 1.51
C GLU G 352 -7.08 -39.05 1.27
N PRO G 353 -6.75 -38.76 0.00
CA PRO G 353 -5.60 -37.89 -0.28
C PRO G 353 -5.90 -36.40 -0.14
N ASP G 354 -6.37 -35.99 1.05
CA ASP G 354 -6.63 -34.58 1.37
C ASP G 354 -5.34 -33.80 1.65
N SER G 355 -4.21 -34.50 1.71
CA SER G 355 -2.90 -33.89 1.95
C SER G 355 -1.74 -34.65 1.29
N ALA G 356 -0.59 -34.00 1.29
CA ALA G 356 0.64 -34.53 0.71
C ALA G 356 1.29 -35.66 1.50
N ASP G 357 0.97 -35.77 2.79
CA ASP G 357 1.52 -36.86 3.62
C ASP G 357 0.76 -38.20 3.53
N VAL G 358 -0.30 -38.22 2.72
CA VAL G 358 -1.00 -39.47 2.40
C VAL G 358 -0.25 -40.16 1.25
N TYR G 359 0.44 -41.24 1.57
CA TYR G 359 1.24 -41.97 0.58
C TYR G 359 0.38 -42.85 -0.32
N MET G 360 -0.70 -43.39 0.23
CA MET G 360 -1.52 -44.36 -0.49
C MET G 360 -3.02 -44.12 -0.33
N GLY G 361 -3.70 -43.88 -1.44
CA GLY G 361 -5.16 -43.76 -1.46
C GLY G 361 -5.87 -45.11 -1.50
N PRO G 362 -7.15 -45.11 -1.93
CA PRO G 362 -7.96 -46.32 -2.10
C PRO G 362 -7.72 -47.02 -3.43
N VAL G 363 -8.37 -48.17 -3.64
CA VAL G 363 -8.43 -48.79 -4.97
C VAL G 363 -9.62 -48.24 -5.79
N ILE G 364 -9.57 -48.46 -7.09
CA ILE G 364 -10.44 -47.78 -8.08
C ILE G 364 -11.98 -47.94 -7.93
N ASP G 365 -12.46 -49.16 -7.64
CA ASP G 365 -13.91 -49.44 -7.54
C ASP G 365 -14.26 -50.73 -6.79
N GLN G 366 -15.56 -51.01 -6.65
CA GLN G 366 -16.07 -52.19 -5.91
C GLN G 366 -15.66 -53.54 -6.51
N ALA G 367 -15.68 -53.61 -7.85
CA ALA G 367 -15.34 -54.83 -8.57
C ALA G 367 -13.89 -55.23 -8.33
N SER G 368 -12.99 -54.26 -8.46
CA SER G 368 -11.58 -54.46 -8.21
C SER G 368 -11.28 -54.70 -6.71
N PHE G 369 -12.03 -54.01 -5.84
CA PHE G 369 -11.93 -54.20 -4.39
C PHE G 369 -12.12 -55.66 -4.01
N ASN G 370 -13.15 -56.30 -4.59
CA ASN G 370 -13.47 -57.71 -4.33
C ASN G 370 -12.37 -58.65 -4.78
N LYS G 371 -11.89 -58.40 -6.00
CA LYS G 371 -10.85 -59.20 -6.64
C LYS G 371 -9.52 -59.13 -5.88
N ILE G 372 -9.16 -57.94 -5.39
CA ILE G 372 -7.94 -57.79 -4.58
C ILE G 372 -8.11 -58.49 -3.22
N MET G 373 -9.33 -58.48 -2.71
CA MET G 373 -9.64 -59.15 -1.45
C MET G 373 -9.72 -60.68 -1.61
N ASP G 374 -10.01 -61.13 -2.83
CA ASP G 374 -9.98 -62.56 -3.16
C ASP G 374 -8.54 -63.07 -3.15
N TYR G 375 -7.63 -62.26 -3.68
CA TYR G 375 -6.21 -62.64 -3.75
C TYR G 375 -5.52 -62.67 -2.39
N ILE G 376 -6.03 -61.88 -1.43
CA ILE G 376 -5.50 -61.89 -0.07
C ILE G 376 -5.86 -63.20 0.66
N GLU G 377 -7.05 -63.72 0.36
CA GLU G 377 -7.47 -65.03 0.89
C GLU G 377 -6.72 -66.19 0.26
N ILE G 378 -6.33 -66.04 -1.01
CA ILE G 378 -5.48 -67.01 -1.71
C ILE G 378 -4.06 -66.96 -1.13
N GLY G 379 -3.61 -65.75 -0.82
CA GLY G 379 -2.32 -65.52 -0.16
C GLY G 379 -2.24 -66.07 1.25
N LYS G 380 -3.37 -66.14 1.96
CA LYS G 380 -3.42 -66.74 3.28
C LYS G 380 -3.17 -68.25 3.23
N GLU G 381 -3.64 -68.90 2.19
CA GLU G 381 -3.39 -70.32 1.96
C GLU G 381 -1.98 -70.56 1.44
N GLU G 382 -1.58 -69.78 0.43
CA GLU G 382 -0.31 -69.96 -0.26
C GLU G 382 0.91 -69.46 0.51
N GLY G 383 0.72 -68.51 1.43
CA GLY G 383 1.83 -67.90 2.15
C GLY G 383 1.51 -67.31 3.52
N ARG G 384 2.42 -66.51 4.03
CA ARG G 384 2.34 -65.98 5.40
C ARG G 384 2.05 -64.48 5.43
N LEU G 385 0.88 -64.12 5.94
CA LEU G 385 0.48 -62.71 6.08
C LEU G 385 1.30 -62.05 7.17
N VAL G 386 2.26 -61.21 6.77
CA VAL G 386 3.16 -60.59 7.73
C VAL G 386 2.89 -59.11 7.99
N SER G 387 2.11 -58.48 7.11
CA SER G 387 1.61 -57.12 7.32
C SER G 387 0.33 -56.89 6.54
N GLY G 388 -0.57 -56.07 7.10
CA GLY G 388 -1.80 -55.65 6.43
C GLY G 388 -2.87 -56.72 6.28
N GLY G 389 -3.49 -56.78 5.10
CA GLY G 389 -4.50 -57.78 4.80
C GLY G 389 -5.94 -57.38 5.07
N LYS G 390 -6.14 -56.24 5.73
CA LYS G 390 -7.48 -55.74 6.06
C LYS G 390 -7.94 -54.66 5.08
N GLY G 391 -9.14 -54.14 5.29
CA GLY G 391 -9.66 -53.04 4.48
C GLY G 391 -11.13 -53.18 4.16
N ASP G 392 -11.87 -52.10 4.40
CA ASP G 392 -13.34 -52.11 4.26
C ASP G 392 -13.86 -51.27 3.09
N ASP G 393 -15.02 -51.69 2.58
CA ASP G 393 -15.71 -51.04 1.46
C ASP G 393 -16.81 -50.06 1.92
N SER G 394 -16.57 -49.38 3.05
CA SER G 394 -17.60 -48.58 3.74
C SER G 394 -17.73 -47.15 3.22
N LYS G 395 -16.76 -46.30 3.53
CA LYS G 395 -16.75 -44.90 3.07
C LYS G 395 -16.15 -44.84 1.65
N GLY G 396 -14.99 -45.48 1.49
CA GLY G 396 -14.35 -45.65 0.19
C GLY G 396 -13.78 -47.05 0.04
N TYR G 397 -13.06 -47.30 -1.05
CA TYR G 397 -12.52 -48.62 -1.34
C TYR G 397 -11.10 -48.81 -0.81
N PHE G 398 -10.98 -48.82 0.52
CA PHE G 398 -9.69 -48.81 1.18
C PHE G 398 -9.19 -50.22 1.50
N ILE G 399 -7.93 -50.47 1.17
CA ILE G 399 -7.25 -51.74 1.46
C ILE G 399 -5.86 -51.44 2.05
N GLU G 400 -5.55 -52.06 3.18
CA GLU G 400 -4.24 -51.97 3.81
C GLU G 400 -3.15 -52.53 2.89
N PRO G 401 -1.97 -51.88 2.86
CA PRO G 401 -0.87 -52.39 2.04
C PRO G 401 -0.37 -53.73 2.58
N THR G 402 -0.60 -54.78 1.80
CA THR G 402 -0.45 -56.18 2.24
C THR G 402 0.91 -56.77 1.82
N ILE G 403 1.57 -57.44 2.77
CA ILE G 403 2.84 -58.13 2.51
C ILE G 403 2.72 -59.62 2.83
N PHE G 404 3.00 -60.45 1.84
CA PHE G 404 3.02 -61.90 2.05
C PHE G 404 4.44 -62.43 1.93
N ALA G 405 4.77 -63.41 2.77
CA ALA G 405 6.12 -63.96 2.80
C ALA G 405 6.13 -65.47 2.60
N ASP G 406 7.30 -65.97 2.20
CA ASP G 406 7.64 -67.41 2.11
C ASP G 406 6.86 -68.17 1.03
N LEU G 407 6.63 -67.51 -0.11
CA LEU G 407 5.86 -68.08 -1.21
C LEU G 407 6.72 -68.97 -2.12
N ASP G 408 6.08 -69.99 -2.70
CA ASP G 408 6.68 -70.80 -3.76
C ASP G 408 6.79 -69.94 -5.03
N PRO G 409 7.87 -70.12 -5.81
CA PRO G 409 8.01 -69.41 -7.09
C PRO G 409 6.85 -69.65 -8.07
N LYS G 410 6.24 -70.83 -8.01
CA LYS G 410 5.15 -71.18 -8.93
C LYS G 410 3.75 -71.05 -8.34
N ALA G 411 3.64 -70.40 -7.17
CA ALA G 411 2.33 -70.13 -6.57
C ALA G 411 1.59 -69.03 -7.34
N ARG G 412 0.26 -68.95 -7.16
CA ARG G 412 -0.59 -68.01 -7.91
C ARG G 412 -0.30 -66.52 -7.66
N LEU G 413 0.06 -66.20 -6.42
CA LEU G 413 0.48 -64.83 -6.07
C LEU G 413 1.81 -64.42 -6.69
N MET G 414 2.52 -65.39 -7.24
CA MET G 414 3.79 -65.15 -7.91
C MET G 414 3.60 -65.16 -9.42
N GLN G 415 2.36 -65.44 -9.84
CA GLN G 415 2.10 -65.73 -11.25
C GLN G 415 0.98 -64.90 -11.86
N GLU G 416 0.03 -64.49 -11.03
CA GLU G 416 -1.18 -63.81 -11.53
C GLU G 416 -1.14 -62.30 -11.27
N GLU G 417 -1.57 -61.56 -12.29
CA GLU G 417 -1.68 -60.11 -12.27
C GLU G 417 -2.78 -59.70 -11.27
N ILE G 418 -2.39 -59.01 -10.19
CA ILE G 418 -3.33 -58.66 -9.11
C ILE G 418 -3.88 -57.23 -9.22
N PHE G 419 -3.00 -56.27 -9.49
CA PHE G 419 -3.34 -54.83 -9.56
C PHE G 419 -3.85 -54.21 -8.24
N GLY G 420 -3.29 -54.67 -7.12
CA GLY G 420 -3.60 -54.10 -5.82
C GLY G 420 -2.34 -53.91 -4.99
N PRO G 421 -2.50 -53.48 -3.73
CA PRO G 421 -1.34 -53.23 -2.88
C PRO G 421 -0.88 -54.50 -2.16
N VAL G 422 -0.39 -55.46 -2.96
CA VAL G 422 0.04 -56.78 -2.48
C VAL G 422 1.48 -57.05 -2.94
N VAL G 423 2.37 -57.45 -2.02
CA VAL G 423 3.70 -57.97 -2.37
C VAL G 423 3.86 -59.41 -1.94
N ALA G 424 4.50 -60.21 -2.78
CA ALA G 424 4.82 -61.60 -2.48
C ALA G 424 6.33 -61.80 -2.39
N PHE G 425 6.79 -62.37 -1.28
CA PHE G 425 8.22 -62.66 -1.06
C PHE G 425 8.54 -64.11 -1.33
N SER G 426 9.62 -64.34 -2.06
CA SER G 426 10.10 -65.70 -2.28
C SER G 426 11.60 -65.79 -2.06
N LYS G 427 11.99 -66.75 -1.22
CA LYS G 427 13.38 -66.93 -0.84
C LYS G 427 14.13 -67.76 -1.88
N VAL G 428 15.27 -67.26 -2.31
CA VAL G 428 16.14 -68.06 -3.18
C VAL G 428 17.53 -68.24 -2.56
N SER G 429 18.17 -69.35 -2.93
CA SER G 429 19.48 -69.75 -2.39
C SER G 429 20.67 -69.13 -3.11
N SER G 430 20.52 -68.84 -4.40
CA SER G 430 21.61 -68.24 -5.17
C SER G 430 21.08 -67.27 -6.22
N PHE G 431 22.00 -66.53 -6.85
CA PHE G 431 21.68 -65.60 -7.91
C PHE G 431 21.22 -66.32 -9.19
N ASP G 432 21.62 -67.56 -9.36
CA ASP G 432 21.21 -68.34 -10.49
C ASP G 432 19.75 -68.78 -10.32
N GLU G 433 19.35 -69.09 -9.11
CA GLU G 433 17.97 -69.45 -8.81
C GLU G 433 17.14 -68.20 -8.90
N ALA G 434 17.72 -67.08 -8.50
CA ALA G 434 17.06 -65.78 -8.53
C ALA G 434 16.61 -65.38 -9.93
N LEU G 435 17.46 -65.61 -10.92
CA LEU G 435 17.12 -65.32 -12.31
C LEU G 435 16.13 -66.34 -12.88
N GLU G 436 16.29 -67.60 -12.46
CA GLU G 436 15.35 -68.67 -12.82
C GLU G 436 13.92 -68.32 -12.39
N VAL G 437 13.77 -67.84 -11.16
CA VAL G 437 12.48 -67.42 -10.62
C VAL G 437 12.06 -66.09 -11.24
N ALA G 438 13.02 -65.21 -11.51
CA ALA G 438 12.72 -63.92 -12.14
C ALA G 438 12.01 -64.10 -13.48
N ASN G 439 12.56 -64.95 -14.33
CA ASN G 439 11.99 -65.23 -15.66
C ASN G 439 10.89 -66.32 -15.65
N ASN G 440 10.30 -66.61 -14.50
CA ASN G 440 9.35 -67.73 -14.41
C ASN G 440 7.88 -67.37 -14.67
N THR G 441 7.63 -66.11 -15.03
CA THR G 441 6.26 -65.63 -15.32
C THR G 441 5.95 -65.70 -16.81
N GLU G 442 4.70 -65.42 -17.15
CA GLU G 442 4.29 -65.26 -18.54
C GLU G 442 4.50 -63.83 -19.06
N TYR G 443 4.92 -62.93 -18.18
CA TYR G 443 5.07 -61.54 -18.53
C TYR G 443 6.55 -61.18 -18.66
N GLY G 444 6.82 -59.94 -19.05
CA GLY G 444 8.18 -59.48 -19.31
C GLY G 444 8.25 -57.98 -19.33
N LEU G 445 7.50 -57.35 -18.42
CA LEU G 445 7.37 -55.92 -18.42
C LEU G 445 8.58 -55.30 -17.73
N THR G 446 8.61 -55.33 -16.39
CA THR G 446 9.66 -54.65 -15.60
C THR G 446 10.34 -55.53 -14.56
N GLY G 447 11.56 -55.15 -14.22
CA GLY G 447 12.40 -55.90 -13.30
C GLY G 447 13.43 -55.01 -12.67
N ALA G 448 13.73 -55.29 -11.41
CA ALA G 448 14.80 -54.62 -10.71
C ALA G 448 15.79 -55.63 -10.14
N VAL G 449 17.08 -55.29 -10.17
CA VAL G 449 18.07 -56.09 -9.46
C VAL G 449 18.86 -55.18 -8.51
N ILE G 450 18.91 -55.58 -7.24
CA ILE G 450 19.67 -54.88 -6.21
C ILE G 450 20.87 -55.75 -5.86
N THR G 451 22.06 -55.25 -6.20
CA THR G 451 23.31 -55.99 -5.99
C THR G 451 24.54 -55.10 -6.08
N LYS G 452 25.56 -55.48 -5.31
CA LYS G 452 26.86 -54.81 -5.32
C LYS G 452 27.77 -55.51 -6.32
N ASN G 453 27.31 -56.68 -6.79
CA ASN G 453 28.08 -57.53 -7.69
C ASN G 453 27.97 -57.14 -9.18
N ARG G 454 29.05 -56.55 -9.69
CA ARG G 454 29.17 -56.11 -11.08
C ARG G 454 28.92 -57.22 -12.13
N ASP G 455 29.41 -58.42 -11.84
CA ASP G 455 29.19 -59.60 -12.69
C ASP G 455 27.73 -60.01 -12.76
N HIS G 456 27.01 -59.82 -11.66
CA HIS G 456 25.60 -60.17 -11.56
C HIS G 456 24.75 -59.19 -12.35
N ILE G 457 25.17 -57.93 -12.31
CA ILE G 457 24.57 -56.86 -13.11
C ILE G 457 24.70 -57.19 -14.60
N ASN G 458 25.90 -57.62 -15.00
CA ASN G 458 26.16 -57.97 -16.39
C ASN G 458 25.44 -59.23 -16.82
N ARG G 459 25.39 -60.24 -15.94
CA ARG G 459 24.55 -61.42 -16.18
C ARG G 459 23.08 -61.02 -16.40
N ALA G 460 22.55 -60.22 -15.48
CA ALA G 460 21.15 -59.78 -15.54
C ALA G 460 20.80 -59.03 -16.83
N LYS G 461 21.73 -58.18 -17.28
CA LYS G 461 21.56 -57.43 -18.54
C LYS G 461 21.24 -58.33 -19.75
N GLN G 462 21.92 -59.47 -19.85
CA GLN G 462 21.62 -60.51 -20.83
C GLN G 462 20.41 -61.38 -20.45
N GLU G 463 20.39 -61.82 -19.19
CA GLU G 463 19.57 -62.97 -18.78
C GLU G 463 18.21 -62.65 -18.16
N PHE G 464 18.08 -61.47 -17.54
CA PHE G 464 16.79 -61.06 -16.99
C PHE G 464 15.97 -60.50 -18.14
N HIS G 465 14.97 -61.28 -18.60
CA HIS G 465 14.17 -60.92 -19.77
C HIS G 465 12.94 -60.09 -19.40
N VAL G 466 13.14 -58.79 -19.32
CA VAL G 466 12.08 -57.81 -19.11
C VAL G 466 12.39 -56.61 -20.00
N GLY G 467 11.37 -55.82 -20.33
CA GLY G 467 11.55 -54.68 -21.24
C GLY G 467 12.27 -53.51 -20.58
N ASN G 468 11.98 -53.32 -19.30
CA ASN G 468 12.56 -52.25 -18.49
C ASN G 468 13.28 -52.81 -17.28
N LEU G 469 14.57 -53.04 -17.46
CA LEU G 469 15.44 -53.57 -16.45
C LEU G 469 16.14 -52.42 -15.72
N TYR G 470 16.03 -52.43 -14.39
CA TYR G 470 16.63 -51.42 -13.51
C TYR G 470 17.60 -52.02 -12.49
N PHE G 471 18.68 -51.30 -12.22
CA PHE G 471 19.69 -51.71 -11.26
C PHE G 471 19.80 -50.71 -10.13
N ASN G 472 19.72 -51.22 -8.90
CA ASN G 472 19.84 -50.44 -7.65
C ASN G 472 18.88 -49.26 -7.48
N ARG G 473 17.64 -49.48 -7.89
CA ARG G 473 16.53 -48.53 -7.74
C ARG G 473 15.21 -49.30 -7.88
N ASN G 474 14.09 -48.59 -7.76
CA ASN G 474 12.76 -49.18 -7.97
C ASN G 474 12.48 -49.54 -9.44
N CYS G 475 11.53 -50.45 -9.66
CA CYS G 475 11.20 -50.83 -11.03
C CYS G 475 9.96 -50.13 -11.62
N THR G 476 9.61 -48.96 -11.07
CA THR G 476 8.37 -48.27 -11.47
C THR G 476 8.54 -46.95 -12.23
N GLY G 477 9.48 -46.12 -11.80
CA GLY G 477 9.63 -44.77 -12.34
C GLY G 477 10.17 -44.73 -13.77
N ALA G 478 9.25 -44.79 -14.74
CA ALA G 478 9.59 -44.75 -16.16
C ALA G 478 9.31 -43.36 -16.76
N ILE G 479 10.36 -42.56 -16.92
CA ILE G 479 10.22 -41.22 -17.50
C ILE G 479 10.29 -41.28 -19.04
N VAL G 480 9.40 -40.52 -19.69
CA VAL G 480 9.37 -40.38 -21.16
C VAL G 480 10.70 -39.87 -21.73
N GLY G 481 11.25 -40.60 -22.70
CA GLY G 481 12.49 -40.21 -23.37
C GLY G 481 13.75 -40.56 -22.60
N TYR G 482 13.56 -41.15 -21.42
CA TYR G 482 14.65 -41.54 -20.55
C TYR G 482 14.62 -43.04 -20.40
N HIS G 483 13.44 -43.56 -20.06
CA HIS G 483 13.24 -45.00 -19.99
C HIS G 483 12.00 -45.39 -20.80
N PRO G 484 12.16 -45.67 -22.10
CA PRO G 484 11.03 -46.09 -22.93
C PRO G 484 10.38 -47.39 -22.43
N PHE G 485 9.05 -47.42 -22.42
CA PHE G 485 8.32 -48.39 -21.61
C PHE G 485 7.55 -49.38 -22.47
N GLY G 486 7.71 -50.67 -22.18
CA GLY G 486 7.00 -51.73 -22.92
C GLY G 486 7.67 -53.06 -22.66
N GLY G 487 6.98 -54.17 -22.95
CA GLY G 487 7.47 -55.49 -22.53
C GLY G 487 7.25 -56.71 -23.41
N PHE G 488 8.02 -57.78 -23.14
CA PHE G 488 7.97 -58.98 -23.98
C PHE G 488 6.90 -59.96 -23.49
N LYS G 489 6.83 -61.10 -24.15
CA LYS G 489 5.94 -62.19 -23.75
C LYS G 489 4.50 -61.66 -23.66
N MET G 490 3.81 -61.91 -22.54
CA MET G 490 2.39 -61.50 -22.46
C MET G 490 2.19 -60.08 -21.93
N SER G 491 3.27 -59.30 -21.82
CA SER G 491 3.19 -57.87 -21.49
C SER G 491 2.80 -57.02 -22.69
N GLY G 492 2.71 -57.63 -23.87
CA GLY G 492 2.27 -56.92 -25.07
C GLY G 492 3.27 -56.96 -26.21
N THR G 493 3.07 -56.08 -27.17
CA THR G 493 3.87 -56.05 -28.39
C THR G 493 5.21 -55.27 -28.25
N ASP G 494 5.71 -55.14 -27.04
CA ASP G 494 6.93 -54.32 -26.74
C ASP G 494 7.01 -53.06 -27.61
N SER G 495 6.02 -52.20 -27.47
CA SER G 495 5.96 -50.98 -28.22
C SER G 495 6.42 -49.94 -27.25
N LYS G 496 7.59 -49.38 -27.49
CA LYS G 496 8.24 -48.55 -26.48
C LYS G 496 7.69 -47.15 -26.48
N ALA G 497 6.67 -46.96 -25.66
CA ALA G 497 6.09 -45.65 -25.42
C ALA G 497 7.15 -44.76 -24.79
N GLY G 498 7.23 -43.52 -25.27
CA GLY G 498 8.21 -42.55 -24.78
C GLY G 498 9.61 -42.92 -25.21
N GLY G 499 9.74 -43.41 -26.43
CA GLY G 499 11.02 -43.77 -27.00
C GLY G 499 11.04 -43.30 -28.43
N PRO G 500 12.18 -43.48 -29.13
CA PRO G 500 12.38 -43.04 -30.53
C PRO G 500 11.65 -43.85 -31.61
N ASP G 501 11.30 -45.11 -31.33
CA ASP G 501 10.70 -45.99 -32.35
C ASP G 501 9.17 -45.97 -32.35
N TYR G 502 8.58 -45.28 -31.39
CA TYR G 502 7.15 -45.37 -31.11
C TYR G 502 6.21 -44.78 -32.17
N LEU G 503 6.52 -43.57 -32.66
CA LEU G 503 5.61 -42.95 -33.63
C LEU G 503 5.59 -43.63 -34.99
N ALA G 504 6.66 -44.34 -35.33
CA ALA G 504 6.75 -44.99 -36.64
C ALA G 504 5.90 -46.25 -36.71
N LEU G 505 5.41 -46.69 -35.55
CA LEU G 505 4.50 -47.80 -35.45
C LEU G 505 3.09 -47.43 -35.93
N HIS G 506 2.74 -46.15 -35.83
CA HIS G 506 1.45 -45.65 -36.31
C HIS G 506 1.55 -45.09 -37.72
N MET G 507 2.62 -45.40 -38.43
CA MET G 507 2.85 -44.78 -39.72
C MET G 507 3.36 -45.80 -40.64
N GLN G 508 3.18 -45.56 -41.92
CA GLN G 508 3.75 -46.52 -42.82
C GLN G 508 4.57 -45.90 -43.91
N ALA G 509 5.74 -46.50 -44.10
CA ALA G 509 6.80 -46.01 -44.94
C ALA G 509 6.48 -46.13 -46.42
N LYS G 510 6.92 -45.12 -47.16
CA LYS G 510 6.71 -45.02 -48.60
C LYS G 510 8.04 -44.71 -49.27
N THR G 511 8.31 -45.45 -50.34
CA THR G 511 9.49 -45.25 -51.16
C THR G 511 9.07 -44.49 -52.40
N ILE G 512 9.70 -43.33 -52.61
CA ILE G 512 9.45 -42.50 -53.79
C ILE G 512 10.73 -42.39 -54.60
N SER G 513 10.62 -42.72 -55.88
CA SER G 513 11.76 -42.81 -56.76
C SER G 513 11.47 -42.11 -58.08
N GLU G 514 12.26 -41.10 -58.39
CA GLU G 514 12.11 -40.42 -59.67
C GLU G 514 13.35 -40.59 -60.52
N MET G 515 13.14 -40.98 -61.77
CA MET G 515 14.19 -41.12 -62.77
C MET G 515 14.27 -39.89 -63.66
N PHE G 516 15.48 -39.39 -63.86
CA PHE G 516 15.73 -38.29 -64.80
C PHE G 516 16.65 -38.75 -65.93
N PRO H 4 -14.47 -32.26 37.39
CA PRO H 4 -13.58 -33.34 36.94
C PRO H 4 -12.52 -32.82 35.96
N TYR H 5 -11.36 -32.43 36.50
CA TYR H 5 -10.32 -31.80 35.71
C TYR H 5 -9.61 -32.78 34.78
N LYS H 6 -9.56 -32.42 33.51
CA LYS H 6 -8.66 -33.06 32.55
C LYS H 6 -7.96 -31.97 31.74
N HIS H 7 -6.76 -32.28 31.28
CA HIS H 7 -5.95 -31.31 30.55
C HIS H 7 -6.51 -31.01 29.15
N GLU H 8 -6.13 -29.86 28.61
CA GLU H 8 -6.58 -29.43 27.30
C GLU H 8 -5.92 -30.28 26.22
N PRO H 9 -6.73 -30.84 25.29
CA PRO H 9 -6.20 -31.66 24.21
C PRO H 9 -5.31 -30.86 23.26
N PHE H 10 -4.11 -31.37 22.99
CA PHE H 10 -3.23 -30.81 21.97
C PHE H 10 -3.89 -30.96 20.62
N THR H 11 -3.76 -29.95 19.76
CA THR H 11 -4.32 -30.00 18.42
C THR H 11 -3.54 -30.99 17.55
N ASN H 12 -4.24 -31.95 16.95
CA ASN H 12 -3.60 -32.86 16.02
C ASN H 12 -3.43 -32.20 14.65
N PHE H 13 -2.16 -31.96 14.27
CA PHE H 13 -1.83 -31.35 12.99
C PHE H 13 -1.57 -32.39 11.89
N GLY H 14 -1.74 -33.66 12.25
CA GLY H 14 -1.72 -34.76 11.28
C GLY H 14 -2.96 -34.78 10.39
N ILE H 15 -4.07 -34.23 10.91
CA ILE H 15 -5.32 -34.11 10.14
C ILE H 15 -5.45 -32.71 9.51
N GLU H 16 -5.85 -32.70 8.23
CA GLU H 16 -5.92 -31.49 7.40
C GLU H 16 -6.90 -30.43 7.90
N GLU H 17 -8.05 -30.87 8.42
CA GLU H 17 -9.09 -29.98 8.92
C GLU H 17 -8.61 -28.99 10.02
N ASN H 18 -7.79 -29.51 10.94
CA ASN H 18 -7.19 -28.69 12.02
C ASN H 18 -6.10 -27.74 11.54
N ARG H 19 -5.35 -28.19 10.53
CA ARG H 19 -4.25 -27.40 9.96
C ARG H 19 -4.78 -26.18 9.21
N LYS H 20 -5.93 -26.34 8.56
CA LYS H 20 -6.61 -25.25 7.83
C LYS H 20 -7.20 -24.22 8.80
N ALA H 21 -7.68 -24.69 9.94
CA ALA H 21 -8.23 -23.83 11.00
C ALA H 21 -7.17 -22.90 11.61
N PHE H 22 -5.96 -23.43 11.79
CA PHE H 22 -4.83 -22.68 12.32
C PHE H 22 -4.31 -21.62 11.34
N GLU H 23 -4.33 -21.95 10.05
CA GLU H 23 -3.86 -21.04 8.99
C GLU H 23 -4.87 -19.91 8.83
N LYS H 24 -6.14 -20.24 8.97
CA LYS H 24 -7.23 -19.27 9.03
C LYS H 24 -7.00 -18.27 10.17
N ALA H 25 -6.63 -18.78 11.34
CA ALA H 25 -6.40 -17.93 12.53
C ALA H 25 -5.12 -17.10 12.43
N LEU H 26 -4.10 -17.65 11.79
CA LEU H 26 -2.81 -16.97 11.62
C LEU H 26 -2.92 -15.81 10.65
N GLU H 27 -3.77 -15.97 9.63
CA GLU H 27 -4.05 -14.89 8.68
C GLU H 27 -4.85 -13.76 9.32
N THR H 28 -5.76 -14.10 10.23
CA THR H 28 -6.55 -13.11 10.98
C THR H 28 -5.66 -12.27 11.89
N VAL H 29 -4.70 -12.93 12.55
CA VAL H 29 -3.75 -12.28 13.44
C VAL H 29 -2.78 -11.37 12.65
N ASN H 30 -2.36 -11.87 11.49
CA ASN H 30 -1.55 -11.10 10.53
C ASN H 30 -2.18 -9.77 10.12
N ASN H 31 -3.47 -9.81 9.79
CA ASN H 31 -4.19 -8.63 9.29
C ASN H 31 -4.67 -7.70 10.39
N GLU H 32 -5.18 -8.28 11.49
CA GLU H 32 -5.93 -7.52 12.49
C GLU H 32 -5.23 -7.30 13.83
N TRP H 33 -4.54 -8.32 14.33
CA TRP H 33 -3.94 -8.28 15.67
C TRP H 33 -2.60 -7.52 15.71
N LEU H 34 -1.80 -7.66 14.66
CA LEU H 34 -0.45 -7.10 14.61
C LEU H 34 -0.40 -5.58 14.42
N GLY H 35 0.74 -4.99 14.79
CA GLY H 35 1.03 -3.59 14.52
C GLY H 35 0.61 -2.60 15.60
N GLN H 36 -0.40 -2.97 16.38
CA GLN H 36 -1.06 -2.05 17.31
C GLN H 36 -0.25 -1.64 18.53
N SER H 37 -0.73 -0.60 19.21
CA SER H 37 -0.04 0.03 20.34
C SER H 37 -0.69 -0.38 21.66
N TYR H 38 0.13 -0.63 22.69
CA TYR H 38 -0.38 -1.15 23.96
C TYR H 38 0.04 -0.29 25.16
N PRO H 39 -0.94 0.33 25.83
CA PRO H 39 -0.67 1.14 27.02
C PRO H 39 -0.43 0.31 28.28
N LEU H 40 0.12 0.97 29.31
CA LEU H 40 0.21 0.42 30.66
C LEU H 40 -1.18 0.31 31.26
N VAL H 41 -1.33 -0.55 32.25
CA VAL H 41 -2.60 -0.61 32.96
C VAL H 41 -2.34 -0.49 34.44
N ILE H 42 -2.84 0.59 35.03
CA ILE H 42 -2.62 0.87 36.45
C ILE H 42 -3.95 1.37 37.00
N ASP H 43 -4.47 0.64 37.98
CA ASP H 43 -5.74 0.95 38.68
C ASP H 43 -6.94 1.05 37.73
N GLY H 44 -6.95 0.22 36.70
CA GLY H 44 -8.02 0.21 35.70
C GLY H 44 -7.75 1.09 34.50
N GLU H 45 -6.93 2.13 34.69
CA GLU H 45 -6.70 3.15 33.67
C GLU H 45 -5.57 2.79 32.71
N ARG H 46 -5.68 3.29 31.47
CA ARG H 46 -4.68 3.02 30.43
C ARG H 46 -3.72 4.20 30.30
N TYR H 47 -2.44 3.94 30.51
CA TYR H 47 -1.39 4.97 30.46
C TYR H 47 -0.49 4.75 29.25
N GLU H 48 -0.44 5.72 28.34
CA GLU H 48 0.50 5.63 27.22
C GLU H 48 1.71 6.53 27.47
N THR H 49 2.91 6.03 27.16
CA THR H 49 4.13 6.83 27.32
C THR H 49 4.84 7.09 25.97
N GLU H 50 5.81 8.00 25.97
CA GLU H 50 6.55 8.36 24.75
C GLU H 50 7.60 7.32 24.41
N ASN H 51 8.42 6.94 25.39
CA ASN H 51 9.37 5.84 25.25
C ASN H 51 8.63 4.50 25.22
N LYS H 52 8.89 3.71 24.18
CA LYS H 52 8.18 2.43 23.97
C LYS H 52 9.12 1.20 23.89
N ILE H 53 8.52 0.01 23.98
CA ILE H 53 9.20 -1.27 23.73
C ILE H 53 8.58 -1.85 22.47
N VAL H 54 9.42 -2.08 21.46
CA VAL H 54 8.93 -2.55 20.17
C VAL H 54 9.15 -4.05 20.01
N SER H 55 8.07 -4.81 20.03
CA SER H 55 8.13 -6.26 19.89
C SER H 55 8.18 -6.67 18.41
N ILE H 56 9.32 -7.22 18.00
CA ILE H 56 9.57 -7.63 16.62
C ILE H 56 9.38 -9.14 16.45
N ASN H 57 9.07 -9.56 15.23
CA ASN H 57 9.03 -10.97 14.86
C ASN H 57 10.46 -11.51 14.78
N PRO H 58 10.80 -12.53 15.60
CA PRO H 58 12.17 -13.08 15.59
C PRO H 58 12.54 -13.87 14.33
N ALA H 59 11.54 -14.21 13.51
CA ALA H 59 11.75 -14.89 12.24
C ALA H 59 11.81 -13.92 11.07
N ASN H 60 11.42 -12.68 11.34
CA ASN H 60 11.34 -11.64 10.33
C ASN H 60 11.52 -10.30 11.02
N LYS H 61 12.78 -9.93 11.27
CA LYS H 61 13.15 -8.87 12.23
C LYS H 61 12.63 -7.45 11.95
N GLU H 62 12.07 -7.23 10.76
CA GLU H 62 11.51 -5.94 10.41
C GLU H 62 9.98 -5.89 10.52
N GLU H 63 9.35 -7.06 10.67
CA GLU H 63 7.90 -7.11 10.98
C GLU H 63 7.66 -6.82 12.47
N VAL H 64 6.88 -5.77 12.73
CA VAL H 64 6.53 -5.34 14.09
C VAL H 64 5.25 -6.06 14.54
N VAL H 65 5.36 -6.79 15.65
CA VAL H 65 4.24 -7.52 16.26
C VAL H 65 3.35 -6.55 17.04
N GLY H 66 3.99 -5.67 17.81
CA GLY H 66 3.26 -4.67 18.57
C GLY H 66 4.23 -3.77 19.30
N THR H 67 3.77 -2.56 19.63
CA THR H 67 4.56 -1.63 20.42
C THR H 67 3.84 -1.42 21.75
N VAL H 68 4.60 -1.41 22.83
CA VAL H 68 4.05 -1.33 24.18
C VAL H 68 4.73 -0.19 24.92
N SER H 69 3.95 0.57 25.69
CA SER H 69 4.48 1.66 26.52
C SER H 69 5.45 1.14 27.60
N LYS H 70 6.48 1.92 27.88
CA LYS H 70 7.54 1.54 28.82
C LYS H 70 7.35 2.31 30.13
N ALA H 71 7.18 1.57 31.23
CA ALA H 71 6.92 2.19 32.54
C ALA H 71 8.18 2.82 33.14
N THR H 72 8.00 3.96 33.79
CA THR H 72 9.06 4.55 34.62
C THR H 72 8.88 4.08 36.05
N GLN H 73 9.80 4.49 36.93
CA GLN H 73 9.73 4.17 38.36
C GLN H 73 8.51 4.78 39.03
N ASP H 74 8.07 5.90 38.47
CA ASP H 74 6.89 6.63 38.93
C ASP H 74 5.62 5.79 38.69
N HIS H 75 5.58 5.11 37.55
CA HIS H 75 4.47 4.22 37.19
C HIS H 75 4.48 2.92 38.00
N ALA H 76 5.68 2.49 38.38
CA ALA H 76 5.85 1.29 39.20
C ALA H 76 5.30 1.51 40.61
N GLU H 77 5.63 2.67 41.18
CA GLU H 77 5.07 3.14 42.45
C GLU H 77 3.54 3.13 42.43
N LYS H 78 2.97 3.65 41.36
CA LYS H 78 1.51 3.73 41.18
C LYS H 78 0.89 2.34 41.05
N ALA H 79 1.56 1.45 40.32
CA ALA H 79 1.14 0.06 40.19
C ALA H 79 1.07 -0.65 41.56
N ILE H 80 2.14 -0.48 42.34
CA ILE H 80 2.22 -1.02 43.70
C ILE H 80 1.13 -0.43 44.61
N GLN H 81 0.95 0.89 44.53
CA GLN H 81 -0.07 1.58 45.32
C GLN H 81 -1.49 1.21 44.92
N ALA H 82 -1.73 1.01 43.63
CA ALA H 82 -3.02 0.57 43.12
C ALA H 82 -3.33 -0.84 43.60
N ALA H 83 -2.32 -1.70 43.53
CA ALA H 83 -2.45 -3.10 43.95
C ALA H 83 -2.68 -3.20 45.45
N ALA H 84 -1.97 -2.38 46.22
CA ALA H 84 -2.10 -2.34 47.68
C ALA H 84 -3.46 -1.85 48.12
N LYS H 85 -4.01 -0.87 47.41
CA LYS H 85 -5.35 -0.38 47.73
C LYS H 85 -6.40 -1.41 47.36
N ALA H 86 -6.22 -2.03 46.20
CA ALA H 86 -7.15 -3.06 45.72
C ALA H 86 -7.15 -4.30 46.61
N PHE H 87 -5.98 -4.62 47.19
CA PHE H 87 -5.88 -5.77 48.08
C PHE H 87 -6.86 -5.66 49.23
N GLU H 88 -7.06 -4.43 49.73
CA GLU H 88 -7.95 -4.16 50.88
C GLU H 88 -9.40 -4.65 50.74
N THR H 89 -9.86 -4.92 49.52
CA THR H 89 -11.19 -5.51 49.31
C THR H 89 -11.12 -6.87 48.62
N TRP H 90 -10.23 -7.00 47.64
CA TRP H 90 -10.00 -8.27 46.92
C TRP H 90 -9.69 -9.43 47.84
N ARG H 91 -8.99 -9.14 48.94
CA ARG H 91 -8.70 -10.10 50.01
C ARG H 91 -9.92 -10.67 50.72
N TYR H 92 -11.07 -10.00 50.60
CA TYR H 92 -12.28 -10.39 51.32
C TYR H 92 -13.33 -11.03 50.41
N THR H 93 -13.02 -11.09 49.11
CA THR H 93 -13.93 -11.62 48.12
C THR H 93 -14.02 -13.14 48.26
N ASP H 94 -15.23 -13.66 48.16
CA ASP H 94 -15.48 -15.10 48.07
C ASP H 94 -14.45 -15.75 47.14
N PRO H 95 -13.75 -16.79 47.61
CA PRO H 95 -12.89 -17.57 46.72
C PRO H 95 -13.64 -18.16 45.51
N GLU H 96 -14.93 -18.43 45.65
CA GLU H 96 -15.78 -18.91 44.55
C GLU H 96 -15.98 -17.84 43.48
N GLU H 97 -16.07 -16.58 43.89
CA GLU H 97 -16.20 -15.46 42.98
C GLU H 97 -14.87 -15.18 42.29
N ARG H 98 -13.79 -15.37 43.03
CA ARG H 98 -12.42 -15.33 42.49
C ARG H 98 -12.21 -16.40 41.41
N ALA H 99 -12.60 -17.64 41.72
CA ALA H 99 -12.56 -18.75 40.77
C ALA H 99 -13.31 -18.46 39.46
N ALA H 100 -14.46 -17.79 39.58
CA ALA H 100 -15.30 -17.43 38.45
C ALA H 100 -14.59 -16.59 37.39
N VAL H 101 -13.75 -15.64 37.82
CA VAL H 101 -12.92 -14.85 36.89
C VAL H 101 -12.05 -15.77 36.01
N LEU H 102 -11.40 -16.77 36.62
CA LEU H 102 -10.58 -17.74 35.89
C LEU H 102 -11.41 -18.58 34.91
N PHE H 103 -12.55 -19.10 35.36
CA PHE H 103 -13.43 -19.94 34.53
C PHE H 103 -13.96 -19.23 33.27
N ARG H 104 -14.30 -17.95 33.40
CA ARG H 104 -14.74 -17.23 32.23
C ARG H 104 -13.59 -16.67 31.39
N ALA H 105 -12.39 -16.58 31.98
CA ALA H 105 -11.18 -16.26 31.21
C ALA H 105 -10.72 -17.47 30.39
N VAL H 106 -10.80 -18.66 31.00
CA VAL H 106 -10.63 -19.94 30.31
C VAL H 106 -11.49 -20.00 29.04
N ALA H 107 -12.75 -19.57 29.15
CA ALA H 107 -13.70 -19.53 28.04
C ALA H 107 -13.22 -18.67 26.88
N LYS H 108 -12.83 -17.42 27.18
CA LYS H 108 -12.36 -16.46 26.17
C LYS H 108 -11.08 -16.92 25.45
N VAL H 109 -10.15 -17.50 26.19
CA VAL H 109 -8.91 -17.98 25.62
C VAL H 109 -9.15 -19.25 24.77
N ARG H 110 -10.02 -20.14 25.24
CA ARG H 110 -10.37 -21.39 24.53
C ARG H 110 -11.15 -21.12 23.22
N ARG H 111 -12.03 -20.13 23.26
CA ARG H 111 -12.81 -19.73 22.09
C ARG H 111 -11.88 -19.17 21.00
N LYS H 112 -10.81 -18.51 21.42
CA LYS H 112 -9.81 -17.93 20.53
C LYS H 112 -8.52 -18.76 20.53
N LYS H 113 -8.66 -20.07 20.75
CA LYS H 113 -7.53 -20.99 20.93
C LYS H 113 -6.42 -20.82 19.90
N HIS H 114 -6.79 -20.93 18.62
CA HIS H 114 -5.81 -20.88 17.53
C HIS H 114 -5.20 -19.48 17.30
N GLU H 115 -5.95 -18.42 17.61
CA GLU H 115 -5.45 -17.05 17.36
C GLU H 115 -4.47 -16.55 18.42
N PHE H 116 -4.68 -16.95 19.67
CA PHE H 116 -3.68 -16.78 20.72
C PHE H 116 -2.40 -17.56 20.38
N SER H 117 -2.58 -18.80 19.94
CA SER H 117 -1.49 -19.66 19.47
C SER H 117 -0.73 -19.03 18.32
N ALA H 118 -1.46 -18.42 17.38
CA ALA H 118 -0.88 -17.72 16.22
C ALA H 118 -0.04 -16.49 16.62
N LEU H 119 -0.46 -15.83 17.71
CA LEU H 119 0.28 -14.69 18.25
C LEU H 119 1.64 -15.11 18.80
N LEU H 120 1.71 -16.31 19.38
CA LEU H 120 2.96 -16.85 19.92
C LEU H 120 3.92 -17.20 18.79
N VAL H 121 3.37 -17.72 17.69
CA VAL H 121 4.12 -17.96 16.47
C VAL H 121 4.73 -16.64 16.02
N LYS H 122 3.91 -15.60 15.99
CA LYS H 122 4.35 -14.29 15.51
C LYS H 122 5.34 -13.60 16.45
N GLU H 123 5.05 -13.59 17.76
CA GLU H 123 5.87 -12.86 18.72
C GLU H 123 7.12 -13.60 19.19
N ALA H 124 7.03 -14.92 19.28
CA ALA H 124 8.14 -15.72 19.81
C ALA H 124 8.77 -16.71 18.82
N GLY H 125 8.30 -16.70 17.58
CA GLY H 125 8.84 -17.59 16.55
C GLY H 125 8.52 -19.06 16.83
N LYS H 126 7.37 -19.29 17.45
CA LYS H 126 7.06 -20.62 17.99
C LYS H 126 6.51 -21.53 16.90
N PRO H 127 7.08 -22.72 16.74
CA PRO H 127 6.50 -23.67 15.78
C PRO H 127 5.10 -24.04 16.25
N TRP H 128 4.23 -24.36 15.29
CA TRP H 128 2.78 -24.49 15.49
C TRP H 128 2.37 -25.38 16.66
N ASN H 129 3.06 -26.50 16.84
CA ASN H 129 2.77 -27.40 17.96
C ASN H 129 3.21 -26.85 19.32
N GLU H 130 4.33 -26.11 19.31
CA GLU H 130 4.90 -25.54 20.53
C GLU H 130 4.12 -24.31 20.98
N ALA H 131 3.51 -23.62 20.01
CA ALA H 131 2.57 -22.54 20.28
C ALA H 131 1.25 -23.10 20.83
N ASP H 132 0.78 -24.19 20.22
CA ASP H 132 -0.46 -24.84 20.63
C ASP H 132 -0.40 -25.35 22.06
N ALA H 133 0.69 -26.05 22.38
CA ALA H 133 0.91 -26.61 23.71
C ALA H 133 1.01 -25.53 24.79
N ASP H 134 1.61 -24.39 24.42
CA ASP H 134 1.74 -23.22 25.29
C ASP H 134 0.36 -22.62 25.62
N THR H 135 -0.51 -22.53 24.63
CA THR H 135 -1.88 -22.03 24.79
C THR H 135 -2.74 -23.00 25.60
N ALA H 136 -2.62 -24.29 25.30
CA ALA H 136 -3.32 -25.35 26.01
C ALA H 136 -2.90 -25.42 27.48
N GLU H 137 -1.62 -25.18 27.75
CA GLU H 137 -1.08 -25.18 29.12
C GLU H 137 -1.56 -23.97 29.92
N ALA H 138 -1.67 -22.83 29.25
CA ALA H 138 -2.22 -21.60 29.86
C ALA H 138 -3.66 -21.82 30.32
N ILE H 139 -4.45 -22.47 29.47
CA ILE H 139 -5.81 -22.90 29.77
C ILE H 139 -5.84 -23.81 30.99
N ASP H 140 -4.99 -24.83 30.95
CA ASP H 140 -4.86 -25.83 32.01
C ASP H 140 -4.60 -25.23 33.40
N PHE H 141 -3.67 -24.27 33.46
CA PHE H 141 -3.34 -23.55 34.69
C PHE H 141 -4.57 -22.89 35.26
N MET H 142 -5.25 -22.14 34.41
CA MET H 142 -6.45 -21.42 34.79
C MET H 142 -7.53 -22.39 35.30
N GLU H 143 -7.76 -23.48 34.58
CA GLU H 143 -8.73 -24.51 34.99
C GLU H 143 -8.37 -25.22 36.29
N TYR H 144 -7.06 -25.48 36.45
CA TYR H 144 -6.52 -26.21 37.59
C TYR H 144 -6.47 -25.37 38.86
N TYR H 145 -6.01 -24.12 38.72
CA TYR H 145 -5.91 -23.22 39.87
C TYR H 145 -7.27 -22.79 40.38
N ALA H 146 -8.24 -22.71 39.48
CA ALA H 146 -9.59 -22.35 39.87
C ALA H 146 -10.20 -23.47 40.73
N ARG H 147 -9.93 -24.73 40.37
CA ARG H 147 -10.41 -25.89 41.13
C ARG H 147 -9.67 -26.05 42.47
N GLN H 148 -8.36 -25.85 42.44
CA GLN H 148 -7.53 -25.92 43.64
C GLN H 148 -7.92 -24.85 44.67
N MET H 149 -8.31 -23.67 44.19
CA MET H 149 -8.80 -22.61 45.08
C MET H 149 -10.15 -22.92 45.73
N ILE H 150 -11.03 -23.64 45.02
CA ILE H 150 -12.27 -24.09 45.64
C ILE H 150 -11.92 -25.07 46.77
N GLU H 151 -10.93 -25.91 46.52
CA GLU H 151 -10.47 -26.88 47.50
C GLU H 151 -9.81 -26.21 48.72
N LEU H 152 -8.95 -25.22 48.47
CA LEU H 152 -8.27 -24.48 49.53
C LEU H 152 -9.19 -23.67 50.43
N ALA H 153 -10.39 -23.39 49.93
CA ALA H 153 -11.36 -22.57 50.62
C ALA H 153 -12.01 -23.28 51.83
N LYS H 154 -11.97 -24.61 51.85
CA LYS H 154 -12.54 -25.35 53.00
C LYS H 154 -11.53 -25.68 54.09
N GLY H 155 -10.29 -25.22 53.92
CA GLY H 155 -9.24 -25.37 54.92
C GLY H 155 -8.76 -26.79 55.17
N LYS H 156 -8.07 -27.01 56.29
CA LYS H 156 -7.60 -28.34 56.66
C LYS H 156 -8.20 -28.68 58.01
N PRO H 157 -8.58 -29.95 58.22
CA PRO H 157 -9.22 -30.24 59.49
C PRO H 157 -8.19 -30.32 60.63
N VAL H 158 -8.56 -29.81 61.78
CA VAL H 158 -7.72 -29.93 62.97
C VAL H 158 -8.54 -30.50 64.11
N ASN H 159 -7.86 -30.97 65.14
CA ASN H 159 -8.52 -31.48 66.34
C ASN H 159 -9.13 -30.35 67.19
N SER H 160 -10.25 -30.69 67.85
CA SER H 160 -10.95 -29.75 68.73
C SER H 160 -11.43 -30.48 69.97
N ARG H 161 -11.34 -29.83 71.12
CA ARG H 161 -11.86 -30.38 72.37
C ARG H 161 -13.37 -30.11 72.49
N GLU H 162 -13.98 -30.61 73.57
CA GLU H 162 -15.38 -30.34 73.86
C GLU H 162 -15.52 -28.88 74.25
N GLY H 163 -16.57 -28.23 73.73
CA GLY H 163 -16.82 -26.80 73.97
C GLY H 163 -15.81 -25.91 73.26
N GLU H 164 -15.20 -26.44 72.21
CA GLU H 164 -14.15 -25.77 71.46
C GLU H 164 -14.29 -26.12 69.97
N ARG H 165 -14.19 -25.09 69.12
CA ARG H 165 -14.22 -25.26 67.67
C ARG H 165 -12.97 -24.63 67.07
N ASN H 166 -12.04 -25.47 66.61
CA ASN H 166 -10.80 -25.01 65.98
C ASN H 166 -10.86 -25.12 64.45
N GLN H 167 -10.27 -24.11 63.80
CA GLN H 167 -10.27 -24.04 62.35
C GLN H 167 -8.89 -23.65 61.82
N TYR H 168 -8.52 -24.30 60.72
CA TYR H 168 -7.30 -24.03 60.01
C TYR H 168 -7.75 -23.64 58.62
N VAL H 169 -7.55 -22.36 58.29
CA VAL H 169 -8.02 -21.80 57.03
C VAL H 169 -6.84 -21.10 56.36
N TYR H 170 -7.00 -20.72 55.09
CA TYR H 170 -5.95 -20.02 54.36
C TYR H 170 -6.37 -18.60 54.06
N THR H 171 -5.46 -17.65 54.28
CA THR H 171 -5.78 -16.23 54.09
C THR H 171 -4.86 -15.62 53.03
N PRO H 172 -5.34 -14.62 52.27
CA PRO H 172 -4.51 -14.03 51.22
C PRO H 172 -3.36 -13.20 51.82
N THR H 173 -2.28 -13.04 51.06
CA THR H 173 -1.03 -12.48 51.58
C THR H 173 -0.94 -10.98 51.32
N GLY H 174 -0.84 -10.56 50.06
CA GLY H 174 -0.70 -9.14 49.71
C GLY H 174 -0.37 -8.86 48.26
N VAL H 175 0.42 -7.82 48.01
CA VAL H 175 0.86 -7.47 46.65
C VAL H 175 1.90 -8.47 46.13
N THR H 176 1.69 -8.95 44.91
CA THR H 176 2.58 -9.91 44.27
C THR H 176 3.24 -9.28 43.03
N VAL H 177 4.56 -9.37 42.94
CA VAL H 177 5.27 -8.90 41.77
C VAL H 177 5.59 -10.10 40.87
N VAL H 178 5.01 -10.09 39.66
CA VAL H 178 5.18 -11.19 38.72
C VAL H 178 6.16 -10.84 37.61
N ILE H 179 7.23 -11.63 37.52
CA ILE H 179 8.27 -11.45 36.51
C ILE H 179 8.44 -12.76 35.72
N PRO H 180 7.59 -12.97 34.69
CA PRO H 180 7.58 -14.16 33.87
C PRO H 180 8.69 -14.14 32.79
N PRO H 181 8.87 -15.25 32.06
CA PRO H 181 9.89 -15.23 31.01
C PRO H 181 9.27 -15.04 29.63
N TRP H 182 10.07 -15.23 28.58
CA TRP H 182 9.58 -15.16 27.19
C TRP H 182 9.42 -16.55 26.57
N ASN H 183 10.14 -17.52 27.13
CA ASN H 183 10.13 -18.90 26.63
C ASN H 183 8.76 -19.56 26.65
N PHE H 184 8.06 -19.46 27.78
CA PHE H 184 6.64 -19.77 27.81
C PHE H 184 5.86 -18.50 28.08
N LEU H 185 6.05 -17.54 27.18
CA LEU H 185 5.38 -16.23 27.10
C LEU H 185 3.87 -16.21 27.39
N PHE H 186 3.20 -17.34 27.19
CA PHE H 186 1.79 -17.45 27.55
C PHE H 186 1.55 -18.28 28.82
N ALA H 187 1.90 -19.56 28.80
CA ALA H 187 1.52 -20.49 29.89
C ALA H 187 2.04 -20.12 31.27
N ILE H 188 3.34 -19.87 31.35
CA ILE H 188 3.96 -19.55 32.64
C ILE H 188 3.58 -18.12 33.05
N MET H 189 3.49 -17.24 32.06
CA MET H 189 3.01 -15.87 32.30
C MET H 189 1.60 -15.88 32.86
N ALA H 190 0.70 -16.62 32.22
CA ALA H 190 -0.68 -16.75 32.70
C ALA H 190 -0.73 -17.41 34.08
N GLY H 191 0.02 -18.50 34.23
CA GLY H 191 0.06 -19.30 35.47
C GLY H 191 0.56 -18.55 36.69
N THR H 192 1.72 -17.91 36.58
CA THR H 192 2.24 -17.07 37.68
C THR H 192 1.43 -15.80 37.87
N THR H 193 0.54 -15.51 36.94
CA THR H 193 -0.38 -14.38 37.12
C THR H 193 -1.67 -14.80 37.83
N VAL H 194 -2.34 -15.85 37.33
CA VAL H 194 -3.67 -16.20 37.88
C VAL H 194 -3.58 -16.76 39.28
N ALA H 195 -2.48 -17.48 39.54
CA ALA H 195 -2.28 -18.15 40.82
C ALA H 195 -2.34 -17.22 42.03
N PRO H 196 -1.58 -16.10 42.04
CA PRO H 196 -1.76 -15.17 43.16
C PRO H 196 -3.09 -14.44 43.10
N ILE H 197 -3.56 -14.11 41.91
CA ILE H 197 -4.80 -13.37 41.76
C ILE H 197 -5.95 -14.16 42.39
N VAL H 198 -6.10 -15.44 41.99
CA VAL H 198 -7.15 -16.29 42.53
C VAL H 198 -7.01 -16.54 44.04
N THR H 199 -5.78 -16.55 44.56
CA THR H 199 -5.55 -16.72 46.01
C THR H 199 -5.89 -15.47 46.85
N GLY H 200 -6.46 -14.46 46.23
CA GLY H 200 -6.90 -13.27 46.94
C GLY H 200 -5.83 -12.17 46.93
N ASN H 201 -4.73 -12.43 46.26
CA ASN H 201 -3.65 -11.46 46.20
C ASN H 201 -3.85 -10.56 45.02
N THR H 202 -3.22 -9.40 45.06
CA THR H 202 -3.23 -8.51 43.92
C THR H 202 -1.88 -8.56 43.24
N VAL H 203 -1.87 -8.19 41.96
CA VAL H 203 -0.69 -8.40 41.12
C VAL H 203 -0.19 -7.14 40.44
N VAL H 204 1.14 -7.04 40.39
CA VAL H 204 1.81 -6.15 39.47
C VAL H 204 2.60 -7.04 38.53
N LEU H 205 2.27 -6.99 37.25
CA LEU H 205 2.86 -7.89 36.25
C LEU H 205 3.78 -7.12 35.33
N LYS H 206 5.09 -7.36 35.47
CA LYS H 206 6.09 -6.78 34.59
C LYS H 206 6.53 -7.91 33.67
N PRO H 207 5.97 -7.97 32.45
CA PRO H 207 6.30 -9.08 31.55
C PRO H 207 7.72 -8.95 30.98
N ALA H 208 8.21 -10.04 30.39
CA ALA H 208 9.49 -10.03 29.71
C ALA H 208 9.31 -9.14 28.48
N SER H 209 10.23 -8.18 28.32
CA SER H 209 10.13 -7.21 27.23
C SER H 209 10.56 -7.77 25.87
N ALA H 210 10.78 -9.07 25.81
CA ALA H 210 11.01 -9.77 24.55
C ALA H 210 9.68 -10.26 23.99
N ALA H 211 8.67 -10.37 24.85
CA ALA H 211 7.32 -10.73 24.42
C ALA H 211 6.18 -10.10 25.27
N PRO H 212 6.00 -8.76 25.18
CA PRO H 212 4.99 -8.11 26.04
C PRO H 212 3.56 -8.09 25.49
N VAL H 213 3.38 -8.38 24.21
CA VAL H 213 2.09 -8.20 23.54
C VAL H 213 1.07 -9.27 23.95
N ILE H 214 1.54 -10.48 24.21
CA ILE H 214 0.69 -11.60 24.64
C ILE H 214 0.19 -11.37 26.08
N ALA H 215 1.03 -10.70 26.88
CA ALA H 215 0.71 -10.35 28.25
C ALA H 215 -0.30 -9.21 28.30
N ALA H 216 -0.16 -8.25 27.38
CA ALA H 216 -1.13 -7.16 27.21
C ALA H 216 -2.50 -7.72 26.81
N LYS H 217 -2.48 -8.67 25.89
CA LYS H 217 -3.69 -9.36 25.45
C LYS H 217 -4.35 -10.13 26.59
N PHE H 218 -3.54 -10.83 27.39
CA PHE H 218 -4.04 -11.61 28.52
C PHE H 218 -4.61 -10.75 29.65
N VAL H 219 -3.97 -9.60 29.90
CA VAL H 219 -4.49 -8.66 30.89
C VAL H 219 -5.91 -8.25 30.50
N GLU H 220 -6.08 -7.98 29.20
CA GLU H 220 -7.38 -7.56 28.69
C GLU H 220 -8.46 -8.62 28.79
N VAL H 221 -8.08 -9.90 28.71
CA VAL H 221 -9.01 -11.01 28.92
C VAL H 221 -9.49 -11.04 30.37
N LEU H 222 -8.57 -10.84 31.33
CA LEU H 222 -8.93 -10.89 32.74
C LEU H 222 -9.87 -9.74 33.10
N GLU H 223 -9.60 -8.57 32.54
CA GLU H 223 -10.46 -7.40 32.70
C GLU H 223 -11.83 -7.60 32.05
N GLU H 224 -11.86 -8.11 30.83
CA GLU H 224 -13.12 -8.51 30.17
C GLU H 224 -13.89 -9.53 31.00
N SER H 225 -13.14 -10.37 31.72
CA SER H 225 -13.71 -11.41 32.58
C SER H 225 -14.22 -10.85 33.93
N GLY H 226 -13.87 -9.62 34.23
CA GLY H 226 -14.42 -8.94 35.40
C GLY H 226 -13.51 -8.83 36.61
N LEU H 227 -12.20 -8.69 36.37
CA LEU H 227 -11.27 -8.33 37.44
C LEU H 227 -11.43 -6.85 37.74
N PRO H 228 -11.69 -6.50 39.02
CA PRO H 228 -11.86 -5.10 39.40
C PRO H 228 -10.54 -4.37 39.34
N LYS H 229 -10.60 -3.04 39.18
CA LYS H 229 -9.42 -2.19 38.98
C LYS H 229 -8.37 -2.37 40.07
N GLY H 230 -7.14 -2.58 39.66
CA GLY H 230 -6.03 -2.70 40.59
C GLY H 230 -5.59 -4.13 40.89
N VAL H 231 -6.54 -5.07 40.84
CA VAL H 231 -6.25 -6.49 41.09
C VAL H 231 -5.15 -7.01 40.17
N VAL H 232 -5.14 -6.55 38.91
CA VAL H 232 -3.95 -6.71 38.07
C VAL H 232 -3.45 -5.37 37.53
N ASN H 233 -2.13 -5.15 37.60
CA ASN H 233 -1.52 -4.00 36.97
C ASN H 233 -0.45 -4.43 35.99
N PHE H 234 -0.54 -3.85 34.80
CA PHE H 234 0.32 -4.18 33.68
C PHE H 234 1.39 -3.09 33.45
N VAL H 235 2.62 -3.34 33.89
CA VAL H 235 3.72 -2.37 33.70
C VAL H 235 5.00 -2.95 33.08
N PRO H 236 4.97 -3.23 31.76
CA PRO H 236 6.18 -3.60 31.02
C PRO H 236 7.26 -2.52 31.10
N GLY H 237 8.51 -2.94 31.12
CA GLY H 237 9.64 -2.04 31.28
C GLY H 237 10.93 -2.80 31.55
N SER H 238 12.01 -2.07 31.81
CA SER H 238 13.31 -2.67 32.04
C SER H 238 13.48 -3.12 33.49
N GLY H 239 14.21 -4.22 33.67
CA GLY H 239 14.53 -4.76 35.01
C GLY H 239 15.36 -3.79 35.85
N ALA H 240 16.20 -3.00 35.18
CA ALA H 240 17.02 -1.99 35.82
C ALA H 240 16.22 -0.84 36.45
N GLU H 241 15.14 -0.43 35.79
CA GLU H 241 14.29 0.65 36.34
C GLU H 241 13.06 0.13 37.09
N VAL H 242 12.24 -0.66 36.41
CA VAL H 242 10.98 -1.15 36.95
C VAL H 242 11.22 -2.29 37.95
N GLY H 243 11.96 -3.31 37.51
CA GLY H 243 12.13 -4.57 38.24
C GLY H 243 12.70 -4.49 39.65
N ASP H 244 13.89 -3.91 39.78
CA ASP H 244 14.52 -3.71 41.10
C ASP H 244 13.64 -2.86 42.02
N TYR H 245 12.97 -1.86 41.45
CA TYR H 245 12.01 -1.03 42.19
C TYR H 245 10.82 -1.83 42.72
N LEU H 246 10.29 -2.72 41.90
CA LEU H 246 9.13 -3.54 42.27
C LEU H 246 9.51 -4.51 43.39
N VAL H 247 10.71 -5.11 43.26
CA VAL H 247 11.21 -6.06 44.25
C VAL H 247 11.55 -5.38 45.59
N ASP H 248 12.22 -4.23 45.52
CA ASP H 248 12.64 -3.47 46.71
C ASP H 248 11.51 -2.81 47.52
N HIS H 249 10.33 -2.64 46.92
CA HIS H 249 9.23 -1.92 47.59
C HIS H 249 8.76 -2.57 48.91
N PRO H 250 8.63 -1.78 50.00
CA PRO H 250 8.19 -2.27 51.31
C PRO H 250 6.80 -2.90 51.34
N LYS H 251 5.95 -2.51 50.41
CA LYS H 251 4.58 -3.04 50.31
C LYS H 251 4.48 -4.28 49.41
N THR H 252 5.62 -4.79 48.95
CA THR H 252 5.68 -6.01 48.13
C THR H 252 5.79 -7.24 49.03
N SER H 253 4.88 -8.21 48.87
CA SER H 253 4.85 -9.39 49.76
C SER H 253 5.34 -10.70 49.15
N ILE H 254 4.96 -10.96 47.91
CA ILE H 254 5.36 -12.17 47.19
C ILE H 254 5.96 -11.79 45.85
N ILE H 255 7.12 -12.33 45.52
CA ILE H 255 7.60 -12.22 44.15
C ILE H 255 7.59 -13.62 43.52
N THR H 256 6.95 -13.74 42.37
CA THR H 256 7.11 -14.95 41.58
C THR H 256 7.88 -14.68 40.28
N PHE H 257 8.97 -15.41 40.10
CA PHE H 257 9.93 -15.15 39.04
C PHE H 257 10.25 -16.42 38.31
N THR H 258 10.10 -16.41 36.99
CA THR H 258 10.62 -17.48 36.15
C THR H 258 11.59 -16.87 35.15
N GLY H 259 12.84 -17.28 35.21
CA GLY H 259 13.87 -16.74 34.32
C GLY H 259 15.24 -17.32 34.58
N SER H 260 16.27 -16.50 34.44
CA SER H 260 17.65 -16.96 34.54
C SER H 260 18.16 -17.03 35.98
N ARG H 261 19.22 -17.81 36.16
CA ARG H 261 19.89 -17.99 37.44
C ARG H 261 20.51 -16.69 37.96
N GLU H 262 21.02 -15.86 37.06
CA GLU H 262 21.72 -14.63 37.44
C GLU H 262 20.77 -13.57 38.00
N VAL H 263 19.64 -13.40 37.33
CA VAL H 263 18.59 -12.46 37.76
C VAL H 263 17.87 -13.01 39.01
N GLY H 264 17.66 -14.33 39.03
CA GLY H 264 16.96 -15.00 40.14
C GLY H 264 17.68 -14.94 41.48
N THR H 265 19.00 -15.08 41.43
CA THR H 265 19.85 -14.93 42.60
C THR H 265 19.80 -13.48 43.12
N ARG H 266 19.81 -12.53 42.20
CA ARG H 266 19.69 -11.10 42.52
C ARG H 266 18.34 -10.76 43.17
N ILE H 267 17.25 -11.33 42.66
CA ILE H 267 15.92 -11.10 43.24
C ILE H 267 15.76 -11.76 44.61
N PHE H 268 16.27 -12.99 44.77
CA PHE H 268 16.22 -13.69 46.05
C PHE H 268 16.99 -12.94 47.14
N GLU H 269 18.16 -12.42 46.78
CA GLU H 269 18.99 -11.64 47.71
C GLU H 269 18.38 -10.30 48.12
N ARG H 270 17.96 -9.49 47.15
CA ARG H 270 17.37 -8.15 47.38
C ARG H 270 16.02 -8.20 48.11
N ALA H 271 15.29 -9.30 47.94
CA ALA H 271 13.97 -9.45 48.53
C ALA H 271 14.03 -9.58 50.02
N ALA H 272 14.98 -10.37 50.52
CA ALA H 272 15.10 -10.66 51.95
C ALA H 272 15.42 -9.43 52.84
N LYS H 273 15.94 -8.37 52.23
CA LYS H 273 16.18 -7.10 52.90
C LYS H 273 14.84 -6.52 53.40
N VAL H 274 14.75 -6.29 54.70
CA VAL H 274 13.59 -5.59 55.29
C VAL H 274 13.86 -4.09 55.25
N GLN H 275 13.21 -3.41 54.31
CA GLN H 275 13.41 -1.97 54.07
C GLN H 275 12.85 -1.11 55.20
N PRO H 276 13.27 0.19 55.27
CA PRO H 276 12.60 1.09 56.21
C PRO H 276 11.12 1.27 55.83
N GLY H 277 10.23 0.95 56.77
CA GLY H 277 8.79 1.00 56.53
C GLY H 277 8.16 -0.36 56.22
N GLN H 278 9.01 -1.35 55.98
CA GLN H 278 8.56 -2.70 55.62
C GLN H 278 8.18 -3.49 56.88
N THR H 279 6.94 -3.96 56.93
CA THR H 279 6.41 -4.65 58.12
C THR H 279 6.14 -6.14 57.92
N HIS H 280 6.76 -6.75 56.90
CA HIS H 280 6.63 -8.18 56.67
C HIS H 280 7.89 -8.76 56.03
N LEU H 281 8.11 -10.06 56.18
CA LEU H 281 9.21 -10.70 55.45
C LEU H 281 8.70 -11.14 54.07
N LYS H 282 9.49 -10.86 53.03
CA LYS H 282 9.11 -11.14 51.64
C LYS H 282 9.30 -12.60 51.27
N GLN H 283 8.38 -13.11 50.47
CA GLN H 283 8.50 -14.46 49.94
C GLN H 283 8.88 -14.43 48.47
N VAL H 284 9.79 -15.31 48.09
CA VAL H 284 10.17 -15.43 46.69
C VAL H 284 9.80 -16.83 46.19
N ILE H 285 9.02 -16.89 45.12
CA ILE H 285 8.71 -18.13 44.41
C ILE H 285 9.48 -18.16 43.08
N ALA H 286 10.43 -19.08 42.91
CA ALA H 286 11.31 -19.01 41.74
C ALA H 286 11.61 -20.32 41.02
N GLU H 287 11.54 -20.26 39.68
CA GLU H 287 12.05 -21.31 38.79
C GLU H 287 13.12 -20.69 37.92
N MET H 288 14.37 -21.08 38.16
CA MET H 288 15.52 -20.40 37.56
C MET H 288 16.28 -21.19 36.48
N GLY H 289 15.57 -22.08 35.78
CA GLY H 289 16.16 -22.82 34.67
C GLY H 289 16.99 -24.02 35.08
N GLY H 290 17.54 -24.71 34.09
CA GLY H 290 18.30 -25.93 34.34
C GLY H 290 19.23 -26.30 33.21
N LYS H 291 20.15 -27.20 33.53
CA LYS H 291 21.07 -27.78 32.57
C LYS H 291 20.75 -29.28 32.58
N ASP H 292 19.82 -29.67 31.70
CA ASP H 292 19.10 -30.94 31.86
C ASP H 292 19.69 -32.12 31.10
N THR H 293 19.28 -33.33 31.48
CA THR H 293 20.00 -34.55 31.09
C THR H 293 19.11 -35.74 30.69
N VAL H 294 19.38 -36.29 29.50
CA VAL H 294 18.88 -37.61 29.10
C VAL H 294 19.99 -38.66 29.31
N VAL H 295 19.71 -39.61 30.19
CA VAL H 295 20.63 -40.70 30.50
C VAL H 295 20.20 -41.92 29.68
N VAL H 296 21.11 -42.47 28.89
CA VAL H 296 20.81 -43.60 28.03
C VAL H 296 21.62 -44.86 28.41
N ASP H 297 20.89 -45.91 28.81
CA ASP H 297 21.49 -47.17 29.28
C ASP H 297 21.81 -48.10 28.10
N GLU H 298 22.67 -49.09 28.33
CA GLU H 298 23.06 -50.08 27.31
C GLU H 298 21.95 -51.08 26.94
N ASP H 299 20.98 -51.26 27.84
CA ASP H 299 19.83 -52.13 27.61
C ASP H 299 18.61 -51.23 27.45
N CYS H 300 18.39 -50.77 26.23
CA CYS H 300 17.34 -49.80 25.95
C CYS H 300 16.77 -49.96 24.54
N ASP H 301 15.61 -49.35 24.30
CA ASP H 301 15.10 -49.14 22.95
C ASP H 301 15.87 -47.95 22.38
N ILE H 302 16.76 -48.22 21.42
CA ILE H 302 17.70 -47.20 20.91
C ILE H 302 17.00 -46.11 20.07
N GLU H 303 15.89 -46.45 19.44
CA GLU H 303 15.10 -45.47 18.69
C GLU H 303 14.35 -44.54 19.62
N LEU H 304 13.93 -45.07 20.77
CA LEU H 304 13.28 -44.26 21.80
C LEU H 304 14.27 -43.29 22.43
N ALA H 305 15.49 -43.76 22.65
CA ALA H 305 16.58 -42.94 23.20
C ALA H 305 16.96 -41.79 22.27
N ALA H 306 17.03 -42.10 20.98
CA ALA H 306 17.38 -41.14 19.94
C ALA H 306 16.27 -40.12 19.72
N GLN H 307 15.02 -40.57 19.80
CA GLN H 307 13.88 -39.68 19.66
C GLN H 307 13.69 -38.84 20.92
N SER H 308 14.13 -39.36 22.06
CA SER H 308 14.02 -38.63 23.32
C SER H 308 15.10 -37.56 23.47
N ILE H 309 16.33 -37.88 23.11
CA ILE H 309 17.43 -36.91 23.06
C ILE H 309 17.08 -35.72 22.15
N PHE H 310 16.53 -36.05 20.97
CA PHE H 310 16.20 -35.05 19.95
C PHE H 310 15.09 -34.09 20.36
N THR H 311 13.96 -34.65 20.81
CA THR H 311 12.84 -33.85 21.32
C THR H 311 13.32 -32.88 22.41
N SER H 312 14.04 -33.43 23.39
CA SER H 312 14.48 -32.70 24.56
C SER H 312 15.47 -31.58 24.26
N ALA H 313 16.26 -31.75 23.21
CA ALA H 313 17.29 -30.78 22.88
C ALA H 313 16.79 -29.68 21.95
N PHE H 314 15.80 -30.01 21.12
CA PHE H 314 15.42 -29.12 20.03
C PHE H 314 13.96 -28.68 19.95
N GLY H 315 13.13 -29.15 20.87
CA GLY H 315 11.77 -28.60 21.05
C GLY H 315 11.85 -27.13 21.45
N PHE H 316 11.15 -26.27 20.69
CA PHE H 316 11.24 -24.80 20.77
C PHE H 316 12.70 -24.25 20.76
N ALA H 317 13.48 -24.79 19.82
CA ALA H 317 14.89 -24.43 19.61
C ALA H 317 15.76 -24.44 20.87
N GLY H 318 15.46 -25.36 21.79
CA GLY H 318 16.22 -25.50 23.04
C GLY H 318 16.12 -24.33 24.00
N GLN H 319 15.11 -23.48 23.79
CA GLN H 319 14.93 -22.29 24.61
C GLN H 319 14.02 -22.57 25.80
N LYS H 320 14.35 -23.61 26.56
CA LYS H 320 13.52 -24.03 27.69
C LYS H 320 14.33 -24.16 28.97
N CYS H 321 13.67 -23.87 30.10
CA CYS H 321 14.20 -24.20 31.42
C CYS H 321 14.54 -25.72 31.46
N SER H 322 13.67 -26.52 30.84
CA SER H 322 13.72 -28.00 30.90
C SER H 322 14.50 -28.72 29.78
N ALA H 323 15.17 -27.96 28.91
CA ALA H 323 15.81 -28.52 27.70
C ALA H 323 16.98 -29.46 27.97
N GLY H 324 16.89 -30.66 27.39
CA GLY H 324 17.91 -31.69 27.53
C GLY H 324 19.13 -31.39 26.69
N SER H 325 19.93 -30.42 27.14
CA SER H 325 21.13 -30.03 26.42
C SER H 325 22.32 -30.95 26.74
N ARG H 326 22.13 -31.87 27.69
CA ARG H 326 23.13 -32.91 27.99
C ARG H 326 22.62 -34.33 27.65
N ALA H 327 23.41 -35.06 26.89
CA ALA H 327 23.13 -36.45 26.53
C ALA H 327 24.17 -37.43 27.10
N VAL H 328 23.87 -38.00 28.26
CA VAL H 328 24.77 -38.98 28.89
C VAL H 328 24.45 -40.39 28.39
N VAL H 329 25.38 -40.96 27.63
CA VAL H 329 25.12 -42.19 26.88
C VAL H 329 26.17 -43.25 27.17
N HIS H 330 25.70 -44.48 27.39
CA HIS H 330 26.55 -45.62 27.64
C HIS H 330 27.40 -45.94 26.42
N GLU H 331 28.68 -46.24 26.66
CA GLU H 331 29.69 -46.50 25.62
C GLU H 331 29.34 -47.57 24.60
N LYS H 332 28.53 -48.55 24.99
CA LYS H 332 28.18 -49.66 24.11
C LYS H 332 27.15 -49.27 23.07
N VAL H 333 26.31 -48.30 23.39
CA VAL H 333 25.30 -47.86 22.43
CA VAL H 333 25.25 -47.84 22.50
C VAL H 333 25.51 -46.39 22.01
N TYR H 334 26.57 -45.77 22.56
CA TYR H 334 26.97 -44.39 22.24
C TYR H 334 27.03 -44.06 20.74
N ASP H 335 27.66 -44.93 19.96
CA ASP H 335 27.83 -44.68 18.52
C ASP H 335 26.54 -44.75 17.69
N GLU H 336 25.68 -45.73 17.98
CA GLU H 336 24.45 -45.92 17.20
C GLU H 336 23.39 -44.87 17.50
N VAL H 337 23.27 -44.48 18.77
CA VAL H 337 22.29 -43.48 19.20
C VAL H 337 22.66 -42.10 18.65
N LEU H 338 23.93 -41.71 18.80
CA LEU H 338 24.45 -40.44 18.27
C LEU H 338 24.27 -40.31 16.76
N LYS H 339 24.58 -41.39 16.05
CA LYS H 339 24.40 -41.45 14.59
C LYS H 339 22.93 -41.26 14.23
N ARG H 340 22.06 -41.92 14.99
CA ARG H 340 20.62 -41.78 14.79
C ARG H 340 20.11 -40.38 15.14
N VAL H 341 20.62 -39.79 16.23
CA VAL H 341 20.23 -38.42 16.63
C VAL H 341 20.59 -37.39 15.54
N ILE H 342 21.76 -37.53 14.92
CA ILE H 342 22.12 -36.73 13.74
C ILE H 342 21.14 -36.97 12.57
N GLU H 343 20.74 -38.22 12.33
CA GLU H 343 19.82 -38.55 11.22
C GLU H 343 18.46 -37.87 11.38
N ILE H 344 17.95 -37.85 12.60
CA ILE H 344 16.67 -37.21 12.93
C ILE H 344 16.79 -35.67 12.90
N THR H 345 17.89 -35.16 13.45
CA THR H 345 18.14 -33.71 13.55
C THR H 345 18.21 -33.00 12.19
N GLU H 346 19.02 -33.50 11.27
CA GLU H 346 19.16 -32.83 9.98
C GLU H 346 18.10 -33.20 8.90
N SER H 347 17.10 -33.97 9.31
CA SER H 347 15.96 -34.28 8.45
C SER H 347 14.86 -33.23 8.63
N LYS H 348 14.88 -32.59 9.80
CA LYS H 348 13.85 -31.64 10.20
C LYS H 348 14.08 -30.25 9.59
N LYS H 349 12.99 -29.60 9.18
CA LYS H 349 13.08 -28.24 8.60
C LYS H 349 13.17 -27.11 9.64
N VAL H 350 14.06 -26.15 9.35
CA VAL H 350 14.31 -25.01 10.23
C VAL H 350 14.10 -23.71 9.46
N GLY H 351 13.07 -22.98 9.85
CA GLY H 351 12.78 -21.70 9.24
C GLY H 351 11.67 -20.98 9.98
N GLU H 352 11.10 -19.97 9.33
CA GLU H 352 9.93 -19.27 9.83
C GLU H 352 8.75 -20.26 9.89
N PRO H 353 8.03 -20.30 11.03
CA PRO H 353 6.87 -21.20 11.16
C PRO H 353 5.66 -20.79 10.29
N ASP H 354 5.81 -20.95 8.97
CA ASP H 354 4.76 -20.66 7.99
C ASP H 354 3.76 -21.82 7.85
N SER H 355 4.12 -22.98 8.42
CA SER H 355 3.35 -24.21 8.26
C SER H 355 3.55 -25.20 9.41
N ALA H 356 2.73 -26.24 9.44
CA ALA H 356 2.77 -27.26 10.50
C ALA H 356 3.97 -28.21 10.43
N ASP H 357 4.63 -28.28 9.28
CA ASP H 357 5.76 -29.20 9.09
C ASP H 357 7.11 -28.55 9.40
N VAL H 358 7.09 -27.28 9.79
CA VAL H 358 8.31 -26.63 10.27
C VAL H 358 8.48 -27.01 11.74
N TYR H 359 9.53 -27.77 12.02
CA TYR H 359 9.76 -28.28 13.37
C TYR H 359 10.34 -27.24 14.30
N MET H 360 11.26 -26.43 13.76
CA MET H 360 12.04 -25.52 14.58
C MET H 360 12.09 -24.10 14.04
N GLY H 361 11.76 -23.15 14.90
CA GLY H 361 11.80 -21.73 14.56
C GLY H 361 13.12 -21.11 14.95
N PRO H 362 13.16 -19.75 15.04
CA PRO H 362 14.37 -19.00 15.42
C PRO H 362 14.53 -18.85 16.93
N VAL H 363 15.65 -18.27 17.33
CA VAL H 363 15.81 -17.86 18.72
C VAL H 363 15.30 -16.42 18.89
N ILE H 364 15.11 -16.01 20.15
CA ILE H 364 14.27 -14.86 20.47
C ILE H 364 14.76 -13.48 19.98
N ASP H 365 16.05 -13.18 20.15
CA ASP H 365 16.61 -11.89 19.75
C ASP H 365 18.11 -11.93 19.44
N GLN H 366 18.67 -10.75 19.11
CA GLN H 366 20.07 -10.60 18.68
C GLN H 366 21.09 -10.90 19.78
N ALA H 367 20.75 -10.54 21.02
CA ALA H 367 21.62 -10.80 22.18
C ALA H 367 21.73 -12.29 22.44
N SER H 368 20.58 -12.97 22.44
CA SER H 368 20.49 -14.40 22.66
C SER H 368 21.16 -15.18 21.55
N PHE H 369 21.04 -14.67 20.32
CA PHE H 369 21.70 -15.21 19.13
C PHE H 369 23.22 -15.25 19.32
N ASN H 370 23.77 -14.12 19.78
CA ASN H 370 25.21 -13.98 19.99
C ASN H 370 25.74 -14.87 21.10
N LYS H 371 24.92 -15.06 22.14
CA LYS H 371 25.25 -15.94 23.26
C LYS H 371 25.49 -17.37 22.79
N ILE H 372 24.47 -17.95 22.15
CA ILE H 372 24.54 -19.32 21.61
C ILE H 372 25.68 -19.48 20.62
N MET H 373 25.89 -18.44 19.81
CA MET H 373 26.97 -18.40 18.81
C MET H 373 28.35 -18.46 19.43
N ASP H 374 28.50 -17.83 20.59
CA ASP H 374 29.73 -17.93 21.37
C ASP H 374 29.90 -19.34 21.94
N TYR H 375 28.78 -19.94 22.36
CA TYR H 375 28.81 -21.32 22.89
C TYR H 375 29.10 -22.40 21.83
N ILE H 376 28.78 -22.11 20.58
CA ILE H 376 29.12 -23.01 19.48
C ILE H 376 30.63 -22.94 19.16
N GLU H 377 31.22 -21.75 19.34
CA GLU H 377 32.66 -21.58 19.22
C GLU H 377 33.42 -22.15 20.41
N ILE H 378 32.83 -22.01 21.61
CA ILE H 378 33.37 -22.56 22.87
C ILE H 378 33.40 -24.09 22.83
N GLY H 379 32.35 -24.68 22.24
CA GLY H 379 32.23 -26.12 22.11
C GLY H 379 33.20 -26.76 21.13
N LYS H 380 33.78 -25.96 20.25
CA LYS H 380 34.82 -26.44 19.33
C LYS H 380 36.15 -26.72 20.03
N GLU H 381 36.42 -25.96 21.10
CA GLU H 381 37.56 -26.21 21.97
C GLU H 381 37.33 -27.47 22.83
N GLU H 382 36.08 -27.64 23.28
CA GLU H 382 35.75 -28.67 24.26
C GLU H 382 35.37 -30.01 23.66
N GLY H 383 34.68 -29.98 22.53
CA GLY H 383 34.19 -31.21 21.93
C GLY H 383 34.36 -31.26 20.44
N ARG H 384 33.60 -32.15 19.81
CA ARG H 384 33.67 -32.40 18.39
C ARG H 384 32.30 -32.11 17.78
N LEU H 385 32.23 -31.09 16.92
CA LEU H 385 31.01 -30.74 16.20
C LEU H 385 30.64 -31.85 15.22
N VAL H 386 29.44 -32.39 15.35
CA VAL H 386 29.00 -33.46 14.44
C VAL H 386 27.82 -33.05 13.57
N SER H 387 27.02 -32.09 14.03
CA SER H 387 25.95 -31.51 13.22
C SER H 387 25.63 -30.07 13.65
N GLY H 388 25.09 -29.29 12.70
CA GLY H 388 24.69 -27.91 12.97
C GLY H 388 25.87 -26.96 13.00
N GLY H 389 25.76 -25.92 13.82
CA GLY H 389 26.84 -24.96 14.03
C GLY H 389 26.69 -23.64 13.29
N LYS H 390 25.83 -23.61 12.28
CA LYS H 390 25.65 -22.42 11.43
C LYS H 390 24.55 -21.51 11.98
N GLY H 391 24.74 -20.20 11.81
CA GLY H 391 23.74 -19.21 12.17
C GLY H 391 23.91 -17.93 11.38
N ASP H 392 22.84 -17.14 11.28
CA ASP H 392 22.91 -15.84 10.61
C ASP H 392 21.88 -14.82 11.10
N ASP H 393 22.40 -13.63 11.38
CA ASP H 393 21.68 -12.50 11.95
C ASP H 393 21.06 -11.56 10.90
N SER H 394 20.61 -12.12 9.77
CA SER H 394 20.21 -11.30 8.61
C SER H 394 18.69 -11.03 8.45
N LYS H 395 17.90 -12.09 8.34
CA LYS H 395 16.45 -11.95 8.22
C LYS H 395 15.80 -12.16 9.58
N GLY H 396 16.13 -13.30 10.20
CA GLY H 396 15.69 -13.62 11.54
C GLY H 396 16.83 -14.23 12.32
N TYR H 397 16.54 -14.67 13.55
CA TYR H 397 17.58 -15.18 14.44
C TYR H 397 17.69 -16.71 14.39
N PHE H 398 18.06 -17.20 13.22
CA PHE H 398 18.07 -18.64 12.96
C PHE H 398 19.43 -19.27 13.20
N ILE H 399 19.46 -20.20 14.14
CA ILE H 399 20.64 -20.99 14.45
C ILE H 399 20.28 -22.45 14.18
N GLU H 400 21.17 -23.16 13.48
CA GLU H 400 21.00 -24.59 13.18
C GLU H 400 20.93 -25.46 14.44
N PRO H 401 20.16 -26.57 14.39
CA PRO H 401 20.17 -27.51 15.51
C PRO H 401 21.55 -28.14 15.59
N THR H 402 22.26 -27.86 16.69
CA THR H 402 23.68 -28.17 16.82
C THR H 402 23.96 -29.32 17.79
N ILE H 403 24.78 -30.28 17.34
CA ILE H 403 25.15 -31.42 18.17
C ILE H 403 26.67 -31.48 18.34
N PHE H 404 27.10 -31.63 19.59
CA PHE H 404 28.51 -31.84 19.92
C PHE H 404 28.70 -33.21 20.57
N ALA H 405 29.83 -33.85 20.28
CA ALA H 405 30.12 -35.18 20.79
C ALA H 405 31.42 -35.22 21.59
N ASP H 406 31.56 -36.26 22.42
CA ASP H 406 32.76 -36.56 23.22
C ASP H 406 33.16 -35.49 24.24
N LEU H 407 32.23 -35.11 25.11
CA LEU H 407 32.46 -34.05 26.10
C LEU H 407 32.86 -34.61 27.47
N ASP H 408 33.87 -33.98 28.07
CA ASP H 408 34.22 -34.16 29.49
C ASP H 408 33.03 -33.67 30.32
N PRO H 409 32.64 -34.43 31.37
CA PRO H 409 31.48 -34.06 32.19
C PRO H 409 31.60 -32.70 32.90
N LYS H 410 32.82 -32.16 32.95
CA LYS H 410 33.11 -30.93 33.70
C LYS H 410 33.26 -29.72 32.77
N ALA H 411 33.19 -29.96 31.46
CA ALA H 411 33.32 -28.91 30.44
C ALA H 411 32.20 -27.86 30.50
N ARG H 412 32.47 -26.67 29.96
CA ARG H 412 31.51 -25.54 29.99
C ARG H 412 30.16 -25.86 29.35
N LEU H 413 30.20 -26.56 28.21
CA LEU H 413 28.98 -27.00 27.52
C LEU H 413 28.18 -28.05 28.28
N MET H 414 28.75 -28.56 29.36
CA MET H 414 28.16 -29.62 30.16
C MET H 414 27.69 -29.06 31.51
N GLN H 415 27.98 -27.78 31.74
CA GLN H 415 27.74 -27.15 33.05
C GLN H 415 26.87 -25.91 32.98
N GLU H 416 26.99 -25.14 31.89
CA GLU H 416 26.35 -23.83 31.77
C GLU H 416 25.08 -23.88 30.91
N GLU H 417 24.06 -23.13 31.33
CA GLU H 417 22.79 -23.04 30.60
C GLU H 417 22.93 -22.17 29.35
N ILE H 418 22.75 -22.78 28.18
CA ILE H 418 22.97 -22.11 26.90
C ILE H 418 21.69 -21.45 26.36
N PHE H 419 20.54 -22.10 26.56
CA PHE H 419 19.23 -21.61 26.09
C PHE H 419 19.06 -21.58 24.57
N GLY H 420 19.81 -22.44 23.88
CA GLY H 420 19.74 -22.55 22.43
C GLY H 420 19.64 -23.98 21.96
N PRO H 421 19.61 -24.19 20.63
CA PRO H 421 19.50 -25.55 20.10
C PRO H 421 20.84 -26.27 20.07
N VAL H 422 21.34 -26.63 21.26
CA VAL H 422 22.61 -27.33 21.39
C VAL H 422 22.42 -28.58 22.26
N VAL H 423 22.95 -29.73 21.81
CA VAL H 423 23.18 -30.87 22.71
C VAL H 423 24.66 -31.16 22.86
N ALA H 424 25.02 -31.59 24.06
CA ALA H 424 26.33 -32.13 24.32
C ALA H 424 26.19 -33.61 24.62
N PHE H 425 26.98 -34.42 23.90
CA PHE H 425 27.05 -35.86 24.13
C PHE H 425 28.25 -36.21 24.99
N SER H 426 28.03 -37.13 25.95
CA SER H 426 29.11 -37.58 26.84
C SER H 426 28.99 -39.07 27.13
N LYS H 427 30.15 -39.74 27.08
CA LYS H 427 30.23 -41.19 27.12
C LYS H 427 30.53 -41.70 28.53
N VAL H 428 29.84 -42.77 28.92
CA VAL H 428 30.01 -43.41 30.23
C VAL H 428 30.17 -44.93 30.11
N SER H 429 30.97 -45.51 31.01
CA SER H 429 31.27 -46.93 30.95
C SER H 429 30.35 -47.81 31.80
N SER H 430 29.63 -47.21 32.74
CA SER H 430 28.62 -47.92 33.52
C SER H 430 27.43 -47.02 33.86
N PHE H 431 26.32 -47.64 34.24
CA PHE H 431 25.10 -46.92 34.60
C PHE H 431 25.27 -46.08 35.88
N ASP H 432 26.06 -46.59 36.80
CA ASP H 432 26.31 -45.89 38.05
C ASP H 432 27.23 -44.67 37.85
N GLU H 433 28.07 -44.72 36.82
CA GLU H 433 28.85 -43.55 36.41
C GLU H 433 27.94 -42.49 35.76
N ALA H 434 26.89 -42.95 35.08
CA ALA H 434 25.94 -42.07 34.39
C ALA H 434 25.15 -41.22 35.38
N LEU H 435 24.77 -41.82 36.50
CA LEU H 435 24.08 -41.13 37.57
C LEU H 435 24.96 -40.09 38.25
N GLU H 436 26.25 -40.39 38.38
CA GLU H 436 27.23 -39.43 38.91
C GLU H 436 27.36 -38.21 38.00
N VAL H 437 27.46 -38.45 36.68
CA VAL H 437 27.47 -37.38 35.68
C VAL H 437 26.13 -36.63 35.63
N ALA H 438 25.01 -37.37 35.70
CA ALA H 438 23.67 -36.78 35.76
C ALA H 438 23.50 -35.72 36.87
N ASN H 439 24.04 -36.01 38.05
CA ASN H 439 23.94 -35.13 39.21
C ASN H 439 25.07 -34.10 39.33
N ASN H 440 25.92 -33.97 38.32
CA ASN H 440 27.12 -33.14 38.46
C ASN H 440 26.95 -31.62 38.27
N THR H 441 25.72 -31.17 38.00
CA THR H 441 25.47 -29.74 37.76
C THR H 441 25.06 -29.02 39.02
N GLU H 442 25.04 -27.69 38.94
CA GLU H 442 24.54 -26.84 40.00
C GLU H 442 23.01 -26.73 39.96
N TYR H 443 22.40 -27.34 38.93
CA TYR H 443 20.95 -27.33 38.71
C TYR H 443 20.31 -28.69 39.02
N GLY H 444 18.99 -28.70 39.22
CA GLY H 444 18.27 -29.94 39.48
C GLY H 444 16.82 -29.92 39.05
N LEU H 445 16.58 -29.46 37.82
CA LEU H 445 15.22 -29.30 37.29
C LEU H 445 14.64 -30.56 36.68
N THR H 446 15.14 -30.95 35.50
CA THR H 446 14.63 -32.16 34.81
C THR H 446 15.70 -33.16 34.37
N GLY H 447 15.26 -34.42 34.25
CA GLY H 447 16.09 -35.52 33.82
C GLY H 447 15.24 -36.64 33.25
N ALA H 448 15.83 -37.39 32.31
CA ALA H 448 15.21 -38.59 31.79
C ALA H 448 16.21 -39.72 31.76
N VAL H 449 15.72 -40.93 32.00
CA VAL H 449 16.50 -42.16 31.86
C VAL H 449 15.82 -43.05 30.81
N ILE H 450 16.61 -43.58 29.89
CA ILE H 450 16.11 -44.52 28.90
C ILE H 450 16.73 -45.89 29.17
N THR H 451 15.89 -46.84 29.61
CA THR H 451 16.34 -48.16 30.04
C THR H 451 15.21 -49.20 30.07
N LYS H 452 15.59 -50.46 29.91
CA LYS H 452 14.66 -51.56 30.01
C LYS H 452 14.82 -52.27 31.36
N ASN H 453 15.75 -51.78 32.17
CA ASN H 453 16.15 -52.39 33.44
C ASN H 453 15.40 -51.79 34.64
N ARG H 454 14.53 -52.61 35.25
CA ARG H 454 13.71 -52.23 36.40
C ARG H 454 14.51 -51.75 37.62
N ASP H 455 15.66 -52.40 37.85
CA ASP H 455 16.57 -52.06 38.95
C ASP H 455 17.21 -50.68 38.74
N HIS H 456 17.48 -50.36 37.48
CA HIS H 456 18.09 -49.09 37.09
C HIS H 456 17.12 -47.92 37.22
N ILE H 457 15.84 -48.21 36.96
CA ILE H 457 14.78 -47.23 37.13
C ILE H 457 14.69 -46.85 38.60
N ASN H 458 14.59 -47.86 39.47
CA ASN H 458 14.41 -47.66 40.90
C ASN H 458 15.56 -46.98 41.63
N ARG H 459 16.78 -47.20 41.16
CA ARG H 459 17.93 -46.48 41.71
C ARG H 459 17.88 -45.00 41.29
N ALA H 460 17.45 -44.77 40.06
CA ALA H 460 17.31 -43.41 39.54
C ALA H 460 16.21 -42.62 40.25
N LYS H 461 15.09 -43.28 40.57
CA LYS H 461 13.98 -42.69 41.34
C LYS H 461 14.45 -42.07 42.66
N GLN H 462 15.47 -42.71 43.25
CA GLN H 462 16.03 -42.33 44.53
C GLN H 462 17.21 -41.37 44.36
N GLU H 463 18.07 -41.63 43.38
CA GLU H 463 19.37 -40.97 43.26
C GLU H 463 19.56 -39.98 42.10
N PHE H 464 18.70 -40.01 41.08
CA PHE H 464 18.72 -38.96 40.06
C PHE H 464 18.04 -37.70 40.65
N HIS H 465 18.86 -36.81 41.20
CA HIS H 465 18.38 -35.63 41.92
C HIS H 465 17.94 -34.51 40.97
N VAL H 466 16.74 -34.68 40.41
CA VAL H 466 16.06 -33.64 39.65
C VAL H 466 14.61 -33.58 40.14
N GLY H 467 13.99 -32.42 39.99
CA GLY H 467 12.62 -32.22 40.45
C GLY H 467 11.56 -32.90 39.59
N ASN H 468 11.84 -32.95 38.29
CA ASN H 468 11.01 -33.67 37.32
C ASN H 468 11.82 -34.79 36.69
N LEU H 469 11.43 -36.03 36.97
CA LEU H 469 12.19 -37.20 36.55
C LEU H 469 11.36 -38.08 35.62
N TYR H 470 11.92 -38.37 34.44
CA TYR H 470 11.18 -39.04 33.39
C TYR H 470 11.81 -40.37 32.95
N PHE H 471 10.96 -41.36 32.73
CA PHE H 471 11.45 -42.68 32.32
C PHE H 471 10.87 -43.13 30.99
N ASN H 472 11.76 -43.42 30.06
CA ASN H 472 11.42 -43.89 28.70
C ASN H 472 10.56 -42.93 27.88
N ARG H 473 10.90 -41.64 27.97
CA ARG H 473 10.31 -40.56 27.18
C ARG H 473 11.27 -39.38 27.18
N ASN H 474 10.81 -38.23 26.67
CA ASN H 474 11.56 -36.98 26.72
C ASN H 474 11.50 -36.33 28.11
N CYS H 475 12.32 -35.31 28.33
CA CYS H 475 12.31 -34.58 29.59
C CYS H 475 11.73 -33.15 29.53
N THR H 476 10.76 -32.93 28.63
CA THR H 476 10.20 -31.57 28.41
C THR H 476 8.67 -31.43 28.52
N GLY H 477 7.94 -32.49 28.22
CA GLY H 477 6.47 -32.44 28.19
C GLY H 477 5.79 -32.51 29.54
N ALA H 478 5.85 -31.40 30.29
CA ALA H 478 5.20 -31.28 31.60
C ALA H 478 3.79 -30.73 31.48
N ILE H 479 2.82 -31.52 31.93
CA ILE H 479 1.41 -31.16 31.85
C ILE H 479 0.84 -30.82 33.23
N VAL H 480 0.07 -29.74 33.30
CA VAL H 480 -0.53 -29.21 34.53
C VAL H 480 -1.48 -30.21 35.22
N GLY H 481 -1.18 -30.53 36.48
CA GLY H 481 -1.97 -31.51 37.25
C GLY H 481 -1.61 -32.95 36.96
N TYR H 482 -0.54 -33.15 36.18
CA TYR H 482 -0.06 -34.48 35.77
C TYR H 482 1.39 -34.60 36.14
N HIS H 483 2.18 -33.62 35.68
CA HIS H 483 3.60 -33.50 36.06
C HIS H 483 3.90 -32.10 36.63
N PRO H 484 3.62 -31.87 37.94
CA PRO H 484 3.98 -30.61 38.58
C PRO H 484 5.45 -30.26 38.32
N PHE H 485 5.69 -29.01 37.95
CA PHE H 485 6.98 -28.59 37.44
C PHE H 485 7.72 -27.69 38.44
N GLY H 486 9.01 -27.99 38.63
CA GLY H 486 9.87 -27.29 39.56
C GLY H 486 11.00 -28.20 40.01
N GLY H 487 12.16 -27.63 40.30
CA GLY H 487 13.34 -28.40 40.67
C GLY H 487 14.17 -27.78 41.79
N PHE H 488 15.22 -28.51 42.18
CA PHE H 488 16.04 -28.12 43.32
C PHE H 488 17.27 -27.33 42.89
N LYS H 489 18.11 -27.04 43.88
CA LYS H 489 19.46 -26.49 43.70
C LYS H 489 19.40 -25.10 43.10
N MET H 490 20.16 -24.84 42.03
CA MET H 490 20.06 -23.51 41.40
C MET H 490 18.91 -23.41 40.39
N SER H 491 18.14 -24.49 40.24
CA SER H 491 16.88 -24.46 39.49
C SER H 491 15.76 -23.71 40.20
N GLY H 492 15.76 -23.69 41.54
CA GLY H 492 14.81 -22.86 42.25
C GLY H 492 14.38 -23.28 43.63
N THR H 493 13.24 -22.74 44.06
CA THR H 493 12.65 -23.04 45.35
C THR H 493 11.78 -24.31 45.31
N ASP H 494 11.78 -24.98 44.15
CA ASP H 494 10.99 -26.18 43.88
C ASP H 494 9.52 -25.93 44.20
N SER H 495 9.02 -24.81 43.71
CA SER H 495 7.62 -24.44 43.88
C SER H 495 6.82 -25.12 42.75
N LYS H 496 6.23 -26.27 43.07
CA LYS H 496 5.65 -27.16 42.04
C LYS H 496 4.40 -26.62 41.35
N ALA H 497 4.63 -25.87 40.27
CA ALA H 497 3.58 -25.28 39.46
C ALA H 497 2.76 -26.37 38.81
N GLY H 498 1.44 -26.22 38.85
CA GLY H 498 0.55 -27.24 38.32
C GLY H 498 0.54 -28.45 39.24
N GLY H 499 0.70 -28.18 40.54
CA GLY H 499 0.67 -29.19 41.57
C GLY H 499 -0.29 -28.84 42.68
N PRO H 500 -0.56 -29.79 43.59
CA PRO H 500 -1.49 -29.58 44.70
C PRO H 500 -0.98 -28.68 45.83
N ASP H 501 0.31 -28.34 45.84
CA ASP H 501 0.90 -27.50 46.91
C ASP H 501 1.12 -26.04 46.51
N TYR H 502 0.89 -25.71 45.24
CA TYR H 502 1.32 -24.43 44.65
C TYR H 502 0.54 -23.20 45.13
N LEU H 503 -0.78 -23.32 45.23
CA LEU H 503 -1.62 -22.21 45.62
C LEU H 503 -1.47 -21.84 47.09
N ALA H 504 -1.28 -22.86 47.93
CA ALA H 504 -1.10 -22.67 49.38
C ALA H 504 0.15 -21.85 49.70
N LEU H 505 1.10 -21.85 48.77
CA LEU H 505 2.31 -21.03 48.86
C LEU H 505 2.04 -19.53 48.79
N HIS H 506 0.95 -19.14 48.13
CA HIS H 506 0.61 -17.73 47.96
C HIS H 506 -0.30 -17.25 49.07
N MET H 507 -0.44 -18.06 50.09
CA MET H 507 -1.40 -17.76 51.15
C MET H 507 -0.74 -18.02 52.47
N GLN H 508 -1.19 -17.35 53.50
CA GLN H 508 -0.61 -17.64 54.80
C GLN H 508 -1.71 -18.14 55.71
N ALA H 509 -1.46 -19.26 56.39
CA ALA H 509 -2.54 -20.04 57.03
C ALA H 509 -2.93 -19.41 58.35
N LYS H 510 -4.18 -19.64 58.78
CA LYS H 510 -4.71 -19.00 59.98
C LYS H 510 -5.42 -20.00 60.88
N THR H 511 -5.02 -19.97 62.14
CA THR H 511 -5.68 -20.74 63.18
C THR H 511 -6.72 -19.83 63.86
N ILE H 512 -7.96 -20.33 63.92
CA ILE H 512 -9.09 -19.64 64.56
C ILE H 512 -9.68 -20.60 65.59
N SER H 513 -9.80 -20.13 66.83
CA SER H 513 -10.23 -21.02 67.90
C SER H 513 -11.23 -20.36 68.85
N GLU H 514 -12.40 -20.99 69.01
CA GLU H 514 -13.45 -20.47 69.90
C GLU H 514 -13.94 -21.43 70.98
N MET H 515 -13.84 -20.99 72.24
CA MET H 515 -14.57 -21.60 73.37
C MET H 515 -15.94 -20.95 73.49
N PHE H 516 -16.95 -21.75 73.82
CA PHE H 516 -18.31 -21.25 73.92
C PHE H 516 -18.78 -20.98 75.34
CD CD I . 50.95 -5.18 7.73
CD CD J . 47.03 29.87 5.08
CD CD K . 28.04 19.67 3.10
CD CD L . 66.47 3.30 25.45
CD CD M . 62.13 -5.41 33.91
CD CD N . 55.44 -13.26 38.55
CD CD O . 13.14 21.96 22.43
CD CD P . 13.01 15.11 48.50
CD CD Q . 63.88 -9.66 26.48
C ACT R . 11.66 18.92 22.74
O ACT R . 10.51 18.74 23.18
OXT ACT R . 12.05 20.11 22.73
CH3 ACT R . 12.52 17.80 22.25
CD CD S . 15.30 10.90 -23.70
CD CD T . 18.33 -1.71 2.49
CD CD U . 64.25 -11.57 -9.01
CD CD V . 34.46 -13.17 8.62
C ACT W . 17.03 9.10 -21.98
O ACT W . 16.80 10.22 -22.50
OXT ACT W . 16.02 8.45 -21.60
CH3 ACT W . 18.43 8.58 -21.83
CD CD X . 14.66 14.24 -27.66
CD CD Y . -14.80 51.06 -14.95
CD CD Z . -11.91 63.64 -36.29
CD CD AA . 3.13 26.33 -6.84
CD CD BA . 36.91 30.55 -46.19
CD CD CA . 2.88 7.63 -51.69
CD CD DA . -13.82 7.84 -79.90
CD CD EA . 18.58 55.77 -27.69
CD CD FA . -21.36 56.21 -41.91
CD CD GA . -28.89 47.77 -43.14
CD CD HA . -23.10 53.61 -41.25
CD CD IA . -29.34 62.40 9.22
CD CD JA . 8.53 20.39 19.45
CD CD KA . -22.66 67.92 9.04
CD CD LA . 9.08 39.54 38.45
CD CD MA . 0.22 25.66 -6.88
C ACT NA . -29.10 63.64 12.05
O ACT NA . -28.49 63.24 11.02
OXT ACT NA . -30.19 64.21 11.83
CH3 ACT NA . -28.56 63.45 13.43
CD CD OA . -60.91 5.03 -34.29
CD CD PA . -17.73 0.65 -3.07
CD CD QA . -51.22 5.66 -5.38
CD CD RA . -10.72 -20.32 -19.21
CD CD SA . -54.73 9.43 -37.23
C ACT TA . -61.37 4.65 -31.26
O ACT TA . -61.34 3.43 -31.51
OXT ACT TA . -60.75 5.35 -32.08
CH3 ACT TA . -62.07 5.22 -30.06
C ACT UA . -60.79 4.47 -36.96
O ACT UA . -60.12 3.49 -37.31
OXT ACT UA . -61.80 4.23 -36.28
CH3 ACT UA . -60.41 5.88 -37.35
CD CD VA . -67.36 16.47 15.74
CD CD WA . -17.40 -10.21 26.54
CD CD XA . -48.26 -26.78 7.77
CD CD YA . -61.18 26.24 17.63
C ACT ZA . -66.49 16.78 12.95
O ACT ZA . -66.22 17.88 13.48
OXT ACT ZA . -67.53 16.22 13.36
CH3 ACT ZA . -65.63 16.18 11.88
C ACT AB . -68.88 17.34 17.98
O ACT AB . -67.68 16.99 17.85
OXT ACT AB . -69.68 16.83 17.18
CH3 ACT AB . -69.30 18.32 19.03
CD CD BB . 15.59 -72.58 -2.94
CD CD CB . 27.85 -66.62 -0.49
CD CD DB . 26.44 -69.12 -8.98
CD CD EB . -0.19 -26.42 4.97
CD CD FB . -3.03 -26.72 4.51
CD CD GB . 6.51 -29.25 -43.09
CD CD HB . 24.13 -51.36 40.32
CD CD IB . -13.23 -10.70 24.01
CD CD JB . -18.10 -19.59 48.88
C ACT KB . 23.71 -50.67 43.31
O ACT KB . 24.88 -51.10 43.41
OXT ACT KB . 23.17 -50.83 42.20
CH3 ACT KB . 23.01 -50.00 44.45
#